data_8JGN
#
_entry.id   8JGN
#
_entity_poly.entity_id   1
_entity_poly.type   'polypeptide(L)'
_entity_poly.pdbx_seq_one_letter_code
;EHVTGKWFSVPELRLRDHRFIVPLDYSKSSPKITVFAREIVAVGKEEQAMPYLLYLQGGPGFEGPRPSEASGWIQRACEE
FRVVLLDQRGTGLSTPLTCSSMLQFKSAKELADYLVHFRADNIVKDAEFIRVRLVPKADPWTILGQSFGGFCALTYLSFA
PEGLKQVLITGGIPPIGKACTADDVYEAGFEQVARQNEKYYKRFPQDIEIVRELVNYLAESEGGGVPLPSGGILTPKGLQ
TLGLSGLGSSTGFERLHYMLERVWDPILVTGAPKCISQFFLNAFESWHSFDTNPLYALLHEAIYCEGASSGWSAHRLRDK
YEYKFDAMKAVKESQPVLFTGEMIFPWMFDEIHALKPFKAAADLLAKKEDWPPLYDVPRLQNNKVPVAAAVYYEDMYVNF
KLVTETASHISGIRLWVTNEFMHSGLRDAGRQIIDHLLGMINGKKPLF
;
_entity_poly.pdbx_strand_id   A,B,C,D,E,F
#
# COMPACT_ATOMS: atom_id res chain seq x y z
N GLU A 1 10.93 33.27 -37.26
CA GLU A 1 11.19 33.57 -35.82
C GLU A 1 10.63 32.48 -34.91
N HIS A 2 11.22 32.33 -33.73
CA HIS A 2 10.88 31.37 -32.69
C HIS A 2 11.33 31.94 -31.33
N VAL A 3 10.43 32.08 -30.36
CA VAL A 3 10.73 32.73 -29.08
C VAL A 3 10.17 31.91 -27.91
N THR A 4 10.82 31.97 -26.75
CA THR A 4 10.40 31.21 -25.57
C THR A 4 10.64 31.94 -24.25
N GLY A 5 9.76 31.74 -23.28
CA GLY A 5 9.80 32.38 -21.98
C GLY A 5 10.73 31.72 -20.96
N LYS A 6 10.91 32.38 -19.82
CA LYS A 6 11.49 31.78 -18.61
C LYS A 6 10.49 30.81 -17.98
N TRP A 7 10.98 29.77 -17.31
CA TRP A 7 10.13 28.79 -16.61
C TRP A 7 9.31 29.42 -15.48
N PHE A 8 8.10 28.89 -15.25
CA PHE A 8 7.30 29.15 -14.05
C PHE A 8 6.80 27.83 -13.48
N SER A 9 6.09 27.85 -12.36
CA SER A 9 5.69 26.65 -11.63
C SER A 9 4.28 26.69 -11.07
N VAL A 10 3.70 25.51 -10.98
CA VAL A 10 2.45 25.18 -10.29
C VAL A 10 2.74 23.90 -9.48
N PRO A 11 2.00 23.57 -8.41
CA PRO A 11 2.37 22.45 -7.55
C PRO A 11 2.65 21.17 -8.35
N GLU A 12 3.79 20.55 -8.05
CA GLU A 12 4.32 19.33 -8.67
C GLU A 12 4.77 19.43 -10.15
N LEU A 13 4.81 20.60 -10.80
CA LEU A 13 5.27 20.76 -12.21
C LEU A 13 6.13 22.02 -12.45
N ARG A 14 6.76 22.01 -13.62
CA ARG A 14 7.54 23.12 -14.16
C ARG A 14 6.96 23.37 -15.57
N LEU A 15 6.73 24.64 -15.94
CA LEU A 15 6.12 24.97 -17.24
C LEU A 15 6.88 26.08 -17.97
N ARG A 16 6.93 26.04 -19.29
CA ARG A 16 7.54 27.06 -20.18
C ARG A 16 6.76 27.14 -21.49
N ASP A 17 6.61 28.33 -22.07
CA ASP A 17 5.90 28.51 -23.34
C ASP A 17 6.81 28.89 -24.49
N HIS A 18 6.48 28.41 -25.67
CA HIS A 18 7.14 28.67 -26.94
C HIS A 18 6.14 29.27 -27.92
N ARG A 19 6.56 30.23 -28.74
CA ARG A 19 5.71 30.86 -29.76
C ARG A 19 6.43 30.88 -31.11
N PHE A 20 5.76 30.35 -32.11
CA PHE A 20 6.25 30.13 -33.47
C PHE A 20 5.46 31.02 -34.43
N ILE A 21 6.06 31.38 -35.57
CA ILE A 21 5.36 32.02 -36.68
C ILE A 21 5.36 31.09 -37.88
N VAL A 22 4.18 30.86 -38.48
CA VAL A 22 3.92 29.85 -39.52
C VAL A 22 3.13 30.47 -40.68
N PRO A 23 3.14 29.90 -41.90
CA PRO A 23 2.25 30.35 -42.97
C PRO A 23 0.77 30.14 -42.64
N LEU A 24 -0.11 31.03 -43.12
CA LEU A 24 -1.55 30.75 -43.10
C LEU A 24 -1.88 29.56 -43.99
N ASP A 25 -1.41 29.58 -45.23
CA ASP A 25 -1.50 28.50 -46.20
C ASP A 25 -0.09 28.01 -46.54
N TYR A 26 0.25 26.76 -46.24
CA TYR A 26 1.59 26.25 -46.50
C TYR A 26 1.96 26.20 -47.98
N SER A 27 1.00 26.30 -48.90
CA SER A 27 1.29 26.41 -50.33
C SER A 27 1.85 27.78 -50.76
N LYS A 28 1.89 28.79 -49.88
CA LYS A 28 2.21 30.19 -50.22
C LYS A 28 3.07 30.88 -49.16
N SER A 29 3.70 31.99 -49.54
CA SER A 29 4.63 32.75 -48.70
C SER A 29 3.98 33.61 -47.61
N SER A 30 2.72 34.01 -47.79
CA SER A 30 2.05 35.07 -47.02
C SER A 30 0.52 34.85 -47.00
N PRO A 31 -0.21 35.35 -45.99
CA PRO A 31 0.28 35.97 -44.75
C PRO A 31 0.80 34.92 -43.75
N LYS A 32 1.26 35.38 -42.59
CA LYS A 32 1.79 34.55 -41.49
C LYS A 32 1.01 34.72 -40.20
N ILE A 33 1.00 33.67 -39.38
CA ILE A 33 0.14 33.41 -38.22
C ILE A 33 1.02 32.98 -37.05
N THR A 34 0.67 33.27 -35.80
CA THR A 34 1.44 32.77 -34.64
C THR A 34 0.76 31.60 -33.94
N VAL A 35 1.54 30.58 -33.61
CA VAL A 35 1.12 29.31 -32.99
C VAL A 35 1.89 29.10 -31.70
N PHE A 36 1.23 28.57 -30.67
CA PHE A 36 1.68 28.49 -29.30
C PHE A 36 1.74 27.04 -28.82
N ALA A 37 2.78 26.67 -28.07
CA ALA A 37 2.84 25.39 -27.37
C ALA A 37 3.46 25.57 -25.98
N ARG A 38 2.97 24.81 -25.01
CA ARG A 38 3.49 24.88 -23.64
C ARG A 38 4.16 23.57 -23.20
N GLU A 39 5.47 23.60 -23.00
CA GLU A 39 6.24 22.46 -22.51
C GLU A 39 6.06 22.27 -20.99
N ILE A 40 5.89 21.03 -20.54
CA ILE A 40 5.73 20.65 -19.14
C ILE A 40 6.73 19.56 -18.79
N VAL A 41 7.35 19.67 -17.62
CA VAL A 41 8.28 18.69 -17.05
C VAL A 41 8.05 18.57 -15.55
N ALA A 42 8.41 17.43 -14.96
CA ALA A 42 8.36 17.24 -13.52
C ALA A 42 9.42 18.06 -12.78
N VAL A 43 9.25 18.24 -11.47
CA VAL A 43 10.08 19.12 -10.64
C VAL A 43 11.55 18.68 -10.67
N GLY A 44 12.45 19.59 -11.04
CA GLY A 44 13.90 19.35 -11.08
C GLY A 44 14.45 18.64 -12.32
N LYS A 45 13.61 18.35 -13.33
CA LYS A 45 14.00 17.69 -14.60
C LYS A 45 13.99 18.62 -15.82
N GLU A 46 14.21 19.92 -15.62
CA GLU A 46 14.21 20.94 -16.70
C GLU A 46 15.26 20.69 -17.78
N GLU A 47 16.48 20.30 -17.38
CA GLU A 47 17.63 20.21 -18.29
C GLU A 47 17.94 18.78 -18.77
N GLN A 48 17.20 17.78 -18.28
CA GLN A 48 17.43 16.36 -18.59
C GLN A 48 16.95 16.01 -20.01
N ALA A 49 17.70 15.15 -20.71
CA ALA A 49 17.34 14.64 -22.03
C ALA A 49 16.37 13.45 -21.90
N MET A 50 15.20 13.55 -22.53
CA MET A 50 14.06 12.63 -22.40
C MET A 50 13.22 12.63 -23.69
N PRO A 51 12.46 11.57 -24.00
CA PRO A 51 11.57 11.58 -25.14
C PRO A 51 10.43 12.59 -24.99
N TYR A 52 10.06 13.24 -26.09
CA TYR A 52 8.95 14.18 -26.14
C TYR A 52 7.64 13.46 -26.35
N LEU A 53 6.55 14.05 -25.86
CA LEU A 53 5.18 13.65 -26.16
C LEU A 53 4.37 14.87 -26.56
N LEU A 54 3.62 14.79 -27.65
CA LEU A 54 2.68 15.82 -28.11
C LEU A 54 1.24 15.42 -27.80
N TYR A 55 0.44 16.32 -27.25
CA TYR A 55 -0.99 16.09 -27.02
C TYR A 55 -1.86 16.82 -28.06
N LEU A 56 -2.76 16.08 -28.72
CA LEU A 56 -3.73 16.58 -29.69
C LEU A 56 -5.13 16.50 -29.09
N GLN A 57 -5.84 17.62 -29.05
CA GLN A 57 -6.88 17.91 -28.05
C GLN A 57 -8.31 17.94 -28.62
N GLY A 58 -9.22 17.27 -27.90
CA GLY A 58 -10.65 17.59 -27.86
C GLY A 58 -11.39 17.54 -29.19
N GLY A 59 -12.54 18.22 -29.26
CA GLY A 59 -13.24 18.50 -30.51
C GLY A 59 -12.58 19.64 -31.29
N PRO A 60 -13.02 19.95 -32.53
CA PRO A 60 -12.45 21.05 -33.29
C PRO A 60 -12.63 22.38 -32.57
N GLY A 61 -11.58 23.18 -32.45
CA GLY A 61 -11.65 24.53 -31.89
C GLY A 61 -11.47 24.67 -30.38
N PHE A 62 -11.05 23.65 -29.64
CA PHE A 62 -10.76 23.73 -28.20
C PHE A 62 -9.27 23.81 -27.88
N GLU A 63 -8.91 24.74 -27.00
CA GLU A 63 -7.56 24.94 -26.48
C GLU A 63 -7.07 23.81 -25.56
N GLY A 64 -5.77 23.74 -25.29
CA GLY A 64 -5.15 22.70 -24.46
C GLY A 64 -5.52 22.74 -22.96
N PRO A 65 -5.02 21.78 -22.16
CA PRO A 65 -5.46 21.55 -20.78
C PRO A 65 -5.43 22.73 -19.79
N ARG A 66 -4.38 23.58 -19.81
CA ARG A 66 -4.12 24.63 -18.78
C ARG A 66 -4.17 24.06 -17.34
N PRO A 67 -3.21 23.21 -16.92
CA PRO A 67 -3.26 22.48 -15.66
C PRO A 67 -2.93 23.37 -14.46
N SER A 68 -3.62 23.18 -13.32
CA SER A 68 -3.29 23.87 -12.06
C SER A 68 -2.35 23.09 -11.14
N GLU A 69 -2.13 21.81 -11.42
CA GLU A 69 -1.41 20.84 -10.56
C GLU A 69 -0.90 19.68 -11.40
N ALA A 70 0.06 18.88 -10.92
CA ALA A 70 0.16 17.50 -11.41
C ALA A 70 -1.06 16.68 -10.94
N SER A 71 -1.79 16.10 -11.88
CA SER A 71 -2.87 15.13 -11.63
C SER A 71 -3.13 14.29 -12.88
N GLY A 72 -3.86 13.19 -12.77
CA GLY A 72 -4.37 12.43 -13.91
C GLY A 72 -3.28 11.99 -14.90
N TRP A 73 -3.55 12.11 -16.20
CA TRP A 73 -2.62 11.67 -17.23
C TRP A 73 -1.36 12.54 -17.33
N ILE A 74 -1.40 13.84 -17.02
CA ILE A 74 -0.23 14.72 -17.12
C ILE A 74 0.82 14.36 -16.07
N GLN A 75 0.39 14.01 -14.85
CA GLN A 75 1.30 13.51 -13.82
C GLN A 75 2.04 12.27 -14.32
N ARG A 76 1.29 11.28 -14.82
CA ARG A 76 1.90 10.05 -15.32
C ARG A 76 2.86 10.28 -16.49
N ALA A 77 2.44 11.07 -17.46
CA ALA A 77 3.25 11.35 -18.63
C ALA A 77 4.58 12.03 -18.27
N CYS A 78 4.61 12.91 -17.27
CA CYS A 78 5.84 13.55 -16.80
C CYS A 78 6.76 12.62 -16.00
N GLU A 79 6.32 11.41 -15.61
CA GLU A 79 7.22 10.37 -15.09
C GLU A 79 8.18 9.83 -16.17
N GLU A 80 7.91 10.15 -17.43
CA GLU A 80 8.77 9.63 -18.48
C GLU A 80 9.04 10.67 -19.57
N PHE A 81 8.00 11.25 -20.15
CA PHE A 81 8.22 12.09 -21.33
C PHE A 81 8.12 13.59 -21.06
N ARG A 82 8.60 14.38 -22.02
CA ARG A 82 8.54 15.83 -21.94
C ARG A 82 7.30 16.26 -22.71
N VAL A 83 6.23 16.52 -21.96
CA VAL A 83 4.94 16.87 -22.55
C VAL A 83 4.82 18.26 -23.19
N VAL A 84 4.29 18.26 -24.41
CA VAL A 84 4.01 19.48 -25.18
C VAL A 84 2.52 19.61 -25.40
N LEU A 85 1.91 20.64 -24.84
CA LEU A 85 0.49 20.95 -25.00
C LEU A 85 0.31 21.98 -26.12
N LEU A 86 0.04 21.53 -27.34
CA LEU A 86 -0.20 22.41 -28.48
C LEU A 86 -1.57 23.08 -28.39
N ASP A 87 -1.64 24.41 -28.45
CA ASP A 87 -2.87 25.11 -28.84
C ASP A 87 -2.95 25.09 -30.36
N GLN A 88 -3.94 24.39 -30.92
CA GLN A 88 -4.12 24.26 -32.37
C GLN A 88 -4.37 25.63 -33.00
N ARG A 89 -3.97 25.84 -34.26
CA ARG A 89 -4.23 27.12 -34.96
C ARG A 89 -5.71 27.52 -34.89
N GLY A 90 -5.97 28.80 -34.68
CA GLY A 90 -7.32 29.36 -34.61
C GLY A 90 -8.00 29.25 -33.26
N THR A 91 -7.37 28.67 -32.23
CA THR A 91 -7.95 28.53 -30.88
C THR A 91 -6.92 28.79 -29.77
N GLY A 92 -7.40 29.01 -28.54
CA GLY A 92 -6.56 29.27 -27.38
C GLY A 92 -5.72 30.54 -27.56
N LEU A 93 -4.40 30.41 -27.44
CA LEU A 93 -3.46 31.50 -27.66
C LEU A 93 -2.80 31.47 -29.06
N SER A 94 -3.16 30.51 -29.92
CA SER A 94 -2.68 30.38 -31.30
C SER A 94 -3.50 31.17 -32.31
N THR A 95 -3.51 32.50 -32.19
CA THR A 95 -4.24 33.43 -33.08
C THR A 95 -5.75 33.17 -33.10
N PRO A 96 -6.47 33.38 -31.98
CA PRO A 96 -7.83 32.87 -31.80
C PRO A 96 -8.89 33.52 -32.68
N LEU A 97 -9.78 32.68 -33.22
CA LEU A 97 -10.98 33.09 -33.97
C LEU A 97 -12.18 33.25 -33.04
N THR A 98 -12.02 33.96 -31.92
CA THR A 98 -13.13 34.31 -31.03
C THR A 98 -14.09 35.28 -31.72
N CYS A 99 -15.35 35.34 -31.29
CA CYS A 99 -16.42 36.09 -31.97
C CYS A 99 -16.01 37.51 -32.37
N SER A 100 -15.46 38.30 -31.43
CA SER A 100 -15.11 39.68 -31.72
C SER A 100 -13.88 39.85 -32.64
N SER A 101 -13.00 38.86 -32.76
CA SER A 101 -11.92 38.89 -33.76
C SER A 101 -12.45 38.53 -35.15
N MET A 102 -13.35 37.56 -35.27
CA MET A 102 -14.00 37.24 -36.55
C MET A 102 -14.88 38.39 -37.09
N LEU A 103 -15.36 39.28 -36.22
CA LEU A 103 -16.02 40.53 -36.61
C LEU A 103 -15.10 41.54 -37.33
N GLN A 104 -13.78 41.31 -37.41
CA GLN A 104 -12.88 42.17 -38.18
C GLN A 104 -13.08 42.04 -39.69
N PHE A 105 -13.54 40.90 -40.20
CA PHE A 105 -13.76 40.67 -41.63
C PHE A 105 -14.98 41.41 -42.16
N LYS A 106 -14.85 42.01 -43.35
CA LYS A 106 -15.84 42.93 -43.94
C LYS A 106 -17.10 42.25 -44.49
N SER A 107 -16.99 41.00 -44.96
CA SER A 107 -18.05 40.28 -45.69
C SER A 107 -17.99 38.77 -45.46
N ALA A 108 -19.11 38.06 -45.59
CA ALA A 108 -19.20 36.62 -45.30
C ALA A 108 -18.25 35.76 -46.13
N LYS A 109 -18.01 36.11 -47.40
CA LYS A 109 -17.03 35.41 -48.26
C LYS A 109 -15.59 35.60 -47.79
N GLU A 110 -15.23 36.77 -47.27
CA GLU A 110 -13.89 37.00 -46.71
C GLU A 110 -13.65 36.13 -45.47
N LEU A 111 -14.66 36.00 -44.60
CA LEU A 111 -14.57 35.13 -43.43
C LEU A 111 -14.44 33.66 -43.85
N ALA A 112 -15.25 33.19 -44.80
CA ALA A 112 -15.18 31.83 -45.30
C ALA A 112 -13.82 31.52 -45.93
N ASP A 113 -13.26 32.40 -46.76
CA ASP A 113 -11.94 32.21 -47.35
C ASP A 113 -10.80 32.17 -46.32
N TYR A 114 -10.99 32.70 -45.12
CA TYR A 114 -10.03 32.58 -44.04
C TYR A 114 -10.21 31.25 -43.30
N LEU A 115 -11.44 30.90 -42.93
CA LEU A 115 -11.77 29.73 -42.11
C LEU A 115 -11.32 28.40 -42.71
N VAL A 116 -11.24 28.26 -44.03
CA VAL A 116 -10.81 27.01 -44.67
C VAL A 116 -9.38 26.59 -44.35
N HIS A 117 -8.51 27.50 -43.85
CA HIS A 117 -7.12 27.19 -43.52
C HIS A 117 -6.90 26.58 -42.12
N PHE A 118 -7.97 26.20 -41.42
CA PHE A 118 -7.96 25.79 -40.01
C PHE A 118 -8.41 24.33 -39.77
N ARG A 119 -8.16 23.45 -40.75
CA ARG A 119 -8.53 22.04 -40.63
C ARG A 119 -7.45 21.14 -40.00
N ALA A 120 -7.65 19.82 -40.09
CA ALA A 120 -6.70 18.84 -39.54
C ALA A 120 -5.39 18.68 -40.32
N ASP A 121 -5.41 18.83 -41.65
CA ASP A 121 -4.19 18.77 -42.46
C ASP A 121 -3.18 19.86 -42.07
N ASN A 122 -3.64 21.09 -41.88
CA ASN A 122 -2.80 22.20 -41.46
C ASN A 122 -2.34 22.06 -40.00
N ILE A 123 -3.18 21.51 -39.11
CA ILE A 123 -2.76 21.23 -37.73
C ILE A 123 -1.59 20.24 -37.71
N VAL A 124 -1.57 19.21 -38.57
CA VAL A 124 -0.40 18.33 -38.73
C VAL A 124 0.81 19.04 -39.30
N LYS A 125 0.66 19.96 -40.27
CA LYS A 125 1.80 20.74 -40.77
C LYS A 125 2.39 21.67 -39.71
N ASP A 126 1.57 22.32 -38.88
CA ASP A 126 2.05 23.07 -37.72
C ASP A 126 2.78 22.17 -36.71
N ALA A 127 2.25 21.00 -36.37
CA ALA A 127 2.93 20.08 -35.46
C ALA A 127 4.28 19.62 -36.01
N GLU A 128 4.40 19.37 -37.30
CA GLU A 128 5.68 19.05 -37.94
C GLU A 128 6.65 20.25 -37.97
N PHE A 129 6.16 21.48 -38.14
CA PHE A 129 6.97 22.69 -38.04
C PHE A 129 7.50 22.91 -36.61
N ILE A 130 6.77 22.46 -35.59
CA ILE A 130 7.21 22.50 -34.19
C ILE A 130 8.31 21.47 -33.92
N ARG A 131 8.13 20.16 -34.17
CA ARG A 131 9.15 19.19 -33.72
C ARG A 131 10.52 19.37 -34.35
N VAL A 132 10.61 19.81 -35.59
CA VAL A 132 11.89 20.05 -36.25
C VAL A 132 12.71 21.17 -35.59
N ARG A 133 12.09 22.01 -34.75
CA ARG A 133 12.71 23.12 -34.00
C ARG A 133 12.76 22.89 -32.49
N LEU A 134 11.76 22.21 -31.97
CA LEU A 134 11.58 21.98 -30.55
C LEU A 134 12.34 20.74 -30.06
N VAL A 135 12.47 19.70 -30.89
CA VAL A 135 13.02 18.40 -30.47
C VAL A 135 14.50 18.29 -30.86
N PRO A 136 15.43 17.96 -29.94
CA PRO A 136 16.85 17.83 -30.25
C PRO A 136 17.17 16.79 -31.33
N LYS A 137 18.22 17.03 -32.13
CA LYS A 137 18.61 16.27 -33.33
C LYS A 137 17.48 16.11 -34.38
N ALA A 138 16.40 16.89 -34.27
CA ALA A 138 15.15 16.73 -35.02
C ALA A 138 14.51 15.34 -34.91
N ASP A 139 14.66 14.65 -33.77
CA ASP A 139 14.14 13.30 -33.56
C ASP A 139 12.60 13.14 -33.73
N PRO A 140 12.11 11.90 -33.92
CA PRO A 140 10.72 11.51 -33.73
C PRO A 140 10.18 11.71 -32.31
N TRP A 141 8.85 11.77 -32.14
CA TRP A 141 8.13 11.87 -30.87
C TRP A 141 6.87 11.00 -30.83
N THR A 142 6.34 10.69 -29.64
CA THR A 142 5.02 10.04 -29.54
C THR A 142 3.91 11.08 -29.57
N ILE A 143 2.74 10.73 -30.12
CA ILE A 143 1.56 11.60 -30.08
C ILE A 143 0.41 10.90 -29.35
N LEU A 144 -0.31 11.65 -28.52
CA LEU A 144 -1.50 11.19 -27.83
C LEU A 144 -2.69 11.99 -28.36
N GLY A 145 -3.69 11.34 -28.93
CA GLY A 145 -4.86 12.01 -29.51
C GLY A 145 -6.17 11.61 -28.84
N GLN A 146 -6.93 12.57 -28.34
CA GLN A 146 -8.31 12.35 -27.88
C GLN A 146 -9.31 12.96 -28.87
N SER A 147 -10.42 12.28 -29.17
CA SER A 147 -11.51 12.80 -30.02
C SER A 147 -10.99 13.26 -31.40
N PHE A 148 -11.20 14.51 -31.82
CA PHE A 148 -10.66 15.02 -33.09
C PHE A 148 -9.12 15.04 -33.10
N GLY A 149 -8.44 15.02 -31.96
CA GLY A 149 -7.01 14.74 -31.91
C GLY A 149 -6.66 13.34 -32.41
N GLY A 150 -7.53 12.35 -32.24
CA GLY A 150 -7.38 11.04 -32.86
C GLY A 150 -7.61 11.08 -34.38
N PHE A 151 -8.53 11.92 -34.87
CA PHE A 151 -8.69 12.14 -36.31
C PHE A 151 -7.42 12.74 -36.90
N CYS A 152 -6.82 13.74 -36.22
CA CYS A 152 -5.54 14.32 -36.61
C CYS A 152 -4.45 13.25 -36.67
N ALA A 153 -4.37 12.36 -35.68
CA ALA A 153 -3.38 11.29 -35.68
C ALA A 153 -3.49 10.38 -36.92
N LEU A 154 -4.67 10.01 -37.41
CA LEU A 154 -4.78 9.27 -38.67
C LEU A 154 -4.35 10.09 -39.89
N THR A 155 -4.49 11.41 -39.90
CA THR A 155 -3.90 12.23 -40.97
C THR A 155 -2.37 12.34 -40.83
N TYR A 156 -1.82 12.21 -39.63
CA TYR A 156 -0.37 12.17 -39.37
C TYR A 156 0.23 10.78 -39.68
N LEU A 157 -0.55 9.70 -39.60
CA LEU A 157 -0.18 8.40 -40.16
C LEU A 157 -0.34 8.36 -41.70
N SER A 158 -1.23 9.17 -42.27
CA SER A 158 -1.44 9.29 -43.72
C SER A 158 -0.37 10.15 -44.40
N PHE A 159 -0.01 11.29 -43.80
CA PHE A 159 0.94 12.27 -44.32
C PHE A 159 2.03 12.57 -43.28
N ALA A 160 3.28 12.71 -43.72
CA ALA A 160 4.44 12.91 -42.84
C ALA A 160 4.63 11.86 -41.69
N PRO A 161 4.61 10.53 -41.95
CA PRO A 161 4.70 9.53 -40.88
C PRO A 161 6.08 9.45 -40.21
N GLU A 162 7.12 9.98 -40.86
CA GLU A 162 8.53 9.86 -40.42
C GLU A 162 8.81 10.50 -39.06
N GLY A 163 7.96 11.43 -38.61
CA GLY A 163 8.08 12.09 -37.31
C GLY A 163 7.54 11.30 -36.12
N LEU A 164 6.89 10.15 -36.32
CA LEU A 164 6.16 9.45 -35.26
C LEU A 164 6.90 8.24 -34.71
N LYS A 165 7.10 8.17 -33.39
CA LYS A 165 7.66 6.98 -32.74
C LYS A 165 6.58 5.94 -32.45
N GLN A 166 5.49 6.34 -31.80
CA GLN A 166 4.25 5.58 -31.68
C GLN A 166 3.06 6.50 -31.48
N VAL A 167 1.85 6.02 -31.79
CA VAL A 167 0.60 6.78 -31.72
C VAL A 167 -0.32 6.16 -30.69
N LEU A 168 -0.82 6.95 -29.74
CA LEU A 168 -1.84 6.53 -28.77
C LEU A 168 -3.16 7.26 -29.06
N ILE A 169 -4.31 6.60 -29.06
CA ILE A 169 -5.61 7.21 -29.36
C ILE A 169 -6.64 6.83 -28.30
N THR A 170 -7.44 7.77 -27.82
CA THR A 170 -8.60 7.49 -26.96
C THR A 170 -9.88 7.94 -27.64
N GLY A 171 -10.88 7.05 -27.77
CA GLY A 171 -12.01 7.34 -28.65
C GLY A 171 -11.50 7.53 -30.08
N GLY A 172 -11.87 8.64 -30.73
CA GLY A 172 -11.06 9.27 -31.78
C GLY A 172 -10.64 8.49 -33.03
N ILE A 173 -11.27 7.37 -33.40
CA ILE A 173 -11.03 6.73 -34.71
C ILE A 173 -12.17 7.14 -35.66
N PRO A 174 -11.90 7.83 -36.79
CA PRO A 174 -12.92 8.28 -37.73
C PRO A 174 -13.30 7.19 -38.73
N PRO A 175 -14.50 7.20 -39.32
CA PRO A 175 -14.76 6.50 -40.58
C PRO A 175 -13.96 7.13 -41.74
N ILE A 176 -13.51 6.32 -42.69
CA ILE A 176 -12.70 6.74 -43.86
C ILE A 176 -13.16 6.03 -45.13
N GLY A 177 -12.79 6.55 -46.30
CA GLY A 177 -13.02 5.88 -47.60
C GLY A 177 -14.31 6.26 -48.34
N LYS A 178 -14.79 7.49 -48.10
CA LYS A 178 -15.98 8.05 -48.77
C LYS A 178 -15.79 9.57 -48.99
N ALA A 179 -16.47 10.15 -49.97
CA ALA A 179 -16.34 11.58 -50.27
C ALA A 179 -16.83 12.48 -49.12
N CYS A 180 -17.88 12.09 -48.42
CA CYS A 180 -18.07 12.47 -47.03
C CYS A 180 -18.75 11.35 -46.23
N THR A 181 -18.47 11.27 -44.93
CA THR A 181 -18.99 10.21 -44.05
C THR A 181 -20.07 10.70 -43.09
N ALA A 182 -20.44 11.97 -43.12
CA ALA A 182 -21.28 12.59 -42.10
C ALA A 182 -22.69 11.99 -42.04
N ASP A 183 -23.30 11.64 -43.18
CA ASP A 183 -24.63 11.02 -43.19
C ASP A 183 -24.62 9.63 -42.51
N ASP A 184 -23.53 8.85 -42.58
CA ASP A 184 -23.40 7.61 -41.81
C ASP A 184 -23.24 7.87 -40.31
N VAL A 185 -22.37 8.83 -39.96
CA VAL A 185 -22.07 9.16 -38.56
C VAL A 185 -23.32 9.60 -37.83
N TYR A 186 -24.15 10.46 -38.43
CA TYR A 186 -25.38 10.90 -37.79
C TYR A 186 -26.50 9.86 -37.87
N GLU A 187 -26.62 9.08 -38.94
CA GLU A 187 -27.58 7.97 -39.00
C GLU A 187 -27.34 6.96 -37.87
N ALA A 188 -26.10 6.51 -37.69
CA ALA A 188 -25.76 5.60 -36.60
C ALA A 188 -25.74 6.29 -35.23
N GLY A 189 -25.35 7.56 -35.17
CA GLY A 189 -25.29 8.35 -33.93
C GLY A 189 -26.65 8.62 -33.31
N PHE A 190 -27.70 8.85 -34.09
CA PHE A 190 -29.05 8.99 -33.57
C PHE A 190 -29.58 7.72 -32.87
N GLU A 191 -29.09 6.53 -33.21
CA GLU A 191 -29.45 5.31 -32.50
C GLU A 191 -28.88 5.30 -31.07
N GLN A 192 -27.58 5.55 -30.90
CA GLN A 192 -27.00 5.55 -29.56
C GLN A 192 -27.55 6.68 -28.69
N VAL A 193 -27.88 7.85 -29.27
CA VAL A 193 -28.56 8.93 -28.55
C VAL A 193 -29.91 8.46 -27.99
N ALA A 194 -30.71 7.70 -28.74
CA ALA A 194 -31.97 7.16 -28.22
C ALA A 194 -31.75 6.13 -27.09
N ARG A 195 -30.63 5.42 -27.17
CA ARG A 195 -30.27 4.47 -26.12
C ARG A 195 -29.93 5.23 -24.83
N GLN A 196 -29.04 6.22 -24.93
CA GLN A 196 -28.66 7.02 -23.77
C GLN A 196 -29.88 7.68 -23.10
N ASN A 197 -30.86 8.16 -23.86
CA ASN A 197 -32.10 8.69 -23.29
C ASN A 197 -32.90 7.64 -22.51
N GLU A 198 -33.02 6.42 -23.01
CA GLU A 198 -33.66 5.32 -22.27
C GLU A 198 -32.91 4.99 -20.97
N LYS A 199 -31.58 4.93 -20.97
CA LYS A 199 -30.78 4.77 -19.73
C LYS A 199 -30.95 5.94 -18.76
N TYR A 200 -31.19 7.17 -19.22
CA TYR A 200 -31.43 8.31 -18.35
C TYR A 200 -32.77 8.19 -17.61
N TYR A 201 -33.89 8.05 -18.32
CA TYR A 201 -35.20 7.96 -17.65
C TYR A 201 -35.39 6.66 -16.86
N LYS A 202 -34.74 5.56 -17.23
CA LYS A 202 -34.73 4.33 -16.43
C LYS A 202 -34.02 4.52 -15.08
N ARG A 203 -33.11 5.48 -15.00
CA ARG A 203 -32.42 5.77 -13.75
C ARG A 203 -33.20 6.81 -12.94
N PHE A 204 -33.67 7.85 -13.61
CA PHE A 204 -34.46 8.93 -13.00
C PHE A 204 -35.92 8.99 -13.52
N PRO A 205 -36.84 8.16 -13.01
CA PRO A 205 -38.20 8.09 -13.56
C PRO A 205 -39.02 9.36 -13.36
N GLN A 206 -38.75 10.12 -12.30
CA GLN A 206 -39.43 11.37 -11.98
C GLN A 206 -39.19 12.48 -13.03
N ASP A 207 -38.07 12.46 -13.77
CA ASP A 207 -37.72 13.56 -14.69
C ASP A 207 -38.61 13.62 -15.92
N ILE A 208 -39.29 12.54 -16.30
CA ILE A 208 -40.18 12.53 -17.48
C ILE A 208 -41.23 13.63 -17.36
N GLU A 209 -41.90 13.74 -16.22
CA GLU A 209 -42.92 14.75 -16.02
C GLU A 209 -42.34 16.17 -15.90
N ILE A 210 -41.15 16.33 -15.31
CA ILE A 210 -40.50 17.65 -15.18
C ILE A 210 -40.19 18.26 -16.56
N VAL A 211 -39.64 17.48 -17.49
CA VAL A 211 -39.37 17.97 -18.85
C VAL A 211 -40.64 18.18 -19.66
N ARG A 212 -41.70 17.38 -19.44
CA ARG A 212 -42.98 17.56 -20.13
C ARG A 212 -43.72 18.81 -19.66
N GLU A 213 -43.65 19.18 -18.39
CA GLU A 213 -44.15 20.47 -17.92
C GLU A 213 -43.35 21.64 -18.51
N LEU A 214 -42.02 21.56 -18.50
CA LEU A 214 -41.17 22.63 -19.03
C LEU A 214 -41.38 22.84 -20.54
N VAL A 215 -41.43 21.79 -21.35
CA VAL A 215 -41.69 21.91 -22.79
C VAL A 215 -43.02 22.57 -23.07
N ASN A 216 -44.09 22.23 -22.35
CA ASN A 216 -45.39 22.87 -22.55
C ASN A 216 -45.36 24.34 -22.16
N TYR A 217 -44.77 24.70 -21.01
CA TYR A 217 -44.65 26.11 -20.62
C TYR A 217 -43.86 26.92 -21.65
N LEU A 218 -42.73 26.38 -22.11
CA LEU A 218 -41.86 27.07 -23.08
C LEU A 218 -42.51 27.20 -24.45
N ALA A 219 -43.23 26.17 -24.90
CA ALA A 219 -44.00 26.22 -26.13
C ALA A 219 -45.17 27.20 -26.02
N GLU A 220 -45.74 27.45 -24.83
CA GLU A 220 -46.81 28.42 -24.68
C GLU A 220 -46.29 29.75 -24.15
N SER A 221 -45.21 30.22 -24.74
CA SER A 221 -44.60 31.49 -24.34
C SER A 221 -44.96 32.55 -25.38
N GLU A 222 -43.99 33.36 -25.77
CA GLU A 222 -44.23 34.44 -26.71
C GLU A 222 -43.87 34.17 -28.17
N GLY A 223 -42.59 34.24 -28.53
CA GLY A 223 -42.04 33.90 -29.84
C GLY A 223 -41.59 32.44 -29.92
N GLY A 224 -42.37 31.52 -29.37
CA GLY A 224 -42.00 30.10 -29.24
C GLY A 224 -40.92 29.80 -28.18
N GLY A 225 -40.64 30.73 -27.27
CA GLY A 225 -39.58 30.61 -26.26
C GLY A 225 -39.51 31.76 -25.26
N VAL A 226 -38.43 31.84 -24.48
CA VAL A 226 -38.15 32.89 -23.48
C VAL A 226 -36.77 33.53 -23.70
N PRO A 227 -36.59 34.83 -23.45
CA PRO A 227 -35.32 35.52 -23.67
C PRO A 227 -34.29 35.25 -22.55
N LEU A 228 -33.05 34.97 -22.95
CA LEU A 228 -31.91 34.75 -22.06
C LEU A 228 -31.27 36.08 -21.59
N PRO A 229 -30.50 36.07 -20.48
CA PRO A 229 -29.68 37.21 -20.07
C PRO A 229 -28.73 37.74 -21.15
N SER A 230 -28.12 36.85 -21.95
CA SER A 230 -27.22 37.21 -23.06
C SER A 230 -27.95 37.63 -24.35
N GLY A 231 -29.28 37.67 -24.37
CA GLY A 231 -30.08 38.07 -25.53
C GLY A 231 -30.37 36.97 -26.55
N GLY A 232 -30.02 35.71 -26.26
CA GLY A 232 -30.48 34.54 -27.01
C GLY A 232 -31.93 34.16 -26.66
N ILE A 233 -32.38 33.00 -27.13
CA ILE A 233 -33.73 32.46 -26.84
C ILE A 233 -33.63 31.00 -26.34
N LEU A 234 -34.40 30.64 -25.32
CA LEU A 234 -34.63 29.24 -24.92
C LEU A 234 -36.01 28.81 -25.41
N THR A 235 -36.07 27.63 -26.00
CA THR A 235 -37.20 27.06 -26.72
C THR A 235 -37.06 25.54 -26.70
N PRO A 236 -38.11 24.72 -26.91
CA PRO A 236 -38.01 23.26 -26.88
C PRO A 236 -36.88 22.66 -27.72
N LYS A 237 -36.60 23.16 -28.92
CA LYS A 237 -35.44 22.77 -29.73
C LYS A 237 -34.11 23.00 -28.99
N GLY A 238 -33.99 24.11 -28.26
CA GLY A 238 -32.81 24.47 -27.51
C GLY A 238 -32.64 23.65 -26.24
N LEU A 239 -33.73 23.40 -25.52
CA LEU A 239 -33.74 22.54 -24.33
C LEU A 239 -33.16 21.15 -24.64
N GLN A 240 -33.53 20.55 -25.77
CA GLN A 240 -33.00 19.27 -26.22
C GLN A 240 -31.48 19.25 -26.44
N THR A 241 -30.79 20.39 -26.58
CA THR A 241 -29.33 20.42 -26.74
C THR A 241 -28.58 20.16 -25.44
N LEU A 242 -29.25 20.17 -24.28
CA LEU A 242 -28.60 19.87 -22.99
C LEU A 242 -27.95 18.48 -22.98
N GLY A 243 -28.48 17.54 -23.78
CA GLY A 243 -27.94 16.19 -23.92
C GLY A 243 -26.54 16.10 -24.52
N LEU A 244 -26.02 17.14 -25.16
CA LEU A 244 -24.72 17.11 -25.84
C LEU A 244 -23.61 16.64 -24.92
N SER A 245 -23.49 17.23 -23.73
CA SER A 245 -22.58 16.77 -22.68
C SER A 245 -23.32 16.05 -21.55
N GLY A 246 -24.62 16.30 -21.34
CA GLY A 246 -25.41 15.65 -20.29
C GLY A 246 -25.63 14.15 -20.47
N LEU A 247 -25.64 13.63 -21.71
CA LEU A 247 -25.81 12.19 -21.98
C LEU A 247 -24.52 11.45 -22.36
N GLY A 248 -23.52 12.14 -22.91
CA GLY A 248 -22.29 11.51 -23.41
C GLY A 248 -21.07 11.62 -22.50
N SER A 249 -21.04 12.55 -21.55
CA SER A 249 -19.94 12.70 -20.57
C SER A 249 -20.22 11.93 -19.27
N SER A 250 -19.17 11.60 -18.52
CA SER A 250 -19.24 10.67 -17.38
C SER A 250 -20.00 11.18 -16.16
N THR A 251 -19.91 12.47 -15.82
CA THR A 251 -20.73 13.11 -14.77
C THR A 251 -22.05 13.69 -15.30
N GLY A 252 -22.38 13.46 -16.57
CA GLY A 252 -23.49 14.13 -17.26
C GLY A 252 -24.86 13.78 -16.68
N PHE A 253 -25.13 12.49 -16.42
CA PHE A 253 -26.43 12.07 -15.88
C PHE A 253 -26.70 12.73 -14.52
N GLU A 254 -25.74 12.71 -13.59
CA GLU A 254 -25.96 13.31 -12.28
C GLU A 254 -26.09 14.84 -12.35
N ARG A 255 -25.30 15.51 -13.19
CA ARG A 255 -25.27 16.97 -13.31
C ARG A 255 -26.53 17.50 -13.99
N LEU A 256 -27.00 16.83 -15.04
CA LEU A 256 -28.26 17.18 -15.71
C LEU A 256 -29.46 17.01 -14.77
N HIS A 257 -29.48 15.96 -13.93
CA HIS A 257 -30.53 15.82 -12.91
C HIS A 257 -30.54 16.97 -11.91
N TYR A 258 -29.39 17.31 -11.30
CA TYR A 258 -29.33 18.41 -10.34
C TYR A 258 -29.70 19.77 -10.94
N MET A 259 -29.51 19.99 -12.25
CA MET A 259 -29.98 21.19 -12.93
C MET A 259 -31.49 21.21 -13.08
N LEU A 260 -32.12 20.09 -13.46
CA LEU A 260 -33.57 19.98 -13.57
C LEU A 260 -34.30 20.10 -12.22
N GLU A 261 -33.64 19.97 -11.07
CA GLU A 261 -34.25 20.31 -9.77
C GLU A 261 -34.56 21.81 -9.61
N ARG A 262 -34.05 22.69 -10.49
CA ARG A 262 -34.03 24.16 -10.32
C ARG A 262 -34.93 24.95 -11.28
N VAL A 263 -35.83 24.32 -12.03
CA VAL A 263 -36.54 24.98 -13.13
C VAL A 263 -37.49 26.14 -12.73
N TRP A 264 -38.20 26.07 -11.60
CA TRP A 264 -39.23 27.06 -11.21
C TRP A 264 -38.81 27.96 -10.05
N ASP A 265 -39.06 29.26 -10.14
CA ASP A 265 -38.98 30.16 -8.99
C ASP A 265 -40.13 29.90 -8.01
N PRO A 266 -39.91 30.07 -6.69
CA PRO A 266 -40.97 29.95 -5.69
C PRO A 266 -41.94 31.12 -5.73
N ILE A 267 -43.11 30.98 -5.12
CA ILE A 267 -44.11 32.05 -4.95
C ILE A 267 -43.97 32.63 -3.55
N LEU A 268 -43.29 33.78 -3.43
CA LEU A 268 -43.05 34.45 -2.16
C LEU A 268 -44.21 35.37 -1.76
N VAL A 269 -44.80 36.05 -2.74
CA VAL A 269 -45.94 36.96 -2.59
C VAL A 269 -47.16 36.33 -3.24
N THR A 270 -48.30 36.28 -2.54
CA THR A 270 -49.49 35.57 -3.03
C THR A 270 -50.00 36.14 -4.36
N GLY A 271 -50.39 35.25 -5.27
CA GLY A 271 -50.88 35.58 -6.60
C GLY A 271 -49.81 35.82 -7.67
N ALA A 272 -48.51 35.81 -7.33
CA ALA A 272 -47.45 35.85 -8.34
C ALA A 272 -47.48 34.57 -9.22
N PRO A 273 -47.28 34.67 -10.54
CA PRO A 273 -47.45 33.55 -11.47
C PRO A 273 -46.32 32.51 -11.39
N LYS A 274 -46.62 31.25 -11.74
CA LYS A 274 -45.61 30.21 -11.97
C LYS A 274 -44.65 30.65 -13.08
N CYS A 275 -43.35 30.63 -12.82
CA CYS A 275 -42.35 31.29 -13.66
C CYS A 275 -41.01 30.55 -13.70
N ILE A 276 -40.36 30.53 -14.86
CA ILE A 276 -39.02 29.95 -15.04
C ILE A 276 -37.99 30.70 -14.17
N SER A 277 -37.12 29.96 -13.51
CA SER A 277 -36.13 30.52 -12.59
C SER A 277 -34.96 31.19 -13.29
N GLN A 278 -34.53 32.35 -12.80
CA GLN A 278 -33.33 33.01 -13.32
C GLN A 278 -32.07 32.15 -13.16
N PHE A 279 -31.99 31.32 -12.12
CA PHE A 279 -30.90 30.38 -11.93
C PHE A 279 -30.84 29.38 -13.10
N PHE A 280 -31.98 28.82 -13.52
CA PHE A 280 -32.00 27.88 -14.63
C PHE A 280 -31.58 28.53 -15.94
N LEU A 281 -32.01 29.76 -16.23
CA LEU A 281 -31.61 30.45 -17.47
C LEU A 281 -30.11 30.80 -17.48
N ASN A 282 -29.56 31.20 -16.33
CA ASN A 282 -28.13 31.43 -16.18
C ASN A 282 -27.32 30.13 -16.32
N ALA A 283 -27.78 29.03 -15.72
CA ALA A 283 -27.17 27.71 -15.87
C ALA A 283 -27.24 27.20 -17.31
N PHE A 284 -28.39 27.27 -17.98
CA PHE A 284 -28.55 26.88 -19.38
C PHE A 284 -27.59 27.64 -20.29
N GLU A 285 -27.58 28.97 -20.19
CA GLU A 285 -26.69 29.83 -20.95
C GLU A 285 -25.20 29.51 -20.71
N SER A 286 -24.85 28.94 -19.56
CA SER A 286 -23.49 28.53 -19.20
C SER A 286 -23.15 27.07 -19.54
N TRP A 287 -24.11 26.26 -19.97
CA TRP A 287 -23.95 24.80 -20.10
C TRP A 287 -23.08 24.37 -21.29
N HIS A 288 -23.03 25.17 -22.35
CA HIS A 288 -22.48 24.81 -23.67
C HIS A 288 -21.47 25.86 -24.18
N SER A 289 -20.56 25.44 -25.05
CA SER A 289 -19.34 26.19 -25.35
C SER A 289 -19.43 27.08 -26.60
N PHE A 290 -20.55 27.12 -27.32
CA PHE A 290 -20.67 27.84 -28.59
C PHE A 290 -20.44 29.35 -28.47
N ASP A 291 -20.73 29.97 -27.32
CA ASP A 291 -20.43 31.40 -27.10
C ASP A 291 -18.94 31.69 -26.84
N THR A 292 -18.13 30.66 -26.57
CA THR A 292 -16.75 30.79 -26.09
C THR A 292 -15.74 30.21 -27.09
N ASN A 293 -16.11 29.13 -27.78
CA ASN A 293 -15.35 28.46 -28.82
C ASN A 293 -16.21 28.34 -30.10
N PRO A 294 -16.59 29.45 -30.76
CA PRO A 294 -17.54 29.44 -31.89
C PRO A 294 -17.05 28.63 -33.09
N LEU A 295 -15.74 28.42 -33.22
CA LEU A 295 -15.16 27.57 -34.25
C LEU A 295 -15.67 26.12 -34.17
N TYR A 296 -16.07 25.65 -32.98
CA TYR A 296 -16.69 24.35 -32.76
C TYR A 296 -18.05 24.22 -33.45
N ALA A 297 -18.74 25.31 -33.74
CA ALA A 297 -19.98 25.29 -34.52
C ALA A 297 -19.72 25.42 -36.03
N LEU A 298 -18.81 26.31 -36.44
CA LEU A 298 -18.54 26.58 -37.87
C LEU A 298 -17.86 25.40 -38.57
N LEU A 299 -16.79 24.84 -38.00
CA LEU A 299 -15.98 23.78 -38.60
C LEU A 299 -16.29 22.38 -38.04
N HIS A 300 -17.56 22.08 -37.72
CA HIS A 300 -17.92 20.76 -37.17
C HIS A 300 -18.09 19.68 -38.24
N GLU A 301 -19.05 19.80 -39.15
CA GLU A 301 -19.26 18.76 -40.17
C GLU A 301 -18.11 18.67 -41.17
N ALA A 302 -17.34 19.74 -41.37
CA ALA A 302 -16.20 19.78 -42.29
C ALA A 302 -15.09 18.78 -41.94
N ILE A 303 -15.04 18.20 -40.73
CA ILE A 303 -14.08 17.16 -40.36
C ILE A 303 -14.37 15.81 -41.04
N TYR A 304 -15.54 15.66 -41.66
CA TYR A 304 -15.97 14.45 -42.39
C TYR A 304 -15.90 14.57 -43.92
N CYS A 305 -15.33 15.64 -44.48
CA CYS A 305 -15.41 15.95 -45.92
C CYS A 305 -14.09 15.81 -46.68
N GLU A 306 -14.12 15.17 -47.84
CA GLU A 306 -13.00 15.01 -48.78
C GLU A 306 -13.52 15.06 -50.23
N GLY A 307 -13.67 16.26 -50.80
CA GLY A 307 -14.21 16.45 -52.15
C GLY A 307 -15.74 16.37 -52.27
N ALA A 308 -16.50 16.51 -51.18
CA ALA A 308 -17.95 16.71 -51.21
C ALA A 308 -18.45 17.57 -50.04
N SER A 309 -19.48 18.38 -50.29
CA SER A 309 -20.17 19.19 -49.27
C SER A 309 -20.97 18.35 -48.28
N SER A 310 -21.11 18.83 -47.03
CA SER A 310 -21.91 18.14 -45.99
C SER A 310 -23.38 18.56 -46.01
N GLY A 311 -23.69 19.80 -46.39
CA GLY A 311 -25.07 20.26 -46.59
C GLY A 311 -25.98 20.11 -45.36
N TRP A 312 -25.51 20.50 -44.18
CA TRP A 312 -26.22 20.36 -42.91
C TRP A 312 -26.72 18.93 -42.66
N SER A 313 -25.82 17.96 -42.73
CA SER A 313 -26.14 16.53 -42.69
C SER A 313 -26.92 16.10 -41.46
N ALA A 314 -26.61 16.61 -40.27
CA ALA A 314 -27.37 16.26 -39.07
C ALA A 314 -28.82 16.72 -39.16
N HIS A 315 -29.06 17.90 -39.73
CA HIS A 315 -30.40 18.46 -39.93
C HIS A 315 -31.20 17.67 -40.97
N ARG A 316 -30.57 17.22 -42.06
CA ARG A 316 -31.22 16.31 -43.03
C ARG A 316 -31.55 14.96 -42.39
N LEU A 317 -30.63 14.35 -41.65
CA LEU A 317 -30.83 13.01 -41.07
C LEU A 317 -31.91 12.97 -39.97
N ARG A 318 -32.11 14.05 -39.20
CA ARG A 318 -33.09 14.09 -38.11
C ARG A 318 -34.50 13.73 -38.58
N ASP A 319 -34.86 14.11 -39.80
CA ASP A 319 -36.16 13.86 -40.44
C ASP A 319 -36.55 12.37 -40.50
N LYS A 320 -35.57 11.47 -40.49
CA LYS A 320 -35.92 10.05 -40.48
C LYS A 320 -36.40 9.58 -39.10
N TYR A 321 -36.04 10.32 -38.04
CA TYR A 321 -36.31 10.02 -36.64
C TYR A 321 -37.18 11.10 -35.96
N GLU A 322 -37.76 12.01 -36.74
CA GLU A 322 -38.43 13.19 -36.19
C GLU A 322 -39.70 12.85 -35.40
N TYR A 323 -40.30 11.68 -35.65
CA TYR A 323 -41.43 11.18 -34.86
C TYR A 323 -41.09 10.97 -33.37
N LYS A 324 -39.82 10.69 -33.01
CA LYS A 324 -39.38 10.63 -31.60
C LYS A 324 -38.58 11.84 -31.13
N PHE A 325 -37.86 12.53 -32.00
CA PHE A 325 -37.09 13.72 -31.64
C PHE A 325 -37.83 15.05 -31.72
N ASP A 326 -39.01 15.16 -32.34
CA ASP A 326 -39.83 16.38 -32.21
C ASP A 326 -40.50 16.43 -30.83
N ALA A 327 -40.14 17.45 -30.03
CA ALA A 327 -40.67 17.61 -28.68
C ALA A 327 -42.18 17.80 -28.62
N MET A 328 -42.79 18.56 -29.52
CA MET A 328 -44.24 18.77 -29.52
C MET A 328 -44.97 17.48 -29.88
N LYS A 329 -44.53 16.75 -30.91
CA LYS A 329 -45.10 15.43 -31.23
C LYS A 329 -45.00 14.48 -30.04
N ALA A 330 -43.88 14.50 -29.31
CA ALA A 330 -43.70 13.68 -28.12
C ALA A 330 -44.67 14.05 -26.99
N VAL A 331 -44.75 15.33 -26.58
CA VAL A 331 -45.61 15.70 -25.44
C VAL A 331 -47.10 15.60 -25.75
N LYS A 332 -47.54 15.87 -26.99
CA LYS A 332 -48.94 15.67 -27.41
C LYS A 332 -49.36 14.21 -27.38
N GLU A 333 -48.43 13.29 -27.63
CA GLU A 333 -48.62 11.84 -27.61
C GLU A 333 -48.30 11.20 -26.23
N SER A 334 -48.09 12.00 -25.18
CA SER A 334 -47.71 11.56 -23.82
C SER A 334 -46.39 10.76 -23.71
N GLN A 335 -45.52 10.84 -24.71
CA GLN A 335 -44.20 10.20 -24.70
C GLN A 335 -43.17 11.04 -23.91
N PRO A 336 -42.10 10.45 -23.35
CA PRO A 336 -40.95 11.22 -22.90
C PRO A 336 -40.31 11.97 -24.07
N VAL A 337 -39.98 13.25 -23.89
CA VAL A 337 -39.18 14.02 -24.85
C VAL A 337 -37.72 13.60 -24.75
N LEU A 338 -37.04 13.42 -25.89
CA LEU A 338 -35.67 12.93 -25.95
C LEU A 338 -34.69 14.08 -26.16
N PHE A 339 -33.58 14.11 -25.44
CA PHE A 339 -32.47 15.02 -25.72
C PHE A 339 -31.64 14.54 -26.92
N THR A 340 -30.81 15.41 -27.47
CA THR A 340 -29.93 15.15 -28.63
C THR A 340 -28.48 15.54 -28.31
N GLY A 341 -27.47 15.15 -29.11
CA GLY A 341 -26.09 15.49 -28.76
C GLY A 341 -25.02 15.33 -29.84
N GLU A 342 -23.97 16.15 -29.76
CA GLU A 342 -22.80 16.16 -30.67
C GLU A 342 -23.16 16.47 -32.14
N MET A 343 -24.12 17.36 -32.34
CA MET A 343 -24.56 17.79 -33.67
C MET A 343 -25.05 19.24 -33.67
N ILE A 344 -24.84 19.92 -34.80
CA ILE A 344 -25.09 21.35 -35.01
C ILE A 344 -26.20 21.50 -36.06
N PHE A 345 -27.17 22.37 -35.81
CA PHE A 345 -28.32 22.60 -36.68
C PHE A 345 -28.36 24.05 -37.18
N PRO A 346 -28.95 24.36 -38.34
CA PRO A 346 -29.03 25.72 -38.88
C PRO A 346 -29.66 26.74 -37.95
N TRP A 347 -30.72 26.38 -37.23
CA TRP A 347 -31.42 27.29 -36.32
C TRP A 347 -30.59 27.74 -35.13
N MET A 348 -29.47 27.06 -34.81
CA MET A 348 -28.62 27.50 -33.70
C MET A 348 -28.12 28.93 -33.94
N PHE A 349 -27.73 29.20 -35.18
CA PHE A 349 -27.25 30.51 -35.62
C PHE A 349 -28.34 31.61 -35.58
N ASP A 350 -29.61 31.29 -35.36
CA ASP A 350 -30.69 32.25 -35.09
C ASP A 350 -30.90 32.53 -33.60
N GLU A 351 -30.35 31.72 -32.69
CA GLU A 351 -30.80 31.69 -31.28
C GLU A 351 -29.69 31.81 -30.25
N ILE A 352 -28.43 31.53 -30.62
CA ILE A 352 -27.26 31.71 -29.76
C ILE A 352 -26.66 33.07 -30.11
N HIS A 353 -26.73 34.05 -29.19
CA HIS A 353 -26.50 35.46 -29.55
C HIS A 353 -25.10 35.74 -30.10
N ALA A 354 -24.06 35.08 -29.59
CA ALA A 354 -22.71 35.21 -30.12
C ALA A 354 -22.55 34.70 -31.56
N LEU A 355 -23.38 33.73 -32.01
CA LEU A 355 -23.32 33.17 -33.36
C LEU A 355 -24.17 33.93 -34.40
N LYS A 356 -25.14 34.75 -33.98
CA LYS A 356 -26.05 35.53 -34.85
C LYS A 356 -25.38 36.13 -36.10
N PRO A 357 -24.25 36.84 -36.02
CA PRO A 357 -23.64 37.48 -37.19
C PRO A 357 -23.00 36.51 -38.19
N PHE A 358 -22.72 35.26 -37.82
CA PHE A 358 -22.03 34.29 -38.69
C PHE A 358 -22.96 33.41 -39.52
N LYS A 359 -24.28 33.64 -39.50
CA LYS A 359 -25.30 32.86 -40.19
C LYS A 359 -25.02 32.64 -41.67
N ALA A 360 -24.52 33.66 -42.38
CA ALA A 360 -24.16 33.56 -43.79
C ALA A 360 -22.85 32.77 -44.03
N ALA A 361 -21.79 33.09 -43.28
CA ALA A 361 -20.50 32.39 -43.42
C ALA A 361 -20.60 30.90 -43.09
N ALA A 362 -21.48 30.51 -42.17
CA ALA A 362 -21.77 29.11 -41.89
C ALA A 362 -22.32 28.35 -43.11
N ASP A 363 -23.22 28.96 -43.89
CA ASP A 363 -23.71 28.37 -45.14
C ASP A 363 -22.63 28.31 -46.22
N LEU A 364 -21.81 29.34 -46.39
CA LEU A 364 -20.72 29.29 -47.38
C LEU A 364 -19.72 28.17 -47.08
N LEU A 365 -19.50 27.82 -45.81
CA LEU A 365 -18.76 26.62 -45.40
C LEU A 365 -19.55 25.33 -45.69
N ALA A 366 -20.82 25.26 -45.29
CA ALA A 366 -21.64 24.05 -45.46
C ALA A 366 -21.84 23.63 -46.94
N LYS A 367 -21.77 24.61 -47.85
CA LYS A 367 -21.95 24.34 -49.26
C LYS A 367 -20.66 24.10 -50.06
N LYS A 368 -19.48 24.29 -49.45
CA LYS A 368 -18.19 24.10 -50.13
C LYS A 368 -18.05 22.65 -50.58
N GLU A 369 -17.70 22.43 -51.84
CA GLU A 369 -17.55 21.09 -52.42
C GLU A 369 -16.13 20.57 -52.63
N ASP A 370 -15.17 21.48 -52.78
CA ASP A 370 -13.78 21.11 -53.05
C ASP A 370 -12.86 21.16 -51.81
N TRP A 371 -13.33 20.62 -50.67
CA TRP A 371 -12.46 20.34 -49.53
C TRP A 371 -11.32 19.38 -49.92
N PRO A 372 -10.04 19.67 -49.62
CA PRO A 372 -8.94 18.74 -49.87
C PRO A 372 -9.00 17.50 -48.97
N PRO A 373 -8.33 16.39 -49.36
CA PRO A 373 -8.36 15.13 -48.63
C PRO A 373 -7.65 15.17 -47.28
N LEU A 374 -8.01 14.26 -46.39
CA LEU A 374 -7.48 14.10 -45.04
C LEU A 374 -6.76 12.76 -44.83
N TYR A 375 -7.18 11.68 -45.48
CA TYR A 375 -6.64 10.33 -45.22
C TYR A 375 -6.05 9.71 -46.49
N ASP A 376 -5.06 8.83 -46.34
CA ASP A 376 -4.37 8.15 -47.46
C ASP A 376 -4.44 6.63 -47.31
N VAL A 377 -5.62 6.06 -47.58
CA VAL A 377 -5.98 4.68 -47.20
C VAL A 377 -4.98 3.63 -47.72
N PRO A 378 -4.47 3.68 -48.97
CA PRO A 378 -3.42 2.76 -49.43
C PRO A 378 -2.13 2.78 -48.59
N ARG A 379 -1.79 3.89 -47.94
CA ARG A 379 -0.64 3.98 -47.03
C ARG A 379 -0.97 3.49 -45.62
N LEU A 380 -2.18 3.74 -45.13
CA LEU A 380 -2.64 3.14 -43.86
C LEU A 380 -2.63 1.60 -43.94
N GLN A 381 -3.02 1.06 -45.09
CA GLN A 381 -2.97 -0.38 -45.37
C GLN A 381 -1.57 -0.98 -45.37
N ASN A 382 -0.48 -0.20 -45.41
CA ASN A 382 0.85 -0.73 -45.15
C ASN A 382 1.68 0.12 -44.17
N ASN A 383 1.02 0.72 -43.19
CA ASN A 383 1.65 1.43 -42.07
C ASN A 383 2.60 0.52 -41.26
N LYS A 384 3.71 1.10 -40.75
CA LYS A 384 4.72 0.43 -39.90
C LYS A 384 5.01 1.14 -38.57
N VAL A 385 4.40 2.31 -38.32
CA VAL A 385 4.41 3.00 -37.01
C VAL A 385 3.50 2.24 -36.02
N PRO A 386 3.94 1.91 -34.79
CA PRO A 386 3.08 1.29 -33.79
C PRO A 386 1.89 2.16 -33.39
N VAL A 387 0.69 1.59 -33.30
CA VAL A 387 -0.55 2.30 -32.92
C VAL A 387 -1.31 1.51 -31.87
N ALA A 388 -1.77 2.18 -30.81
CA ALA A 388 -2.71 1.61 -29.85
C ALA A 388 -3.91 2.53 -29.66
N ALA A 389 -5.11 1.96 -29.57
CA ALA A 389 -6.34 2.72 -29.40
C ALA A 389 -7.20 2.16 -28.25
N ALA A 390 -7.76 3.04 -27.41
CA ALA A 390 -8.86 2.71 -26.52
C ALA A 390 -10.17 2.99 -27.24
N VAL A 391 -11.01 1.98 -27.42
CA VAL A 391 -12.28 2.08 -28.16
C VAL A 391 -13.43 1.75 -27.23
N TYR A 392 -14.38 2.66 -27.06
CA TYR A 392 -15.45 2.50 -26.08
C TYR A 392 -16.68 1.90 -26.75
N TYR A 393 -17.17 0.76 -26.26
CA TYR A 393 -18.25 0.03 -26.93
C TYR A 393 -19.58 0.79 -26.93
N GLU A 394 -19.87 1.63 -25.93
CA GLU A 394 -21.12 2.43 -25.86
C GLU A 394 -20.89 3.94 -26.09
N ASP A 395 -19.88 4.31 -26.86
CA ASP A 395 -19.57 5.70 -27.21
C ASP A 395 -20.72 6.38 -27.98
N MET A 396 -21.10 7.59 -27.58
CA MET A 396 -22.15 8.38 -28.25
C MET A 396 -21.63 9.25 -29.41
N TYR A 397 -20.32 9.57 -29.45
CA TYR A 397 -19.76 10.57 -30.37
C TYR A 397 -19.04 9.97 -31.58
N VAL A 398 -18.45 8.78 -31.46
CA VAL A 398 -18.03 7.94 -32.60
C VAL A 398 -18.66 6.56 -32.47
N ASN A 399 -19.31 6.05 -33.52
CA ASN A 399 -20.04 4.79 -33.43
C ASN A 399 -19.10 3.58 -33.55
N PHE A 400 -19.31 2.53 -32.74
CA PHE A 400 -18.45 1.37 -32.67
C PHE A 400 -18.28 0.62 -34.00
N LYS A 401 -19.33 0.46 -34.81
CA LYS A 401 -19.21 -0.22 -36.11
C LYS A 401 -18.26 0.51 -37.06
N LEU A 402 -18.39 1.82 -37.15
CA LEU A 402 -17.56 2.67 -38.01
C LEU A 402 -16.08 2.68 -37.57
N VAL A 403 -15.83 2.57 -36.27
CA VAL A 403 -14.48 2.32 -35.73
C VAL A 403 -13.96 0.95 -36.14
N THR A 404 -14.70 -0.13 -35.86
CA THR A 404 -14.18 -1.49 -36.02
C THR A 404 -13.95 -1.89 -37.49
N GLU A 405 -14.69 -1.33 -38.45
CA GLU A 405 -14.36 -1.50 -39.87
C GLU A 405 -13.14 -0.67 -40.30
N THR A 406 -12.95 0.54 -39.77
CA THR A 406 -11.73 1.33 -40.00
C THR A 406 -10.49 0.64 -39.43
N ALA A 407 -10.60 0.00 -38.27
CA ALA A 407 -9.51 -0.73 -37.64
C ALA A 407 -9.00 -1.91 -38.49
N SER A 408 -9.70 -2.34 -39.54
CA SER A 408 -9.17 -3.31 -40.51
C SER A 408 -8.17 -2.70 -41.51
N HIS A 409 -8.24 -1.40 -41.77
CA HIS A 409 -7.39 -0.70 -42.75
C HIS A 409 -6.08 -0.21 -42.16
N ILE A 410 -6.00 0.05 -40.85
CA ILE A 410 -4.76 0.43 -40.19
C ILE A 410 -3.92 -0.85 -39.99
N SER A 411 -2.74 -0.95 -40.62
CA SER A 411 -1.96 -2.19 -40.71
C SER A 411 -1.68 -2.89 -39.37
N GLY A 412 -1.10 -2.19 -38.39
CA GLY A 412 -0.55 -2.81 -37.17
C GLY A 412 -1.32 -2.53 -35.89
N ILE A 413 -2.53 -1.96 -35.97
CA ILE A 413 -3.22 -1.39 -34.80
C ILE A 413 -3.59 -2.46 -33.79
N ARG A 414 -3.32 -2.20 -32.51
CA ARG A 414 -3.88 -2.96 -31.39
C ARG A 414 -4.91 -2.11 -30.68
N LEU A 415 -6.17 -2.50 -30.70
CA LEU A 415 -7.26 -1.75 -30.09
C LEU A 415 -7.86 -2.53 -28.92
N TRP A 416 -8.02 -1.89 -27.75
CA TRP A 416 -8.69 -2.51 -26.63
C TRP A 416 -10.09 -1.93 -26.48
N VAL A 417 -11.07 -2.84 -26.50
CA VAL A 417 -12.50 -2.52 -26.53
C VAL A 417 -13.04 -2.70 -25.14
N THR A 418 -13.70 -1.70 -24.58
CA THR A 418 -14.30 -1.80 -23.25
C THR A 418 -15.62 -1.08 -23.15
N ASN A 419 -16.52 -1.65 -22.36
CA ASN A 419 -17.83 -1.14 -21.99
C ASN A 419 -17.76 -0.18 -20.80
N GLU A 420 -16.67 -0.17 -20.02
CA GLU A 420 -16.64 0.44 -18.69
C GLU A 420 -16.42 1.96 -18.65
N PHE A 421 -16.13 2.59 -19.79
CA PHE A 421 -15.84 4.02 -19.93
C PHE A 421 -16.71 4.68 -21.00
N MET A 422 -16.94 5.99 -20.82
CA MET A 422 -17.52 6.90 -21.81
C MET A 422 -16.39 7.74 -22.45
N HIS A 423 -16.72 8.60 -23.41
CA HIS A 423 -15.75 9.43 -24.15
C HIS A 423 -14.86 10.31 -23.26
N SER A 424 -15.32 10.58 -22.03
CA SER A 424 -14.59 11.23 -20.92
C SER A 424 -13.35 10.47 -20.43
N GLY A 425 -13.10 9.24 -20.86
CA GLY A 425 -12.19 8.29 -20.20
C GLY A 425 -10.76 8.74 -19.93
N LEU A 426 -10.18 9.66 -20.71
CA LEU A 426 -8.84 10.20 -20.43
C LEU A 426 -8.84 11.31 -19.37
N ARG A 427 -9.94 12.05 -19.19
CA ARG A 427 -10.13 13.01 -18.09
C ARG A 427 -10.39 12.33 -16.75
N ASP A 428 -11.13 11.24 -16.78
CA ASP A 428 -11.79 10.60 -15.65
C ASP A 428 -11.23 9.19 -15.43
N ALA A 429 -10.32 9.03 -14.48
CA ALA A 429 -9.43 7.86 -14.32
C ALA A 429 -8.47 7.63 -15.51
N GLY A 430 -7.74 8.68 -15.92
CA GLY A 430 -6.83 8.70 -17.06
C GLY A 430 -5.47 8.03 -16.85
N ARG A 431 -5.04 7.85 -15.61
CA ARG A 431 -3.76 7.21 -15.33
C ARG A 431 -3.65 5.81 -15.95
N GLN A 432 -4.63 4.96 -15.68
CA GLN A 432 -4.64 3.59 -16.19
C GLN A 432 -4.79 3.52 -17.71
N ILE A 433 -5.43 4.48 -18.37
CA ILE A 433 -5.52 4.50 -19.83
C ILE A 433 -4.13 4.64 -20.46
N ILE A 434 -3.30 5.58 -19.98
CA ILE A 434 -1.92 5.74 -20.47
C ILE A 434 -1.07 4.50 -20.18
N ASP A 435 -1.12 3.94 -18.98
CA ASP A 435 -0.39 2.71 -18.66
C ASP A 435 -0.82 1.52 -19.51
N HIS A 436 -2.12 1.36 -19.79
CA HIS A 436 -2.62 0.26 -20.60
C HIS A 436 -2.18 0.39 -22.04
N LEU A 437 -2.40 1.54 -22.68
CA LEU A 437 -2.03 1.73 -24.08
C LEU A 437 -0.52 1.61 -24.31
N LEU A 438 0.32 2.20 -23.45
CA LEU A 438 1.77 1.99 -23.52
C LEU A 438 2.12 0.52 -23.29
N GLY A 439 1.42 -0.18 -22.39
CA GLY A 439 1.60 -1.61 -22.16
C GLY A 439 1.30 -2.51 -23.36
N MET A 440 0.53 -2.05 -24.35
CA MET A 440 0.31 -2.78 -25.61
C MET A 440 1.42 -2.53 -26.63
N ILE A 441 1.93 -1.30 -26.72
CA ILE A 441 3.04 -0.94 -27.62
C ILE A 441 4.36 -1.56 -27.14
N ASN A 442 4.61 -1.46 -25.84
CA ASN A 442 5.75 -2.00 -25.12
C ASN A 442 5.58 -3.53 -24.86
N GLY A 443 6.58 -4.19 -24.28
CA GLY A 443 6.53 -5.66 -24.08
C GLY A 443 5.58 -6.17 -22.98
N LYS A 444 4.80 -5.32 -22.30
CA LYS A 444 4.08 -5.70 -21.06
C LYS A 444 2.85 -6.56 -21.29
N LYS A 445 2.12 -6.37 -22.39
CA LYS A 445 0.99 -7.18 -22.79
C LYS A 445 1.20 -7.44 -24.27
N PRO A 446 1.87 -8.55 -24.63
CA PRO A 446 2.16 -8.91 -26.02
C PRO A 446 0.93 -9.44 -26.75
N LEU A 447 0.99 -9.56 -28.08
CA LEU A 447 -0.16 -9.84 -28.95
C LEU A 447 -0.98 -11.04 -28.45
N PHE A 448 -2.22 -10.81 -28.05
CA PHE A 448 -3.07 -11.86 -27.52
C PHE A 448 -3.16 -13.08 -28.41
N GLU B 1 -45.33 19.50 9.20
CA GLU B 1 -45.32 18.77 7.89
C GLU B 1 -43.91 18.37 7.49
N HIS B 2 -43.76 17.14 7.00
CA HIS B 2 -42.50 16.47 6.67
C HIS B 2 -42.76 15.40 5.61
N VAL B 3 -42.13 15.51 4.44
CA VAL B 3 -42.28 14.55 3.32
C VAL B 3 -40.93 14.16 2.75
N THR B 4 -40.82 12.94 2.23
CA THR B 4 -39.54 12.36 1.80
C THR B 4 -39.64 11.65 0.46
N GLY B 5 -38.59 11.75 -0.35
CA GLY B 5 -38.48 11.09 -1.64
C GLY B 5 -38.03 9.64 -1.52
N LYS B 6 -38.03 8.93 -2.64
CA LYS B 6 -37.43 7.59 -2.78
C LYS B 6 -35.90 7.71 -2.84
N TRP B 7 -35.17 6.67 -2.46
CA TRP B 7 -33.72 6.61 -2.66
C TRP B 7 -33.35 6.64 -4.14
N PHE B 8 -32.22 7.24 -4.49
CA PHE B 8 -31.58 7.16 -5.81
C PHE B 8 -30.06 6.99 -5.67
N SER B 9 -29.36 6.72 -6.77
CA SER B 9 -27.95 6.33 -6.73
C SER B 9 -27.06 7.26 -7.53
N VAL B 10 -25.86 7.40 -7.04
CA VAL B 10 -24.69 8.09 -7.63
C VAL B 10 -23.50 7.14 -7.41
N PRO B 11 -22.44 7.12 -8.24
CA PRO B 11 -21.37 6.15 -8.09
C PRO B 11 -20.79 6.08 -6.67
N GLU B 12 -21.02 4.94 -6.01
CA GLU B 12 -20.69 4.63 -4.61
C GLU B 12 -21.51 5.34 -3.50
N LEU B 13 -22.60 6.01 -3.86
CA LEU B 13 -23.40 6.72 -2.86
C LEU B 13 -24.91 6.64 -3.11
N ARG B 14 -25.67 6.53 -2.03
CA ARG B 14 -27.12 6.47 -2.09
C ARG B 14 -27.68 7.70 -1.41
N LEU B 15 -28.59 8.41 -2.09
CA LEU B 15 -29.17 9.62 -1.52
C LEU B 15 -30.69 9.64 -1.50
N ARG B 16 -31.23 10.48 -0.62
CA ARG B 16 -32.67 10.67 -0.46
C ARG B 16 -33.00 12.11 -0.11
N ASP B 17 -34.11 12.63 -0.61
CA ASP B 17 -34.58 13.99 -0.35
C ASP B 17 -35.56 14.06 0.83
N HIS B 18 -35.49 15.12 1.64
CA HIS B 18 -36.48 15.45 2.67
C HIS B 18 -36.91 16.91 2.55
N ARG B 19 -38.21 17.18 2.69
CA ARG B 19 -38.79 18.54 2.68
C ARG B 19 -39.62 18.77 3.94
N PHE B 20 -39.36 19.88 4.60
CA PHE B 20 -39.98 20.29 5.87
C PHE B 20 -40.67 21.63 5.70
N ILE B 21 -41.77 21.86 6.41
CA ILE B 21 -42.42 23.18 6.44
C ILE B 21 -42.16 23.83 7.80
N VAL B 22 -41.61 25.04 7.79
CA VAL B 22 -41.16 25.78 8.99
C VAL B 22 -41.76 27.19 8.99
N PRO B 23 -41.88 27.87 10.14
CA PRO B 23 -42.30 29.26 10.16
C PRO B 23 -41.30 30.18 9.47
N LEU B 24 -41.76 31.27 8.85
CA LEU B 24 -40.87 32.34 8.42
C LEU B 24 -40.19 32.97 9.63
N ASP B 25 -40.97 33.40 10.64
CA ASP B 25 -40.47 33.82 11.95
C ASP B 25 -41.11 32.93 13.02
N TYR B 26 -40.31 32.24 13.82
CA TYR B 26 -40.79 31.36 14.90
C TYR B 26 -41.59 32.10 15.99
N SER B 27 -41.56 33.43 16.02
CA SER B 27 -42.39 34.28 16.88
C SER B 27 -43.87 34.31 16.49
N LYS B 28 -44.22 33.84 15.28
CA LYS B 28 -45.58 33.82 14.70
C LYS B 28 -45.96 32.41 14.21
N SER B 29 -47.26 32.15 14.07
CA SER B 29 -47.79 30.89 13.50
C SER B 29 -47.60 30.78 11.97
N SER B 30 -47.39 31.91 11.28
CA SER B 30 -47.37 32.05 9.81
C SER B 30 -46.62 33.33 9.40
N PRO B 31 -46.21 33.53 8.13
CA PRO B 31 -46.27 32.60 7.00
C PRO B 31 -45.37 31.38 7.18
N LYS B 32 -45.52 30.40 6.29
CA LYS B 32 -44.69 29.20 6.21
C LYS B 32 -43.65 29.28 5.10
N ILE B 33 -42.56 28.54 5.24
CA ILE B 33 -41.45 28.39 4.31
C ILE B 33 -41.13 26.90 4.18
N THR B 34 -40.69 26.44 3.00
CA THR B 34 -40.23 25.04 2.84
C THR B 34 -38.71 24.97 2.86
N VAL B 35 -38.16 24.05 3.65
CA VAL B 35 -36.71 23.84 3.81
C VAL B 35 -36.35 22.43 3.35
N PHE B 36 -35.21 22.29 2.69
CA PHE B 36 -34.76 21.07 2.05
C PHE B 36 -33.48 20.54 2.68
N ALA B 37 -33.42 19.23 2.91
CA ALA B 37 -32.21 18.53 3.30
C ALA B 37 -32.08 17.23 2.50
N ARG B 38 -30.85 16.81 2.23
CA ARG B 38 -30.60 15.56 1.50
C ARG B 38 -29.72 14.60 2.30
N GLU B 39 -30.28 13.43 2.64
CA GLU B 39 -29.56 12.41 3.39
C GLU B 39 -28.70 11.58 2.46
N ILE B 40 -27.47 11.27 2.86
CA ILE B 40 -26.50 10.49 2.08
C ILE B 40 -25.95 9.37 2.96
N VAL B 41 -25.81 8.18 2.41
CA VAL B 41 -25.16 7.01 3.03
C VAL B 41 -24.36 6.23 1.99
N ALA B 42 -23.40 5.42 2.41
CA ALA B 42 -22.68 4.53 1.52
C ALA B 42 -23.56 3.37 1.02
N VAL B 43 -23.12 2.72 -0.05
CA VAL B 43 -23.81 1.61 -0.72
C VAL B 43 -24.28 0.53 0.28
N GLY B 44 -25.55 0.16 0.25
CA GLY B 44 -26.13 -0.92 1.03
C GLY B 44 -26.46 -0.61 2.50
N LYS B 45 -26.16 0.59 3.01
CA LYS B 45 -26.43 1.01 4.40
C LYS B 45 -27.67 1.88 4.60
N GLU B 46 -28.62 1.89 3.65
CA GLU B 46 -29.86 2.66 3.76
C GLU B 46 -30.68 2.36 5.03
N GLU B 47 -30.79 1.09 5.42
CA GLU B 47 -31.58 0.65 6.57
C GLU B 47 -30.78 0.61 7.89
N GLN B 48 -29.45 0.68 7.82
CA GLN B 48 -28.56 0.52 8.96
C GLN B 48 -28.59 1.72 9.92
N ALA B 49 -28.71 1.46 11.23
CA ALA B 49 -28.58 2.48 12.27
C ALA B 49 -27.12 2.95 12.42
N MET B 50 -26.92 4.26 12.40
CA MET B 50 -25.61 4.92 12.54
C MET B 50 -25.82 6.31 13.18
N PRO B 51 -24.79 6.92 13.78
CA PRO B 51 -24.86 8.30 14.23
C PRO B 51 -25.10 9.27 13.05
N TYR B 52 -25.84 10.34 13.29
CA TYR B 52 -26.07 11.39 12.29
C TYR B 52 -24.99 12.48 12.33
N LEU B 53 -24.68 13.04 11.16
CA LEU B 53 -23.85 14.24 10.98
C LEU B 53 -24.62 15.29 10.18
N LEU B 54 -24.63 16.55 10.62
CA LEU B 54 -25.12 17.69 9.85
C LEU B 54 -23.95 18.47 9.25
N TYR B 55 -24.07 18.89 8.00
CA TYR B 55 -23.10 19.80 7.37
C TYR B 55 -23.68 21.20 7.13
N LEU B 56 -22.94 22.24 7.53
CA LEU B 56 -23.24 23.67 7.33
C LEU B 56 -22.22 24.27 6.34
N GLN B 57 -22.69 24.84 5.23
CA GLN B 57 -21.94 24.91 3.96
C GLN B 57 -20.80 25.93 3.82
N GLY B 58 -21.06 27.22 3.98
CA GLY B 58 -20.18 28.24 3.40
C GLY B 58 -20.81 29.61 3.45
N GLY B 59 -20.22 30.58 2.74
CA GLY B 59 -20.67 31.98 2.75
C GLY B 59 -22.18 32.14 2.55
N PRO B 60 -22.80 33.21 3.07
CA PRO B 60 -24.26 33.33 3.09
C PRO B 60 -24.83 33.24 1.67
N GLY B 61 -25.89 32.45 1.48
CA GLY B 61 -26.52 32.30 0.18
C GLY B 61 -25.91 31.26 -0.76
N PHE B 62 -25.12 30.30 -0.28
CA PHE B 62 -24.64 29.16 -1.07
C PHE B 62 -25.34 27.85 -0.68
N GLU B 63 -25.83 27.09 -1.65
CA GLU B 63 -26.52 25.82 -1.47
C GLU B 63 -25.57 24.65 -1.15
N GLY B 64 -26.10 23.56 -0.61
CA GLY B 64 -25.33 22.40 -0.18
C GLY B 64 -24.63 21.65 -1.32
N PRO B 65 -23.62 20.81 -1.03
CA PRO B 65 -22.58 20.42 -1.99
C PRO B 65 -22.99 19.80 -3.32
N ARG B 66 -24.04 18.96 -3.33
CA ARG B 66 -24.52 18.25 -4.53
C ARG B 66 -23.45 17.38 -5.24
N PRO B 67 -23.05 16.27 -4.59
CA PRO B 67 -21.99 15.39 -5.07
C PRO B 67 -22.37 14.61 -6.32
N SER B 68 -21.42 14.39 -7.22
CA SER B 68 -21.55 13.59 -8.46
C SER B 68 -20.85 12.23 -8.41
N GLU B 69 -20.07 11.94 -7.37
CA GLU B 69 -19.43 10.65 -7.07
C GLU B 69 -19.00 10.63 -5.59
N ALA B 70 -18.82 9.47 -4.94
CA ALA B 70 -18.18 9.42 -3.63
C ALA B 70 -16.71 9.88 -3.73
N SER B 71 -16.37 11.01 -3.11
CA SER B 71 -15.00 11.55 -3.04
C SER B 71 -14.86 12.51 -1.86
N GLY B 72 -13.62 12.89 -1.51
CA GLY B 72 -13.34 13.97 -0.57
C GLY B 72 -13.83 13.67 0.84
N TRP B 73 -14.31 14.68 1.55
CA TRP B 73 -14.83 14.50 2.91
C TRP B 73 -16.11 13.66 2.95
N ILE B 74 -16.96 13.69 1.91
CA ILE B 74 -18.22 12.93 1.89
C ILE B 74 -17.96 11.43 1.90
N GLN B 75 -16.98 10.95 1.12
CA GLN B 75 -16.60 9.54 1.12
C GLN B 75 -16.17 9.08 2.51
N ARG B 76 -15.30 9.83 3.15
CA ARG B 76 -14.81 9.50 4.49
C ARG B 76 -15.93 9.52 5.54
N ALA B 77 -16.73 10.58 5.55
CA ALA B 77 -17.80 10.70 6.51
C ALA B 77 -18.81 9.55 6.41
N CYS B 78 -19.11 9.06 5.20
CA CYS B 78 -20.03 7.94 5.01
C CYS B 78 -19.47 6.58 5.45
N GLU B 79 -18.19 6.48 5.80
CA GLU B 79 -17.63 5.31 6.50
C GLU B 79 -18.01 5.27 7.99
N GLU B 80 -18.61 6.32 8.55
CA GLU B 80 -18.90 6.46 9.98
C GLU B 80 -20.31 7.00 10.30
N PHE B 81 -20.85 7.93 9.53
CA PHE B 81 -22.17 8.49 9.83
C PHE B 81 -23.21 8.51 8.71
N ARG B 82 -24.46 8.82 9.07
CA ARG B 82 -25.53 8.99 8.10
C ARG B 82 -25.56 10.46 7.67
N VAL B 83 -24.60 10.84 6.84
CA VAL B 83 -24.47 12.22 6.35
C VAL B 83 -25.78 12.81 5.85
N VAL B 84 -26.06 14.04 6.26
CA VAL B 84 -27.27 14.74 5.85
C VAL B 84 -26.98 16.24 5.66
N LEU B 85 -26.95 16.67 4.41
CA LEU B 85 -26.68 18.07 4.09
C LEU B 85 -27.91 18.95 4.31
N LEU B 86 -27.68 20.27 4.32
CA LEU B 86 -28.76 21.23 4.52
C LEU B 86 -28.64 22.38 3.51
N ASP B 87 -29.69 22.67 2.75
CA ASP B 87 -29.80 23.94 2.03
C ASP B 87 -30.24 25.03 3.00
N GLN B 88 -29.29 25.83 3.47
CA GLN B 88 -29.53 26.96 4.36
C GLN B 88 -30.54 27.94 3.75
N ARG B 89 -31.36 28.61 4.57
CA ARG B 89 -32.54 29.38 4.14
C ARG B 89 -32.31 30.30 2.95
N GLY B 90 -33.33 30.45 2.11
CA GLY B 90 -33.31 31.40 0.99
C GLY B 90 -32.43 30.96 -0.17
N THR B 91 -32.05 29.69 -0.22
CA THR B 91 -30.98 29.15 -1.07
C THR B 91 -31.32 27.75 -1.57
N GLY B 92 -30.82 27.34 -2.73
CA GLY B 92 -30.98 26.00 -3.26
C GLY B 92 -32.44 25.61 -3.48
N LEU B 93 -32.92 24.56 -2.82
CA LEU B 93 -34.34 24.18 -2.83
C LEU B 93 -35.13 24.76 -1.63
N SER B 94 -34.47 25.40 -0.67
CA SER B 94 -35.10 26.03 0.51
C SER B 94 -35.65 27.43 0.21
N THR B 95 -36.67 27.50 -0.66
CA THR B 95 -37.27 28.73 -1.21
C THR B 95 -36.27 29.77 -1.75
N PRO B 96 -35.54 29.47 -2.83
CA PRO B 96 -34.45 30.31 -3.27
C PRO B 96 -34.84 31.76 -3.60
N LEU B 97 -34.10 32.70 -3.02
CA LEU B 97 -34.15 34.12 -3.38
C LEU B 97 -33.24 34.38 -4.59
N THR B 98 -33.64 33.87 -5.75
CA THR B 98 -33.03 34.22 -7.04
C THR B 98 -33.32 35.68 -7.38
N CYS B 99 -32.69 36.23 -8.43
CA CYS B 99 -32.93 37.64 -8.77
C CYS B 99 -34.42 37.85 -9.09
N SER B 100 -34.93 37.08 -10.05
CA SER B 100 -36.34 37.07 -10.43
C SER B 100 -37.30 36.81 -9.26
N SER B 101 -36.97 35.89 -8.34
CA SER B 101 -37.76 35.62 -7.13
C SER B 101 -37.93 36.87 -6.27
N MET B 102 -36.88 37.67 -6.10
CA MET B 102 -36.96 38.93 -5.33
C MET B 102 -37.67 40.07 -6.07
N LEU B 103 -37.91 39.99 -7.38
CA LEU B 103 -38.71 40.99 -8.10
C LEU B 103 -40.21 40.94 -7.75
N GLN B 104 -40.67 39.88 -7.07
CA GLN B 104 -42.07 39.74 -6.66
C GLN B 104 -42.52 40.79 -5.62
N PHE B 105 -41.62 41.35 -4.81
CA PHE B 105 -41.96 42.32 -3.78
C PHE B 105 -42.29 43.70 -4.36
N LYS B 106 -43.34 44.32 -3.81
CA LYS B 106 -43.94 45.57 -4.31
C LYS B 106 -43.05 46.81 -4.12
N SER B 107 -42.17 46.79 -3.12
CA SER B 107 -41.29 47.90 -2.72
C SER B 107 -40.00 47.39 -2.10
N ALA B 108 -38.91 48.17 -2.21
CA ALA B 108 -37.65 47.89 -1.54
C ALA B 108 -37.78 47.82 -0.01
N LYS B 109 -38.72 48.57 0.56
CA LYS B 109 -38.94 48.50 2.00
C LYS B 109 -39.51 47.15 2.43
N GLU B 110 -40.44 46.60 1.64
CA GLU B 110 -41.02 45.29 1.92
C GLU B 110 -40.04 44.14 1.65
N LEU B 111 -39.17 44.24 0.64
CA LEU B 111 -38.07 43.30 0.42
C LEU B 111 -37.10 43.32 1.61
N ALA B 112 -36.68 44.49 2.08
CA ALA B 112 -35.81 44.60 3.24
C ALA B 112 -36.43 43.93 4.48
N ASP B 113 -37.69 44.23 4.79
CA ASP B 113 -38.43 43.61 5.90
C ASP B 113 -38.67 42.10 5.75
N TYR B 114 -38.32 41.47 4.63
CA TYR B 114 -38.32 40.02 4.46
C TYR B 114 -36.90 39.44 4.58
N LEU B 115 -35.90 40.06 3.97
CA LEU B 115 -34.50 39.59 4.00
C LEU B 115 -33.93 39.49 5.41
N VAL B 116 -34.34 40.38 6.32
CA VAL B 116 -33.86 40.42 7.70
C VAL B 116 -34.14 39.14 8.52
N HIS B 117 -35.06 38.28 8.10
CA HIS B 117 -35.28 37.03 8.81
C HIS B 117 -34.15 36.02 8.58
N PHE B 118 -33.38 36.12 7.49
CA PHE B 118 -32.55 35.04 6.92
C PHE B 118 -31.13 34.92 7.51
N ARG B 119 -30.98 35.04 8.83
CA ARG B 119 -29.68 35.04 9.51
C ARG B 119 -29.25 33.67 10.05
N ALA B 120 -28.10 33.65 10.73
CA ALA B 120 -27.54 32.43 11.30
C ALA B 120 -28.34 31.86 12.50
N ASP B 121 -29.02 32.68 13.30
CA ASP B 121 -29.84 32.19 14.40
C ASP B 121 -31.07 31.42 13.90
N ASN B 122 -31.73 31.97 12.89
CA ASN B 122 -32.88 31.42 12.17
C ASN B 122 -32.52 30.27 11.15
N ILE B 123 -31.24 29.94 10.93
CA ILE B 123 -30.66 28.71 10.35
C ILE B 123 -30.47 27.62 11.42
N VAL B 124 -30.02 27.97 12.62
CA VAL B 124 -29.91 27.04 13.75
C VAL B 124 -31.27 26.56 14.25
N LYS B 125 -32.29 27.42 14.33
CA LYS B 125 -33.64 26.96 14.72
C LYS B 125 -34.23 25.97 13.74
N ASP B 126 -34.02 26.14 12.43
CA ASP B 126 -34.41 25.14 11.44
C ASP B 126 -33.67 23.81 11.60
N ALA B 127 -32.36 23.82 11.90
CA ALA B 127 -31.61 22.60 12.11
C ALA B 127 -32.17 21.81 13.30
N GLU B 128 -32.51 22.47 14.40
CA GLU B 128 -33.16 21.83 15.54
C GLU B 128 -34.60 21.37 15.23
N PHE B 129 -35.33 22.04 14.35
CA PHE B 129 -36.64 21.58 13.87
C PHE B 129 -36.53 20.31 13.02
N ILE B 130 -35.47 20.19 12.21
CA ILE B 130 -35.16 18.99 11.44
C ILE B 130 -34.73 17.84 12.35
N ARG B 131 -33.73 18.08 13.21
CA ARG B 131 -33.20 17.04 14.09
C ARG B 131 -34.20 16.13 14.79
N VAL B 132 -35.14 16.74 15.51
CA VAL B 132 -36.15 16.02 16.30
C VAL B 132 -37.06 15.13 15.45
N ARG B 133 -37.29 15.48 14.18
CA ARG B 133 -38.14 14.74 13.23
C ARG B 133 -37.37 13.68 12.47
N LEU B 134 -36.12 13.97 12.10
CA LEU B 134 -35.30 13.12 11.26
C LEU B 134 -34.57 12.02 12.04
N VAL B 135 -33.93 12.36 13.15
CA VAL B 135 -33.07 11.44 13.91
C VAL B 135 -33.89 10.49 14.81
N PRO B 136 -33.59 9.18 14.88
CA PRO B 136 -34.31 8.26 15.78
C PRO B 136 -34.24 8.67 17.25
N LYS B 137 -35.29 8.38 18.02
CA LYS B 137 -35.40 8.65 19.47
C LYS B 137 -35.16 10.12 19.88
N ALA B 138 -35.16 11.07 18.93
CA ALA B 138 -34.77 12.46 19.09
C ALA B 138 -33.34 12.67 19.64
N ASP B 139 -32.39 11.79 19.29
CA ASP B 139 -31.00 11.84 19.76
C ASP B 139 -30.20 13.08 19.29
N PRO B 140 -29.04 13.38 19.90
CA PRO B 140 -28.10 14.37 19.42
C PRO B 140 -27.43 13.98 18.09
N TRP B 141 -26.75 14.93 17.45
CA TRP B 141 -25.94 14.71 16.24
C TRP B 141 -24.64 15.50 16.28
N THR B 142 -23.65 15.13 15.46
CA THR B 142 -22.45 15.97 15.28
C THR B 142 -22.68 16.98 14.16
N ILE B 143 -22.06 18.16 14.25
CA ILE B 143 -22.15 19.18 13.20
C ILE B 143 -20.77 19.54 12.70
N LEU B 144 -20.65 19.73 11.39
CA LEU B 144 -19.45 20.18 10.68
C LEU B 144 -19.74 21.52 10.01
N GLY B 145 -18.97 22.57 10.29
CA GLY B 145 -19.17 23.88 9.69
C GLY B 145 -17.93 24.43 8.99
N GLN B 146 -18.04 24.75 7.70
CA GLN B 146 -16.99 25.39 6.89
C GLN B 146 -17.31 26.88 6.73
N SER B 147 -16.32 27.76 6.95
CA SER B 147 -16.51 29.22 6.80
C SER B 147 -17.68 29.75 7.65
N PHE B 148 -18.65 30.47 7.09
CA PHE B 148 -19.88 30.88 7.79
C PHE B 148 -20.70 29.71 8.38
N GLY B 149 -20.51 28.48 7.94
CA GLY B 149 -21.04 27.32 8.66
C GLY B 149 -20.48 27.17 10.08
N GLY B 150 -19.23 27.59 10.31
CA GLY B 150 -18.65 27.67 11.65
C GLY B 150 -19.24 28.82 12.48
N PHE B 151 -19.61 29.93 11.86
CA PHE B 151 -20.31 31.03 12.55
C PHE B 151 -21.66 30.54 13.06
N CYS B 152 -22.39 29.79 12.23
CA CYS B 152 -23.62 29.11 12.65
C CYS B 152 -23.37 28.17 13.83
N ALA B 153 -22.33 27.35 13.79
CA ALA B 153 -21.98 26.45 14.89
C ALA B 153 -21.73 27.17 16.23
N LEU B 154 -21.13 28.37 16.25
CA LEU B 154 -21.03 29.15 17.50
C LEU B 154 -22.38 29.71 17.98
N THR B 155 -23.30 30.09 17.10
CA THR B 155 -24.67 30.40 17.57
C THR B 155 -25.39 29.14 18.08
N TYR B 156 -25.06 27.96 17.57
CA TYR B 156 -25.60 26.67 18.00
C TYR B 156 -25.11 26.34 19.41
N LEU B 157 -23.80 26.44 19.69
CA LEU B 157 -23.24 26.35 21.05
C LEU B 157 -23.74 27.47 21.98
N SER B 158 -24.14 28.63 21.45
CA SER B 158 -24.73 29.70 22.25
C SER B 158 -26.18 29.39 22.64
N PHE B 159 -27.02 28.91 21.74
CA PHE B 159 -28.48 28.90 21.94
C PHE B 159 -29.16 27.52 21.97
N ALA B 160 -28.52 26.43 21.56
CA ALA B 160 -29.12 25.09 21.62
C ALA B 160 -28.10 23.93 21.82
N PRO B 161 -27.30 23.88 22.90
CA PRO B 161 -26.31 22.81 23.09
C PRO B 161 -26.89 21.40 23.21
N GLU B 162 -28.18 21.28 23.55
CA GLU B 162 -28.85 20.01 23.85
C GLU B 162 -28.82 19.01 22.69
N GLY B 163 -28.74 19.49 21.45
CA GLY B 163 -28.71 18.67 20.25
C GLY B 163 -27.33 18.21 19.79
N LEU B 164 -26.25 18.64 20.42
CA LEU B 164 -24.89 18.47 19.90
C LEU B 164 -24.12 17.36 20.61
N LYS B 165 -23.60 16.37 19.87
CA LYS B 165 -22.65 15.40 20.45
C LYS B 165 -21.21 15.93 20.43
N GLN B 166 -20.74 16.45 19.31
CA GLN B 166 -19.51 17.25 19.19
C GLN B 166 -19.60 18.17 17.98
N VAL B 167 -18.79 19.22 17.97
CA VAL B 167 -18.74 20.25 16.92
C VAL B 167 -17.37 20.22 16.22
N LEU B 168 -17.34 20.11 14.90
CA LEU B 168 -16.14 20.22 14.07
C LEU B 168 -16.21 21.51 13.25
N ILE B 169 -15.18 22.36 13.27
CA ILE B 169 -15.16 23.64 12.54
C ILE B 169 -13.92 23.72 11.66
N THR B 170 -14.05 24.26 10.46
CA THR B 170 -12.91 24.54 9.56
C THR B 170 -12.95 25.99 9.10
N GLY B 171 -11.92 26.78 9.44
CA GLY B 171 -11.81 28.17 9.00
C GLY B 171 -13.00 29.08 9.36
N GLY B 172 -13.65 28.86 10.50
CA GLY B 172 -14.98 29.43 10.79
C GLY B 172 -15.22 29.93 12.20
N ILE B 173 -14.19 30.29 12.98
CA ILE B 173 -14.36 30.98 14.26
C ILE B 173 -14.56 32.49 14.00
N PRO B 174 -15.72 33.09 14.32
CA PRO B 174 -15.94 34.54 14.17
C PRO B 174 -15.23 35.34 15.27
N PRO B 175 -14.98 36.66 15.09
CA PRO B 175 -14.77 37.56 16.22
C PRO B 175 -16.07 37.79 17.01
N ILE B 176 -16.01 37.79 18.34
CA ILE B 176 -17.17 38.00 19.23
C ILE B 176 -16.86 39.01 20.34
N GLY B 177 -17.90 39.54 20.98
CA GLY B 177 -17.78 40.39 22.18
C GLY B 177 -17.95 41.89 21.97
N LYS B 178 -18.38 42.34 20.78
CA LYS B 178 -18.65 43.75 20.43
C LYS B 178 -19.95 43.87 19.64
N ALA B 179 -20.57 45.05 19.62
CA ALA B 179 -21.84 45.30 18.93
C ALA B 179 -21.72 45.24 17.38
N CYS B 180 -20.55 45.58 16.85
CA CYS B 180 -20.21 45.40 15.43
C CYS B 180 -18.71 45.20 15.26
N THR B 181 -18.30 44.02 14.81
CA THR B 181 -16.88 43.65 14.63
C THR B 181 -16.36 43.93 13.22
N ALA B 182 -17.20 44.36 12.27
CA ALA B 182 -16.81 44.48 10.87
C ALA B 182 -15.62 45.44 10.63
N ASP B 183 -15.53 46.56 11.34
CA ASP B 183 -14.39 47.48 11.24
C ASP B 183 -13.05 46.86 11.70
N ASP B 184 -13.07 45.87 12.59
CA ASP B 184 -11.87 45.12 12.97
C ASP B 184 -11.52 44.05 11.93
N VAL B 185 -12.54 43.40 11.35
CA VAL B 185 -12.35 42.38 10.31
C VAL B 185 -11.73 42.98 9.05
N TYR B 186 -12.32 44.06 8.52
CA TYR B 186 -11.85 44.64 7.26
C TYR B 186 -10.52 45.38 7.39
N GLU B 187 -10.19 45.92 8.56
CA GLU B 187 -8.85 46.47 8.81
C GLU B 187 -7.77 45.40 8.59
N ALA B 188 -7.84 44.27 9.30
CA ALA B 188 -6.93 43.16 9.10
C ALA B 188 -7.01 42.54 7.69
N GLY B 189 -8.19 42.57 7.07
CA GLY B 189 -8.38 42.17 5.68
C GLY B 189 -7.46 42.91 4.73
N PHE B 190 -7.37 44.24 4.78
CA PHE B 190 -6.44 44.97 3.91
C PHE B 190 -4.97 44.70 4.22
N GLU B 191 -4.60 44.36 5.46
CA GLU B 191 -3.23 43.89 5.78
C GLU B 191 -2.92 42.54 5.15
N GLN B 192 -3.85 41.60 5.15
CA GLN B 192 -3.64 40.27 4.57
C GLN B 192 -3.67 40.32 3.04
N VAL B 193 -4.64 41.03 2.47
CA VAL B 193 -4.76 41.18 1.01
C VAL B 193 -3.53 41.84 0.42
N ALA B 194 -2.92 42.83 1.06
CA ALA B 194 -1.68 43.42 0.58
C ALA B 194 -0.54 42.39 0.49
N ARG B 195 -0.39 41.53 1.50
CA ARG B 195 0.61 40.44 1.49
C ARG B 195 0.30 39.37 0.47
N GLN B 196 -0.96 39.02 0.25
CA GLN B 196 -1.33 38.09 -0.82
C GLN B 196 -0.98 38.62 -2.21
N ASN B 197 -1.19 39.92 -2.48
CA ASN B 197 -0.73 40.54 -3.70
C ASN B 197 0.81 40.52 -3.85
N GLU B 198 1.58 40.77 -2.78
CA GLU B 198 3.05 40.65 -2.83
C GLU B 198 3.47 39.24 -3.30
N LYS B 199 2.89 38.18 -2.75
CA LYS B 199 3.16 36.80 -3.17
C LYS B 199 2.81 36.54 -4.63
N TYR B 200 1.70 37.08 -5.13
CA TYR B 200 1.29 36.89 -6.52
C TYR B 200 2.31 37.49 -7.49
N TYR B 201 2.64 38.78 -7.36
CA TYR B 201 3.58 39.42 -8.28
C TYR B 201 5.02 38.92 -8.09
N LYS B 202 5.38 38.41 -6.91
CA LYS B 202 6.66 37.72 -6.69
C LYS B 202 6.74 36.39 -7.43
N ARG B 203 5.61 35.73 -7.63
CA ARG B 203 5.59 34.45 -8.34
C ARG B 203 5.47 34.61 -9.87
N PHE B 204 4.65 35.57 -10.30
CA PHE B 204 4.41 35.82 -11.73
C PHE B 204 4.85 37.24 -12.16
N PRO B 205 6.16 37.50 -12.35
CA PRO B 205 6.67 38.87 -12.41
C PRO B 205 6.21 39.70 -13.61
N GLN B 206 5.93 39.06 -14.74
CA GLN B 206 5.46 39.74 -15.95
C GLN B 206 4.04 40.31 -15.82
N ASP B 207 3.20 39.82 -14.89
CA ASP B 207 1.81 40.28 -14.79
C ASP B 207 1.66 41.74 -14.35
N ILE B 208 2.69 42.33 -13.74
CA ILE B 208 2.68 43.76 -13.39
C ILE B 208 2.39 44.62 -14.63
N GLU B 209 2.96 44.26 -15.79
CA GLU B 209 2.75 44.99 -17.03
C GLU B 209 1.34 44.77 -17.60
N ILE B 210 0.85 43.53 -17.56
CA ILE B 210 -0.45 43.15 -18.10
C ILE B 210 -1.57 43.94 -17.42
N VAL B 211 -1.59 44.00 -16.10
CA VAL B 211 -2.64 44.73 -15.38
C VAL B 211 -2.51 46.25 -15.58
N ARG B 212 -1.29 46.78 -15.69
CA ARG B 212 -1.08 48.22 -15.95
C ARG B 212 -1.59 48.64 -17.32
N GLU B 213 -1.33 47.87 -18.38
CA GLU B 213 -1.94 48.16 -19.69
C GLU B 213 -3.46 48.05 -19.67
N LEU B 214 -4.01 47.00 -19.05
CA LEU B 214 -5.45 46.78 -19.00
C LEU B 214 -6.18 47.89 -18.24
N VAL B 215 -5.64 48.35 -17.11
CA VAL B 215 -6.23 49.45 -16.34
C VAL B 215 -6.22 50.77 -17.13
N ASN B 216 -5.15 51.07 -17.88
CA ASN B 216 -5.14 52.26 -18.75
C ASN B 216 -6.23 52.20 -19.82
N TYR B 217 -6.34 51.08 -20.55
CA TYR B 217 -7.35 50.93 -21.59
C TYR B 217 -8.77 51.04 -21.04
N LEU B 218 -9.07 50.42 -19.90
CA LEU B 218 -10.37 50.53 -19.23
C LEU B 218 -10.65 51.98 -18.80
N ALA B 219 -9.69 52.70 -18.24
CA ALA B 219 -9.88 54.08 -17.79
C ALA B 219 -10.05 55.09 -18.94
N GLU B 220 -9.41 54.84 -20.09
CA GLU B 220 -9.50 55.71 -21.28
C GLU B 220 -10.71 55.41 -22.18
N SER B 221 -11.33 54.24 -22.07
CA SER B 221 -12.62 53.93 -22.73
C SER B 221 -13.76 54.83 -22.20
N GLU B 222 -14.75 55.16 -23.04
CA GLU B 222 -15.66 56.30 -22.83
C GLU B 222 -16.43 56.31 -21.50
N GLY B 223 -16.99 55.17 -21.08
CA GLY B 223 -17.73 55.07 -19.82
C GLY B 223 -16.85 54.91 -18.57
N GLY B 224 -15.53 55.02 -18.69
CA GLY B 224 -14.59 54.54 -17.68
C GLY B 224 -14.55 53.01 -17.59
N GLY B 225 -14.96 52.33 -18.66
CA GLY B 225 -15.03 50.88 -18.74
C GLY B 225 -15.52 50.38 -20.10
N VAL B 226 -15.78 49.08 -20.21
CA VAL B 226 -16.30 48.41 -21.42
C VAL B 226 -17.50 47.52 -21.06
N PRO B 227 -18.55 47.43 -21.90
CA PRO B 227 -19.77 46.70 -21.55
C PRO B 227 -19.59 45.17 -21.65
N LEU B 228 -20.10 44.45 -20.65
CA LEU B 228 -20.17 42.99 -20.64
C LEU B 228 -21.29 42.47 -21.57
N PRO B 229 -21.23 41.20 -22.03
CA PRO B 229 -22.31 40.57 -22.79
C PRO B 229 -23.69 40.60 -22.10
N SER B 230 -23.76 40.43 -20.79
CA SER B 230 -24.97 40.52 -19.96
C SER B 230 -25.39 41.96 -19.59
N GLY B 231 -24.76 43.00 -20.14
CA GLY B 231 -25.18 44.40 -19.97
C GLY B 231 -24.57 45.19 -18.80
N GLY B 232 -23.76 44.56 -17.94
CA GLY B 232 -22.96 45.27 -16.92
C GLY B 232 -21.76 46.00 -17.52
N ILE B 233 -20.88 46.57 -16.70
CA ILE B 233 -19.67 47.27 -17.17
C ILE B 233 -18.40 46.84 -16.41
N LEU B 234 -17.34 46.53 -17.16
CA LEU B 234 -16.00 46.30 -16.63
C LEU B 234 -15.27 47.64 -16.50
N THR B 235 -15.22 48.17 -15.28
CA THR B 235 -14.43 49.35 -14.89
C THR B 235 -13.11 48.90 -14.26
N PRO B 236 -12.08 49.77 -14.09
CA PRO B 236 -10.87 49.36 -13.39
C PRO B 236 -11.12 49.02 -11.91
N LYS B 237 -12.22 49.51 -11.36
CA LYS B 237 -12.61 49.11 -10.02
C LYS B 237 -13.08 47.65 -10.10
N GLY B 238 -13.94 47.34 -11.08
CA GLY B 238 -14.44 45.99 -11.33
C GLY B 238 -13.31 44.97 -11.44
N LEU B 239 -12.25 45.27 -12.20
CA LEU B 239 -11.09 44.38 -12.36
C LEU B 239 -10.44 44.00 -11.02
N GLN B 240 -10.33 44.94 -10.08
CA GLN B 240 -9.74 44.66 -8.77
C GLN B 240 -10.49 43.61 -7.96
N THR B 241 -11.75 43.29 -8.27
CA THR B 241 -12.53 42.28 -7.54
C THR B 241 -12.20 40.83 -7.93
N LEU B 242 -11.36 40.59 -8.98
CA LEU B 242 -10.93 39.24 -9.32
C LEU B 242 -10.19 38.55 -8.16
N GLY B 243 -9.65 39.31 -7.21
CA GLY B 243 -8.91 38.77 -6.07
C GLY B 243 -9.71 37.93 -5.08
N LEU B 244 -11.05 38.01 -5.04
CA LEU B 244 -11.88 37.33 -4.03
C LEU B 244 -11.61 35.83 -4.01
N SER B 245 -11.85 35.14 -5.12
CA SER B 245 -11.53 33.73 -5.31
C SER B 245 -10.19 33.52 -6.03
N GLY B 246 -9.53 34.59 -6.47
CA GLY B 246 -8.26 34.54 -7.20
C GLY B 246 -7.02 34.56 -6.30
N LEU B 247 -7.07 35.19 -5.13
CA LEU B 247 -5.94 35.22 -4.18
C LEU B 247 -6.17 34.33 -2.96
N GLY B 248 -7.38 34.29 -2.41
CA GLY B 248 -7.65 33.64 -1.12
C GLY B 248 -7.89 32.13 -1.16
N SER B 249 -7.85 31.50 -2.33
CA SER B 249 -8.31 30.13 -2.55
C SER B 249 -7.34 29.29 -3.40
N SER B 250 -7.43 27.96 -3.33
CA SER B 250 -6.30 27.05 -3.53
C SER B 250 -5.82 26.81 -4.95
N THR B 251 -6.63 27.10 -5.98
CA THR B 251 -6.14 27.17 -7.38
C THR B 251 -6.11 28.59 -7.93
N GLY B 252 -6.33 29.62 -7.09
CA GLY B 252 -6.56 30.98 -7.54
C GLY B 252 -5.37 31.59 -8.28
N PHE B 253 -4.15 31.43 -7.75
CA PHE B 253 -2.95 32.00 -8.37
C PHE B 253 -2.72 31.45 -9.78
N GLU B 254 -2.92 30.15 -10.00
CA GLU B 254 -2.79 29.54 -11.32
C GLU B 254 -3.93 29.97 -12.23
N ARG B 255 -5.18 29.86 -11.75
CA ARG B 255 -6.37 30.21 -12.53
C ARG B 255 -6.30 31.65 -13.03
N LEU B 256 -5.99 32.60 -12.16
CA LEU B 256 -5.92 34.03 -12.48
C LEU B 256 -4.82 34.33 -13.52
N HIS B 257 -3.66 33.68 -13.43
CA HIS B 257 -2.63 33.83 -14.45
C HIS B 257 -3.12 33.37 -15.83
N TYR B 258 -3.70 32.17 -15.93
CA TYR B 258 -4.20 31.66 -17.21
C TYR B 258 -5.31 32.54 -17.82
N MET B 259 -6.05 33.32 -17.02
CA MET B 259 -7.04 34.27 -17.52
C MET B 259 -6.40 35.54 -18.07
N LEU B 260 -5.41 36.13 -17.38
CA LEU B 260 -4.72 37.33 -17.86
C LEU B 260 -3.91 37.11 -19.15
N GLU B 261 -3.53 35.87 -19.49
CA GLU B 261 -2.92 35.56 -20.79
C GLU B 261 -3.82 35.88 -22.01
N ARG B 262 -5.13 36.08 -21.82
CA ARG B 262 -6.13 36.13 -22.92
C ARG B 262 -6.72 37.53 -23.21
N VAL B 263 -6.19 38.61 -22.62
CA VAL B 263 -6.90 39.91 -22.60
C VAL B 263 -7.13 40.57 -23.98
N TRP B 264 -6.22 40.49 -24.93
CA TRP B 264 -6.31 41.20 -26.22
C TRP B 264 -6.63 40.30 -27.41
N ASP B 265 -7.52 40.72 -28.30
CA ASP B 265 -7.77 40.02 -29.57
C ASP B 265 -6.59 40.18 -30.55
N PRO B 266 -6.33 39.17 -31.40
CA PRO B 266 -5.36 39.29 -32.48
C PRO B 266 -5.84 40.24 -33.57
N ILE B 267 -4.93 40.72 -34.41
CA ILE B 267 -5.21 41.57 -35.57
C ILE B 267 -5.22 40.66 -36.81
N LEU B 268 -6.41 40.16 -37.17
CA LEU B 268 -6.60 39.24 -38.29
C LEU B 268 -6.63 39.98 -39.63
N VAL B 269 -7.23 41.18 -39.64
CA VAL B 269 -7.30 42.10 -40.78
C VAL B 269 -6.44 43.32 -40.50
N THR B 270 -5.61 43.74 -41.45
CA THR B 270 -4.76 44.94 -41.27
C THR B 270 -5.60 46.19 -40.97
N GLY B 271 -5.07 47.07 -40.12
CA GLY B 271 -5.75 48.30 -39.69
C GLY B 271 -6.82 48.11 -38.61
N ALA B 272 -7.17 46.88 -38.21
CA ALA B 272 -8.03 46.67 -37.05
C ALA B 272 -7.31 47.11 -35.75
N PRO B 273 -7.98 47.79 -34.81
CA PRO B 273 -7.35 48.30 -33.60
C PRO B 273 -7.04 47.19 -32.57
N LYS B 274 -6.16 47.51 -31.61
CA LYS B 274 -5.99 46.75 -30.35
C LYS B 274 -7.30 46.80 -29.56
N CYS B 275 -7.82 45.66 -29.12
CA CYS B 275 -9.16 45.55 -28.55
C CYS B 275 -9.23 44.49 -27.45
N ILE B 276 -10.03 44.73 -26.42
CA ILE B 276 -10.33 43.75 -25.37
C ILE B 276 -11.04 42.53 -25.98
N SER B 277 -10.71 41.34 -25.51
CA SER B 277 -11.22 40.10 -26.10
C SER B 277 -12.61 39.70 -25.59
N GLN B 278 -13.48 39.24 -26.49
CA GLN B 278 -14.78 38.67 -26.12
C GLN B 278 -14.65 37.46 -25.21
N PHE B 279 -13.61 36.63 -25.37
CA PHE B 279 -13.35 35.51 -24.47
C PHE B 279 -13.13 36.02 -23.04
N PHE B 280 -12.33 37.06 -22.86
CA PHE B 280 -12.05 37.64 -21.54
C PHE B 280 -13.31 38.24 -20.91
N LEU B 281 -14.13 38.98 -21.66
CA LEU B 281 -15.36 39.55 -21.09
C LEU B 281 -16.35 38.47 -20.64
N ASN B 282 -16.46 37.36 -21.37
CA ASN B 282 -17.29 36.22 -20.99
C ASN B 282 -16.70 35.48 -19.76
N ALA B 283 -15.38 35.31 -19.70
CA ALA B 283 -14.69 34.73 -18.56
C ALA B 283 -14.80 35.62 -17.30
N PHE B 284 -14.65 36.93 -17.41
CA PHE B 284 -14.83 37.88 -16.31
C PHE B 284 -16.27 37.83 -15.78
N GLU B 285 -17.26 37.89 -16.67
CA GLU B 285 -18.68 37.80 -16.33
C GLU B 285 -19.01 36.48 -15.61
N SER B 286 -18.32 35.40 -15.96
CA SER B 286 -18.48 34.06 -15.36
C SER B 286 -17.63 33.81 -14.11
N TRP B 287 -16.78 34.75 -13.67
CA TRP B 287 -15.84 34.53 -12.58
C TRP B 287 -16.50 34.61 -11.20
N HIS B 288 -17.28 35.66 -10.93
CA HIS B 288 -17.93 35.79 -9.62
C HIS B 288 -19.24 35.03 -9.47
N SER B 289 -19.91 35.24 -8.34
CA SER B 289 -21.20 34.56 -8.08
C SER B 289 -22.38 35.50 -7.80
N PHE B 290 -22.20 36.82 -7.80
CA PHE B 290 -23.22 37.76 -7.33
C PHE B 290 -24.49 37.80 -8.19
N ASP B 291 -24.43 37.45 -9.47
CA ASP B 291 -25.60 37.31 -10.34
C ASP B 291 -26.45 36.06 -10.01
N THR B 292 -25.82 35.05 -9.42
CA THR B 292 -26.36 33.70 -9.18
C THR B 292 -26.87 33.55 -7.75
N ASN B 293 -26.12 34.09 -6.78
CA ASN B 293 -26.37 34.05 -5.34
C ASN B 293 -26.51 35.49 -4.80
N PRO B 294 -27.55 36.27 -5.13
CA PRO B 294 -27.60 37.69 -4.76
C PRO B 294 -27.66 37.91 -3.25
N LEU B 295 -28.16 36.93 -2.49
CA LEU B 295 -28.15 36.96 -1.03
C LEU B 295 -26.73 37.03 -0.44
N TYR B 296 -25.71 36.54 -1.15
CA TYR B 296 -24.31 36.66 -0.76
C TYR B 296 -23.84 38.12 -0.76
N ALA B 297 -24.35 38.97 -1.66
CA ALA B 297 -24.07 40.40 -1.62
C ALA B 297 -24.92 41.12 -0.56
N LEU B 298 -26.22 40.82 -0.49
CA LEU B 298 -27.16 41.57 0.34
C LEU B 298 -26.93 41.40 1.84
N LEU B 299 -26.53 40.21 2.32
CA LEU B 299 -26.35 39.93 3.76
C LEU B 299 -24.89 39.94 4.25
N HIS B 300 -23.89 40.22 3.41
CA HIS B 300 -22.49 39.95 3.75
C HIS B 300 -21.98 40.65 5.01
N GLU B 301 -22.08 41.99 5.10
CA GLU B 301 -21.59 42.71 6.28
C GLU B 301 -22.50 42.55 7.52
N ALA B 302 -23.70 41.96 7.40
CA ALA B 302 -24.66 41.86 8.50
C ALA B 302 -24.33 40.71 9.48
N ILE B 303 -23.58 39.70 9.06
CA ILE B 303 -23.18 38.56 9.92
C ILE B 303 -22.25 38.98 11.10
N TYR B 304 -21.76 40.21 11.10
CA TYR B 304 -20.94 40.81 12.16
C TYR B 304 -21.72 41.73 13.11
N CYS B 305 -23.03 41.90 12.92
CA CYS B 305 -23.87 42.86 13.66
C CYS B 305 -24.67 42.22 14.79
N GLU B 306 -24.65 42.84 15.96
CA GLU B 306 -25.43 42.46 17.14
C GLU B 306 -25.87 43.73 17.91
N GLY B 307 -26.95 44.37 17.46
CA GLY B 307 -27.43 45.64 18.02
C GLY B 307 -26.73 46.91 17.51
N ALA B 308 -26.01 46.86 16.39
CA ALA B 308 -25.42 48.03 15.72
C ALA B 308 -25.28 47.78 14.20
N SER B 309 -25.07 48.83 13.40
CA SER B 309 -25.08 48.76 11.93
C SER B 309 -23.67 48.80 11.31
N SER B 310 -23.37 47.94 10.34
CA SER B 310 -22.07 47.97 9.65
C SER B 310 -21.92 49.19 8.73
N GLY B 311 -22.99 49.62 8.03
CA GLY B 311 -23.01 50.87 7.27
C GLY B 311 -21.98 50.97 6.15
N TRP B 312 -21.79 49.92 5.34
CA TRP B 312 -20.74 49.82 4.32
C TRP B 312 -19.32 49.97 4.91
N SER B 313 -19.02 49.22 5.96
CA SER B 313 -17.76 49.26 6.68
C SER B 313 -16.55 48.96 5.81
N ALA B 314 -16.60 48.01 4.87
CA ALA B 314 -15.46 47.77 3.98
C ALA B 314 -15.16 48.97 3.06
N HIS B 315 -16.20 49.73 2.68
CA HIS B 315 -16.05 50.95 1.91
C HIS B 315 -15.40 52.07 2.72
N ARG B 316 -15.79 52.26 3.98
CA ARG B 316 -15.09 53.19 4.89
C ARG B 316 -13.63 52.81 5.08
N LEU B 317 -13.33 51.53 5.28
CA LEU B 317 -11.96 51.08 5.51
C LEU B 317 -11.06 51.25 4.28
N ARG B 318 -11.49 51.02 3.04
CA ARG B 318 -10.54 51.16 1.90
C ARG B 318 -10.01 52.58 1.72
N ASP B 319 -10.72 53.60 2.21
CA ASP B 319 -10.21 54.98 2.23
C ASP B 319 -8.97 55.16 3.12
N LYS B 320 -8.84 54.37 4.20
CA LYS B 320 -7.65 54.34 5.07
C LYS B 320 -6.41 53.84 4.33
N TYR B 321 -6.60 52.99 3.31
CA TYR B 321 -5.56 52.36 2.50
C TYR B 321 -5.55 52.85 1.04
N GLU B 322 -6.24 53.95 0.74
CA GLU B 322 -6.41 54.48 -0.61
C GLU B 322 -5.08 54.69 -1.32
N TYR B 323 -4.03 55.06 -0.57
CA TYR B 323 -2.68 55.28 -1.08
C TYR B 323 -2.05 54.07 -1.78
N LYS B 324 -2.53 52.84 -1.54
CA LYS B 324 -2.10 51.63 -2.26
C LYS B 324 -3.21 50.88 -3.01
N PHE B 325 -4.47 50.96 -2.60
CA PHE B 325 -5.57 50.28 -3.30
C PHE B 325 -6.26 51.11 -4.40
N ASP B 326 -5.97 52.40 -4.56
CA ASP B 326 -6.43 53.16 -5.74
C ASP B 326 -5.66 52.71 -7.00
N ALA B 327 -6.35 52.04 -7.91
CA ALA B 327 -5.76 51.50 -9.14
C ALA B 327 -5.19 52.58 -10.06
N MET B 328 -5.81 53.77 -10.10
CA MET B 328 -5.41 54.83 -11.02
C MET B 328 -4.25 55.67 -10.48
N LYS B 329 -4.16 55.87 -9.16
CA LYS B 329 -2.94 56.34 -8.50
C LYS B 329 -1.79 55.37 -8.77
N ALA B 330 -2.01 54.06 -8.64
CA ALA B 330 -0.97 53.06 -8.85
C ALA B 330 -0.38 53.08 -10.26
N VAL B 331 -1.19 53.10 -11.33
CA VAL B 331 -0.62 53.16 -12.70
C VAL B 331 0.07 54.49 -13.01
N LYS B 332 -0.39 55.62 -12.44
CA LYS B 332 0.25 56.93 -12.62
C LYS B 332 1.62 57.00 -11.93
N GLU B 333 1.73 56.41 -10.75
CA GLU B 333 2.97 56.30 -9.96
C GLU B 333 3.84 55.08 -10.33
N SER B 334 3.50 54.33 -11.38
CA SER B 334 4.20 53.12 -11.84
C SER B 334 4.36 52.00 -10.78
N GLN B 335 3.45 51.95 -9.79
CA GLN B 335 3.34 50.86 -8.82
C GLN B 335 2.55 49.69 -9.44
N PRO B 336 2.70 48.44 -8.98
CA PRO B 336 1.76 47.37 -9.31
C PRO B 336 0.36 47.69 -8.78
N VAL B 337 -0.68 47.40 -9.57
CA VAL B 337 -2.10 47.50 -9.16
C VAL B 337 -2.45 46.33 -8.24
N LEU B 338 -3.15 46.56 -7.14
CA LEU B 338 -3.50 45.50 -6.18
C LEU B 338 -4.94 45.03 -6.37
N PHE B 339 -5.17 43.72 -6.34
CA PHE B 339 -6.51 43.11 -6.27
C PHE B 339 -7.04 43.10 -4.83
N THR B 340 -8.34 42.87 -4.64
CA THR B 340 -9.04 42.88 -3.34
C THR B 340 -9.92 41.63 -3.18
N GLY B 341 -10.44 41.31 -1.98
CA GLY B 341 -11.24 40.10 -1.82
C GLY B 341 -12.10 39.97 -0.55
N GLU B 342 -13.21 39.24 -0.67
CA GLU B 342 -14.17 38.91 0.39
C GLU B 342 -14.77 40.14 1.09
N MET B 343 -15.09 41.17 0.31
CA MET B 343 -15.70 42.42 0.73
C MET B 343 -16.59 43.00 -0.37
N ILE B 344 -17.71 43.63 0.01
CA ILE B 344 -18.74 44.19 -0.89
C ILE B 344 -18.74 45.71 -0.79
N PHE B 345 -18.89 46.42 -1.91
CA PHE B 345 -18.84 47.87 -2.01
C PHE B 345 -20.13 48.46 -2.62
N PRO B 346 -20.54 49.70 -2.29
CA PRO B 346 -21.78 50.30 -2.77
C PRO B 346 -21.95 50.32 -4.30
N TRP B 347 -20.85 50.54 -5.05
CA TRP B 347 -20.88 50.62 -6.50
C TRP B 347 -21.16 49.29 -7.21
N MET B 348 -21.04 48.13 -6.55
CA MET B 348 -21.36 46.84 -7.17
C MET B 348 -22.82 46.78 -7.61
N PHE B 349 -23.73 47.38 -6.84
CA PHE B 349 -25.15 47.48 -7.19
C PHE B 349 -25.43 48.46 -8.36
N ASP B 350 -24.38 49.11 -8.84
CA ASP B 350 -24.45 50.03 -9.98
C ASP B 350 -23.77 49.48 -11.24
N GLU B 351 -22.91 48.47 -11.10
CA GLU B 351 -22.15 47.90 -12.22
C GLU B 351 -22.44 46.43 -12.52
N ILE B 352 -23.02 45.65 -11.59
CA ILE B 352 -23.43 44.27 -11.83
C ILE B 352 -24.92 44.26 -12.25
N HIS B 353 -25.22 43.94 -13.51
CA HIS B 353 -26.55 44.17 -14.09
C HIS B 353 -27.70 43.44 -13.36
N ALA B 354 -27.48 42.20 -12.93
CA ALA B 354 -28.46 41.44 -12.15
C ALA B 354 -28.77 42.05 -10.77
N LEU B 355 -27.88 42.88 -10.19
CA LEU B 355 -28.08 43.54 -8.90
C LEU B 355 -28.69 44.94 -9.00
N LYS B 356 -28.84 45.50 -10.19
CA LYS B 356 -29.40 46.85 -10.35
C LYS B 356 -30.69 47.22 -9.57
N PRO B 357 -31.71 46.34 -9.56
CA PRO B 357 -32.95 46.70 -8.87
C PRO B 357 -32.84 46.69 -7.32
N PHE B 358 -31.79 46.12 -6.73
CA PHE B 358 -31.69 45.92 -5.28
C PHE B 358 -30.90 46.99 -4.53
N LYS B 359 -30.47 48.04 -5.23
CA LYS B 359 -29.70 49.11 -4.61
C LYS B 359 -30.38 49.71 -3.36
N ALA B 360 -31.66 50.03 -3.48
CA ALA B 360 -32.44 50.60 -2.38
C ALA B 360 -32.53 49.65 -1.19
N ALA B 361 -32.94 48.40 -1.39
CA ALA B 361 -33.06 47.42 -0.30
C ALA B 361 -31.71 47.12 0.38
N ALA B 362 -30.60 47.12 -0.37
CA ALA B 362 -29.28 46.97 0.21
C ALA B 362 -28.91 48.14 1.14
N ASP B 363 -29.25 49.38 0.78
CA ASP B 363 -29.07 50.52 1.70
C ASP B 363 -30.00 50.43 2.91
N LEU B 364 -31.26 50.01 2.78
CA LEU B 364 -32.14 49.84 3.94
C LEU B 364 -31.62 48.79 4.93
N LEU B 365 -30.95 47.73 4.45
CA LEU B 365 -30.24 46.78 5.30
C LEU B 365 -28.97 47.41 5.90
N ALA B 366 -28.19 48.17 5.14
CA ALA B 366 -26.97 48.81 5.66
C ALA B 366 -27.25 49.88 6.74
N LYS B 367 -28.46 50.42 6.76
CA LYS B 367 -28.83 51.40 7.77
C LYS B 367 -29.50 50.80 9.02
N LYS B 368 -29.98 49.56 8.92
CA LYS B 368 -30.64 48.88 10.05
C LYS B 368 -29.67 48.67 11.22
N GLU B 369 -30.13 48.94 12.44
CA GLU B 369 -29.33 48.74 13.68
C GLU B 369 -30.03 47.92 14.79
N ASP B 370 -31.26 47.44 14.56
CA ASP B 370 -32.03 46.65 15.53
C ASP B 370 -31.64 45.15 15.60
N TRP B 371 -30.60 44.71 14.88
CA TRP B 371 -30.25 43.30 14.67
C TRP B 371 -30.18 42.48 15.98
N PRO B 372 -30.91 41.36 16.12
CA PRO B 372 -30.81 40.48 17.28
C PRO B 372 -29.43 39.82 17.43
N PRO B 373 -28.98 39.48 18.65
CA PRO B 373 -27.68 38.88 18.91
C PRO B 373 -27.54 37.47 18.33
N LEU B 374 -26.31 37.13 17.96
CA LEU B 374 -25.92 35.84 17.39
C LEU B 374 -25.23 34.94 18.41
N TYR B 375 -24.48 35.49 19.37
CA TYR B 375 -23.65 34.71 20.31
C TYR B 375 -24.02 34.98 21.76
N ASP B 376 -23.73 34.03 22.65
CA ASP B 376 -24.00 34.12 24.09
C ASP B 376 -22.76 33.81 24.92
N VAL B 377 -21.82 34.76 25.01
CA VAL B 377 -20.48 34.53 25.54
C VAL B 377 -20.45 33.85 26.91
N PRO B 378 -21.26 34.24 27.91
CA PRO B 378 -21.26 33.58 29.23
C PRO B 378 -21.67 32.10 29.21
N ARG B 379 -22.24 31.64 28.11
CA ARG B 379 -22.57 30.24 27.96
C ARG B 379 -21.29 29.59 27.41
N LEU B 380 -20.78 30.12 26.31
CA LEU B 380 -19.52 29.63 25.72
C LEU B 380 -18.40 29.53 26.77
N GLN B 381 -18.42 30.40 27.79
CA GLN B 381 -17.47 30.43 28.91
C GLN B 381 -17.64 29.30 29.93
N ASN B 382 -18.79 28.61 29.84
CA ASN B 382 -19.13 27.46 30.67
C ASN B 382 -19.73 26.31 29.84
N ASN B 383 -19.19 26.12 28.64
CA ASN B 383 -19.59 25.09 27.69
C ASN B 383 -19.14 23.68 28.13
N LYS B 384 -19.96 22.65 27.82
CA LYS B 384 -19.67 21.23 28.04
C LYS B 384 -19.55 20.34 26.74
N VAL B 385 -19.94 20.85 25.56
CA VAL B 385 -19.88 20.14 24.27
C VAL B 385 -18.44 20.13 23.75
N PRO B 386 -17.84 19.00 23.35
CA PRO B 386 -16.50 18.97 22.77
C PRO B 386 -16.41 19.71 21.42
N VAL B 387 -15.37 20.51 21.21
CA VAL B 387 -15.17 21.31 19.98
C VAL B 387 -13.77 21.07 19.42
N ALA B 388 -13.67 20.79 18.13
CA ALA B 388 -12.41 20.68 17.41
C ALA B 388 -12.38 21.65 16.22
N ALA B 389 -11.38 22.51 16.11
CA ALA B 389 -11.31 23.54 15.07
C ALA B 389 -10.00 23.49 14.27
N ALA B 390 -10.08 23.51 12.94
CA ALA B 390 -8.93 23.75 12.08
C ALA B 390 -8.81 25.25 11.84
N VAL B 391 -7.68 25.84 12.22
CA VAL B 391 -7.41 27.27 12.09
C VAL B 391 -6.24 27.48 11.13
N TYR B 392 -6.42 28.34 10.13
CA TYR B 392 -5.41 28.57 9.11
C TYR B 392 -4.65 29.87 9.44
N TYR B 393 -3.33 29.79 9.53
CA TYR B 393 -2.47 30.90 9.97
C TYR B 393 -2.41 32.04 8.93
N GLU B 394 -2.55 31.69 7.64
CA GLU B 394 -2.40 32.57 6.47
C GLU B 394 -3.73 33.00 5.86
N ASP B 395 -4.83 32.91 6.59
CA ASP B 395 -6.18 33.06 6.07
C ASP B 395 -6.52 34.50 5.66
N MET B 396 -7.08 34.67 4.46
CA MET B 396 -7.47 35.96 3.88
C MET B 396 -8.91 36.38 4.21
N TYR B 397 -9.78 35.44 4.58
CA TYR B 397 -11.19 35.65 4.87
C TYR B 397 -11.50 35.77 6.36
N VAL B 398 -10.85 35.00 7.25
CA VAL B 398 -10.96 35.16 8.72
C VAL B 398 -9.60 35.40 9.36
N ASN B 399 -9.43 36.50 10.10
CA ASN B 399 -8.12 36.93 10.55
C ASN B 399 -7.60 36.11 11.75
N PHE B 400 -6.37 35.61 11.68
CA PHE B 400 -5.79 34.74 12.70
C PHE B 400 -5.78 35.33 14.11
N LYS B 401 -5.48 36.62 14.31
CA LYS B 401 -5.52 37.22 15.65
C LYS B 401 -6.93 37.26 16.24
N LEU B 402 -7.93 37.63 15.45
CA LEU B 402 -9.33 37.66 15.91
C LEU B 402 -9.84 36.26 16.25
N VAL B 403 -9.39 35.24 15.51
CA VAL B 403 -9.63 33.84 15.86
C VAL B 403 -8.97 33.48 17.17
N THR B 404 -7.66 33.71 17.32
CA THR B 404 -6.92 33.22 18.48
C THR B 404 -7.34 33.90 19.78
N GLU B 405 -7.76 35.17 19.76
CA GLU B 405 -8.33 35.80 20.96
C GLU B 405 -9.76 35.32 21.25
N THR B 406 -10.60 35.06 20.24
CA THR B 406 -11.94 34.48 20.47
C THR B 406 -11.87 33.05 21.00
N ALA B 407 -10.95 32.23 20.50
CA ALA B 407 -10.75 30.87 20.97
C ALA B 407 -10.35 30.79 22.46
N SER B 408 -9.92 31.89 23.08
CA SER B 408 -9.66 31.94 24.52
C SER B 408 -10.94 31.93 25.38
N HIS B 409 -12.11 32.25 24.82
CA HIS B 409 -13.39 32.31 25.55
C HIS B 409 -14.15 30.98 25.61
N ILE B 410 -13.99 30.10 24.64
CA ILE B 410 -14.72 28.82 24.56
C ILE B 410 -14.10 27.81 25.55
N SER B 411 -14.88 27.21 26.46
CA SER B 411 -14.31 26.46 27.61
C SER B 411 -13.40 25.30 27.25
N GLY B 412 -13.79 24.48 26.28
CA GLY B 412 -13.15 23.18 26.00
C GLY B 412 -12.56 23.03 24.60
N ILE B 413 -12.37 24.13 23.87
CA ILE B 413 -11.98 24.08 22.45
C ILE B 413 -10.58 23.53 22.30
N ARG B 414 -10.42 22.55 21.40
CA ARG B 414 -9.11 22.11 20.89
C ARG B 414 -8.98 22.59 19.47
N LEU B 415 -7.90 23.29 19.16
CA LEU B 415 -7.70 23.87 17.84
C LEU B 415 -6.33 23.48 17.30
N TRP B 416 -6.23 23.21 15.99
CA TRP B 416 -4.94 23.01 15.37
C TRP B 416 -4.66 24.10 14.35
N VAL B 417 -3.64 24.90 14.65
CA VAL B 417 -3.13 25.97 13.79
C VAL B 417 -2.26 25.35 12.71
N THR B 418 -2.47 25.69 11.45
CA THR B 418 -1.58 25.28 10.37
C THR B 418 -1.41 26.33 9.28
N ASN B 419 -0.20 26.42 8.74
CA ASN B 419 0.18 27.24 7.60
C ASN B 419 -0.09 26.54 6.25
N GLU B 420 -0.12 25.22 6.27
CA GLU B 420 -0.21 24.36 5.06
C GLU B 420 -1.37 24.42 4.08
N PHE B 421 -2.47 24.99 4.49
CA PHE B 421 -3.71 25.09 3.71
C PHE B 421 -4.19 26.53 3.60
N MET B 422 -4.72 26.90 2.43
CA MET B 422 -5.57 28.09 2.29
C MET B 422 -6.98 27.80 2.84
N HIS B 423 -7.90 28.76 2.79
CA HIS B 423 -9.26 28.61 3.31
C HIS B 423 -10.05 27.43 2.70
N SER B 424 -9.65 26.98 1.51
CA SER B 424 -10.18 25.81 0.80
C SER B 424 -9.84 24.44 1.42
N GLY B 425 -9.23 24.36 2.60
CA GLY B 425 -8.69 23.11 3.16
C GLY B 425 -9.63 21.90 3.15
N LEU B 426 -10.87 22.03 3.62
CA LEU B 426 -11.84 20.92 3.62
C LEU B 426 -12.19 20.43 2.20
N ARG B 427 -12.10 21.31 1.21
CA ARG B 427 -12.41 21.05 -0.20
C ARG B 427 -11.19 20.52 -0.98
N ASP B 428 -9.98 20.93 -0.59
CA ASP B 428 -8.71 20.39 -1.10
C ASP B 428 -8.38 18.99 -0.59
N ALA B 429 -8.44 18.81 0.72
CA ALA B 429 -7.76 17.73 1.45
C ALA B 429 -8.68 17.09 2.50
N GLY B 430 -9.98 17.03 2.22
CA GLY B 430 -11.02 16.79 3.23
C GLY B 430 -10.85 15.53 4.06
N ARG B 431 -10.28 14.49 3.46
CA ARG B 431 -10.05 13.24 4.18
C ARG B 431 -9.17 13.43 5.42
N GLN B 432 -7.99 14.03 5.25
CA GLN B 432 -7.07 14.25 6.37
C GLN B 432 -7.54 15.36 7.32
N ILE B 433 -8.33 16.33 6.86
CA ILE B 433 -8.97 17.30 7.75
C ILE B 433 -9.94 16.61 8.71
N ILE B 434 -10.85 15.77 8.20
CA ILE B 434 -11.83 15.09 9.06
C ILE B 434 -11.14 14.07 9.98
N ASP B 435 -10.14 13.32 9.50
CA ASP B 435 -9.37 12.44 10.38
C ASP B 435 -8.66 13.18 11.51
N HIS B 436 -8.03 14.32 11.24
CA HIS B 436 -7.33 15.07 12.28
C HIS B 436 -8.30 15.71 13.28
N LEU B 437 -9.41 16.30 12.82
CA LEU B 437 -10.41 16.87 13.71
C LEU B 437 -11.12 15.82 14.58
N LEU B 438 -11.52 14.68 14.02
CA LEU B 438 -12.07 13.60 14.84
C LEU B 438 -11.03 13.03 15.79
N GLY B 439 -9.77 12.91 15.38
CA GLY B 439 -8.69 12.38 16.21
C GLY B 439 -8.45 13.14 17.52
N MET B 440 -8.69 14.45 17.54
CA MET B 440 -8.56 15.28 18.75
C MET B 440 -9.70 15.06 19.74
N ILE B 441 -10.93 14.82 19.28
CA ILE B 441 -12.09 14.55 20.15
C ILE B 441 -12.08 13.10 20.65
N ASN B 442 -11.78 12.15 19.77
CA ASN B 442 -11.96 10.72 19.98
C ASN B 442 -10.87 10.09 20.86
N GLY B 443 -9.66 10.64 20.86
CA GLY B 443 -8.55 10.21 21.74
C GLY B 443 -7.31 9.65 21.03
N LYS B 444 -7.24 9.72 19.71
CA LYS B 444 -6.04 9.33 18.95
C LYS B 444 -4.86 10.30 19.17
N LYS B 445 -5.12 11.56 19.48
CA LYS B 445 -4.11 12.54 19.95
C LYS B 445 -4.65 13.31 21.16
N PRO B 446 -4.49 12.83 22.40
CA PRO B 446 -4.97 13.50 23.61
C PRO B 446 -4.19 14.79 23.90
N LEU B 447 -4.62 15.56 24.89
CA LEU B 447 -4.09 16.91 25.17
C LEU B 447 -2.57 16.93 25.44
N PHE B 448 -1.87 17.86 24.77
CA PHE B 448 -0.44 18.19 24.97
C PHE B 448 -0.16 19.67 24.64
N GLU C 1 45.80 18.78 9.20
CA GLU C 1 45.84 17.29 9.28
C GLU C 1 44.44 16.70 9.28
N HIS C 2 44.27 15.57 8.57
CA HIS C 2 42.99 14.87 8.36
C HIS C 2 43.25 13.37 8.24
N VAL C 3 42.60 12.55 9.08
CA VAL C 3 42.70 11.07 9.04
C VAL C 3 41.31 10.43 8.96
N THR C 4 41.21 9.30 8.26
CA THR C 4 39.95 8.64 7.90
C THR C 4 40.00 7.16 8.22
N GLY C 5 38.96 6.63 8.88
CA GLY C 5 38.85 5.20 9.18
C GLY C 5 38.33 4.35 8.02
N LYS C 6 38.22 3.03 8.26
CA LYS C 6 37.56 2.08 7.35
C LYS C 6 36.03 2.09 7.54
N TRP C 7 35.26 1.77 6.51
CA TRP C 7 33.81 1.64 6.63
C TRP C 7 33.39 0.52 7.59
N PHE C 8 32.32 0.72 8.36
CA PHE C 8 31.66 -0.35 9.11
C PHE C 8 30.16 -0.34 8.87
N SER C 9 29.50 -1.46 9.16
CA SER C 9 28.08 -1.67 8.87
C SER C 9 27.22 -1.62 10.13
N VAL C 10 26.05 -1.00 9.99
CA VAL C 10 24.90 -1.02 10.89
C VAL C 10 23.72 -1.45 9.99
N PRO C 11 22.65 -2.11 10.48
CA PRO C 11 21.57 -2.56 9.59
C PRO C 11 21.06 -1.47 8.63
N GLU C 12 21.21 -1.73 7.32
CA GLU C 12 20.91 -0.84 6.19
C GLU C 12 21.78 0.43 6.01
N LEU C 13 22.80 0.68 6.83
CA LEU C 13 23.70 1.84 6.70
C LEU C 13 25.17 1.43 6.63
N ARG C 14 25.96 2.32 6.02
CA ARG C 14 27.41 2.22 5.92
C ARG C 14 27.93 3.48 6.62
N LEU C 15 28.84 3.34 7.59
CA LEU C 15 29.36 4.44 8.39
C LEU C 15 30.88 4.50 8.36
N ARG C 16 31.44 5.71 8.42
CA ARG C 16 32.89 5.97 8.42
C ARG C 16 33.18 7.19 9.28
N ASP C 17 34.34 7.26 9.92
CA ASP C 17 34.71 8.41 10.74
C ASP C 17 35.92 9.17 10.21
N HIS C 18 35.86 10.49 10.32
CA HIS C 18 36.88 11.46 9.91
C HIS C 18 37.30 12.27 11.13
N ARG C 19 38.60 12.55 11.27
CA ARG C 19 39.15 13.38 12.35
C ARG C 19 40.03 14.48 11.78
N PHE C 20 39.85 15.69 12.29
CA PHE C 20 40.51 16.91 11.84
C PHE C 20 41.22 17.58 13.01
N ILE C 21 42.39 18.18 12.78
CA ILE C 21 43.08 18.98 13.80
C ILE C 21 42.96 20.46 13.43
N VAL C 22 42.49 21.26 14.39
CA VAL C 22 41.86 22.57 14.20
C VAL C 22 42.39 23.57 15.24
N PRO C 23 42.50 24.87 14.97
CA PRO C 23 42.89 25.84 16.00
C PRO C 23 41.89 25.94 17.15
N LEU C 24 42.36 26.02 18.39
CA LEU C 24 41.49 26.36 19.52
C LEU C 24 40.83 27.73 19.29
N ASP C 25 41.62 28.70 18.87
CA ASP C 25 41.19 30.07 18.61
C ASP C 25 41.77 30.51 17.26
N TYR C 26 40.89 30.71 16.26
CA TYR C 26 41.27 31.03 14.89
C TYR C 26 42.04 32.34 14.73
N SER C 27 42.08 33.20 15.76
CA SER C 27 42.94 34.39 15.77
C SER C 27 44.45 34.07 15.72
N LYS C 28 44.82 32.81 16.00
CA LYS C 28 46.24 32.37 15.97
C LYS C 28 46.42 30.93 15.44
N SER C 29 47.67 30.45 15.37
CA SER C 29 47.98 29.09 14.87
C SER C 29 47.72 27.95 15.88
N SER C 30 47.97 28.18 17.17
CA SER C 30 48.00 27.15 18.22
C SER C 30 47.61 27.73 19.59
N PRO C 31 47.16 26.94 20.59
CA PRO C 31 47.04 25.47 20.62
C PRO C 31 46.01 24.85 19.66
N LYS C 32 46.04 23.54 19.51
CA LYS C 32 45.12 22.78 18.64
C LYS C 32 44.01 22.06 19.42
N ILE C 33 42.97 21.66 18.70
CA ILE C 33 41.80 20.86 19.11
C ILE C 33 41.56 19.77 18.07
N THR C 34 41.08 18.58 18.46
CA THR C 34 40.62 17.56 17.50
C THR C 34 39.12 17.65 17.34
N VAL C 35 38.64 17.73 16.11
CA VAL C 35 37.21 17.72 15.74
C VAL C 35 36.90 16.44 14.98
N PHE C 36 35.79 15.79 15.31
CA PHE C 36 35.36 14.50 14.77
C PHE C 36 34.03 14.62 14.03
N ALA C 37 33.88 13.95 12.89
CA ALA C 37 32.61 13.83 12.18
C ALA C 37 32.43 12.41 11.62
N ARG C 38 31.18 11.97 11.53
CA ARG C 38 30.87 10.65 10.98
C ARG C 38 30.05 10.76 9.68
N GLU C 39 30.55 10.13 8.62
CA GLU C 39 29.89 10.13 7.32
C GLU C 39 29.06 8.86 7.15
N ILE C 40 27.83 9.00 6.68
CA ILE C 40 26.85 7.94 6.56
C ILE C 40 26.29 7.90 5.14
N VAL C 41 26.16 6.70 4.58
CA VAL C 41 25.49 6.45 3.30
C VAL C 41 24.71 5.14 3.35
N ALA C 42 23.71 4.97 2.51
CA ALA C 42 23.00 3.70 2.38
C ALA C 42 23.87 2.63 1.71
N VAL C 43 23.51 1.35 1.90
CA VAL C 43 24.24 0.18 1.37
C VAL C 43 24.53 0.29 -0.13
N GLY C 44 25.77 0.04 -0.53
CA GLY C 44 26.20 0.00 -1.93
C GLY C 44 26.56 1.35 -2.55
N LYS C 45 26.45 2.46 -1.81
CA LYS C 45 26.71 3.82 -2.31
C LYS C 45 27.99 4.46 -1.78
N GLU C 46 28.92 3.70 -1.21
CA GLU C 46 30.18 4.24 -0.67
C GLU C 46 31.00 5.03 -1.72
N GLU C 47 31.07 4.53 -2.95
CA GLU C 47 31.84 5.15 -4.04
C GLU C 47 31.04 6.14 -4.90
N GLN C 48 29.71 6.20 -4.78
CA GLN C 48 28.87 7.06 -5.60
C GLN C 48 28.97 8.53 -5.18
N ALA C 49 29.09 9.41 -6.16
CA ALA C 49 29.00 10.87 -5.99
C ALA C 49 27.54 11.32 -5.80
N MET C 50 27.29 12.08 -4.73
CA MET C 50 25.99 12.62 -4.31
C MET C 50 26.19 13.98 -3.63
N PRO C 51 25.16 14.83 -3.49
CA PRO C 51 25.25 16.02 -2.66
C PRO C 51 25.48 15.68 -1.19
N TYR C 52 26.19 16.53 -0.46
CA TYR C 52 26.42 16.41 0.98
C TYR C 52 25.34 17.12 1.80
N LEU C 53 25.05 16.61 3.00
CA LEU C 53 24.20 17.26 4.01
C LEU C 53 24.91 17.26 5.37
N LEU C 54 24.96 18.39 6.06
CA LEU C 54 25.52 18.50 7.41
C LEU C 54 24.40 18.59 8.45
N TYR C 55 24.43 17.76 9.48
CA TYR C 55 23.50 17.87 10.61
C TYR C 55 24.15 18.60 11.79
N LEU C 56 23.49 19.65 12.30
CA LEU C 56 23.92 20.42 13.46
C LEU C 56 23.01 20.09 14.65
N GLN C 57 23.58 19.50 15.69
CA GLN C 57 22.83 18.90 16.81
C GLN C 57 22.17 19.93 17.74
N GLY C 58 21.05 19.54 18.33
CA GLY C 58 20.17 20.41 19.10
C GLY C 58 20.43 20.50 20.59
N GLY C 59 21.56 21.07 20.97
CA GLY C 59 21.75 21.63 22.31
C GLY C 59 23.20 21.99 22.57
N PRO C 60 23.51 23.01 23.39
CA PRO C 60 24.87 23.23 23.83
C PRO C 60 25.37 21.98 24.56
N GLY C 61 26.52 21.42 24.19
CA GLY C 61 27.09 20.29 24.93
C GLY C 61 26.69 18.88 24.50
N PHE C 62 25.96 18.66 23.40
CA PHE C 62 25.46 17.32 23.00
C PHE C 62 26.25 16.62 21.87
N GLU C 63 26.32 15.30 21.92
CA GLU C 63 26.99 14.63 20.82
C GLU C 63 25.96 14.44 19.69
N GLY C 64 26.41 14.04 18.51
CA GLY C 64 25.54 13.72 17.37
C GLY C 64 24.68 12.43 17.55
N PRO C 65 23.81 12.09 16.59
CA PRO C 65 22.76 11.08 16.77
C PRO C 65 23.12 9.65 17.21
N ARG C 66 24.26 9.11 16.78
CA ARG C 66 24.67 7.73 17.12
C ARG C 66 23.61 6.67 16.77
N PRO C 67 23.34 6.47 15.47
CA PRO C 67 22.31 5.54 14.98
C PRO C 67 22.70 4.06 15.10
N SER C 68 21.80 3.20 15.58
CA SER C 68 21.95 1.74 15.72
C SER C 68 21.16 0.95 14.66
N GLU C 69 20.34 1.62 13.86
CA GLU C 69 19.57 1.11 12.72
C GLU C 69 19.32 2.27 11.73
N ALA C 70 18.95 2.01 10.48
CA ALA C 70 18.64 3.08 9.54
C ALA C 70 17.43 3.95 9.95
N SER C 71 16.34 3.34 10.42
CA SER C 71 15.01 3.97 10.52
C SER C 71 14.98 5.29 11.32
N GLY C 72 14.30 6.31 10.77
CA GLY C 72 14.18 7.66 11.34
C GLY C 72 14.20 8.74 10.25
N TRP C 73 14.70 9.94 10.55
CA TRP C 73 15.01 10.93 9.50
C TRP C 73 16.27 10.54 8.71
N ILE C 74 17.24 9.83 9.31
CA ILE C 74 18.50 9.46 8.65
C ILE C 74 18.25 8.56 7.45
N GLN C 75 17.29 7.62 7.55
CA GLN C 75 16.91 6.77 6.42
C GLN C 75 16.48 7.60 5.21
N ARG C 76 15.65 8.61 5.45
CA ARG C 76 15.17 9.49 4.39
C ARG C 76 16.31 10.30 3.78
N ALA C 77 17.09 10.97 4.63
CA ALA C 77 18.20 11.78 4.16
C ALA C 77 19.17 10.96 3.28
N CYS C 78 19.44 9.71 3.64
CA CYS C 78 20.27 8.79 2.86
C CYS C 78 19.68 8.34 1.52
N GLU C 79 18.40 8.60 1.23
CA GLU C 79 17.83 8.41 -0.11
C GLU C 79 18.37 9.43 -1.12
N GLU C 80 18.96 10.55 -0.68
CA GLU C 80 19.46 11.62 -1.55
C GLU C 80 20.87 12.12 -1.24
N PHE C 81 21.28 12.11 0.02
CA PHE C 81 22.62 12.61 0.39
C PHE C 81 23.45 11.63 1.20
N ARG C 82 24.70 12.03 1.46
CA ARG C 82 25.64 11.24 2.26
C ARG C 82 25.85 11.99 3.57
N VAL C 83 24.82 11.97 4.40
CA VAL C 83 24.79 12.66 5.69
C VAL C 83 26.05 12.64 6.56
N VAL C 84 26.47 13.85 6.95
CA VAL C 84 27.59 14.09 7.85
C VAL C 84 27.07 14.50 9.22
N LEU C 85 27.42 13.75 10.27
CA LEU C 85 27.06 14.03 11.65
C LEU C 85 28.28 14.57 12.38
N LEU C 86 28.22 15.80 12.88
CA LEU C 86 29.35 16.49 13.51
C LEU C 86 29.23 16.48 15.03
N ASP C 87 30.21 15.93 15.74
CA ASP C 87 30.32 16.15 17.18
C ASP C 87 30.91 17.53 17.41
N GLN C 88 30.09 18.46 17.90
CA GLN C 88 30.47 19.85 18.17
C GLN C 88 31.65 19.94 19.14
N ARG C 89 32.31 21.09 19.19
CA ARG C 89 33.45 21.27 20.08
C ARG C 89 33.15 21.00 21.56
N GLY C 90 33.93 20.09 22.15
CA GLY C 90 33.81 19.72 23.55
C GLY C 90 32.64 18.81 23.90
N THR C 91 31.81 18.36 22.95
CA THR C 91 30.56 17.68 23.30
C THR C 91 30.61 16.16 23.24
N GLY C 92 31.29 15.58 22.26
CA GLY C 92 31.31 14.14 22.02
C GLY C 92 32.72 13.64 21.84
N LEU C 93 33.04 13.04 20.71
CA LEU C 93 34.39 12.53 20.44
C LEU C 93 35.40 13.65 20.02
N SER C 94 34.96 14.91 19.95
CA SER C 94 35.77 16.10 19.66
C SER C 94 36.36 16.76 20.92
N THR C 95 37.43 16.20 21.47
CA THR C 95 38.08 16.58 22.75
C THR C 95 37.15 16.94 23.94
N PRO C 96 36.27 16.04 24.38
CA PRO C 96 35.23 16.36 25.35
C PRO C 96 35.66 17.04 26.66
N LEU C 97 34.91 18.08 27.03
CA LEU C 97 35.01 18.74 28.33
C LEU C 97 34.12 18.04 29.37
N THR C 98 34.37 16.75 29.63
CA THR C 98 33.74 16.02 30.73
C THR C 98 34.12 16.63 32.08
N CYS C 99 33.46 16.20 33.15
CA CYS C 99 33.81 16.67 34.49
C CYS C 99 35.27 16.34 34.81
N SER C 100 35.64 15.08 34.66
CA SER C 100 37.02 14.61 34.88
C SER C 100 38.07 15.36 34.04
N SER C 101 37.71 15.80 32.83
CA SER C 101 38.56 16.60 31.95
C SER C 101 38.70 18.04 32.45
N MET C 102 37.61 18.72 32.80
CA MET C 102 37.67 20.10 33.30
C MET C 102 38.37 20.24 34.66
N LEU C 103 38.47 19.18 35.47
CA LEU C 103 39.30 19.18 36.67
C LEU C 103 40.81 19.32 36.40
N GLN C 104 41.29 19.20 35.16
CA GLN C 104 42.71 19.41 34.85
C GLN C 104 43.15 20.88 35.01
N PHE C 105 42.26 21.86 34.90
CA PHE C 105 42.60 23.29 35.01
C PHE C 105 42.78 23.70 36.47
N LYS C 106 43.86 24.43 36.78
CA LYS C 106 44.31 24.70 38.17
C LYS C 106 43.53 25.81 38.89
N SER C 107 42.85 26.69 38.17
CA SER C 107 42.06 27.80 38.75
C SER C 107 40.85 28.15 37.88
N ALA C 108 39.80 28.70 38.49
CA ALA C 108 38.56 29.04 37.82
C ALA C 108 38.76 30.06 36.68
N LYS C 109 39.74 30.96 36.82
CA LYS C 109 40.23 31.88 35.79
C LYS C 109 40.72 31.16 34.53
N GLU C 110 41.42 30.04 34.66
CA GLU C 110 41.90 29.25 33.52
C GLU C 110 40.74 28.55 32.81
N LEU C 111 39.84 27.88 33.55
CA LEU C 111 38.69 27.20 32.96
C LEU C 111 37.74 28.19 32.27
N ALA C 112 37.43 29.32 32.90
CA ALA C 112 36.58 30.34 32.31
C ALA C 112 37.19 30.98 31.06
N ASP C 113 38.50 31.21 30.99
CA ASP C 113 39.14 31.69 29.77
C ASP C 113 39.25 30.62 28.67
N TYR C 114 39.00 29.35 28.98
CA TYR C 114 38.99 28.27 27.99
C TYR C 114 37.59 28.03 27.41
N LEU C 115 36.56 27.97 28.27
CA LEU C 115 35.18 27.70 27.85
C LEU C 115 34.64 28.71 26.83
N VAL C 116 35.13 29.95 26.82
CA VAL C 116 34.67 30.98 25.89
C VAL C 116 35.01 30.70 24.42
N HIS C 117 35.85 29.71 24.12
CA HIS C 117 36.14 29.28 22.74
C HIS C 117 35.12 28.27 22.18
N PHE C 118 34.12 27.85 22.95
CA PHE C 118 33.22 26.72 22.64
C PHE C 118 31.79 27.16 22.26
N ARG C 119 31.69 28.32 21.64
CA ARG C 119 30.38 28.85 21.21
C ARG C 119 30.07 28.60 19.73
N ALA C 120 28.85 28.99 19.35
CA ALA C 120 28.33 28.85 17.99
C ALA C 120 29.17 29.53 16.91
N ASP C 121 29.77 30.69 17.16
CA ASP C 121 30.58 31.41 16.17
C ASP C 121 31.93 30.73 15.84
N ASN C 122 32.37 29.74 16.61
CA ASN C 122 33.49 28.86 16.27
C ASN C 122 33.01 27.53 15.68
N ILE C 123 31.87 26.98 16.11
CA ILE C 123 31.32 25.74 15.57
C ILE C 123 31.04 25.86 14.06
N VAL C 124 30.71 27.05 13.58
CA VAL C 124 30.55 27.37 12.16
C VAL C 124 31.89 27.54 11.42
N LYS C 125 32.96 27.98 12.09
CA LYS C 125 34.30 28.03 11.47
C LYS C 125 34.90 26.63 11.30
N ASP C 126 34.65 25.72 12.24
CA ASP C 126 34.99 24.30 12.08
C ASP C 126 34.22 23.65 10.93
N ALA C 127 32.91 23.92 10.77
CA ALA C 127 32.15 23.42 9.64
C ALA C 127 32.73 23.87 8.28
N GLU C 128 33.10 25.15 8.15
CA GLU C 128 33.80 25.64 6.96
C GLU C 128 35.20 25.04 6.77
N PHE C 129 35.96 24.82 7.85
CA PHE C 129 37.26 24.13 7.79
C PHE C 129 37.13 22.69 7.27
N ILE C 130 36.04 22.01 7.59
CA ILE C 130 35.74 20.65 7.17
C ILE C 130 35.31 20.59 5.70
N ARG C 131 34.30 21.35 5.23
CA ARG C 131 33.78 21.11 3.86
C ARG C 131 34.80 21.35 2.76
N VAL C 132 35.71 22.30 2.91
CA VAL C 132 36.76 22.55 1.92
C VAL C 132 37.72 21.36 1.76
N ARG C 133 37.74 20.45 2.73
CA ARG C 133 38.60 19.27 2.66
C ARG C 133 37.82 17.95 2.41
N LEU C 134 36.60 17.88 2.92
CA LEU C 134 35.73 16.70 2.78
C LEU C 134 34.95 16.65 1.47
N VAL C 135 34.36 17.75 1.00
CA VAL C 135 33.47 17.76 -0.17
C VAL C 135 34.27 17.79 -1.48
N PRO C 136 33.91 17.02 -2.52
CA PRO C 136 34.56 17.08 -3.84
C PRO C 136 34.53 18.48 -4.45
N LYS C 137 35.66 18.93 -5.02
CA LYS C 137 35.87 20.29 -5.55
C LYS C 137 35.49 21.43 -4.57
N ALA C 138 35.43 21.13 -3.27
CA ALA C 138 34.95 22.03 -2.22
C ALA C 138 33.56 22.65 -2.50
N ASP C 139 32.66 21.90 -3.15
CA ASP C 139 31.31 22.39 -3.47
C ASP C 139 30.50 22.86 -2.24
N PRO C 140 29.46 23.69 -2.42
CA PRO C 140 28.50 24.00 -1.37
C PRO C 140 27.75 22.77 -0.85
N TRP C 141 27.21 22.84 0.36
CA TRP C 141 26.43 21.76 0.98
C TRP C 141 25.14 22.28 1.60
N THR C 142 24.14 21.43 1.80
CA THR C 142 22.95 21.79 2.58
C THR C 142 23.14 21.47 4.05
N ILE C 143 22.53 22.23 4.95
CA ILE C 143 22.66 22.03 6.40
C ILE C 143 21.28 21.90 7.04
N LEU C 144 21.14 20.99 8.00
CA LEU C 144 19.92 20.74 8.77
C LEU C 144 20.20 21.02 10.24
N GLY C 145 19.48 21.97 10.86
CA GLY C 145 19.68 22.35 12.25
C GLY C 145 18.46 22.11 13.11
N GLN C 146 18.59 21.32 14.18
CA GLN C 146 17.53 21.12 15.18
C GLN C 146 17.84 21.98 16.41
N SER C 147 16.87 22.70 16.96
CA SER C 147 17.06 23.51 18.17
C SER C 147 18.26 24.47 18.06
N PHE C 148 19.22 24.44 18.99
CA PHE C 148 20.47 25.19 18.93
C PHE C 148 21.26 25.03 17.61
N GLY C 149 21.12 23.93 16.88
CA GLY C 149 21.69 23.78 15.55
C GLY C 149 21.12 24.77 14.53
N GLY C 150 19.89 25.24 14.73
CA GLY C 150 19.31 26.35 13.98
C GLY C 150 19.97 27.69 14.32
N PHE C 151 20.36 27.91 15.58
CA PHE C 151 21.08 29.11 15.99
C PHE C 151 22.47 29.15 15.31
N CYS C 152 23.18 28.02 15.25
CA CYS C 152 24.42 27.89 14.48
C CYS C 152 24.20 28.20 13.00
N ALA C 153 23.15 27.65 12.38
CA ALA C 153 22.80 27.92 10.98
C ALA C 153 22.55 29.40 10.70
N LEU C 154 21.92 30.16 11.58
CA LEU C 154 21.80 31.62 11.38
C LEU C 154 23.15 32.33 11.44
N THR C 155 24.10 31.95 12.30
CA THR C 155 25.44 32.55 12.23
C THR C 155 26.14 32.22 10.90
N TYR C 156 25.89 31.03 10.34
CA TYR C 156 26.40 30.61 9.03
C TYR C 156 25.78 31.43 7.88
N LEU C 157 24.49 31.79 7.94
CA LEU C 157 23.89 32.71 6.97
C LEU C 157 24.49 34.12 7.05
N SER C 158 24.99 34.58 8.19
CA SER C 158 25.64 35.89 8.33
C SER C 158 27.15 35.87 8.08
N PHE C 159 27.86 34.80 8.40
CA PHE C 159 29.31 34.67 8.26
C PHE C 159 29.69 33.49 7.36
N ALA C 160 30.38 33.76 6.25
CA ALA C 160 30.71 32.79 5.21
C ALA C 160 29.51 31.99 4.64
N PRO C 161 28.42 32.65 4.18
CA PRO C 161 27.29 31.98 3.52
C PRO C 161 27.64 31.41 2.13
N GLU C 162 28.82 31.67 1.59
CA GLU C 162 29.28 31.18 0.27
C GLU C 162 29.31 29.65 0.14
N GLY C 163 29.39 28.92 1.25
CA GLY C 163 29.42 27.46 1.30
C GLY C 163 28.05 26.77 1.35
N LEU C 164 26.93 27.51 1.36
CA LEU C 164 25.61 26.94 1.60
C LEU C 164 24.78 26.80 0.31
N LYS C 165 24.24 25.59 0.06
CA LYS C 165 23.26 25.39 -1.03
C LYS C 165 21.85 25.80 -0.61
N GLN C 166 21.35 25.25 0.50
CA GLN C 166 20.13 25.67 1.18
C GLN C 166 20.17 25.28 2.66
N VAL C 167 19.36 25.93 3.49
CA VAL C 167 19.31 25.71 4.94
C VAL C 167 17.94 25.19 5.36
N LEU C 168 17.89 24.11 6.14
CA LEU C 168 16.68 23.54 6.71
C LEU C 168 16.75 23.67 8.23
N ILE C 169 15.70 24.13 8.90
CA ILE C 169 15.71 24.39 10.35
C ILE C 169 14.47 23.80 11.00
N THR C 170 14.60 23.17 12.16
CA THR C 170 13.47 22.65 12.95
C THR C 170 13.49 23.24 14.36
N GLY C 171 12.42 23.90 14.79
CA GLY C 171 12.45 24.81 15.94
C GLY C 171 13.47 25.93 15.67
N GLY C 172 14.37 26.18 16.61
CA GLY C 172 15.70 26.73 16.32
C GLY C 172 15.89 28.09 15.65
N ILE C 173 14.87 28.94 15.50
CA ILE C 173 15.05 30.34 15.12
C ILE C 173 15.24 31.16 16.41
N PRO C 174 16.39 31.80 16.65
CA PRO C 174 16.62 32.60 17.85
C PRO C 174 15.95 33.98 17.75
N PRO C 175 15.69 34.69 18.87
CA PRO C 175 15.59 36.14 18.84
C PRO C 175 16.93 36.79 18.52
N ILE C 176 16.94 37.83 17.69
CA ILE C 176 18.14 38.61 17.31
C ILE C 176 17.87 40.11 17.39
N GLY C 177 18.93 40.92 17.43
CA GLY C 177 18.84 42.40 17.41
C GLY C 177 18.91 43.11 18.77
N LYS C 178 19.43 42.46 19.81
CA LYS C 178 19.79 43.08 21.12
C LYS C 178 21.12 42.52 21.62
N ALA C 179 21.79 43.24 22.51
CA ALA C 179 23.05 42.79 23.12
C ALA C 179 22.86 41.61 24.10
N CYS C 180 21.68 41.47 24.71
CA CYS C 180 21.29 40.29 25.47
C CYS C 180 19.78 40.07 25.37
N THR C 181 19.38 39.03 24.66
CA THR C 181 17.97 38.63 24.49
C THR C 181 17.47 37.69 25.59
N ALA C 182 18.31 37.24 26.52
CA ALA C 182 17.95 36.22 27.51
C ALA C 182 16.82 36.63 28.46
N ASP C 183 16.78 37.90 28.89
CA ASP C 183 15.65 38.42 29.67
C ASP C 183 14.32 38.26 28.92
N ASP C 184 14.32 38.59 27.63
CA ASP C 184 13.12 38.54 26.78
C ASP C 184 12.66 37.10 26.52
N VAL C 185 13.62 36.18 26.32
CA VAL C 185 13.36 34.74 26.20
C VAL C 185 12.72 34.19 27.47
N TYR C 186 13.27 34.46 28.65
CA TYR C 186 12.75 33.88 29.88
C TYR C 186 11.47 34.53 30.36
N GLU C 187 11.25 35.82 30.12
CA GLU C 187 9.96 36.45 30.37
C GLU C 187 8.83 35.81 29.55
N ALA C 188 9.10 35.36 28.33
CA ALA C 188 8.16 34.55 27.56
C ALA C 188 8.10 33.08 28.03
N GLY C 189 9.24 32.52 28.46
CA GLY C 189 9.35 31.12 28.87
C GLY C 189 8.43 30.73 30.02
N PHE C 190 8.38 31.51 31.10
CA PHE C 190 7.50 31.22 32.23
C PHE C 190 6.01 31.23 31.86
N GLU C 191 5.60 31.90 30.78
CA GLU C 191 4.21 31.87 30.31
C GLU C 191 3.84 30.52 29.68
N GLN C 192 4.67 29.97 28.79
CA GLN C 192 4.44 28.63 28.24
C GLN C 192 4.58 27.54 29.30
N VAL C 193 5.55 27.65 30.20
CA VAL C 193 5.71 26.70 31.29
C VAL C 193 4.47 26.66 32.17
N ALA C 194 3.89 27.81 32.52
CA ALA C 194 2.62 27.82 33.24
C ALA C 194 1.50 27.12 32.45
N ARG C 195 1.35 27.45 31.17
CA ARG C 195 0.34 26.80 30.35
C ARG C 195 0.49 25.27 30.30
N GLN C 196 1.71 24.77 30.01
CA GLN C 196 1.96 23.33 29.92
C GLN C 196 1.73 22.63 31.26
N ASN C 197 1.99 23.27 32.40
CA ASN C 197 1.60 22.68 33.69
C ASN C 197 0.08 22.53 33.81
N GLU C 198 -0.69 23.49 33.32
CA GLU C 198 -2.16 23.40 33.37
C GLU C 198 -2.63 22.13 32.68
N LYS C 199 -2.13 21.91 31.47
CA LYS C 199 -2.45 20.73 30.66
C LYS C 199 -2.05 19.43 31.32
N TYR C 200 -0.90 19.35 31.98
CA TYR C 200 -0.50 18.14 32.70
C TYR C 200 -1.51 17.78 33.78
N TYR C 201 -1.86 18.72 34.67
CA TYR C 201 -2.82 18.48 35.74
C TYR C 201 -4.27 18.34 35.27
N LYS C 202 -4.62 18.89 34.10
CA LYS C 202 -5.90 18.62 33.44
C LYS C 202 -5.99 17.20 32.90
N ARG C 203 -4.85 16.62 32.50
CA ARG C 203 -4.84 15.26 31.96
C ARG C 203 -4.77 14.19 33.05
N PHE C 204 -3.87 14.37 34.01
CA PHE C 204 -3.67 13.42 35.13
C PHE C 204 -4.08 14.03 36.49
N PRO C 205 -5.38 14.16 36.82
CA PRO C 205 -5.81 14.96 37.96
C PRO C 205 -5.32 14.47 39.32
N GLN C 206 -5.14 13.17 39.49
CA GLN C 206 -4.73 12.63 40.76
C GLN C 206 -3.31 13.01 41.15
N ASP C 207 -2.46 13.45 40.23
CA ASP C 207 -1.10 13.82 40.61
C ASP C 207 -1.02 15.06 41.45
N ILE C 208 -2.07 15.87 41.48
CA ILE C 208 -2.10 17.11 42.32
C ILE C 208 -1.85 16.79 43.78
N GLU C 209 -2.41 15.72 44.36
CA GLU C 209 -2.10 15.26 45.73
C GLU C 209 -0.74 14.56 45.86
N ILE C 210 -0.22 13.88 44.82
CA ILE C 210 1.05 13.13 44.88
C ILE C 210 2.27 14.04 45.03
N VAL C 211 2.35 15.12 44.23
CA VAL C 211 3.42 16.13 44.35
C VAL C 211 3.30 16.96 45.63
N ARG C 212 2.09 17.16 46.12
CA ARG C 212 1.90 17.90 47.37
C ARG C 212 2.59 17.15 48.50
N GLU C 213 2.13 15.92 48.73
CA GLU C 213 2.70 15.06 49.76
C GLU C 213 4.21 14.94 49.66
N LEU C 214 4.75 14.84 48.44
CA LEU C 214 6.18 14.73 48.22
C LEU C 214 6.93 16.01 48.60
N VAL C 215 6.44 17.19 48.19
CA VAL C 215 7.06 18.47 48.59
C VAL C 215 7.06 18.67 50.09
N ASN C 216 5.99 18.31 50.81
CA ASN C 216 5.98 18.35 52.29
C ASN C 216 7.05 17.44 52.90
N TYR C 217 7.19 16.19 52.44
CA TYR C 217 8.22 15.29 52.98
C TYR C 217 9.65 15.79 52.72
N LEU C 218 9.94 16.35 51.55
CA LEU C 218 11.24 16.96 51.20
C LEU C 218 11.51 18.27 51.93
N ALA C 219 10.49 19.03 52.34
CA ALA C 219 10.65 20.23 53.15
C ALA C 219 10.87 19.92 54.64
N GLU C 220 10.23 18.86 55.17
CA GLU C 220 10.34 18.43 56.56
C GLU C 220 11.61 17.64 56.87
N SER C 221 12.30 17.09 55.88
CA SER C 221 13.56 16.35 56.06
C SER C 221 14.69 17.27 56.56
N GLU C 222 15.71 16.68 57.17
CA GLU C 222 16.79 17.50 57.76
C GLU C 222 17.55 18.32 56.70
N GLY C 223 17.71 19.62 56.91
CA GLY C 223 18.33 20.51 55.92
C GLY C 223 17.58 20.57 54.58
N GLY C 224 16.28 20.29 54.58
CA GLY C 224 15.49 20.11 53.37
C GLY C 224 15.70 18.72 52.77
N GLY C 225 16.13 18.67 51.51
CA GLY C 225 16.03 17.46 50.70
C GLY C 225 16.72 16.20 51.22
N VAL C 226 16.25 15.04 50.75
CA VAL C 226 16.87 13.73 51.00
C VAL C 226 18.12 13.51 50.13
N PRO C 227 19.16 12.81 50.60
CA PRO C 227 20.41 12.63 49.87
C PRO C 227 20.28 11.61 48.74
N LEU C 228 20.79 11.93 47.55
CA LEU C 228 20.80 11.06 46.38
C LEU C 228 22.04 10.13 46.37
N PRO C 229 22.02 8.97 45.66
CA PRO C 229 23.11 8.00 45.69
C PRO C 229 24.50 8.53 45.27
N SER C 230 24.54 9.53 44.39
CA SER C 230 25.81 10.12 43.94
C SER C 230 26.31 11.28 44.81
N GLY C 231 25.64 11.52 45.94
CA GLY C 231 25.99 12.61 46.87
C GLY C 231 25.34 13.97 46.59
N GLY C 232 24.42 14.05 45.63
CA GLY C 232 23.53 15.20 45.46
C GLY C 232 22.40 15.25 46.50
N ILE C 233 21.48 16.20 46.37
CA ILE C 233 20.32 16.35 47.25
C ILE C 233 19.05 16.53 46.41
N LEU C 234 17.95 15.88 46.79
CA LEU C 234 16.62 16.10 46.24
C LEU C 234 15.86 17.12 47.10
N THR C 235 16.07 18.41 46.88
CA THR C 235 15.23 19.49 47.46
C THR C 235 13.93 19.65 46.66
N PRO C 236 12.90 20.36 47.17
CA PRO C 236 11.71 20.64 46.36
C PRO C 236 11.99 21.55 45.16
N LYS C 237 13.05 22.38 45.19
CA LYS C 237 13.56 23.09 44.00
C LYS C 237 14.08 22.11 42.95
N GLY C 238 14.81 21.07 43.38
CA GLY C 238 15.26 19.98 42.52
C GLY C 238 14.09 19.20 41.90
N LEU C 239 13.02 18.95 42.65
CA LEU C 239 11.82 18.31 42.10
C LEU C 239 11.17 19.16 41.00
N GLN C 240 11.16 20.48 41.12
CA GLN C 240 10.60 21.34 40.06
C GLN C 240 11.37 21.31 38.74
N THR C 241 12.66 20.99 38.68
CA THR C 241 13.38 20.89 37.40
C THR C 241 13.11 19.58 36.68
N LEU C 242 12.40 18.64 37.29
CA LEU C 242 11.99 17.37 36.67
C LEU C 242 11.18 17.60 35.39
N GLY C 243 10.41 18.68 35.34
CA GLY C 243 9.61 19.07 34.18
C GLY C 243 10.39 19.59 32.96
N LEU C 244 11.72 19.68 33.00
CA LEU C 244 12.51 20.22 31.90
C LEU C 244 12.26 19.46 30.59
N SER C 245 12.51 18.16 30.58
CA SER C 245 12.12 17.27 29.48
C SER C 245 10.71 16.71 29.66
N GLY C 246 10.22 16.57 30.90
CA GLY C 246 8.90 15.99 31.20
C GLY C 246 7.72 16.78 30.64
N LEU C 247 7.76 18.11 30.59
CA LEU C 247 6.68 18.91 30.00
C LEU C 247 6.90 19.33 28.54
N GLY C 248 8.14 19.32 28.06
CA GLY C 248 8.51 19.89 26.75
C GLY C 248 8.85 18.90 25.63
N SER C 249 9.08 17.62 25.94
CA SER C 249 9.29 16.54 24.96
C SER C 249 8.01 15.73 24.73
N SER C 250 7.82 15.14 23.54
CA SER C 250 6.57 14.47 23.16
C SER C 250 6.18 13.26 24.04
N THR C 251 7.16 12.48 24.50
CA THR C 251 6.92 11.34 25.42
C THR C 251 6.82 11.78 26.89
N GLY C 252 7.11 13.05 27.21
CA GLY C 252 7.33 13.51 28.57
C GLY C 252 6.13 13.38 29.50
N PHE C 253 4.92 13.70 29.05
CA PHE C 253 3.71 13.66 29.88
C PHE C 253 3.42 12.25 30.43
N GLU C 254 3.47 11.22 29.58
CA GLU C 254 3.20 9.85 30.02
C GLU C 254 4.32 9.35 30.92
N ARG C 255 5.57 9.64 30.58
CA ARG C 255 6.75 9.18 31.32
C ARG C 255 6.85 9.81 32.70
N LEU C 256 6.47 11.08 32.85
CA LEU C 256 6.42 11.75 34.14
C LEU C 256 5.32 11.17 35.04
N HIS C 257 4.15 10.83 34.52
CA HIS C 257 3.13 10.14 35.30
C HIS C 257 3.62 8.77 35.80
N TYR C 258 4.20 7.94 34.93
CA TYR C 258 4.71 6.62 35.34
C TYR C 258 5.85 6.68 36.36
N MET C 259 6.61 7.77 36.44
CA MET C 259 7.57 7.98 37.53
C MET C 259 6.87 8.31 38.86
N LEU C 260 5.89 9.21 38.87
CA LEU C 260 5.17 9.60 40.08
C LEU C 260 4.34 8.45 40.68
N GLU C 261 4.06 7.38 39.95
CA GLU C 261 3.46 6.18 40.53
C GLU C 261 4.36 5.46 41.55
N ARG C 262 5.67 5.73 41.59
CA ARG C 262 6.70 4.92 42.28
C ARG C 262 7.31 5.54 43.54
N VAL C 263 6.73 6.61 44.06
CA VAL C 263 7.40 7.47 45.04
C VAL C 263 7.78 6.79 46.37
N TRP C 264 6.83 6.08 47.00
CA TRP C 264 7.12 5.57 48.36
C TRP C 264 7.44 4.07 48.40
N ASP C 265 8.01 3.61 49.52
CA ASP C 265 8.33 2.17 49.70
C ASP C 265 7.15 1.52 50.43
N PRO C 266 6.87 0.19 50.29
CA PRO C 266 5.78 -0.43 51.06
C PRO C 266 6.20 -0.79 52.50
N ILE C 267 5.27 -0.68 53.45
CA ILE C 267 5.57 -1.08 54.85
C ILE C 267 5.52 -2.61 54.92
N LEU C 268 6.64 -3.26 54.58
CA LEU C 268 6.68 -4.75 54.54
C LEU C 268 6.66 -5.31 55.96
N VAL C 269 7.35 -4.64 56.89
CA VAL C 269 7.46 -5.16 58.26
C VAL C 269 6.91 -4.12 59.24
N THR C 270 6.21 -4.54 60.28
CA THR C 270 5.50 -3.61 61.19
C THR C 270 6.43 -2.64 61.90
N GLY C 271 5.99 -1.40 62.08
CA GLY C 271 6.75 -0.32 62.71
C GLY C 271 7.78 0.38 61.81
N ALA C 272 8.03 -0.10 60.60
CA ALA C 272 8.84 0.63 59.61
C ALA C 272 8.08 1.88 59.11
N PRO C 273 8.74 3.05 58.97
CA PRO C 273 8.09 4.31 58.59
C PRO C 273 7.76 4.38 57.09
N LYS C 274 6.83 5.26 56.72
CA LYS C 274 6.68 5.75 55.34
C LYS C 274 8.03 6.35 54.91
N CYS C 275 8.51 6.01 53.72
CA CYS C 275 9.86 6.32 53.27
C CYS C 275 9.92 6.47 51.74
N ILE C 276 10.74 7.39 51.25
CA ILE C 276 10.98 7.59 49.83
C ILE C 276 11.70 6.36 49.23
N SER C 277 11.29 5.90 48.06
CA SER C 277 11.78 4.65 47.45
C SER C 277 13.11 4.82 46.74
N GLN C 278 14.03 3.88 46.91
CA GLN C 278 15.29 3.83 46.17
C GLN C 278 15.08 3.83 44.64
N PHE C 279 13.97 3.28 44.14
CA PHE C 279 13.65 3.34 42.72
C PHE C 279 13.42 4.79 42.26
N PHE C 280 12.64 5.57 43.00
CA PHE C 280 12.38 6.98 42.66
C PHE C 280 13.65 7.82 42.70
N LEU C 281 14.49 7.69 43.74
CA LEU C 281 15.76 8.43 43.85
C LEU C 281 16.71 8.09 42.69
N ASN C 282 16.84 6.81 42.34
CA ASN C 282 17.64 6.38 41.21
C ASN C 282 17.11 6.90 39.86
N ALA C 283 15.79 6.88 39.66
CA ALA C 283 15.18 7.40 38.45
C ALA C 283 15.39 8.91 38.34
N PHE C 284 15.18 9.68 39.41
CA PHE C 284 15.43 11.12 39.45
C PHE C 284 16.87 11.46 39.08
N GLU C 285 17.83 10.77 39.68
CA GLU C 285 19.25 10.94 39.39
C GLU C 285 19.63 10.55 37.95
N SER C 286 18.87 9.65 37.32
CA SER C 286 19.05 9.23 35.93
C SER C 286 18.31 10.11 34.91
N TRP C 287 17.42 10.99 35.36
CA TRP C 287 16.50 11.75 34.50
C TRP C 287 17.18 12.92 33.79
N HIS C 288 17.94 13.74 34.52
CA HIS C 288 18.59 14.94 34.00
C HIS C 288 20.00 14.68 33.41
N SER C 289 20.48 15.56 32.53
CA SER C 289 21.72 15.34 31.76
C SER C 289 22.94 16.12 32.27
N PHE C 290 22.81 16.98 33.27
CA PHE C 290 23.85 17.95 33.63
C PHE C 290 25.15 17.33 34.15
N ASP C 291 25.12 16.10 34.65
CA ASP C 291 26.31 15.35 35.06
C ASP C 291 27.04 14.68 33.88
N THR C 292 26.31 14.41 32.80
CA THR C 292 26.74 13.70 31.61
C THR C 292 27.28 14.66 30.55
N ASN C 293 26.63 15.82 30.41
CA ASN C 293 26.93 16.88 29.45
C ASN C 293 27.06 18.23 30.17
N PRO C 294 28.06 18.45 31.05
CA PRO C 294 28.10 19.64 31.92
C PRO C 294 28.20 20.96 31.16
N LEU C 295 28.72 20.92 29.92
CA LEU C 295 28.77 22.07 29.02
C LEU C 295 27.38 22.64 28.67
N TYR C 296 26.32 21.84 28.82
CA TYR C 296 24.92 22.27 28.73
C TYR C 296 24.51 23.17 29.90
N ALA C 297 25.08 23.02 31.10
CA ALA C 297 24.84 23.93 32.21
C ALA C 297 25.71 25.20 32.09
N LEU C 298 27.01 25.04 31.85
CA LEU C 298 27.98 26.14 31.92
C LEU C 298 27.73 27.24 30.89
N LEU C 299 27.43 26.89 29.64
CA LEU C 299 27.29 27.82 28.51
C LEU C 299 25.84 27.95 28.02
N HIS C 300 24.84 27.81 28.88
CA HIS C 300 23.44 27.88 28.44
C HIS C 300 22.97 29.30 28.09
N GLU C 301 23.00 30.25 29.04
CA GLU C 301 22.58 31.64 28.74
C GLU C 301 23.53 32.34 27.77
N ALA C 302 24.79 31.94 27.69
CA ALA C 302 25.83 32.55 26.89
C ALA C 302 25.60 32.49 25.36
N ILE C 303 24.62 31.71 24.89
CA ILE C 303 24.18 31.69 23.50
C ILE C 303 23.32 32.90 23.11
N TYR C 304 22.87 33.71 24.08
CA TYR C 304 22.03 34.89 23.86
C TYR C 304 22.78 36.23 23.92
N CYS C 305 24.09 36.20 24.14
CA CYS C 305 24.90 37.40 24.40
C CYS C 305 25.71 37.86 23.18
N GLU C 306 25.64 39.16 22.91
CA GLU C 306 26.39 39.89 21.89
C GLU C 306 26.87 41.23 22.47
N GLY C 307 27.79 41.17 23.42
CA GLY C 307 28.40 42.34 24.06
C GLY C 307 27.69 42.84 25.32
N ALA C 308 26.95 41.97 26.02
CA ALA C 308 26.38 42.26 27.33
C ALA C 308 26.31 41.03 28.23
N SER C 309 26.35 41.21 29.55
CA SER C 309 26.31 40.08 30.47
C SER C 309 24.91 39.57 30.81
N SER C 310 24.74 38.24 30.77
CA SER C 310 23.46 37.61 31.12
C SER C 310 23.16 37.70 32.62
N GLY C 311 24.16 37.54 33.49
CA GLY C 311 24.06 37.72 34.94
C GLY C 311 23.03 36.83 35.63
N TRP C 312 22.88 35.57 35.22
CA TRP C 312 21.85 34.64 35.70
C TRP C 312 20.41 35.16 35.46
N SER C 313 20.11 35.55 34.23
CA SER C 313 18.83 36.13 33.83
C SER C 313 17.62 35.25 34.18
N ALA C 314 17.73 33.94 34.00
CA ALA C 314 16.67 33.02 34.39
C ALA C 314 16.31 33.11 35.88
N HIS C 315 17.29 33.39 36.75
CA HIS C 315 17.09 33.54 38.19
C HIS C 315 16.52 34.92 38.57
N ARG C 316 16.89 35.99 37.85
CA ARG C 316 16.22 37.29 38.00
C ARG C 316 14.73 37.21 37.67
N LEU C 317 14.39 36.62 36.51
CA LEU C 317 13.01 36.57 36.05
C LEU C 317 12.14 35.67 36.95
N ARG C 318 12.71 34.65 37.58
CA ARG C 318 11.89 33.79 38.45
C ARG C 318 11.19 34.57 39.58
N ASP C 319 11.86 35.56 40.14
CA ASP C 319 11.30 36.38 41.21
C ASP C 319 10.04 37.16 40.79
N LYS C 320 9.87 37.46 39.50
CA LYS C 320 8.66 38.08 38.94
C LYS C 320 7.45 37.14 39.03
N TYR C 321 7.67 35.83 38.96
CA TYR C 321 6.64 34.78 38.95
C TYR C 321 6.61 33.93 40.25
N GLU C 322 7.42 34.27 41.25
CA GLU C 322 7.57 33.50 42.49
C GLU C 322 6.24 33.27 43.22
N TYR C 323 5.28 34.18 43.07
CA TYR C 323 3.95 34.05 43.67
C TYR C 323 3.22 32.76 43.27
N LYS C 324 3.51 32.18 42.09
CA LYS C 324 3.01 30.86 41.66
C LYS C 324 4.06 29.75 41.58
N PHE C 325 5.32 30.06 41.26
CA PHE C 325 6.40 29.06 41.14
C PHE C 325 7.08 28.67 42.46
N ASP C 326 6.82 29.30 43.61
CA ASP C 326 7.36 28.83 44.89
C ASP C 326 6.61 27.61 45.42
N ALA C 327 7.27 26.44 45.45
CA ALA C 327 6.69 25.20 45.94
C ALA C 327 6.17 25.32 47.37
N MET C 328 6.87 26.05 48.27
CA MET C 328 6.39 26.25 49.64
C MET C 328 5.10 27.05 49.71
N LYS C 329 4.83 27.97 48.77
CA LYS C 329 3.58 28.73 48.75
C LYS C 329 2.42 27.86 48.29
N ALA C 330 2.67 26.98 47.30
CA ALA C 330 1.68 26.09 46.74
C ALA C 330 1.13 25.06 47.76
N VAL C 331 1.99 24.44 48.58
CA VAL C 331 1.53 23.50 49.61
C VAL C 331 0.71 24.17 50.72
N LYS C 332 0.88 25.48 50.96
CA LYS C 332 0.11 26.16 52.00
C LYS C 332 -1.24 26.69 51.48
N GLU C 333 -1.23 27.18 50.25
CA GLU C 333 -2.43 27.75 49.62
C GLU C 333 -3.23 26.77 48.75
N SER C 334 -2.96 25.47 48.87
CA SER C 334 -3.60 24.34 48.17
C SER C 334 -3.59 24.36 46.63
N GLN C 335 -2.88 25.31 46.01
CA GLN C 335 -2.69 25.36 44.57
C GLN C 335 -1.74 24.24 44.11
N PRO C 336 -1.85 23.72 42.88
CA PRO C 336 -0.84 22.80 42.35
C PRO C 336 0.56 23.46 42.28
N VAL C 337 1.61 22.74 42.71
CA VAL C 337 3.00 23.13 42.42
C VAL C 337 3.31 22.98 40.94
N LEU C 338 4.11 23.91 40.37
CA LEU C 338 4.48 23.95 38.96
C LEU C 338 5.92 23.47 38.73
N PHE C 339 6.17 22.63 37.73
CA PHE C 339 7.53 22.31 37.23
C PHE C 339 8.04 23.39 36.25
N THR C 340 9.31 23.35 35.86
CA THR C 340 10.03 24.37 35.04
C THR C 340 10.84 23.75 33.91
N GLY C 341 11.39 24.51 32.94
CA GLY C 341 12.23 23.93 31.86
C GLY C 341 13.04 24.89 30.97
N GLU C 342 14.18 24.43 30.45
CA GLU C 342 15.19 25.17 29.67
C GLU C 342 15.80 26.39 30.37
N MET C 343 15.74 26.41 31.70
CA MET C 343 16.24 27.48 32.56
C MET C 343 17.14 26.88 33.65
N ILE C 344 18.36 27.42 33.78
CA ILE C 344 19.42 26.98 34.69
C ILE C 344 19.58 28.04 35.79
N PHE C 345 19.71 27.61 37.04
CA PHE C 345 19.73 28.48 38.22
C PHE C 345 21.05 28.32 39.02
N PRO C 346 21.52 29.33 39.74
CA PRO C 346 22.76 29.28 40.50
C PRO C 346 22.88 28.10 41.46
N TRP C 347 21.80 27.75 42.17
CA TRP C 347 21.81 26.69 43.17
C TRP C 347 22.10 25.30 42.59
N MET C 348 21.92 25.05 41.29
CA MET C 348 22.25 23.75 40.70
C MET C 348 23.74 23.41 40.85
N PHE C 349 24.61 24.41 40.78
CA PHE C 349 26.04 24.27 41.01
C PHE C 349 26.40 24.07 42.50
N ASP C 350 25.45 24.20 43.43
CA ASP C 350 25.62 23.82 44.84
C ASP C 350 25.16 22.39 45.15
N GLU C 351 24.40 21.77 44.24
CA GLU C 351 23.45 20.70 44.59
C GLU C 351 23.50 19.46 43.68
N ILE C 352 23.80 19.63 42.39
CA ILE C 352 24.11 18.52 41.47
C ILE C 352 25.58 18.18 41.64
N HIS C 353 25.91 16.99 42.17
CA HIS C 353 27.25 16.69 42.67
C HIS C 353 28.37 16.88 41.64
N ALA C 354 28.16 16.44 40.39
CA ALA C 354 29.14 16.61 39.32
C ALA C 354 29.50 18.09 39.03
N LEU C 355 28.61 19.05 39.33
CA LEU C 355 28.82 20.48 39.10
C LEU C 355 29.49 21.22 40.26
N LYS C 356 29.63 20.59 41.44
CA LYS C 356 30.17 21.23 42.67
C LYS C 356 31.48 22.01 42.46
N PRO C 357 32.51 21.49 41.77
CA PRO C 357 33.79 22.21 41.60
C PRO C 357 33.73 23.36 40.57
N PHE C 358 32.68 23.48 39.76
CA PHE C 358 32.61 24.45 38.66
C PHE C 358 31.84 25.73 38.96
N LYS C 359 31.35 25.94 40.19
CA LYS C 359 30.61 27.15 40.62
C LYS C 359 31.38 28.44 40.31
N ALA C 360 32.65 28.50 40.64
CA ALA C 360 33.49 29.68 40.40
C ALA C 360 33.62 30.03 38.90
N ALA C 361 33.86 29.03 38.04
CA ALA C 361 33.97 29.27 36.59
C ALA C 361 32.62 29.65 35.97
N ALA C 362 31.52 29.09 36.46
CA ALA C 362 30.19 29.47 36.02
C ALA C 362 29.86 30.94 36.33
N ASP C 363 30.28 31.47 37.48
CA ASP C 363 30.14 32.90 37.79
C ASP C 363 31.05 33.80 36.93
N LEU C 364 32.30 33.41 36.65
CA LEU C 364 33.15 34.18 35.75
C LEU C 364 32.56 34.28 34.33
N LEU C 365 31.92 33.22 33.82
CA LEU C 365 31.14 33.27 32.57
C LEU C 365 29.89 34.15 32.72
N ALA C 366 29.11 33.99 33.79
CA ALA C 366 27.88 34.75 33.97
C ALA C 366 28.11 36.27 34.08
N LYS C 367 29.28 36.67 34.58
CA LYS C 367 29.59 38.10 34.71
C LYS C 367 30.34 38.72 33.53
N LYS C 368 30.68 37.94 32.49
CA LYS C 368 31.42 38.41 31.31
C LYS C 368 30.55 39.31 30.44
N GLU C 369 30.98 40.54 30.18
CA GLU C 369 30.27 41.47 29.33
C GLU C 369 30.87 41.80 27.96
N ASP C 370 31.99 41.20 27.55
CA ASP C 370 32.51 41.57 26.24
C ASP C 370 32.65 40.40 25.24
N TRP C 371 31.56 39.63 25.07
CA TRP C 371 31.41 38.61 24.04
C TRP C 371 31.43 39.20 22.61
N PRO C 372 32.03 38.52 21.63
CA PRO C 372 31.88 38.85 20.21
C PRO C 372 30.46 38.56 19.69
N PRO C 373 30.02 39.20 18.59
CA PRO C 373 28.69 39.02 18.02
C PRO C 373 28.51 37.65 17.36
N LEU C 374 27.25 37.22 17.28
CA LEU C 374 26.81 35.97 16.67
C LEU C 374 26.19 36.17 15.29
N TYR C 375 25.59 37.31 15.00
CA TYR C 375 24.78 37.53 13.79
C TYR C 375 25.14 38.85 13.09
N ASP C 376 24.70 39.02 11.84
CA ASP C 376 24.93 40.22 11.04
C ASP C 376 23.65 40.62 10.27
N VAL C 377 22.73 41.30 10.94
CA VAL C 377 21.37 41.54 10.42
C VAL C 377 21.36 42.20 9.02
N PRO C 378 22.22 43.18 8.67
CA PRO C 378 22.31 43.70 7.31
C PRO C 378 22.58 42.64 6.22
N ARG C 379 23.29 41.55 6.50
CA ARG C 379 23.47 40.44 5.55
C ARG C 379 22.27 39.50 5.51
N LEU C 380 21.61 39.25 6.64
CA LEU C 380 20.35 38.50 6.63
C LEU C 380 19.26 39.24 5.84
N GLN C 381 19.24 40.57 5.93
CA GLN C 381 18.42 41.51 5.16
C GLN C 381 18.77 41.62 3.65
N ASN C 382 19.78 40.89 3.18
CA ASN C 382 20.18 40.77 1.77
C ASN C 382 20.47 39.31 1.36
N ASN C 383 19.97 38.34 2.12
CA ASN C 383 20.27 36.91 1.91
C ASN C 383 19.74 36.40 0.55
N LYS C 384 20.55 35.53 -0.11
CA LYS C 384 20.18 34.83 -1.35
C LYS C 384 20.04 33.28 -1.19
N VAL C 385 20.55 32.69 -0.10
CA VAL C 385 20.47 31.25 0.18
C VAL C 385 19.01 30.89 0.51
N PRO C 386 18.40 29.84 -0.09
CA PRO C 386 17.05 29.40 0.27
C PRO C 386 16.98 28.87 1.71
N VAL C 387 15.95 29.24 2.47
CA VAL C 387 15.78 28.80 3.87
C VAL C 387 14.37 28.28 4.10
N ALA C 388 14.24 27.09 4.69
CA ALA C 388 12.98 26.52 5.13
C ALA C 388 13.01 26.26 6.64
N ALA C 389 12.02 26.72 7.38
CA ALA C 389 11.94 26.52 8.83
C ALA C 389 10.62 25.87 9.28
N ALA C 390 10.69 24.82 10.08
CA ALA C 390 9.53 24.27 10.79
C ALA C 390 9.37 25.00 12.11
N VAL C 391 8.24 25.65 12.33
CA VAL C 391 7.99 26.47 13.51
C VAL C 391 6.82 25.88 14.30
N TYR C 392 7.05 25.48 15.53
CA TYR C 392 6.03 24.83 16.34
C TYR C 392 5.29 25.88 17.18
N TYR C 393 3.96 25.93 17.12
CA TYR C 393 3.19 27.06 17.64
C TYR C 393 3.20 27.16 19.18
N GLU C 394 3.23 26.03 19.88
CA GLU C 394 3.17 25.96 21.35
C GLU C 394 4.48 25.47 21.97
N ASP C 395 5.60 25.77 21.33
CA ASP C 395 6.93 25.36 21.75
C ASP C 395 7.34 25.98 23.10
N MET C 396 7.79 25.16 24.05
CA MET C 396 8.28 25.62 25.35
C MET C 396 9.70 26.19 25.28
N TYR C 397 10.55 25.69 24.37
CA TYR C 397 11.99 25.94 24.42
C TYR C 397 12.43 27.15 23.59
N VAL C 398 11.73 27.51 22.51
CA VAL C 398 11.88 28.79 21.79
C VAL C 398 10.51 29.38 21.51
N ASN C 399 10.30 30.68 21.71
CA ASN C 399 8.95 31.24 21.77
C ASN C 399 8.47 31.80 20.41
N PHE C 400 7.24 31.49 20.04
CA PHE C 400 6.66 31.82 18.73
C PHE C 400 6.68 33.32 18.39
N LYS C 401 6.32 34.19 19.34
CA LYS C 401 6.34 35.65 19.16
C LYS C 401 7.74 36.22 18.88
N LEU C 402 8.80 35.60 19.39
CA LEU C 402 10.20 36.00 19.11
C LEU C 402 10.70 35.42 17.78
N VAL C 403 10.26 34.22 17.41
CA VAL C 403 10.52 33.63 16.09
C VAL C 403 9.92 34.48 15.00
N THR C 404 8.62 34.78 15.07
CA THR C 404 7.90 35.43 13.98
C THR C 404 8.37 36.86 13.69
N GLU C 405 8.89 37.61 14.68
CA GLU C 405 9.56 38.89 14.40
C GLU C 405 10.94 38.69 13.75
N THR C 406 11.74 37.70 14.16
CA THR C 406 13.05 37.43 13.55
C THR C 406 12.93 36.93 12.12
N ALA C 407 11.89 36.15 11.81
CA ALA C 407 11.59 35.69 10.45
C ALA C 407 11.29 36.83 9.47
N SER C 408 11.04 38.07 9.93
CA SER C 408 10.94 39.24 9.04
C SER C 408 12.31 39.75 8.55
N HIS C 409 13.42 39.43 9.23
CA HIS C 409 14.77 39.91 8.86
C HIS C 409 15.49 38.97 7.90
N ILE C 410 15.15 37.68 7.87
CA ILE C 410 15.73 36.73 6.90
C ILE C 410 15.08 36.95 5.53
N SER C 411 15.84 37.36 4.51
CA SER C 411 15.26 37.97 3.30
C SER C 411 14.25 37.15 2.49
N GLY C 412 14.44 35.83 2.38
CA GLY C 412 13.64 34.97 1.50
C GLY C 412 13.09 33.71 2.18
N ILE C 413 13.00 33.69 3.50
CA ILE C 413 12.63 32.51 4.28
C ILE C 413 11.19 32.07 3.98
N ARG C 414 11.00 30.76 3.84
CA ARG C 414 9.69 30.12 3.91
C ARG C 414 9.60 29.33 5.19
N LEU C 415 8.50 29.46 5.91
CA LEU C 415 8.34 28.79 7.20
C LEU C 415 6.93 28.21 7.31
N TRP C 416 6.85 27.05 7.96
CA TRP C 416 5.62 26.29 8.15
C TRP C 416 5.20 26.20 9.62
N VAL C 417 4.25 27.06 10.02
CA VAL C 417 3.75 27.08 11.39
C VAL C 417 2.80 25.92 11.57
N THR C 418 3.02 25.10 12.59
CA THR C 418 2.10 24.02 12.94
C THR C 418 1.96 23.84 14.43
N ASN C 419 0.77 23.50 14.88
CA ASN C 419 0.47 23.11 16.24
C ASN C 419 0.77 21.62 16.53
N GLU C 420 0.90 20.79 15.50
CA GLU C 420 0.76 19.33 15.65
C GLU C 420 2.00 18.59 16.21
N PHE C 421 3.13 19.28 16.42
CA PHE C 421 4.35 18.71 16.99
C PHE C 421 4.87 19.56 18.18
N MET C 422 5.47 18.88 19.16
CA MET C 422 6.29 19.49 20.21
C MET C 422 7.74 19.67 19.72
N HIS C 423 8.62 20.30 20.50
CA HIS C 423 9.98 20.63 20.10
C HIS C 423 10.82 19.43 19.61
N SER C 424 10.54 18.24 20.11
CA SER C 424 11.17 16.97 19.71
C SER C 424 10.81 16.49 18.30
N GLY C 425 9.98 17.21 17.55
CA GLY C 425 9.35 16.78 16.30
C GLY C 425 10.23 16.12 15.24
N LEU C 426 11.51 16.46 15.10
CA LEU C 426 12.40 15.77 14.13
C LEU C 426 12.67 14.30 14.51
N ARG C 427 12.40 13.94 15.78
CA ARG C 427 12.56 12.56 16.22
C ARG C 427 11.20 11.86 16.40
N ASP C 428 10.14 12.55 16.01
CA ASP C 428 8.75 12.09 16.12
C ASP C 428 8.06 12.16 14.75
N ALA C 429 8.24 11.12 13.93
CA ALA C 429 7.89 11.15 12.50
C ALA C 429 8.71 12.19 11.71
N GLY C 430 10.03 12.17 11.86
CA GLY C 430 10.96 13.05 11.16
C GLY C 430 10.98 12.89 9.64
N ARG C 431 10.52 11.75 9.12
CA ARG C 431 10.44 11.48 7.69
C ARG C 431 9.57 12.52 6.98
N GLN C 432 8.40 12.84 7.53
CA GLN C 432 7.52 13.84 6.93
C GLN C 432 7.99 15.28 7.15
N ILE C 433 8.69 15.58 8.26
CA ILE C 433 9.30 16.90 8.47
C ILE C 433 10.31 17.21 7.37
N ILE C 434 11.23 16.29 7.06
CA ILE C 434 12.24 16.50 6.01
C ILE C 434 11.62 16.55 4.61
N ASP C 435 10.66 15.67 4.30
CA ASP C 435 9.91 15.76 3.03
C ASP C 435 9.18 17.09 2.87
N HIS C 436 8.49 17.59 3.90
CA HIS C 436 7.77 18.85 3.81
C HIS C 436 8.71 20.04 3.68
N LEU C 437 9.80 20.10 4.46
CA LEU C 437 10.81 21.16 4.34
C LEU C 437 11.46 21.18 2.96
N LEU C 438 11.91 20.04 2.44
CA LEU C 438 12.51 19.98 1.10
C LEU C 438 11.49 20.36 0.02
N GLY C 439 10.24 19.96 0.14
CA GLY C 439 9.18 20.30 -0.81
C GLY C 439 8.94 21.81 -0.99
N MET C 440 9.21 22.64 0.02
CA MET C 440 9.10 24.10 -0.09
C MET C 440 10.27 24.75 -0.85
N ILE C 441 11.48 24.19 -0.76
CA ILE C 441 12.67 24.69 -1.49
C ILE C 441 12.71 24.13 -2.92
N ASN C 442 12.45 22.84 -3.06
CA ASN C 442 12.56 22.09 -4.32
C ASN C 442 11.52 22.51 -5.37
N GLY C 443 10.36 23.01 -4.94
CA GLY C 443 9.29 23.50 -5.82
C GLY C 443 8.08 22.59 -5.93
N LYS C 444 7.97 21.53 -5.12
CA LYS C 444 6.77 20.69 -5.05
C LYS C 444 5.58 21.42 -4.42
N LYS C 445 5.88 22.36 -3.53
CA LYS C 445 4.88 23.19 -2.89
C LYS C 445 5.38 24.62 -3.08
N PRO C 446 5.04 25.27 -4.22
CA PRO C 446 5.49 26.63 -4.50
C PRO C 446 4.72 27.67 -3.67
N LEU C 447 5.20 28.91 -3.67
CA LEU C 447 4.69 30.00 -2.83
C LEU C 447 3.19 30.27 -2.96
N PHE C 448 2.50 30.39 -1.82
CA PHE C 448 1.12 30.83 -1.62
C PHE C 448 0.95 31.41 -0.20
N GLU D 1 -10.51 -8.40 48.74
CA GLU D 1 -10.52 -6.95 48.40
C GLU D 1 -10.04 -6.72 46.98
N HIS D 2 -10.73 -5.85 46.25
CA HIS D 2 -10.51 -5.53 44.84
C HIS D 2 -10.95 -4.08 44.59
N VAL D 3 -10.08 -3.23 44.04
CA VAL D 3 -10.37 -1.83 43.72
C VAL D 3 -9.78 -1.43 42.37
N THR D 4 -10.38 -0.47 41.67
CA THR D 4 -9.94 -0.03 40.35
C THR D 4 -10.17 1.46 40.09
N GLY D 5 -9.29 2.08 39.30
CA GLY D 5 -9.31 3.51 39.00
C GLY D 5 -10.12 3.88 37.75
N LYS D 6 -10.20 5.18 37.46
CA LYS D 6 -10.79 5.71 36.23
C LYS D 6 -9.93 5.39 35.01
N TRP D 7 -10.54 5.30 33.83
CA TRP D 7 -9.82 5.23 32.57
C TRP D 7 -8.94 6.48 32.34
N PHE D 8 -7.77 6.32 31.71
CA PHE D 8 -6.94 7.42 31.22
C PHE D 8 -6.35 7.10 29.84
N SER D 9 -5.84 8.10 29.13
CA SER D 9 -5.37 7.96 27.75
C SER D 9 -3.88 8.18 27.60
N VAL D 10 -3.28 7.45 26.67
CA VAL D 10 -2.04 7.78 25.97
C VAL D 10 -2.33 7.67 24.47
N PRO D 11 -1.64 8.36 23.56
CA PRO D 11 -2.03 8.38 22.15
C PRO D 11 -2.30 6.99 21.56
N GLU D 12 -3.48 6.83 20.98
CA GLU D 12 -4.11 5.59 20.46
C GLU D 12 -4.66 4.57 21.48
N LEU D 13 -4.50 4.77 22.79
CA LEU D 13 -5.02 3.78 23.73
C LEU D 13 -5.70 4.29 25.01
N ARG D 14 -6.48 3.38 25.61
CA ARG D 14 -7.19 3.62 26.85
C ARG D 14 -6.60 2.64 27.87
N LEU D 15 -6.40 3.09 29.09
CA LEU D 15 -5.80 2.29 30.16
C LEU D 15 -6.56 2.45 31.47
N ARG D 16 -6.55 1.42 32.33
CA ARG D 16 -7.14 1.42 33.67
C ARG D 16 -6.30 0.54 34.60
N ASP D 17 -6.27 0.81 35.90
CA ASP D 17 -5.51 -0.01 36.87
C ASP D 17 -6.41 -0.69 37.90
N HIS D 18 -6.02 -1.91 38.30
CA HIS D 18 -6.70 -2.78 39.24
C HIS D 18 -5.75 -3.19 40.34
N ARG D 19 -6.23 -3.27 41.59
CA ARG D 19 -5.43 -3.68 42.74
C ARG D 19 -6.19 -4.72 43.54
N PHE D 20 -5.52 -5.81 43.92
CA PHE D 20 -6.07 -6.95 44.63
C PHE D 20 -5.27 -7.18 45.91
N ILE D 21 -5.91 -7.64 46.99
CA ILE D 21 -5.22 -8.06 48.21
C ILE D 21 -5.27 -9.59 48.29
N VAL D 22 -4.10 -10.22 48.38
CA VAL D 22 -3.91 -11.65 48.13
C VAL D 22 -2.98 -12.29 49.18
N PRO D 23 -3.05 -13.59 49.52
CA PRO D 23 -2.21 -14.16 50.55
C PRO D 23 -0.72 -14.10 50.22
N LEU D 24 0.15 -13.90 51.22
CA LEU D 24 1.59 -14.06 51.05
C LEU D 24 1.91 -15.53 50.74
N ASP D 25 1.37 -16.46 51.52
CA ASP D 25 1.48 -17.91 51.30
C ASP D 25 0.07 -18.51 51.29
N TYR D 26 -0.31 -19.19 50.21
CA TYR D 26 -1.63 -19.82 50.08
C TYR D 26 -1.87 -20.99 51.04
N SER D 27 -0.84 -21.48 51.77
CA SER D 27 -1.01 -22.40 52.90
C SER D 27 -1.66 -21.73 54.14
N LYS D 28 -1.82 -20.40 54.13
CA LYS D 28 -2.37 -19.60 55.23
C LYS D 28 -3.40 -18.57 54.73
N SER D 29 -4.18 -18.01 55.66
CA SER D 29 -5.01 -16.82 55.40
C SER D 29 -4.22 -15.50 55.50
N SER D 30 -3.11 -15.48 56.25
CA SER D 30 -2.37 -14.27 56.66
C SER D 30 -0.85 -14.50 56.67
N PRO D 31 0.00 -13.47 56.43
CA PRO D 31 -0.32 -12.09 56.06
C PRO D 31 -0.78 -11.94 54.60
N LYS D 32 -1.19 -10.73 54.23
CA LYS D 32 -1.56 -10.36 52.84
C LYS D 32 -0.50 -9.50 52.16
N ILE D 33 -0.55 -9.42 50.84
CA ILE D 33 0.17 -8.44 50.01
C ILE D 33 -0.76 -7.85 48.94
N THR D 34 -0.45 -6.67 48.41
CA THR D 34 -1.11 -6.13 47.21
C THR D 34 -0.47 -6.65 45.93
N VAL D 35 -1.29 -6.94 44.93
CA VAL D 35 -0.87 -7.27 43.56
C VAL D 35 -1.63 -6.38 42.58
N PHE D 36 -0.92 -5.88 41.57
CA PHE D 36 -1.35 -4.81 40.67
C PHE D 36 -1.40 -5.31 39.23
N ALA D 37 -2.43 -4.92 38.48
CA ALA D 37 -2.51 -5.17 37.04
C ALA D 37 -3.12 -3.98 36.32
N ARG D 38 -2.73 -3.80 35.06
CA ARG D 38 -3.24 -2.72 34.23
C ARG D 38 -3.96 -3.28 32.99
N GLU D 39 -5.18 -2.82 32.76
CA GLU D 39 -6.00 -3.27 31.63
C GLU D 39 -5.93 -2.24 30.49
N ILE D 40 -5.76 -2.67 29.25
CA ILE D 40 -5.52 -1.82 28.07
C ILE D 40 -6.47 -2.19 26.94
N VAL D 41 -7.03 -1.20 26.25
CA VAL D 41 -7.88 -1.36 25.05
C VAL D 41 -7.60 -0.28 24.01
N ALA D 42 -7.95 -0.56 22.76
CA ALA D 42 -7.94 0.45 21.70
C ALA D 42 -9.05 1.49 21.96
N VAL D 43 -8.85 2.72 21.47
CA VAL D 43 -9.80 3.83 21.63
C VAL D 43 -11.21 3.43 21.19
N GLY D 44 -12.21 3.79 22.01
CA GLY D 44 -13.63 3.52 21.75
C GLY D 44 -14.15 2.15 22.17
N LYS D 45 -13.28 1.23 22.63
CA LYS D 45 -13.66 -0.15 23.05
C LYS D 45 -13.74 -0.37 24.56
N GLU D 46 -13.82 0.69 25.36
CA GLU D 46 -13.83 0.65 26.84
C GLU D 46 -14.86 -0.34 27.42
N GLU D 47 -16.06 -0.38 26.87
CA GLU D 47 -17.18 -1.18 27.38
C GLU D 47 -17.45 -2.47 26.56
N GLN D 48 -16.72 -2.69 25.47
CA GLN D 48 -17.00 -3.78 24.52
C GLN D 48 -16.60 -5.15 25.07
N ALA D 49 -17.48 -6.14 24.95
CA ALA D 49 -17.21 -7.52 25.35
C ALA D 49 -16.27 -8.21 24.35
N MET D 50 -15.10 -8.64 24.83
CA MET D 50 -13.99 -9.17 24.03
C MET D 50 -13.22 -10.24 24.82
N PRO D 51 -12.49 -11.16 24.17
CA PRO D 51 -11.59 -12.08 24.84
C PRO D 51 -10.44 -11.35 25.57
N TYR D 52 -9.93 -11.96 26.64
CA TYR D 52 -8.85 -11.41 27.47
C TYR D 52 -7.51 -12.08 27.14
N LEU D 53 -6.43 -11.29 27.14
CA LEU D 53 -5.05 -11.75 27.04
C LEU D 53 -4.27 -11.33 28.29
N LEU D 54 -3.57 -12.25 28.94
CA LEU D 54 -2.62 -11.95 30.02
C LEU D 54 -1.20 -11.96 29.49
N TYR D 55 -0.41 -10.93 29.77
CA TYR D 55 1.01 -10.91 29.43
C TYR D 55 1.90 -11.17 30.65
N LEU D 56 2.85 -12.10 30.54
CA LEU D 56 3.80 -12.47 31.59
C LEU D 56 5.21 -12.03 31.20
N GLN D 57 5.83 -11.18 32.01
CA GLN D 57 7.05 -10.45 31.65
C GLN D 57 8.33 -11.31 31.67
N GLY D 58 9.30 -10.93 30.83
CA GLY D 58 10.56 -11.62 30.64
C GLY D 58 11.68 -11.25 31.59
N GLY D 59 11.54 -11.61 32.86
CA GLY D 59 12.70 -11.81 33.74
C GLY D 59 12.31 -11.90 35.22
N PRO D 60 13.08 -12.58 36.09
CA PRO D 60 12.64 -12.93 37.43
C PRO D 60 12.22 -11.78 38.35
N GLY D 61 12.67 -10.56 38.08
CA GLY D 61 12.34 -9.36 38.88
C GLY D 61 11.81 -8.17 38.08
N PHE D 62 11.36 -8.33 36.83
CA PHE D 62 10.98 -7.20 35.95
C PHE D 62 9.47 -6.84 35.97
N GLU D 63 9.18 -5.57 35.68
CA GLU D 63 7.79 -5.09 35.71
C GLU D 63 7.08 -5.05 34.35
N GLY D 64 5.77 -4.80 34.38
CA GLY D 64 4.98 -4.75 33.14
C GLY D 64 5.37 -3.59 32.20
N PRO D 65 5.15 -3.69 30.87
CA PRO D 65 5.73 -2.80 29.86
C PRO D 65 5.63 -1.27 30.01
N ARG D 66 4.54 -0.76 30.58
CA ARG D 66 4.30 0.68 30.74
C ARG D 66 4.40 1.49 29.44
N PRO D 67 3.45 1.30 28.52
CA PRO D 67 3.48 1.93 27.19
C PRO D 67 3.24 3.45 27.20
N SER D 68 3.98 4.19 26.37
CA SER D 68 3.76 5.63 26.12
C SER D 68 2.84 5.93 24.93
N GLU D 69 2.63 4.98 24.03
CA GLU D 69 1.72 5.07 22.87
C GLU D 69 1.42 3.67 22.34
N ALA D 70 0.42 3.51 21.47
CA ALA D 70 0.26 2.25 20.73
C ALA D 70 1.47 1.99 19.81
N SER D 71 2.19 0.88 20.03
CA SER D 71 3.23 0.39 19.12
C SER D 71 3.48 -1.11 19.32
N GLY D 72 4.09 -1.78 18.35
CA GLY D 72 4.57 -3.15 18.49
C GLY D 72 3.47 -4.18 18.75
N TRP D 73 3.74 -5.14 19.65
CA TRP D 73 2.81 -6.22 19.94
C TRP D 73 1.53 -5.72 20.63
N ILE D 74 1.59 -4.68 21.48
CA ILE D 74 0.40 -4.16 22.20
C ILE D 74 -0.62 -3.61 21.21
N GLN D 75 -0.18 -2.85 20.21
CA GLN D 75 -1.09 -2.30 19.20
C GLN D 75 -1.85 -3.41 18.47
N ARG D 76 -1.12 -4.46 18.07
CA ARG D 76 -1.72 -5.59 17.38
C ARG D 76 -2.68 -6.35 18.28
N ALA D 77 -2.22 -6.70 19.48
CA ALA D 77 -3.06 -7.42 20.43
C ALA D 77 -4.39 -6.70 20.67
N CYS D 78 -4.39 -5.37 20.80
CA CYS D 78 -5.60 -4.56 21.00
C CYS D 78 -6.59 -4.62 19.82
N GLU D 79 -6.19 -5.14 18.65
CA GLU D 79 -7.10 -5.40 17.55
C GLU D 79 -8.07 -6.58 17.83
N GLU D 80 -7.80 -7.41 18.84
CA GLU D 80 -8.65 -8.56 19.19
C GLU D 80 -8.96 -8.70 20.69
N PHE D 81 -8.04 -8.33 21.58
CA PHE D 81 -8.10 -8.66 22.99
C PHE D 81 -8.21 -7.44 23.91
N ARG D 82 -8.84 -7.62 25.08
CA ARG D 82 -8.52 -6.83 26.28
C ARG D 82 -7.14 -7.26 26.74
N VAL D 83 -6.15 -6.39 26.83
CA VAL D 83 -4.80 -6.80 27.28
C VAL D 83 -4.66 -6.51 28.76
N VAL D 84 -4.18 -7.47 29.54
CA VAL D 84 -3.89 -7.33 30.97
C VAL D 84 -2.39 -7.44 31.18
N LEU D 85 -1.76 -6.39 31.71
CA LEU D 85 -0.34 -6.37 32.06
C LEU D 85 -0.19 -6.54 33.57
N LEU D 86 0.47 -7.61 34.00
CA LEU D 86 0.58 -7.98 35.41
C LEU D 86 1.95 -7.56 35.96
N ASP D 87 1.99 -6.78 37.04
CA ASP D 87 3.22 -6.60 37.80
C ASP D 87 3.38 -7.81 38.74
N GLN D 88 4.38 -8.65 38.47
CA GLN D 88 4.67 -9.85 39.25
C GLN D 88 5.03 -9.51 40.71
N ARG D 89 4.93 -10.47 41.63
CA ARG D 89 5.20 -10.23 43.06
C ARG D 89 6.55 -9.57 43.29
N GLY D 90 6.62 -8.59 44.19
CA GLY D 90 7.88 -8.00 44.60
C GLY D 90 8.48 -7.02 43.60
N THR D 91 7.80 -6.67 42.50
CA THR D 91 8.34 -5.80 41.45
C THR D 91 7.27 -4.89 40.87
N GLY D 92 7.69 -3.84 40.16
CA GLY D 92 6.80 -2.83 39.63
C GLY D 92 6.06 -2.11 40.74
N LEU D 93 4.75 -2.29 40.81
CA LEU D 93 3.88 -1.69 41.82
C LEU D 93 3.20 -2.74 42.73
N SER D 94 3.54 -4.03 42.57
CA SER D 94 3.07 -5.17 43.38
C SER D 94 3.98 -5.43 44.57
N THR D 95 3.83 -4.67 45.65
CA THR D 95 4.63 -4.75 46.91
C THR D 95 6.16 -4.78 46.69
N PRO D 96 6.78 -3.72 46.15
CA PRO D 96 8.13 -3.80 45.61
C PRO D 96 9.22 -4.12 46.63
N LEU D 97 10.06 -5.11 46.31
CA LEU D 97 11.28 -5.41 47.04
C LEU D 97 12.46 -4.65 46.46
N THR D 98 12.40 -3.32 46.54
CA THR D 98 13.50 -2.42 46.17
C THR D 98 14.70 -2.63 47.10
N CYS D 99 15.90 -2.22 46.68
CA CYS D 99 17.09 -2.20 47.55
C CYS D 99 16.88 -1.44 48.88
N SER D 100 16.03 -0.43 48.95
CA SER D 100 15.65 0.21 50.21
C SER D 100 14.58 -0.59 50.99
N SER D 101 13.59 -1.15 50.30
CA SER D 101 12.51 -1.93 50.91
C SER D 101 13.01 -3.14 51.69
N MET D 102 13.99 -3.89 51.16
CA MET D 102 14.55 -5.07 51.82
C MET D 102 15.46 -4.78 53.03
N LEU D 103 15.68 -3.53 53.41
CA LEU D 103 16.40 -3.18 54.66
C LEU D 103 15.49 -3.21 55.90
N GLN D 104 14.17 -3.41 55.74
CA GLN D 104 13.24 -3.46 56.87
C GLN D 104 13.37 -4.72 57.74
N PHE D 105 13.95 -5.81 57.22
CA PHE D 105 14.25 -7.02 57.97
C PHE D 105 15.55 -6.89 58.78
N LYS D 106 15.56 -7.28 60.05
CA LYS D 106 16.73 -7.16 60.93
C LYS D 106 17.86 -8.16 60.64
N SER D 107 17.56 -9.31 60.05
CA SER D 107 18.52 -10.42 59.88
C SER D 107 18.32 -11.19 58.58
N ALA D 108 19.40 -11.75 58.03
CA ALA D 108 19.40 -12.45 56.74
C ALA D 108 18.43 -13.62 56.69
N LYS D 109 18.26 -14.35 57.80
CA LYS D 109 17.29 -15.43 57.96
C LYS D 109 15.86 -14.97 57.69
N GLU D 110 15.45 -13.82 58.23
CA GLU D 110 14.12 -13.25 58.01
C GLU D 110 13.91 -12.86 56.54
N LEU D 111 14.90 -12.24 55.90
CA LEU D 111 14.83 -11.87 54.49
C LEU D 111 14.74 -13.11 53.59
N ALA D 112 15.59 -14.10 53.80
CA ALA D 112 15.60 -15.33 53.02
C ALA D 112 14.25 -16.07 53.15
N ASP D 113 13.75 -16.23 54.38
CA ASP D 113 12.46 -16.88 54.64
C ASP D 113 11.26 -16.06 54.13
N TYR D 114 11.41 -14.78 53.76
CA TYR D 114 10.40 -14.00 53.06
C TYR D 114 10.50 -14.18 51.53
N LEU D 115 11.72 -14.07 50.96
CA LEU D 115 11.95 -14.15 49.52
C LEU D 115 11.49 -15.46 48.89
N VAL D 116 11.50 -16.57 49.63
CA VAL D 116 11.10 -17.89 49.11
C VAL D 116 9.63 -17.98 48.68
N HIS D 117 8.82 -17.01 49.09
CA HIS D 117 7.41 -16.99 48.74
C HIS D 117 7.20 -16.42 47.34
N PHE D 118 8.18 -15.64 46.89
CA PHE D 118 8.12 -15.03 45.56
C PHE D 118 8.78 -15.93 44.52
N ARG D 119 7.97 -16.68 43.79
CA ARG D 119 8.47 -17.58 42.76
C ARG D 119 7.42 -17.89 41.70
N ALA D 120 7.81 -18.67 40.70
CA ALA D 120 6.91 -19.03 39.61
C ALA D 120 5.57 -19.65 40.00
N ASP D 121 5.57 -20.56 40.98
CA ASP D 121 4.34 -21.22 41.42
C ASP D 121 3.32 -20.22 42.00
N ASN D 122 3.74 -19.30 42.87
CA ASN D 122 2.82 -18.31 43.42
C ASN D 122 2.40 -17.27 42.38
N ILE D 123 3.24 -16.92 41.40
CA ILE D 123 2.83 -16.05 40.28
C ILE D 123 1.61 -16.64 39.54
N VAL D 124 1.59 -17.95 39.29
CA VAL D 124 0.44 -18.61 38.66
C VAL D 124 -0.79 -18.62 39.58
N LYS D 125 -0.64 -18.82 40.88
CA LYS D 125 -1.78 -18.76 41.83
C LYS D 125 -2.39 -17.36 41.89
N ASP D 126 -1.58 -16.30 41.82
CA ASP D 126 -2.08 -14.94 41.71
C ASP D 126 -2.80 -14.67 40.38
N ALA D 127 -2.31 -15.19 39.25
CA ALA D 127 -3.01 -15.04 37.98
C ALA D 127 -4.39 -15.69 38.03
N GLU D 128 -4.51 -16.88 38.61
CA GLU D 128 -5.81 -17.53 38.80
C GLU D 128 -6.71 -16.78 39.77
N PHE D 129 -6.18 -16.17 40.83
CA PHE D 129 -6.93 -15.29 41.73
C PHE D 129 -7.45 -14.03 41.03
N ILE D 130 -6.76 -13.53 40.01
CA ILE D 130 -7.20 -12.39 39.19
C ILE D 130 -8.32 -12.80 38.24
N ARG D 131 -8.14 -13.81 37.36
CA ARG D 131 -9.16 -14.03 36.30
C ARG D 131 -10.53 -14.39 36.80
N VAL D 132 -10.66 -15.09 37.92
CA VAL D 132 -11.96 -15.42 38.51
C VAL D 132 -12.77 -14.17 38.92
N ARG D 133 -12.10 -13.02 39.10
CA ARG D 133 -12.71 -11.73 39.49
C ARG D 133 -12.78 -10.73 38.35
N LEU D 134 -11.74 -10.67 37.51
CA LEU D 134 -11.62 -9.72 36.41
C LEU D 134 -12.43 -10.12 35.16
N VAL D 135 -12.40 -11.39 34.76
CA VAL D 135 -13.05 -11.85 33.52
C VAL D 135 -14.54 -12.14 33.76
N PRO D 136 -15.47 -11.65 32.91
CA PRO D 136 -16.90 -11.96 33.01
C PRO D 136 -17.18 -13.47 33.02
N LYS D 137 -18.09 -13.91 33.89
CA LYS D 137 -18.41 -15.33 34.15
C LYS D 137 -17.20 -16.23 34.45
N ALA D 138 -16.07 -15.66 34.85
CA ALA D 138 -14.80 -16.35 35.09
C ALA D 138 -14.32 -17.21 33.90
N ASP D 139 -14.63 -16.82 32.66
CA ASP D 139 -14.22 -17.55 31.45
C ASP D 139 -12.70 -17.76 31.33
N PRO D 140 -12.23 -18.75 30.56
CA PRO D 140 -10.82 -18.93 30.23
C PRO D 140 -10.23 -17.74 29.47
N TRP D 141 -8.91 -17.58 29.53
CA TRP D 141 -8.17 -16.51 28.84
C TRP D 141 -6.93 -17.03 28.12
N THR D 142 -6.39 -16.28 27.17
CA THR D 142 -5.11 -16.62 26.54
C THR D 142 -3.95 -15.97 27.29
N ILE D 143 -2.78 -16.60 27.30
CA ILE D 143 -1.58 -16.04 27.93
C ILE D 143 -0.44 -15.95 26.93
N LEU D 144 0.34 -14.88 27.02
CA LEU D 144 1.56 -14.67 26.25
C LEU D 144 2.74 -14.54 27.21
N GLY D 145 3.76 -15.38 27.07
CA GLY D 145 4.95 -15.34 27.93
C GLY D 145 6.23 -15.12 27.13
N GLN D 146 7.01 -14.11 27.51
CA GLN D 146 8.35 -13.84 26.97
C GLN D 146 9.39 -14.31 27.99
N SER D 147 10.46 -15.00 27.57
CA SER D 147 11.56 -15.41 28.45
C SER D 147 11.06 -16.17 29.69
N PHE D 148 11.40 -15.74 30.92
CA PHE D 148 10.86 -16.31 32.17
C PHE D 148 9.32 -16.32 32.27
N GLY D 149 8.61 -15.43 31.57
CA GLY D 149 7.15 -15.53 31.44
C GLY D 149 6.70 -16.80 30.72
N GLY D 150 7.54 -17.39 29.88
CA GLY D 150 7.33 -18.72 29.31
C GLY D 150 7.54 -19.85 30.33
N PHE D 151 8.42 -19.68 31.32
CA PHE D 151 8.58 -20.67 32.40
C PHE D 151 7.33 -20.63 33.30
N CYS D 152 6.80 -19.44 33.58
CA CYS D 152 5.50 -19.27 34.24
C CYS D 152 4.37 -19.93 33.44
N ALA D 153 4.35 -19.80 32.12
CA ALA D 153 3.36 -20.45 31.28
C ALA D 153 3.39 -21.99 31.37
N LEU D 154 4.55 -22.65 31.45
CA LEU D 154 4.57 -24.10 31.64
C LEU D 154 4.14 -24.53 33.04
N THR D 155 4.39 -23.73 34.07
CA THR D 155 3.80 -23.99 35.39
C THR D 155 2.28 -23.86 35.34
N TYR D 156 1.73 -22.93 34.55
CA TYR D 156 0.29 -22.78 34.33
C TYR D 156 -0.31 -23.94 33.52
N LEU D 157 0.38 -24.49 32.52
CA LEU D 157 -0.04 -25.74 31.88
C LEU D 157 0.04 -26.95 32.82
N SER D 158 0.98 -26.97 33.76
CA SER D 158 1.16 -28.06 34.72
C SER D 158 0.10 -28.07 35.82
N PHE D 159 -0.20 -26.92 36.43
CA PHE D 159 -1.16 -26.76 37.51
C PHE D 159 -2.21 -25.72 37.13
N ALA D 160 -3.50 -26.02 37.34
CA ALA D 160 -4.62 -25.17 36.90
C ALA D 160 -4.66 -24.82 35.38
N PRO D 161 -4.49 -25.79 34.44
CA PRO D 161 -4.69 -25.54 33.01
C PRO D 161 -6.15 -25.25 32.63
N GLU D 162 -7.11 -25.47 33.54
CA GLU D 162 -8.54 -25.21 33.31
C GLU D 162 -8.86 -23.75 32.94
N GLY D 163 -8.02 -22.80 33.36
CA GLY D 163 -8.18 -21.38 33.05
C GLY D 163 -7.65 -20.93 31.69
N LEU D 164 -6.95 -21.80 30.95
CA LEU D 164 -6.25 -21.43 29.72
C LEU D 164 -7.05 -21.80 28.48
N LYS D 165 -7.21 -20.84 27.55
CA LYS D 165 -7.89 -21.09 26.27
C LYS D 165 -6.84 -21.58 25.26
N GLN D 166 -5.74 -20.86 25.17
CA GLN D 166 -4.58 -21.15 24.33
C GLN D 166 -3.34 -20.43 24.87
N VAL D 167 -2.15 -20.97 24.65
CA VAL D 167 -0.89 -20.45 25.19
C VAL D 167 0.08 -20.07 24.07
N LEU D 168 0.66 -18.87 24.13
CA LEU D 168 1.70 -18.40 23.21
C LEU D 168 3.01 -18.16 23.98
N ILE D 169 4.15 -18.68 23.51
CA ILE D 169 5.43 -18.54 24.21
C ILE D 169 6.48 -18.01 23.24
N THR D 170 7.27 -17.03 23.64
CA THR D 170 8.40 -16.52 22.86
C THR D 170 9.69 -16.72 23.63
N GLY D 171 10.63 -17.48 23.07
CA GLY D 171 11.98 -17.65 23.63
C GLY D 171 12.00 -18.12 25.09
N GLY D 172 11.06 -18.99 25.48
CA GLY D 172 10.71 -19.20 26.89
C GLY D 172 10.31 -20.61 27.27
N ILE D 173 10.74 -21.64 26.53
CA ILE D 173 10.62 -23.03 27.01
C ILE D 173 11.84 -23.34 27.90
N PRO D 174 11.67 -23.72 29.17
CA PRO D 174 12.76 -24.15 30.05
C PRO D 174 13.16 -25.60 29.81
N PRO D 175 14.34 -26.07 30.26
CA PRO D 175 14.57 -27.50 30.49
C PRO D 175 13.69 -28.01 31.64
N ILE D 176 13.20 -29.25 31.57
CA ILE D 176 12.43 -29.89 32.65
C ILE D 176 12.89 -31.34 32.90
N GLY D 177 12.58 -31.89 34.08
CA GLY D 177 12.78 -33.30 34.40
C GLY D 177 13.97 -33.66 35.30
N LYS D 178 14.55 -32.72 36.04
CA LYS D 178 15.64 -32.95 37.02
C LYS D 178 15.46 -32.11 38.29
N ALA D 179 16.01 -32.54 39.42
CA ALA D 179 15.90 -31.82 40.69
C ALA D 179 16.59 -30.44 40.71
N CYS D 180 17.59 -30.21 39.85
CA CYS D 180 18.09 -28.88 39.50
C CYS D 180 18.79 -28.91 38.15
N THR D 181 18.22 -28.23 37.15
CA THR D 181 18.73 -28.22 35.76
C THR D 181 19.84 -27.18 35.52
N ALA D 182 20.21 -26.37 36.50
CA ALA D 182 21.05 -25.19 36.30
C ALA D 182 22.42 -25.53 35.70
N ASP D 183 23.03 -26.65 36.09
CA ASP D 183 24.33 -27.05 35.57
C ASP D 183 24.32 -27.34 34.07
N ASP D 184 23.25 -27.95 33.54
CA ASP D 184 23.14 -28.20 32.11
C ASP D 184 22.87 -26.91 31.33
N VAL D 185 22.15 -25.95 31.92
CA VAL D 185 21.92 -24.63 31.32
C VAL D 185 23.24 -23.88 31.14
N TYR D 186 24.02 -23.69 32.21
CA TYR D 186 25.24 -22.91 32.13
C TYR D 186 26.36 -23.62 31.34
N GLU D 187 26.50 -24.94 31.44
CA GLU D 187 27.45 -25.69 30.62
C GLU D 187 27.23 -25.46 29.11
N ALA D 188 25.98 -25.35 28.66
CA ALA D 188 25.64 -24.98 27.29
C ALA D 188 25.68 -23.45 27.05
N GLY D 189 25.37 -22.63 28.06
CA GLY D 189 25.39 -21.18 27.97
C GLY D 189 26.77 -20.61 27.67
N PHE D 190 27.84 -21.13 28.29
CA PHE D 190 29.20 -20.67 27.97
C PHE D 190 29.58 -20.88 26.52
N GLU D 191 29.05 -21.90 25.83
CA GLU D 191 29.38 -22.13 24.42
C GLU D 191 28.73 -21.09 23.50
N GLN D 192 27.45 -20.75 23.68
CA GLN D 192 26.83 -19.65 22.93
C GLN D 192 27.46 -18.30 23.27
N VAL D 193 27.78 -18.04 24.53
CA VAL D 193 28.49 -16.81 24.91
C VAL D 193 29.84 -16.73 24.22
N ALA D 194 30.61 -17.81 24.12
CA ALA D 194 31.86 -17.80 23.38
C ALA D 194 31.62 -17.51 21.88
N ARG D 195 30.63 -18.14 21.23
CA ARG D 195 30.30 -17.86 19.82
C ARG D 195 29.83 -16.42 19.55
N GLN D 196 29.03 -15.82 20.44
CA GLN D 196 28.64 -14.41 20.29
C GLN D 196 29.84 -13.46 20.40
N ASN D 197 30.84 -13.75 21.23
CA ASN D 197 32.07 -12.95 21.25
C ASN D 197 32.83 -13.03 19.92
N GLU D 198 32.81 -14.22 19.30
CA GLU D 198 33.47 -14.42 18.01
C GLU D 198 32.88 -13.47 16.98
N LYS D 199 31.55 -13.47 16.86
CA LYS D 199 30.82 -12.59 15.94
C LYS D 199 31.11 -11.11 16.20
N TYR D 200 31.12 -10.68 17.46
CA TYR D 200 31.37 -9.27 17.79
C TYR D 200 32.72 -8.78 17.30
N TYR D 201 33.82 -9.43 17.68
CA TYR D 201 35.15 -9.00 17.22
C TYR D 201 35.35 -9.19 15.72
N LYS D 202 34.74 -10.19 15.08
CA LYS D 202 34.75 -10.36 13.62
C LYS D 202 34.10 -9.17 12.90
N ARG D 203 33.09 -8.57 13.51
CA ARG D 203 32.41 -7.41 12.92
C ARG D 203 33.17 -6.11 13.20
N PHE D 204 33.64 -5.95 14.44
CA PHE D 204 34.37 -4.75 14.87
C PHE D 204 35.84 -5.06 15.24
N PRO D 205 36.74 -5.29 14.27
CA PRO D 205 38.09 -5.81 14.53
C PRO D 205 38.96 -4.92 15.41
N GLN D 206 38.75 -3.60 15.38
CA GLN D 206 39.57 -2.64 16.11
C GLN D 206 39.43 -2.76 17.65
N ASP D 207 38.31 -3.28 18.17
CA ASP D 207 38.04 -3.28 19.60
C ASP D 207 38.95 -4.17 20.43
N ILE D 208 39.62 -5.16 19.83
CA ILE D 208 40.49 -6.11 20.54
C ILE D 208 41.60 -5.38 21.30
N GLU D 209 42.23 -4.36 20.69
CA GLU D 209 43.23 -3.52 21.37
C GLU D 209 42.60 -2.60 22.41
N ILE D 210 41.39 -2.07 22.17
CA ILE D 210 40.72 -1.16 23.11
C ILE D 210 40.43 -1.87 24.44
N VAL D 211 39.84 -3.08 24.40
CA VAL D 211 39.55 -3.80 25.65
C VAL D 211 40.82 -4.28 26.35
N ARG D 212 41.85 -4.58 25.57
CA ARG D 212 43.14 -4.99 26.12
C ARG D 212 43.68 -3.85 26.97
N GLU D 213 43.82 -2.67 26.36
CA GLU D 213 44.28 -1.48 27.09
C GLU D 213 43.49 -1.25 28.39
N LEU D 214 42.16 -1.30 28.32
CA LEU D 214 41.30 -1.06 29.48
C LEU D 214 41.46 -2.13 30.57
N VAL D 215 41.62 -3.41 30.23
CA VAL D 215 41.85 -4.48 31.19
C VAL D 215 43.20 -4.37 31.87
N ASN D 216 44.26 -3.96 31.15
CA ASN D 216 45.54 -3.62 31.78
C ASN D 216 45.37 -2.48 32.78
N TYR D 217 44.84 -1.34 32.35
CA TYR D 217 44.68 -0.16 33.20
C TYR D 217 43.86 -0.42 34.47
N LEU D 218 42.76 -1.17 34.39
CA LEU D 218 41.99 -1.54 35.58
C LEU D 218 42.75 -2.49 36.51
N ALA D 219 43.53 -3.43 35.98
CA ALA D 219 44.26 -4.40 36.80
C ALA D 219 45.53 -3.82 37.43
N GLU D 220 46.22 -2.90 36.76
CA GLU D 220 47.39 -2.18 37.28
C GLU D 220 47.03 -1.10 38.31
N SER D 221 45.76 -0.69 38.39
CA SER D 221 45.26 0.23 39.42
C SER D 221 45.38 -0.36 40.83
N GLU D 222 45.56 0.47 41.86
CA GLU D 222 45.97 0.04 43.20
C GLU D 222 45.02 -0.96 43.89
N GLY D 223 43.73 -0.95 43.55
CA GLY D 223 42.74 -1.87 44.08
C GLY D 223 42.34 -3.02 43.15
N GLY D 224 42.99 -3.20 42.00
CA GLY D 224 42.47 -4.08 40.93
C GLY D 224 41.21 -3.52 40.25
N GLY D 225 40.99 -2.22 40.36
CA GLY D 225 39.83 -1.51 39.84
C GLY D 225 39.86 -0.03 40.17
N VAL D 226 38.76 0.65 39.85
CA VAL D 226 38.54 2.09 40.07
C VAL D 226 37.15 2.34 40.67
N PRO D 227 36.95 3.36 41.52
CA PRO D 227 35.65 3.66 42.11
C PRO D 227 34.66 4.26 41.11
N LEU D 228 33.43 3.74 41.11
CA LEU D 228 32.30 4.27 40.33
C LEU D 228 31.63 5.47 41.03
N PRO D 229 30.79 6.26 40.34
CA PRO D 229 30.17 7.45 40.92
C PRO D 229 29.27 7.18 42.14
N SER D 230 28.63 6.00 42.18
CA SER D 230 27.78 5.55 43.29
C SER D 230 28.52 4.66 44.32
N GLY D 231 29.85 4.75 44.42
CA GLY D 231 30.64 4.10 45.47
C GLY D 231 30.93 2.61 45.30
N GLY D 232 30.46 1.97 44.23
CA GLY D 232 30.88 0.62 43.83
C GLY D 232 32.27 0.60 43.17
N ILE D 233 32.66 -0.55 42.63
CA ILE D 233 33.96 -0.73 41.95
C ILE D 233 33.73 -1.17 40.50
N LEU D 234 34.57 -0.72 39.57
CA LEU D 234 34.77 -1.32 38.26
C LEU D 234 36.11 -2.04 38.26
N THR D 235 36.12 -3.31 37.89
CA THR D 235 37.28 -4.23 37.87
C THR D 235 37.29 -4.97 36.54
N PRO D 236 38.37 -5.67 36.12
CA PRO D 236 38.32 -6.44 34.89
C PRO D 236 37.26 -7.55 34.88
N LYS D 237 36.90 -8.14 36.04
CA LYS D 237 35.71 -9.01 36.18
C LYS D 237 34.40 -8.24 35.96
N GLY D 238 34.26 -7.04 36.50
CA GLY D 238 33.08 -6.22 36.28
C GLY D 238 32.88 -5.84 34.81
N LEU D 239 33.96 -5.47 34.10
CA LEU D 239 33.92 -5.14 32.67
C LEU D 239 33.37 -6.29 31.83
N GLN D 240 33.73 -7.54 32.13
CA GLN D 240 33.23 -8.72 31.43
C GLN D 240 31.71 -8.93 31.55
N THR D 241 30.99 -8.23 32.43
CA THR D 241 29.53 -8.39 32.55
C THR D 241 28.73 -7.70 31.44
N LEU D 242 29.34 -6.80 30.65
CA LEU D 242 28.62 -6.01 29.64
C LEU D 242 27.87 -6.86 28.60
N GLY D 243 28.30 -8.11 28.39
CA GLY D 243 27.70 -9.04 27.43
C GLY D 243 26.25 -9.42 27.72
N LEU D 244 25.76 -9.29 28.96
CA LEU D 244 24.41 -9.69 29.36
C LEU D 244 23.31 -9.07 28.49
N SER D 245 23.49 -7.82 28.06
CA SER D 245 22.69 -7.18 27.01
C SER D 245 23.53 -6.83 25.78
N GLY D 246 24.83 -6.53 25.94
CA GLY D 246 25.71 -6.10 24.85
C GLY D 246 25.97 -7.16 23.79
N LEU D 247 25.81 -8.45 24.09
CA LEU D 247 25.96 -9.55 23.12
C LEU D 247 24.66 -10.28 22.78
N GLY D 248 23.71 -10.38 23.72
CA GLY D 248 22.49 -11.16 23.52
C GLY D 248 21.29 -10.36 23.01
N SER D 249 21.25 -9.05 23.23
CA SER D 249 20.14 -8.18 22.79
C SER D 249 20.34 -7.67 21.36
N SER D 250 19.25 -7.32 20.70
CA SER D 250 19.17 -6.97 19.26
C SER D 250 19.95 -5.73 18.84
N THR D 251 20.08 -4.71 19.71
CA THR D 251 20.93 -3.52 19.48
C THR D 251 22.29 -3.61 20.17
N GLY D 252 22.62 -4.74 20.81
CA GLY D 252 23.76 -4.86 21.71
C GLY D 252 25.12 -4.59 21.04
N PHE D 253 25.39 -5.21 19.89
CA PHE D 253 26.66 -5.00 19.18
C PHE D 253 26.84 -3.54 18.78
N GLU D 254 25.75 -2.87 18.40
CA GLU D 254 25.76 -1.48 17.94
C GLU D 254 26.15 -0.55 19.09
N ARG D 255 25.44 -0.69 20.21
CA ARG D 255 25.69 0.12 21.40
C ARG D 255 27.03 -0.13 22.07
N LEU D 256 27.42 -1.38 22.21
CA LEU D 256 28.68 -1.73 22.86
C LEU D 256 29.89 -1.10 22.13
N HIS D 257 29.88 -1.05 20.79
CA HIS D 257 30.92 -0.34 20.05
C HIS D 257 30.91 1.17 20.37
N TYR D 258 29.75 1.84 20.30
CA TYR D 258 29.67 3.28 20.59
C TYR D 258 30.08 3.64 22.01
N MET D 259 29.92 2.74 22.98
CA MET D 259 30.42 2.97 24.34
C MET D 259 31.94 2.81 24.45
N LEU D 260 32.54 1.81 23.82
CA LEU D 260 33.99 1.62 23.80
C LEU D 260 34.74 2.73 23.03
N GLU D 261 34.08 3.53 22.19
CA GLU D 261 34.67 4.75 21.61
C GLU D 261 35.06 5.70 22.77
N ARG D 262 34.17 5.89 23.74
CA ARG D 262 34.43 6.77 24.87
C ARG D 262 34.93 6.00 26.09
N VAL D 263 36.24 5.88 26.20
CA VAL D 263 36.83 5.18 27.34
C VAL D 263 37.80 6.13 28.02
N TRP D 264 38.68 6.78 27.24
CA TRP D 264 39.73 7.62 27.87
C TRP D 264 39.34 9.10 27.84
N ASP D 265 39.98 9.91 28.68
CA ASP D 265 39.68 11.37 28.76
C ASP D 265 40.79 12.14 28.04
N PRO D 266 40.50 13.28 27.37
CA PRO D 266 41.52 14.01 26.61
C PRO D 266 42.45 14.87 27.47
N ILE D 267 43.71 15.02 27.05
CA ILE D 267 44.65 15.91 27.76
C ILE D 267 44.39 17.36 27.32
N LEU D 268 43.81 18.19 28.20
CA LEU D 268 43.55 19.60 27.98
C LEU D 268 44.72 20.47 28.43
N VAL D 269 45.31 20.18 29.59
CA VAL D 269 46.46 20.89 30.16
C VAL D 269 47.70 20.04 29.98
N THR D 270 48.75 20.58 29.34
CA THR D 270 49.95 19.79 29.04
C THR D 270 50.65 19.30 30.31
N GLY D 271 51.19 18.09 30.27
CA GLY D 271 51.75 17.40 31.44
C GLY D 271 50.74 16.62 32.29
N ALA D 272 49.41 16.76 32.10
CA ALA D 272 48.42 15.92 32.78
C ALA D 272 48.43 14.47 32.24
N PRO D 273 48.09 13.45 33.06
CA PRO D 273 48.15 12.04 32.67
C PRO D 273 46.94 11.56 31.85
N LYS D 274 47.09 10.40 31.19
CA LYS D 274 45.99 9.61 30.59
C LYS D 274 45.10 9.01 31.69
N CYS D 275 43.78 9.11 31.55
CA CYS D 275 42.81 8.76 32.59
C CYS D 275 41.50 8.20 32.02
N ILE D 276 40.83 7.34 32.78
CA ILE D 276 39.50 6.80 32.47
C ILE D 276 38.44 7.91 32.57
N SER D 277 37.53 7.97 31.61
CA SER D 277 36.57 9.08 31.48
C SER D 277 35.38 8.98 32.42
N GLN D 278 34.99 10.08 33.06
CA GLN D 278 33.75 10.14 33.86
C GLN D 278 32.50 9.78 33.06
N PHE D 279 32.47 10.03 31.75
CA PHE D 279 31.35 9.61 30.91
C PHE D 279 31.26 8.08 30.81
N PHE D 280 32.38 7.38 30.64
CA PHE D 280 32.39 5.92 30.61
C PHE D 280 32.00 5.33 31.97
N LEU D 281 32.53 5.85 33.08
CA LEU D 281 32.18 5.38 34.43
C LEU D 281 30.70 5.62 34.76
N ASN D 282 30.11 6.74 34.36
CA ASN D 282 28.68 6.99 34.50
C ASN D 282 27.84 6.07 33.61
N ALA D 283 28.25 5.84 32.36
CA ALA D 283 27.56 4.93 31.45
C ALA D 283 27.57 3.49 31.97
N PHE D 284 28.72 2.97 32.42
CA PHE D 284 28.81 1.64 33.03
C PHE D 284 27.90 1.51 34.25
N GLU D 285 27.95 2.48 35.17
CA GLU D 285 27.11 2.51 36.36
C GLU D 285 25.60 2.56 36.04
N SER D 286 25.23 2.87 34.80
CA SER D 286 23.85 2.98 34.31
C SER D 286 23.46 1.86 33.32
N TRP D 287 24.38 0.99 32.93
CA TRP D 287 24.18 -0.05 31.91
C TRP D 287 23.36 -1.23 32.43
N HIS D 288 23.71 -1.72 33.61
CA HIS D 288 23.03 -2.87 34.22
C HIS D 288 21.73 -2.52 34.92
N SER D 289 21.09 -3.52 35.50
CA SER D 289 19.81 -3.32 36.22
C SER D 289 19.78 -3.85 37.65
N PHE D 290 20.85 -4.50 38.15
CA PHE D 290 20.82 -5.20 39.44
C PHE D 290 20.60 -4.26 40.63
N ASP D 291 21.11 -3.03 40.56
CA ASP D 291 20.93 -2.01 41.60
C ASP D 291 19.49 -1.45 41.69
N THR D 292 18.60 -1.89 40.81
CA THR D 292 17.24 -1.38 40.64
C THR D 292 16.20 -2.49 40.70
N ASN D 293 16.50 -3.65 40.12
CA ASN D 293 15.68 -4.87 40.18
C ASN D 293 16.44 -6.02 40.88
N PRO D 294 16.72 -5.96 42.19
CA PRO D 294 17.64 -6.90 42.84
C PRO D 294 17.14 -8.34 42.92
N LEU D 295 15.85 -8.61 42.72
CA LEU D 295 15.34 -9.98 42.58
C LEU D 295 15.90 -10.67 41.33
N TYR D 296 16.32 -9.92 40.31
CA TYR D 296 17.05 -10.48 39.17
C TYR D 296 18.45 -10.98 39.54
N ALA D 297 19.03 -10.53 40.66
CA ALA D 297 20.28 -11.09 41.20
C ALA D 297 20.02 -12.23 42.19
N LEU D 298 19.10 -12.03 43.15
CA LEU D 298 18.87 -12.96 44.26
C LEU D 298 18.19 -14.26 43.85
N LEU D 299 17.15 -14.20 43.01
CA LEU D 299 16.31 -15.36 42.67
C LEU D 299 16.62 -15.99 41.30
N HIS D 300 17.71 -15.60 40.63
CA HIS D 300 17.98 -16.03 39.26
C HIS D 300 18.22 -17.53 39.10
N GLU D 301 19.13 -18.14 39.85
CA GLU D 301 19.35 -19.59 39.74
C GLU D 301 18.18 -20.41 40.31
N ALA D 302 17.43 -19.86 41.26
CA ALA D 302 16.32 -20.53 41.92
C ALA D 302 15.14 -20.86 40.98
N ILE D 303 15.07 -20.28 39.78
CA ILE D 303 14.07 -20.64 38.76
C ILE D 303 14.29 -22.05 38.17
N TYR D 304 15.48 -22.64 38.34
CA TYR D 304 15.80 -24.00 37.89
C TYR D 304 15.67 -25.06 38.99
N CYS D 305 15.68 -24.69 40.27
CA CYS D 305 15.63 -25.61 41.39
C CYS D 305 14.24 -26.22 41.59
N GLU D 306 14.17 -27.54 41.67
CA GLU D 306 12.94 -28.31 41.78
C GLU D 306 13.07 -29.48 42.80
N GLY D 307 14.01 -29.37 43.73
CA GLY D 307 14.30 -30.40 44.74
C GLY D 307 15.75 -30.43 45.24
N ALA D 308 16.66 -29.62 44.66
CA ALA D 308 18.03 -29.46 45.11
C ALA D 308 18.54 -28.01 44.94
N SER D 309 19.48 -27.58 45.77
CA SER D 309 20.12 -26.26 45.71
C SER D 309 20.99 -26.10 44.45
N SER D 310 21.13 -24.86 43.95
CA SER D 310 22.04 -24.57 42.84
C SER D 310 23.50 -24.36 43.30
N GLY D 311 23.72 -23.87 44.52
CA GLY D 311 25.05 -23.71 45.12
C GLY D 311 25.98 -22.78 44.35
N TRP D 312 25.47 -21.70 43.74
CA TRP D 312 26.20 -20.86 42.78
C TRP D 312 26.69 -21.66 41.57
N SER D 313 25.77 -22.23 40.82
CA SER D 313 26.04 -23.18 39.73
C SER D 313 26.83 -22.56 38.58
N ALA D 314 26.55 -21.32 38.20
CA ALA D 314 27.32 -20.61 37.17
C ALA D 314 28.77 -20.38 37.59
N HIS D 315 29.01 -20.07 38.86
CA HIS D 315 30.36 -19.83 39.39
C HIS D 315 31.22 -21.08 39.45
N ARG D 316 30.65 -22.26 39.74
CA ARG D 316 31.36 -23.53 39.55
C ARG D 316 31.74 -23.71 38.09
N LEU D 317 30.76 -23.62 37.19
CA LEU D 317 30.96 -23.98 35.78
C LEU D 317 31.88 -23.03 35.02
N ARG D 318 32.05 -21.79 35.48
CA ARG D 318 33.10 -20.92 34.94
C ARG D 318 34.47 -21.58 35.00
N ASP D 319 34.81 -22.33 36.06
CA ASP D 319 36.09 -23.03 36.18
C ASP D 319 36.34 -24.07 35.09
N LYS D 320 35.29 -24.64 34.48
CA LYS D 320 35.39 -25.56 33.34
C LYS D 320 35.84 -24.85 32.05
N TYR D 321 35.62 -23.55 31.93
CA TYR D 321 35.94 -22.72 30.75
C TYR D 321 36.92 -21.57 31.02
N GLU D 322 37.42 -21.42 32.26
CA GLU D 322 38.17 -20.22 32.67
C GLU D 322 39.51 -20.04 31.94
N TYR D 323 40.02 -21.07 31.26
CA TYR D 323 41.18 -20.96 30.37
C TYR D 323 40.98 -19.92 29.25
N LYS D 324 39.75 -19.74 28.76
CA LYS D 324 39.37 -18.67 27.82
C LYS D 324 38.63 -17.50 28.46
N PHE D 325 37.88 -17.71 29.55
CA PHE D 325 37.13 -16.63 30.22
C PHE D 325 37.91 -15.81 31.25
N ASP D 326 39.13 -16.18 31.66
CA ASP D 326 39.95 -15.29 32.49
C ASP D 326 40.50 -14.10 31.69
N ALA D 327 40.08 -12.88 32.05
CA ALA D 327 40.56 -11.65 31.43
C ALA D 327 42.09 -11.48 31.55
N MET D 328 42.68 -11.94 32.65
CA MET D 328 44.12 -11.81 32.88
C MET D 328 44.95 -12.80 32.05
N LYS D 329 44.44 -14.01 31.78
CA LYS D 329 45.07 -14.91 30.81
C LYS D 329 44.94 -14.36 29.40
N ALA D 330 43.80 -13.78 29.05
CA ALA D 330 43.63 -13.19 27.73
C ALA D 330 44.69 -12.13 27.41
N VAL D 331 44.87 -11.12 28.28
CA VAL D 331 45.86 -10.06 28.04
C VAL D 331 47.31 -10.58 28.08
N LYS D 332 47.63 -11.59 28.89
CA LYS D 332 48.97 -12.21 28.95
C LYS D 332 49.32 -12.96 27.67
N GLU D 333 48.38 -13.74 27.13
CA GLU D 333 48.58 -14.59 25.95
C GLU D 333 48.28 -13.87 24.61
N SER D 334 47.96 -12.57 24.64
CA SER D 334 47.53 -11.77 23.47
C SER D 334 46.24 -12.25 22.79
N GLN D 335 45.36 -12.93 23.53
CA GLN D 335 44.01 -13.29 23.08
C GLN D 335 43.04 -12.11 23.31
N PRO D 336 41.93 -12.00 22.56
CA PRO D 336 40.85 -11.10 22.95
C PRO D 336 40.24 -11.53 24.29
N VAL D 337 39.83 -10.55 25.10
CA VAL D 337 39.00 -10.72 26.30
C VAL D 337 37.59 -11.14 25.89
N LEU D 338 36.93 -12.03 26.63
CA LEU D 338 35.55 -12.45 26.35
C LEU D 338 34.56 -11.84 27.34
N PHE D 339 33.45 -11.27 26.86
CA PHE D 339 32.32 -10.87 27.71
C PHE D 339 31.42 -12.06 28.06
N THR D 340 30.58 -11.92 29.09
CA THR D 340 29.70 -12.95 29.68
C THR D 340 28.25 -12.45 29.75
N GLY D 341 27.25 -13.32 29.94
CA GLY D 341 25.86 -12.84 30.00
C GLY D 341 24.79 -13.84 30.48
N GLU D 342 23.71 -13.29 31.06
CA GLU D 342 22.58 -14.02 31.71
C GLU D 342 23.00 -14.94 32.87
N MET D 343 24.19 -14.72 33.41
CA MET D 343 24.78 -15.49 34.50
C MET D 343 25.35 -14.54 35.55
N ILE D 344 25.22 -14.94 36.82
CA ILE D 344 25.57 -14.13 38.00
C ILE D 344 26.60 -14.85 38.87
N PHE D 345 27.42 -14.08 39.57
CA PHE D 345 28.57 -14.60 40.31
C PHE D 345 28.61 -14.03 41.73
N PRO D 346 29.10 -14.78 42.74
CA PRO D 346 29.17 -14.32 44.12
C PRO D 346 29.79 -12.94 44.31
N TRP D 347 30.87 -12.60 43.61
CA TRP D 347 31.55 -11.32 43.73
C TRP D 347 30.70 -10.12 43.30
N MET D 348 29.59 -10.29 42.59
CA MET D 348 28.70 -9.16 42.28
C MET D 348 28.09 -8.54 43.54
N PHE D 349 27.88 -9.34 44.59
CA PHE D 349 27.43 -8.86 45.89
C PHE D 349 28.55 -8.15 46.68
N ASP D 350 29.78 -8.10 46.16
CA ASP D 350 30.88 -7.26 46.66
C ASP D 350 31.06 -6.00 45.80
N GLU D 351 31.05 -6.09 44.47
CA GLU D 351 31.37 -4.91 43.65
C GLU D 351 30.21 -3.93 43.45
N ILE D 352 28.96 -4.39 43.46
CA ILE D 352 27.79 -3.54 43.20
C ILE D 352 27.27 -3.00 44.54
N HIS D 353 27.41 -1.69 44.77
CA HIS D 353 27.15 -1.06 46.08
C HIS D 353 25.74 -1.29 46.61
N ALA D 354 24.71 -1.24 45.75
CA ALA D 354 23.33 -1.51 46.15
C ALA D 354 23.05 -2.96 46.59
N LEU D 355 23.91 -3.93 46.25
CA LEU D 355 23.77 -5.33 46.67
C LEU D 355 24.55 -5.68 47.96
N LYS D 356 25.44 -4.80 48.45
CA LYS D 356 26.28 -5.03 49.64
C LYS D 356 25.54 -5.61 50.85
N PRO D 357 24.39 -5.07 51.31
CA PRO D 357 23.70 -5.59 52.49
C PRO D 357 23.01 -6.95 52.30
N PHE D 358 22.95 -7.49 51.08
CA PHE D 358 22.25 -8.76 50.78
C PHE D 358 23.20 -9.94 50.53
N LYS D 359 24.48 -9.76 50.81
CA LYS D 359 25.49 -10.82 50.63
C LYS D 359 25.21 -12.09 51.42
N ALA D 360 24.70 -11.93 52.64
CA ALA D 360 24.33 -13.05 53.51
C ALA D 360 23.06 -13.78 53.04
N ALA D 361 21.97 -13.06 52.79
CA ALA D 361 20.70 -13.65 52.35
C ALA D 361 20.81 -14.37 50.99
N ALA D 362 21.64 -13.86 50.08
CA ALA D 362 21.90 -14.52 48.81
C ALA D 362 22.50 -15.92 48.96
N ASP D 363 23.36 -16.15 49.96
CA ASP D 363 23.89 -17.49 50.26
C ASP D 363 22.85 -18.40 50.90
N LEU D 364 21.98 -17.91 51.77
CA LEU D 364 20.89 -18.71 52.34
C LEU D 364 19.93 -19.21 51.26
N LEU D 365 19.70 -18.44 50.20
CA LEU D 365 19.00 -18.88 48.99
C LEU D 365 19.83 -19.89 48.19
N ALA D 366 21.10 -19.60 47.90
CA ALA D 366 21.96 -20.50 47.13
C ALA D 366 22.14 -21.89 47.76
N LYS D 367 22.05 -22.01 49.09
CA LYS D 367 22.14 -23.28 49.84
C LYS D 367 20.81 -23.98 50.11
N LYS D 368 19.64 -23.40 49.80
CA LYS D 368 18.34 -24.04 50.10
C LYS D 368 18.16 -25.30 49.26
N GLU D 369 17.98 -26.46 49.89
CA GLU D 369 17.70 -27.71 49.17
C GLU D 369 16.20 -27.90 48.89
N ASP D 370 15.34 -27.56 49.86
CA ASP D 370 13.91 -27.88 49.88
C ASP D 370 13.03 -26.92 49.05
N TRP D 371 13.36 -26.70 47.78
CA TRP D 371 12.49 -25.97 46.85
C TRP D 371 11.30 -26.83 46.40
N PRO D 372 10.04 -26.35 46.49
CA PRO D 372 8.88 -27.07 45.96
C PRO D 372 8.90 -27.18 44.42
N PRO D 373 8.11 -28.11 43.83
CA PRO D 373 8.12 -28.35 42.39
C PRO D 373 7.52 -27.20 41.54
N LEU D 374 7.89 -27.13 40.26
CA LEU D 374 7.44 -26.09 39.34
C LEU D 374 6.66 -26.63 38.13
N TYR D 375 6.87 -27.90 37.74
CA TYR D 375 6.27 -28.51 36.55
C TYR D 375 5.70 -29.90 36.84
N ASP D 376 4.85 -30.40 35.96
CA ASP D 376 4.24 -31.72 36.09
C ASP D 376 4.32 -32.51 34.78
N VAL D 377 5.42 -33.20 34.53
CA VAL D 377 5.72 -33.86 33.25
C VAL D 377 4.64 -34.88 32.83
N PRO D 378 4.09 -35.74 33.69
CA PRO D 378 2.97 -36.60 33.34
C PRO D 378 1.71 -35.87 32.85
N ARG D 379 1.51 -34.64 33.29
CA ARG D 379 0.37 -33.86 32.82
C ARG D 379 0.72 -33.24 31.46
N LEU D 380 1.89 -32.63 31.33
CA LEU D 380 2.32 -32.00 30.08
C LEU D 380 2.35 -33.02 28.93
N GLN D 381 2.68 -34.28 29.23
CA GLN D 381 2.61 -35.38 28.27
C GLN D 381 1.17 -35.80 27.90
N ASN D 382 0.18 -35.19 28.54
CA ASN D 382 -1.23 -35.48 28.27
C ASN D 382 -2.10 -34.25 27.97
N ASN D 383 -1.44 -33.11 27.79
CA ASN D 383 -2.06 -31.81 27.58
C ASN D 383 -3.15 -31.73 26.50
N LYS D 384 -4.22 -30.95 26.77
CA LYS D 384 -5.30 -30.64 25.82
C LYS D 384 -5.34 -29.14 25.35
N VAL D 385 -4.71 -28.22 26.08
CA VAL D 385 -4.68 -26.78 25.78
C VAL D 385 -3.78 -26.54 24.56
N PRO D 386 -4.20 -25.81 23.50
CA PRO D 386 -3.33 -25.51 22.36
C PRO D 386 -2.12 -24.66 22.75
N VAL D 387 -0.93 -24.95 22.21
CA VAL D 387 0.31 -24.22 22.52
C VAL D 387 1.07 -23.87 21.26
N ALA D 388 1.50 -22.63 21.11
CA ALA D 388 2.39 -22.19 20.03
C ALA D 388 3.66 -21.56 20.60
N ALA D 389 4.83 -21.85 20.03
CA ALA D 389 6.09 -21.29 20.51
C ALA D 389 7.01 -20.76 19.41
N ALA D 390 7.61 -19.59 19.62
CA ALA D 390 8.72 -19.09 18.81
C ALA D 390 10.04 -19.53 19.45
N VAL D 391 10.85 -20.27 18.72
CA VAL D 391 12.12 -20.82 19.17
C VAL D 391 13.24 -20.22 18.35
N TYR D 392 14.20 -19.59 18.99
CA TYR D 392 15.27 -18.89 18.29
C TYR D 392 16.51 -19.79 18.24
N TYR D 393 17.05 -20.03 17.04
CA TYR D 393 18.10 -21.04 16.84
C TYR D 393 19.45 -20.65 17.46
N GLU D 394 19.76 -19.35 17.59
CA GLU D 394 21.04 -18.86 18.11
C GLU D 394 20.84 -17.91 19.29
N ASP D 395 20.27 -18.46 20.37
CA ASP D 395 19.87 -17.75 21.59
C ASP D 395 20.81 -18.11 22.75
N MET D 396 21.41 -17.12 23.41
CA MET D 396 22.30 -17.35 24.55
C MET D 396 21.60 -17.41 25.90
N TYR D 397 20.34 -16.98 26.00
CA TYR D 397 19.59 -16.97 27.26
C TYR D 397 18.94 -18.33 27.53
N VAL D 398 18.36 -18.98 26.51
CA VAL D 398 17.86 -20.36 26.58
C VAL D 398 18.41 -21.19 25.41
N ASN D 399 19.04 -22.34 25.69
CA ASN D 399 19.74 -23.10 24.66
C ASN D 399 18.79 -23.94 23.81
N PHE D 400 19.01 -23.98 22.49
CA PHE D 400 18.11 -24.64 21.55
C PHE D 400 17.93 -26.14 21.81
N LYS D 401 18.99 -26.86 22.13
CA LYS D 401 18.87 -28.29 22.41
C LYS D 401 17.91 -28.56 23.60
N LEU D 402 18.10 -27.84 24.69
CA LEU D 402 17.27 -27.95 25.89
C LEU D 402 15.79 -27.64 25.61
N VAL D 403 15.51 -26.70 24.71
CA VAL D 403 14.16 -26.41 24.24
C VAL D 403 13.60 -27.60 23.46
N THR D 404 14.27 -28.06 22.41
CA THR D 404 13.70 -29.09 21.52
C THR D 404 13.56 -30.45 22.21
N GLU D 405 14.41 -30.72 23.20
CA GLU D 405 14.30 -31.95 23.98
C GLU D 405 13.03 -31.88 24.85
N THR D 406 12.77 -30.73 25.46
CA THR D 406 11.60 -30.49 26.30
C THR D 406 10.32 -30.46 25.49
N ALA D 407 10.35 -29.91 24.28
CA ALA D 407 9.15 -29.82 23.44
C ALA D 407 8.55 -31.19 23.11
N SER D 408 9.35 -32.25 23.12
CA SER D 408 8.86 -33.63 22.95
C SER D 408 7.92 -34.11 24.08
N HIS D 409 7.94 -33.46 25.25
CA HIS D 409 7.12 -33.80 26.42
C HIS D 409 5.85 -32.95 26.57
N ILE D 410 5.58 -31.99 25.69
CA ILE D 410 4.29 -31.28 25.66
C ILE D 410 3.47 -31.92 24.53
N SER D 411 2.23 -32.34 24.76
CA SER D 411 1.52 -33.20 23.79
C SER D 411 1.26 -32.59 22.42
N GLY D 412 0.64 -31.41 22.37
CA GLY D 412 0.12 -30.81 21.14
C GLY D 412 0.90 -29.60 20.63
N ILE D 413 2.07 -29.31 21.19
CA ILE D 413 2.80 -28.07 20.91
C ILE D 413 3.21 -27.95 19.44
N ARG D 414 2.97 -26.78 18.84
CA ARG D 414 3.50 -26.38 17.54
C ARG D 414 4.52 -25.28 17.74
N LEU D 415 5.62 -25.32 17.01
CA LEU D 415 6.68 -24.34 17.18
C LEU D 415 7.36 -24.01 15.86
N TRP D 416 7.82 -22.76 15.72
CA TRP D 416 8.71 -22.39 14.63
C TRP D 416 10.09 -22.06 15.15
N VAL D 417 11.06 -22.84 14.70
CA VAL D 417 12.48 -22.53 14.77
C VAL D 417 12.75 -21.42 13.77
N THR D 418 13.39 -20.33 14.18
CA THR D 418 13.95 -19.36 13.24
C THR D 418 15.30 -18.83 13.71
N ASN D 419 16.17 -18.59 12.74
CA ASN D 419 17.46 -17.93 12.91
C ASN D 419 17.38 -16.40 12.82
N GLU D 420 16.27 -15.84 12.30
CA GLU D 420 16.21 -14.43 11.88
C GLU D 420 16.04 -13.41 13.03
N PHE D 421 15.88 -13.86 14.28
CA PHE D 421 15.67 -13.02 15.46
C PHE D 421 16.58 -13.40 16.62
N MET D 422 17.01 -12.37 17.36
CA MET D 422 17.63 -12.48 18.68
C MET D 422 16.54 -12.67 19.75
N HIS D 423 16.91 -12.93 21.00
CA HIS D 423 15.97 -13.14 22.13
C HIS D 423 14.97 -11.98 22.35
N SER D 424 15.33 -10.76 21.95
CA SER D 424 14.50 -9.55 22.02
C SER D 424 13.36 -9.48 20.98
N GLY D 425 13.21 -10.49 20.13
CA GLY D 425 12.33 -10.46 18.94
C GLY D 425 10.84 -10.19 19.17
N LEU D 426 10.29 -10.24 20.39
CA LEU D 426 8.92 -9.75 20.62
C LEU D 426 8.83 -8.22 20.67
N ARG D 427 9.97 -7.55 20.83
CA ARG D 427 10.00 -6.08 20.84
C ARG D 427 10.37 -5.55 19.45
N ASP D 428 11.37 -6.18 18.85
CA ASP D 428 11.87 -5.88 17.52
C ASP D 428 11.08 -6.64 16.45
N ALA D 429 10.21 -5.95 15.73
CA ALA D 429 9.21 -6.55 14.85
C ALA D 429 8.24 -7.52 15.56
N GLY D 430 7.74 -7.13 16.73
CA GLY D 430 6.79 -7.91 17.52
C GLY D 430 5.45 -8.20 16.86
N ARG D 431 5.00 -7.30 16.01
CA ARG D 431 3.74 -7.47 15.30
C ARG D 431 3.65 -8.80 14.56
N GLN D 432 4.65 -9.09 13.74
CA GLN D 432 4.68 -10.32 12.95
C GLN D 432 4.90 -11.59 13.80
N ILE D 433 5.49 -11.50 14.99
CA ILE D 433 5.53 -12.64 15.92
C ILE D 433 4.12 -13.01 16.36
N ILE D 434 3.30 -12.04 16.76
CA ILE D 434 1.91 -12.29 17.18
C ILE D 434 1.07 -12.84 16.03
N ASP D 435 1.19 -12.28 14.83
CA ASP D 435 0.52 -12.83 13.64
C ASP D 435 0.93 -14.29 13.36
N HIS D 436 2.22 -14.61 13.42
CA HIS D 436 2.69 -15.96 13.10
C HIS D 436 2.27 -16.99 14.16
N LEU D 437 2.38 -16.66 15.45
CA LEU D 437 1.97 -17.57 16.52
C LEU D 437 0.45 -17.74 16.61
N LEU D 438 -0.35 -16.68 16.48
CA LEU D 438 -1.80 -16.84 16.41
C LEU D 438 -2.22 -17.65 15.18
N GLY D 439 -1.57 -17.46 14.03
CA GLY D 439 -1.91 -18.15 12.79
C GLY D 439 -1.87 -19.67 12.88
N MET D 440 -0.98 -20.26 13.67
CA MET D 440 -0.92 -21.70 13.91
C MET D 440 -2.13 -22.24 14.67
N ILE D 441 -2.52 -21.55 15.75
CA ILE D 441 -3.64 -21.97 16.61
C ILE D 441 -4.99 -21.68 15.96
N ASN D 442 -5.12 -20.54 15.29
CA ASN D 442 -6.33 -20.08 14.62
C ASN D 442 -6.70 -20.94 13.39
N GLY D 443 -5.71 -21.62 12.78
CA GLY D 443 -5.92 -22.51 11.63
C GLY D 443 -5.59 -21.92 10.27
N LYS D 444 -4.91 -20.76 10.23
CA LYS D 444 -4.47 -20.10 8.99
C LYS D 444 -3.27 -20.77 8.35
N LYS D 445 -2.40 -21.39 9.15
CA LYS D 445 -1.29 -22.24 8.71
C LYS D 445 -1.40 -23.63 9.36
N PRO D 446 -2.29 -24.52 8.87
CA PRO D 446 -2.58 -25.82 9.51
C PRO D 446 -1.36 -26.75 9.51
N LEU D 447 -1.42 -27.87 10.23
CA LEU D 447 -0.28 -28.75 10.47
C LEU D 447 0.47 -29.13 9.18
N PHE D 448 1.78 -28.91 9.21
CA PHE D 448 2.62 -28.60 8.04
C PHE D 448 3.77 -29.60 7.88
N GLU E 1 32.05 -23.36 -31.05
CA GLU E 1 30.83 -23.03 -31.82
C GLU E 1 29.69 -22.61 -30.89
N HIS E 2 28.98 -21.54 -31.27
CA HIS E 2 28.03 -20.79 -30.42
C HIS E 2 27.04 -20.06 -31.32
N VAL E 3 25.74 -20.18 -31.07
CA VAL E 3 24.69 -19.50 -31.84
C VAL E 3 23.60 -18.99 -30.92
N THR E 4 22.86 -17.97 -31.35
CA THR E 4 21.77 -17.39 -30.56
C THR E 4 20.59 -16.93 -31.41
N GLY E 5 19.39 -17.07 -30.85
CA GLY E 5 18.13 -16.82 -31.55
C GLY E 5 17.67 -15.37 -31.49
N LYS E 6 16.54 -15.08 -32.11
CA LYS E 6 16.05 -13.72 -32.03
C LYS E 6 15.24 -13.62 -30.75
N TRP E 7 15.15 -12.43 -30.16
CA TRP E 7 14.33 -12.20 -28.97
C TRP E 7 12.86 -12.54 -29.25
N PHE E 8 12.16 -13.08 -28.26
CA PHE E 8 10.72 -13.26 -28.26
C PHE E 8 10.14 -12.83 -26.91
N SER E 9 8.82 -12.69 -26.82
CA SER E 9 8.15 -12.08 -25.68
C SER E 9 7.19 -13.05 -25.00
N VAL E 10 7.04 -12.85 -23.71
CA VAL E 10 6.11 -13.49 -22.78
C VAL E 10 5.64 -12.35 -21.84
N PRO E 11 4.43 -12.32 -21.28
CA PRO E 11 3.96 -11.16 -20.52
C PRO E 11 4.95 -10.63 -19.46
N GLU E 12 5.38 -9.38 -19.65
CA GLU E 12 6.40 -8.66 -18.87
C GLU E 12 7.84 -9.21 -18.90
N LEU E 13 8.13 -10.14 -19.81
CA LEU E 13 9.47 -10.71 -19.90
C LEU E 13 9.93 -10.91 -21.34
N ARG E 14 11.22 -10.72 -21.59
CA ARG E 14 11.76 -10.92 -22.94
C ARG E 14 12.83 -12.01 -22.93
N LEU E 15 12.57 -13.14 -23.58
CA LEU E 15 13.51 -14.25 -23.60
C LEU E 15 14.36 -14.36 -24.87
N ARG E 16 15.36 -15.23 -24.82
CA ARG E 16 16.29 -15.47 -25.93
C ARG E 16 17.10 -16.75 -25.67
N ASP E 17 17.26 -17.58 -26.70
CA ASP E 17 18.03 -18.81 -26.55
C ASP E 17 19.45 -18.72 -27.12
N HIS E 18 20.38 -19.39 -26.45
CA HIS E 18 21.77 -19.59 -26.85
C HIS E 18 22.06 -21.08 -26.87
N ARG E 19 22.82 -21.55 -27.87
CA ARG E 19 23.19 -22.96 -28.00
C ARG E 19 24.70 -23.08 -28.20
N PHE E 20 25.31 -23.98 -27.45
CA PHE E 20 26.77 -24.14 -27.34
C PHE E 20 27.13 -25.56 -27.72
N ILE E 21 28.27 -25.77 -28.38
CA ILE E 21 28.81 -27.10 -28.66
C ILE E 21 30.00 -27.36 -27.73
N VAL E 22 29.90 -28.45 -26.97
CA VAL E 22 30.70 -28.75 -25.76
C VAL E 22 31.23 -30.19 -25.88
N PRO E 23 32.43 -30.56 -25.39
CA PRO E 23 32.85 -31.95 -25.41
C PRO E 23 32.00 -32.84 -24.49
N LEU E 24 31.79 -34.10 -24.87
CA LEU E 24 31.11 -35.08 -24.04
C LEU E 24 31.86 -35.30 -22.74
N ASP E 25 33.17 -35.48 -22.84
CA ASP E 25 34.09 -35.59 -21.72
C ASP E 25 35.30 -34.70 -21.96
N TYR E 26 35.71 -33.94 -20.95
CA TYR E 26 36.94 -33.16 -20.96
C TYR E 26 38.17 -34.09 -20.83
N SER E 27 39.37 -33.53 -21.00
CA SER E 27 40.63 -34.29 -21.21
C SER E 27 40.69 -35.10 -22.52
N LYS E 28 39.67 -35.01 -23.37
CA LYS E 28 39.56 -35.57 -24.73
C LYS E 28 38.98 -34.51 -25.67
N SER E 29 39.20 -34.65 -26.97
CA SER E 29 38.77 -33.65 -27.96
C SER E 29 37.38 -33.91 -28.57
N SER E 30 36.79 -35.09 -28.35
CA SER E 30 35.56 -35.57 -29.00
C SER E 30 34.98 -36.79 -28.26
N PRO E 31 33.72 -37.20 -28.52
CA PRO E 31 32.72 -36.53 -29.35
C PRO E 31 32.11 -35.29 -28.69
N LYS E 32 31.36 -34.50 -29.46
CA LYS E 32 30.67 -33.29 -29.00
C LYS E 32 29.26 -33.58 -28.47
N ILE E 33 28.67 -32.58 -27.83
CA ILE E 33 27.33 -32.49 -27.23
C ILE E 33 26.82 -31.06 -27.48
N THR E 34 25.52 -30.85 -27.58
CA THR E 34 24.91 -29.50 -27.54
C THR E 34 24.34 -29.20 -26.16
N VAL E 35 24.54 -27.98 -25.69
CA VAL E 35 24.02 -27.47 -24.41
C VAL E 35 23.25 -26.19 -24.66
N PHE E 36 22.07 -26.07 -24.05
CA PHE E 36 21.11 -25.01 -24.24
C PHE E 36 20.96 -24.15 -23.00
N ALA E 37 20.99 -22.83 -23.16
CA ALA E 37 20.66 -21.87 -22.11
C ALA E 37 19.70 -20.78 -22.63
N ARG E 38 18.87 -20.24 -21.74
CA ARG E 38 17.95 -19.19 -22.12
C ARG E 38 18.09 -17.91 -21.29
N GLU E 39 18.53 -16.82 -21.93
CA GLU E 39 18.68 -15.54 -21.25
C GLU E 39 17.31 -14.85 -21.10
N ILE E 40 17.04 -14.24 -19.95
CA ILE E 40 15.80 -13.52 -19.66
C ILE E 40 16.13 -12.14 -19.09
N VAL E 41 15.41 -11.11 -19.56
CA VAL E 41 15.48 -9.75 -19.04
C VAL E 41 14.08 -9.15 -18.90
N ALA E 42 13.91 -8.17 -18.04
CA ALA E 42 12.67 -7.39 -17.99
C ALA E 42 12.55 -6.49 -19.22
N VAL E 43 11.33 -6.00 -19.49
CA VAL E 43 10.98 -5.27 -20.71
C VAL E 43 11.91 -4.07 -20.96
N GLY E 44 12.42 -3.96 -22.19
CA GLY E 44 13.21 -2.81 -22.66
C GLY E 44 14.71 -2.84 -22.33
N LYS E 45 15.19 -3.76 -21.48
CA LYS E 45 16.58 -3.83 -21.03
C LYS E 45 17.50 -4.71 -21.89
N GLU E 46 17.08 -5.19 -23.05
CA GLU E 46 17.86 -6.12 -23.89
C GLU E 46 19.29 -5.64 -24.20
N GLU E 47 19.48 -4.35 -24.44
CA GLU E 47 20.80 -3.76 -24.75
C GLU E 47 21.59 -3.32 -23.52
N GLN E 48 20.97 -3.23 -22.34
CA GLN E 48 21.59 -2.66 -21.14
C GLN E 48 22.53 -3.65 -20.44
N ALA E 49 23.75 -3.21 -20.13
CA ALA E 49 24.73 -4.00 -19.39
C ALA E 49 24.37 -4.06 -17.90
N MET E 50 24.31 -5.27 -17.36
CA MET E 50 23.93 -5.58 -15.98
C MET E 50 24.72 -6.80 -15.48
N PRO E 51 24.79 -7.06 -14.17
CA PRO E 51 25.29 -8.33 -13.67
C PRO E 51 24.40 -9.47 -14.15
N TYR E 52 25.00 -10.66 -14.28
CA TYR E 52 24.33 -11.90 -14.64
C TYR E 52 23.97 -12.73 -13.41
N LEU E 53 22.88 -13.51 -13.48
CA LEU E 53 22.62 -14.58 -12.54
C LEU E 53 22.40 -15.89 -13.27
N LEU E 54 22.98 -16.99 -12.81
CA LEU E 54 22.76 -18.34 -13.34
C LEU E 54 21.85 -19.10 -12.38
N TYR E 55 20.81 -19.76 -12.89
CA TYR E 55 19.98 -20.67 -12.10
C TYR E 55 20.33 -22.12 -12.44
N LEU E 56 20.71 -22.89 -11.42
CA LEU E 56 20.97 -24.33 -11.53
C LEU E 56 19.76 -25.12 -10.98
N GLN E 57 19.12 -25.90 -11.85
CA GLN E 57 17.85 -26.57 -11.58
C GLN E 57 17.95 -27.73 -10.59
N GLY E 58 16.87 -27.98 -9.85
CA GLY E 58 16.92 -28.68 -8.57
C GLY E 58 16.81 -30.20 -8.55
N GLY E 59 16.32 -30.85 -9.60
CA GLY E 59 16.31 -32.33 -9.66
C GLY E 59 17.44 -32.83 -10.54
N PRO E 60 18.15 -33.92 -10.19
CA PRO E 60 19.03 -34.57 -11.15
C PRO E 60 18.17 -35.09 -12.30
N GLY E 61 18.38 -34.59 -13.52
CA GLY E 61 17.59 -34.98 -14.69
C GLY E 61 16.41 -34.06 -15.06
N PHE E 62 16.30 -32.85 -14.52
CA PHE E 62 15.19 -31.92 -14.80
C PHE E 62 15.61 -30.68 -15.61
N GLU E 63 14.81 -30.33 -16.62
CA GLU E 63 14.92 -29.09 -17.40
C GLU E 63 14.51 -27.83 -16.62
N GLY E 64 14.94 -26.65 -17.07
CA GLY E 64 14.73 -25.37 -16.38
C GLY E 64 13.29 -24.85 -16.32
N PRO E 65 13.04 -23.70 -15.66
CA PRO E 65 11.71 -23.25 -15.27
C PRO E 65 10.65 -23.03 -16.37
N ARG E 66 11.05 -22.61 -17.58
CA ARG E 66 10.17 -22.39 -18.75
C ARG E 66 8.92 -21.51 -18.45
N PRO E 67 9.11 -20.22 -18.14
CA PRO E 67 8.06 -19.36 -17.58
C PRO E 67 6.99 -18.93 -18.58
N SER E 68 5.74 -18.81 -18.12
CA SER E 68 4.57 -18.33 -18.88
C SER E 68 4.22 -16.85 -18.64
N GLU E 69 4.69 -16.23 -17.55
CA GLU E 69 4.53 -14.81 -17.19
C GLU E 69 5.66 -14.41 -16.23
N ALA E 70 5.96 -13.12 -16.10
CA ALA E 70 6.77 -12.66 -14.97
C ALA E 70 6.03 -12.94 -13.64
N SER E 71 6.59 -13.83 -12.82
CA SER E 71 6.03 -14.20 -11.52
C SER E 71 7.11 -14.74 -10.58
N GLY E 72 6.85 -14.79 -9.28
CA GLY E 72 7.73 -15.41 -8.28
C GLY E 72 9.15 -14.86 -8.27
N TRP E 73 10.15 -15.73 -8.13
CA TRP E 73 11.54 -15.30 -8.04
C TRP E 73 12.07 -14.71 -9.35
N ILE E 74 11.58 -15.14 -10.54
CA ILE E 74 12.01 -14.59 -11.82
C ILE E 74 11.55 -13.13 -11.96
N GLN E 75 10.36 -12.78 -11.50
CA GLN E 75 9.92 -11.38 -11.50
C GLN E 75 10.87 -10.50 -10.69
N ARG E 76 11.29 -10.95 -9.52
CA ARG E 76 12.24 -10.24 -8.65
C ARG E 76 13.63 -10.15 -9.30
N ALA E 77 14.24 -11.28 -9.66
CA ALA E 77 15.62 -11.30 -10.14
C ALA E 77 15.87 -10.38 -11.36
N CYS E 78 14.90 -10.25 -12.27
CA CYS E 78 15.03 -9.41 -13.46
C CYS E 78 14.97 -7.90 -13.18
N GLU E 79 14.69 -7.48 -11.94
CA GLU E 79 14.88 -6.09 -11.50
C GLU E 79 16.37 -5.70 -11.37
N GLU E 80 17.27 -6.68 -11.33
CA GLU E 80 18.68 -6.51 -10.97
C GLU E 80 19.68 -7.25 -11.87
N PHE E 81 19.36 -8.46 -12.33
CA PHE E 81 20.28 -9.22 -13.17
C PHE E 81 19.67 -9.72 -14.48
N ARG E 82 20.53 -10.27 -15.34
CA ARG E 82 20.12 -10.83 -16.61
C ARG E 82 20.13 -12.34 -16.46
N VAL E 83 19.09 -12.85 -15.82
CA VAL E 83 18.95 -14.28 -15.53
C VAL E 83 19.11 -15.27 -16.68
N VAL E 84 20.04 -16.21 -16.48
CA VAL E 84 20.31 -17.30 -17.41
C VAL E 84 19.79 -18.60 -16.82
N LEU E 85 18.88 -19.26 -17.53
CA LEU E 85 18.31 -20.56 -17.14
C LEU E 85 19.00 -21.65 -17.96
N LEU E 86 19.61 -22.63 -17.30
CA LEU E 86 20.41 -23.67 -17.95
C LEU E 86 19.66 -25.01 -17.97
N ASP E 87 19.45 -25.59 -19.15
CA ASP E 87 19.05 -27.00 -19.26
C ASP E 87 20.30 -27.87 -19.09
N GLN E 88 20.42 -28.54 -17.96
CA GLN E 88 21.58 -29.39 -17.66
C GLN E 88 21.76 -30.45 -18.73
N ARG E 89 22.99 -30.84 -19.05
CA ARG E 89 23.27 -31.87 -20.07
C ARG E 89 22.45 -33.14 -19.82
N GLY E 90 21.88 -33.71 -20.87
CA GLY E 90 21.01 -34.89 -20.82
C GLY E 90 19.53 -34.59 -20.58
N THR E 91 19.14 -33.33 -20.46
CA THR E 91 17.77 -32.90 -20.09
C THR E 91 17.27 -31.75 -20.96
N GLY E 92 15.95 -31.56 -21.03
CA GLY E 92 15.37 -30.36 -21.63
C GLY E 92 15.62 -30.27 -23.13
N LEU E 93 16.34 -29.24 -23.58
CA LEU E 93 16.86 -29.14 -24.95
C LEU E 93 18.35 -29.50 -25.08
N SER E 94 19.03 -29.81 -23.99
CA SER E 94 20.47 -30.12 -24.03
C SER E 94 20.71 -31.63 -24.19
N THR E 95 20.85 -32.12 -25.42
CA THR E 95 21.09 -33.55 -25.75
C THR E 95 20.17 -34.55 -25.01
N PRO E 96 18.83 -34.47 -25.14
CA PRO E 96 17.93 -35.13 -24.20
C PRO E 96 18.01 -36.65 -24.21
N LEU E 97 18.36 -37.24 -23.07
CA LEU E 97 18.35 -38.70 -22.84
C LEU E 97 16.93 -39.17 -22.49
N THR E 98 16.00 -38.98 -23.41
CA THR E 98 14.59 -39.42 -23.26
C THR E 98 14.48 -40.95 -23.24
N CYS E 99 13.35 -41.46 -22.77
CA CYS E 99 13.06 -42.89 -22.66
C CYS E 99 13.13 -43.66 -24.01
N SER E 100 12.93 -43.01 -25.16
CA SER E 100 13.21 -43.62 -26.47
C SER E 100 14.60 -43.28 -27.01
N SER E 101 15.08 -42.06 -26.78
CA SER E 101 16.44 -41.60 -27.13
C SER E 101 17.54 -42.53 -26.62
N MET E 102 17.45 -43.05 -25.40
CA MET E 102 18.41 -44.02 -24.83
C MET E 102 18.37 -45.41 -25.47
N LEU E 103 17.39 -45.76 -26.31
CA LEU E 103 17.32 -47.04 -27.01
C LEU E 103 18.28 -47.15 -28.20
N GLN E 104 18.99 -46.08 -28.55
CA GLN E 104 19.98 -46.10 -29.64
C GLN E 104 21.23 -46.93 -29.29
N PHE E 105 21.57 -47.06 -28.01
CA PHE E 105 22.72 -47.86 -27.55
C PHE E 105 22.40 -49.36 -27.58
N LYS E 106 23.19 -50.15 -28.30
CA LYS E 106 22.90 -51.57 -28.57
C LYS E 106 23.10 -52.54 -27.39
N SER E 107 23.71 -52.08 -26.30
CA SER E 107 23.91 -52.91 -25.11
C SER E 107 23.90 -52.08 -23.82
N ALA E 108 23.69 -52.74 -22.68
CA ALA E 108 23.65 -52.06 -21.38
C ALA E 108 25.02 -51.46 -20.98
N LYS E 109 26.10 -52.09 -21.42
CA LYS E 109 27.44 -51.58 -21.16
C LYS E 109 27.69 -50.29 -21.96
N GLU E 110 27.17 -50.24 -23.19
CA GLU E 110 27.33 -49.07 -24.03
C GLU E 110 26.64 -47.89 -23.37
N LEU E 111 25.40 -48.10 -22.93
CA LEU E 111 24.63 -47.07 -22.25
C LEU E 111 25.30 -46.63 -20.95
N ALA E 112 25.71 -47.57 -20.09
CA ALA E 112 26.35 -47.22 -18.82
C ALA E 112 27.62 -46.39 -19.01
N ASP E 113 28.47 -46.73 -19.97
CA ASP E 113 29.67 -45.94 -20.31
C ASP E 113 29.36 -44.54 -20.88
N TYR E 114 28.11 -44.27 -21.27
CA TYR E 114 27.66 -42.93 -21.68
C TYR E 114 27.17 -42.12 -20.48
N LEU E 115 26.32 -42.71 -19.62
CA LEU E 115 25.67 -42.01 -18.52
C LEU E 115 26.65 -41.46 -17.48
N VAL E 116 27.82 -42.05 -17.32
CA VAL E 116 28.84 -41.58 -16.37
C VAL E 116 29.39 -40.18 -16.66
N HIS E 117 29.15 -39.60 -17.85
CA HIS E 117 29.54 -38.23 -18.18
C HIS E 117 28.55 -37.15 -17.73
N PHE E 118 27.41 -37.51 -17.12
CA PHE E 118 26.30 -36.60 -16.84
C PHE E 118 26.16 -36.19 -15.36
N ARG E 119 27.27 -36.19 -14.62
CA ARG E 119 27.25 -35.82 -13.20
C ARG E 119 27.32 -34.31 -12.95
N ALA E 120 27.44 -33.92 -11.68
CA ALA E 120 27.50 -32.52 -11.27
C ALA E 120 28.81 -31.80 -11.61
N ASP E 121 29.96 -32.47 -11.61
CA ASP E 121 31.23 -31.83 -11.96
C ASP E 121 31.26 -31.38 -13.42
N ASN E 122 30.77 -32.19 -14.37
CA ASN E 122 30.63 -31.78 -15.76
C ASN E 122 29.59 -30.68 -15.94
N ILE E 123 28.49 -30.64 -15.16
CA ILE E 123 27.56 -29.50 -15.20
C ILE E 123 28.27 -28.19 -14.85
N VAL E 124 29.20 -28.19 -13.89
CA VAL E 124 30.00 -27.00 -13.58
C VAL E 124 31.01 -26.66 -14.67
N LYS E 125 31.62 -27.64 -15.33
CA LYS E 125 32.47 -27.36 -16.49
C LYS E 125 31.66 -26.77 -17.66
N ASP E 126 30.43 -27.20 -17.89
CA ASP E 126 29.52 -26.55 -18.84
C ASP E 126 29.22 -25.10 -18.44
N ALA E 127 28.90 -24.82 -17.17
CA ALA E 127 28.61 -23.45 -16.71
C ALA E 127 29.81 -22.51 -16.89
N GLU E 128 31.01 -23.04 -16.69
CA GLU E 128 32.23 -22.26 -16.90
C GLU E 128 32.40 -21.98 -18.39
N PHE E 129 32.19 -23.00 -19.23
CA PHE E 129 32.26 -22.84 -20.68
C PHE E 129 31.29 -21.77 -21.20
N ILE E 130 30.10 -21.64 -20.61
CA ILE E 130 29.11 -20.61 -20.98
C ILE E 130 29.58 -19.21 -20.58
N ARG E 131 29.88 -18.97 -19.31
CA ARG E 131 30.29 -17.64 -18.84
C ARG E 131 31.34 -16.87 -19.68
N VAL E 132 32.46 -17.52 -19.97
CA VAL E 132 33.59 -16.96 -20.70
C VAL E 132 33.23 -16.52 -22.13
N ARG E 133 32.11 -17.00 -22.69
CA ARG E 133 31.61 -16.65 -24.03
C ARG E 133 30.42 -15.71 -23.98
N LEU E 134 29.52 -15.91 -23.03
CA LEU E 134 28.28 -15.16 -22.89
C LEU E 134 28.46 -13.82 -22.15
N VAL E 135 29.19 -13.79 -21.04
CA VAL E 135 29.32 -12.60 -20.17
C VAL E 135 30.33 -11.60 -20.75
N PRO E 136 30.01 -10.29 -20.84
CA PRO E 136 30.96 -9.27 -21.27
C PRO E 136 32.21 -9.21 -20.38
N LYS E 137 33.38 -8.96 -20.98
CA LYS E 137 34.70 -8.97 -20.32
C LYS E 137 35.09 -10.30 -19.64
N ALA E 138 34.30 -11.37 -19.83
CA ALA E 138 34.40 -12.65 -19.13
C ALA E 138 34.38 -12.52 -17.59
N ASP E 139 33.68 -11.53 -17.05
CA ASP E 139 33.57 -11.26 -15.60
C ASP E 139 32.96 -12.42 -14.78
N PRO E 140 33.08 -12.38 -13.44
CA PRO E 140 32.33 -13.24 -12.54
C PRO E 140 30.81 -13.04 -12.62
N TRP E 141 30.00 -14.01 -12.19
CA TRP E 141 28.52 -13.95 -12.13
C TRP E 141 27.97 -14.54 -10.81
N THR E 142 26.71 -14.29 -10.41
CA THR E 142 26.11 -14.91 -9.19
C THR E 142 25.34 -16.16 -9.53
N ILE E 143 25.50 -17.24 -8.77
CA ILE E 143 24.79 -18.49 -9.03
C ILE E 143 23.75 -18.76 -7.95
N LEU E 144 22.61 -19.32 -8.35
CA LEU E 144 21.50 -19.69 -7.50
C LEU E 144 21.23 -21.19 -7.69
N GLY E 145 21.11 -21.97 -6.61
CA GLY E 145 20.88 -23.41 -6.69
C GLY E 145 19.82 -23.90 -5.71
N GLN E 146 18.66 -24.33 -6.23
CA GLN E 146 17.66 -25.12 -5.49
C GLN E 146 18.13 -26.57 -5.40
N SER E 147 18.00 -27.26 -4.27
CA SER E 147 18.17 -28.73 -4.17
C SER E 147 19.48 -29.25 -4.78
N PHE E 148 19.47 -30.17 -5.76
CA PHE E 148 20.68 -30.64 -6.45
C PHE E 148 21.48 -29.52 -7.15
N GLY E 149 20.87 -28.39 -7.49
CA GLY E 149 21.61 -27.21 -7.92
C GLY E 149 22.52 -26.65 -6.82
N GLY E 150 22.16 -26.83 -5.55
CA GLY E 150 23.04 -26.52 -4.42
C GLY E 150 24.22 -27.50 -4.32
N PHE E 151 24.03 -28.77 -4.66
CA PHE E 151 25.12 -29.73 -4.75
C PHE E 151 26.10 -29.31 -5.85
N CYS E 152 25.60 -28.93 -7.03
CA CYS E 152 26.40 -28.35 -8.11
C CYS E 152 27.16 -27.11 -7.65
N ALA E 153 26.50 -26.18 -6.95
CA ALA E 153 27.14 -24.99 -6.41
C ALA E 153 28.31 -25.30 -5.48
N LEU E 154 28.23 -26.32 -4.61
CA LEU E 154 29.39 -26.69 -3.79
C LEU E 154 30.54 -27.29 -4.61
N THR E 155 30.30 -27.97 -5.73
CA THR E 155 31.42 -28.36 -6.62
C THR E 155 32.02 -27.13 -7.31
N TYR E 156 31.23 -26.08 -7.56
CA TYR E 156 31.69 -24.81 -8.12
C TYR E 156 32.45 -23.95 -7.08
N LEU E 157 32.15 -24.08 -5.79
CA LEU E 157 33.00 -23.55 -4.71
C LEU E 157 34.27 -24.40 -4.48
N SER E 158 34.25 -25.68 -4.86
CA SER E 158 35.41 -26.57 -4.77
C SER E 158 36.39 -26.41 -5.93
N PHE E 159 35.89 -26.31 -7.17
CA PHE E 159 36.65 -26.22 -8.42
C PHE E 159 36.18 -25.01 -9.23
N ALA E 160 37.09 -24.29 -9.88
CA ALA E 160 36.80 -23.02 -10.53
C ALA E 160 36.08 -21.93 -9.67
N PRO E 161 36.49 -21.63 -8.41
CA PRO E 161 35.82 -20.61 -7.60
C PRO E 161 36.05 -19.16 -8.07
N GLU E 162 36.93 -18.98 -9.06
CA GLU E 162 37.23 -17.65 -9.58
C GLU E 162 36.09 -16.97 -10.34
N GLY E 163 35.21 -17.77 -10.91
CA GLY E 163 34.06 -17.29 -11.69
C GLY E 163 32.90 -16.72 -10.88
N LEU E 164 32.94 -16.78 -9.54
CA LEU E 164 31.80 -16.51 -8.68
C LEU E 164 31.91 -15.15 -7.99
N LYS E 165 30.90 -14.28 -8.12
CA LYS E 165 30.80 -13.07 -7.30
C LYS E 165 30.24 -13.38 -5.92
N GLN E 166 29.13 -14.11 -5.88
CA GLN E 166 28.46 -14.59 -4.66
C GLN E 166 27.56 -15.79 -4.97
N VAL E 167 27.38 -16.69 -4.01
CA VAL E 167 26.59 -17.93 -4.15
C VAL E 167 25.33 -17.88 -3.29
N LEU E 168 24.18 -18.21 -3.85
CA LEU E 168 22.92 -18.41 -3.11
C LEU E 168 22.50 -19.88 -3.22
N ILE E 169 22.15 -20.53 -2.11
CA ILE E 169 21.72 -21.94 -2.07
C ILE E 169 20.35 -22.02 -1.40
N THR E 170 19.50 -22.97 -1.79
CA THR E 170 18.15 -23.12 -1.22
C THR E 170 17.78 -24.59 -1.05
N GLY E 171 17.73 -25.09 0.18
CA GLY E 171 17.42 -26.49 0.48
C GLY E 171 18.41 -27.49 -0.12
N GLY E 172 19.67 -27.09 -0.31
CA GLY E 172 20.59 -27.77 -1.22
C GLY E 172 22.02 -27.96 -0.72
N ILE E 173 22.28 -27.85 0.57
CA ILE E 173 23.59 -28.19 1.15
C ILE E 173 23.72 -29.73 1.18
N PRO E 174 24.69 -30.36 0.50
CA PRO E 174 24.90 -31.80 0.56
C PRO E 174 25.59 -32.21 1.86
N PRO E 175 25.52 -33.48 2.29
CA PRO E 175 26.51 -34.05 3.22
C PRO E 175 27.89 -34.16 2.55
N ILE E 176 28.97 -34.09 3.32
CA ILE E 176 30.37 -34.18 2.83
C ILE E 176 31.24 -35.00 3.80
N GLY E 177 32.30 -35.61 3.30
CA GLY E 177 33.41 -36.12 4.14
C GLY E 177 33.56 -37.65 4.21
N LYS E 178 32.81 -38.40 3.39
CA LYS E 178 32.87 -39.87 3.30
C LYS E 178 32.84 -40.31 1.84
N ALA E 179 33.35 -41.51 1.55
CA ALA E 179 33.40 -42.07 0.20
C ALA E 179 32.00 -42.29 -0.41
N CYS E 180 31.01 -42.61 0.41
CA CYS E 180 29.61 -42.67 0.01
C CYS E 180 28.72 -42.30 1.22
N THR E 181 28.11 -41.11 1.20
CA THR E 181 27.25 -40.63 2.29
C THR E 181 25.84 -41.19 2.24
N ALA E 182 25.48 -41.97 1.22
CA ALA E 182 24.09 -42.37 0.95
C ALA E 182 23.45 -43.18 2.08
N ASP E 183 24.19 -44.05 2.77
CA ASP E 183 23.66 -44.78 3.92
C ASP E 183 23.23 -43.84 5.07
N ASP E 184 23.96 -42.76 5.34
CA ASP E 184 23.58 -41.77 6.36
C ASP E 184 22.34 -40.99 5.92
N VAL E 185 22.36 -40.52 4.69
CA VAL E 185 21.27 -39.74 4.12
C VAL E 185 19.96 -40.48 4.19
N TYR E 186 20.03 -41.81 4.11
CA TYR E 186 18.85 -42.65 4.13
C TYR E 186 18.48 -43.10 5.55
N GLU E 187 19.48 -43.29 6.39
CA GLU E 187 19.25 -43.68 7.77
C GLU E 187 18.40 -42.57 8.36
N ALA E 188 18.74 -41.34 7.97
CA ALA E 188 18.01 -40.16 8.40
C ALA E 188 16.69 -39.94 7.64
N GLY E 189 16.63 -40.29 6.36
CA GLY E 189 15.45 -40.14 5.50
C GLY E 189 14.25 -40.92 6.00
N PHE E 190 14.39 -42.20 6.36
CA PHE E 190 13.28 -42.96 6.91
C PHE E 190 12.75 -42.39 8.23
N GLU E 191 13.57 -41.67 9.00
CA GLU E 191 13.14 -41.03 10.24
C GLU E 191 12.19 -39.86 9.94
N GLN E 192 12.55 -38.99 9.02
CA GLN E 192 11.70 -37.84 8.64
C GLN E 192 10.45 -38.29 7.88
N VAL E 193 10.55 -39.30 7.02
CA VAL E 193 9.38 -39.84 6.31
C VAL E 193 8.36 -40.40 7.30
N ALA E 194 8.78 -41.10 8.35
CA ALA E 194 7.89 -41.57 9.40
C ALA E 194 7.21 -40.41 10.15
N ARG E 195 7.92 -39.30 10.34
CA ARG E 195 7.33 -38.12 10.98
C ARG E 195 6.23 -37.51 10.09
N GLN E 196 6.51 -37.28 8.81
CA GLN E 196 5.55 -36.70 7.89
C GLN E 196 4.30 -37.57 7.73
N ASN E 197 4.44 -38.91 7.75
CA ASN E 197 3.28 -39.80 7.75
C ASN E 197 2.40 -39.62 9.00
N GLU E 198 3.01 -39.34 10.15
CA GLU E 198 2.25 -39.11 11.37
C GLU E 198 1.34 -37.88 11.22
N LYS E 199 1.90 -36.76 10.74
CA LYS E 199 1.16 -35.52 10.50
C LYS E 199 0.03 -35.72 9.50
N TYR E 200 0.24 -36.47 8.42
CA TYR E 200 -0.77 -36.71 7.39
C TYR E 200 -2.01 -37.41 7.95
N TYR E 201 -1.85 -38.52 8.68
CA TYR E 201 -2.99 -39.20 9.27
C TYR E 201 -3.59 -38.44 10.46
N LYS E 202 -2.80 -37.66 11.20
CA LYS E 202 -3.30 -36.76 12.26
C LYS E 202 -4.20 -35.66 11.71
N ARG E 203 -3.96 -35.22 10.49
CA ARG E 203 -4.77 -34.18 9.85
C ARG E 203 -6.02 -34.76 9.17
N PHE E 204 -5.83 -35.84 8.43
CA PHE E 204 -6.93 -36.50 7.70
C PHE E 204 -7.24 -37.90 8.27
N PRO E 205 -7.88 -38.02 9.46
CA PRO E 205 -8.00 -39.30 10.16
C PRO E 205 -8.70 -40.40 9.37
N GLN E 206 -9.61 -40.03 8.48
CA GLN E 206 -10.36 -40.97 7.64
C GLN E 206 -9.49 -41.77 6.66
N ASP E 207 -8.31 -41.30 6.25
CA ASP E 207 -7.52 -41.97 5.22
C ASP E 207 -6.90 -43.29 5.67
N ILE E 208 -6.79 -43.56 6.98
CA ILE E 208 -6.21 -44.80 7.51
C ILE E 208 -6.97 -46.01 6.97
N GLU E 209 -8.29 -45.96 6.99
CA GLU E 209 -9.14 -47.04 6.50
C GLU E 209 -9.13 -47.13 4.97
N ILE E 210 -9.06 -46.00 4.25
CA ILE E 210 -9.10 -45.98 2.78
C ILE E 210 -7.82 -46.59 2.17
N VAL E 211 -6.61 -46.35 2.72
CA VAL E 211 -5.40 -47.08 2.24
C VAL E 211 -5.33 -48.56 2.68
N ARG E 212 -5.86 -48.97 3.85
CA ARG E 212 -5.94 -50.37 4.25
C ARG E 212 -6.92 -51.19 3.40
N GLU E 213 -8.11 -50.67 3.08
CA GLU E 213 -9.05 -51.34 2.15
C GLU E 213 -8.50 -51.42 0.72
N LEU E 214 -7.76 -50.41 0.24
CA LEU E 214 -7.08 -50.41 -1.06
C LEU E 214 -5.88 -51.36 -1.14
N VAL E 215 -4.95 -51.39 -0.16
CA VAL E 215 -3.81 -52.33 -0.13
C VAL E 215 -4.30 -53.77 -0.13
N ASN E 216 -5.38 -54.07 0.59
CA ASN E 216 -5.99 -55.38 0.57
C ASN E 216 -6.48 -55.79 -0.85
N TYR E 217 -7.34 -55.00 -1.51
CA TYR E 217 -7.84 -55.32 -2.86
C TYR E 217 -6.70 -55.49 -3.88
N LEU E 218 -5.63 -54.70 -3.80
CA LEU E 218 -4.44 -54.85 -4.65
C LEU E 218 -3.66 -56.15 -4.34
N ALA E 219 -3.44 -56.50 -3.07
CA ALA E 219 -2.78 -57.75 -2.69
C ALA E 219 -3.61 -58.99 -3.05
N GLU E 220 -4.93 -58.89 -3.10
CA GLU E 220 -5.80 -60.01 -3.47
C GLU E 220 -5.88 -60.23 -4.99
N SER E 221 -5.64 -59.16 -5.75
CA SER E 221 -5.64 -59.20 -7.22
C SER E 221 -4.49 -60.04 -7.80
N GLU E 222 -4.61 -60.50 -9.04
CA GLU E 222 -3.56 -61.29 -9.72
C GLU E 222 -2.20 -60.60 -9.70
N GLY E 223 -1.13 -61.35 -9.42
CA GLY E 223 0.23 -60.82 -9.29
C GLY E 223 0.42 -59.81 -8.14
N GLY E 224 -0.56 -59.68 -7.25
CA GLY E 224 -0.56 -58.64 -6.22
C GLY E 224 -0.74 -57.23 -6.77
N GLY E 225 -1.43 -57.07 -7.90
CA GLY E 225 -1.62 -55.75 -8.50
C GLY E 225 -2.67 -55.67 -9.61
N VAL E 226 -2.73 -54.52 -10.26
CA VAL E 226 -3.65 -54.21 -11.38
C VAL E 226 -2.90 -53.46 -12.50
N PRO E 227 -3.24 -53.69 -13.78
CA PRO E 227 -2.51 -53.08 -14.89
C PRO E 227 -2.87 -51.61 -15.11
N LEU E 228 -1.85 -50.76 -15.22
CA LEU E 228 -1.94 -49.36 -15.64
C LEU E 228 -2.20 -49.25 -17.15
N PRO E 229 -2.68 -48.09 -17.65
CA PRO E 229 -2.93 -47.89 -19.08
C PRO E 229 -1.71 -48.09 -19.99
N SER E 230 -0.50 -47.69 -19.59
CA SER E 230 0.74 -47.95 -20.35
C SER E 230 1.34 -49.35 -20.13
N GLY E 231 0.62 -50.29 -19.52
CA GLY E 231 1.05 -51.69 -19.37
C GLY E 231 1.96 -51.97 -18.15
N GLY E 232 2.32 -50.96 -17.36
CA GLY E 232 2.90 -51.14 -16.04
C GLY E 232 1.90 -51.72 -15.04
N ILE E 233 2.29 -51.86 -13.78
CA ILE E 233 1.44 -52.45 -12.73
C ILE E 233 1.43 -51.62 -11.45
N LEU E 234 0.26 -51.52 -10.82
CA LEU E 234 0.08 -50.93 -9.48
C LEU E 234 0.00 -52.07 -8.46
N THR E 235 0.83 -52.01 -7.44
CA THR E 235 1.01 -53.00 -6.38
C THR E 235 1.08 -52.29 -5.03
N PRO E 236 0.89 -52.94 -3.87
CA PRO E 236 0.99 -52.25 -2.60
C PRO E 236 2.37 -51.63 -2.36
N LYS E 237 3.47 -52.22 -2.87
CA LYS E 237 4.80 -51.57 -2.88
C LYS E 237 4.85 -50.35 -3.78
N GLY E 238 4.25 -50.41 -4.97
CA GLY E 238 4.21 -49.27 -5.89
C GLY E 238 3.36 -48.11 -5.38
N LEU E 239 2.23 -48.38 -4.72
CA LEU E 239 1.34 -47.35 -4.11
C LEU E 239 2.10 -46.49 -3.09
N GLN E 240 3.05 -47.05 -2.34
CA GLN E 240 3.78 -46.30 -1.33
C GLN E 240 4.62 -45.14 -1.89
N THR E 241 5.01 -45.15 -3.17
CA THR E 241 5.85 -44.09 -3.74
C THR E 241 5.10 -42.76 -3.93
N LEU E 242 3.76 -42.72 -3.79
CA LEU E 242 2.99 -41.47 -3.73
C LEU E 242 3.49 -40.53 -2.61
N GLY E 243 4.21 -41.03 -1.59
CA GLY E 243 4.76 -40.21 -0.52
C GLY E 243 5.83 -39.22 -0.96
N LEU E 244 6.48 -39.40 -2.11
CA LEU E 244 7.58 -38.54 -2.55
C LEU E 244 7.11 -37.09 -2.73
N SER E 245 6.25 -36.83 -3.71
CA SER E 245 5.58 -35.53 -3.87
C SER E 245 4.50 -35.30 -2.82
N GLY E 246 3.86 -36.36 -2.33
CA GLY E 246 2.71 -36.27 -1.43
C GLY E 246 3.04 -35.74 -0.04
N LEU E 247 4.18 -36.12 0.54
CA LEU E 247 4.52 -35.76 1.92
C LEU E 247 5.63 -34.71 2.04
N GLY E 248 6.52 -34.60 1.05
CA GLY E 248 7.71 -33.74 1.14
C GLY E 248 7.52 -32.30 0.66
N SER E 249 6.42 -31.97 -0.01
CA SER E 249 6.27 -30.64 -0.59
C SER E 249 5.13 -29.81 -0.02
N SER E 250 4.94 -28.62 -0.61
CA SER E 250 4.03 -27.61 -0.03
C SER E 250 2.52 -27.75 -0.32
N THR E 251 2.11 -28.49 -1.35
CA THR E 251 0.68 -28.78 -1.65
C THR E 251 0.35 -30.27 -1.64
N GLY E 252 1.28 -31.11 -1.18
CA GLY E 252 1.17 -32.56 -1.29
C GLY E 252 0.10 -33.16 -0.39
N PHE E 253 -0.06 -32.66 0.84
CA PHE E 253 -1.06 -33.16 1.79
C PHE E 253 -2.48 -32.97 1.25
N GLU E 254 -2.79 -31.82 0.64
CA GLU E 254 -4.08 -31.57 0.01
C GLU E 254 -4.27 -32.37 -1.28
N ARG E 255 -3.32 -32.34 -2.25
CA ARG E 255 -3.43 -33.14 -3.49
C ARG E 255 -3.63 -34.62 -3.21
N LEU E 256 -2.95 -35.20 -2.21
CA LEU E 256 -3.06 -36.62 -1.87
C LEU E 256 -4.43 -36.95 -1.24
N HIS E 257 -5.05 -36.07 -0.45
CA HIS E 257 -6.43 -36.26 0.02
C HIS E 257 -7.45 -36.25 -1.14
N TYR E 258 -7.37 -35.30 -2.06
CA TYR E 258 -8.32 -35.24 -3.19
C TYR E 258 -8.22 -36.41 -4.16
N MET E 259 -7.06 -37.05 -4.28
CA MET E 259 -6.87 -38.26 -5.09
C MET E 259 -7.39 -39.53 -4.40
N LEU E 260 -7.20 -39.74 -3.10
CA LEU E 260 -7.73 -40.90 -2.36
C LEU E 260 -9.27 -40.91 -2.20
N GLU E 261 -9.98 -39.78 -2.33
CA GLU E 261 -11.47 -39.80 -2.41
C GLU E 261 -12.01 -40.53 -3.65
N ARG E 262 -11.26 -40.58 -4.77
CA ARG E 262 -11.71 -41.04 -6.10
C ARG E 262 -11.51 -42.55 -6.37
N VAL E 263 -11.10 -43.35 -5.39
CA VAL E 263 -10.60 -44.74 -5.58
C VAL E 263 -11.62 -45.69 -6.23
N TRP E 264 -12.83 -45.78 -5.69
CA TRP E 264 -13.76 -46.82 -6.23
C TRP E 264 -14.77 -46.26 -7.24
N ASP E 265 -15.20 -47.09 -8.20
CA ASP E 265 -16.22 -46.67 -9.19
C ASP E 265 -17.59 -47.16 -8.72
N PRO E 266 -18.72 -46.51 -9.08
CA PRO E 266 -20.02 -46.90 -8.54
C PRO E 266 -20.80 -48.02 -9.26
N ILE E 267 -21.65 -48.75 -8.53
CA ILE E 267 -22.50 -49.76 -9.17
C ILE E 267 -23.60 -49.00 -9.93
N LEU E 268 -23.46 -48.80 -11.26
CA LEU E 268 -24.53 -48.22 -12.08
C LEU E 268 -25.59 -49.27 -12.43
N VAL E 269 -25.15 -50.47 -12.82
CA VAL E 269 -26.02 -51.61 -13.14
C VAL E 269 -25.92 -52.64 -12.02
N THR E 270 -27.05 -53.02 -11.43
CA THR E 270 -27.08 -53.91 -10.26
C THR E 270 -26.46 -55.27 -10.57
N GLY E 271 -25.66 -55.79 -9.61
CA GLY E 271 -24.88 -57.00 -9.78
C GLY E 271 -23.50 -56.82 -10.44
N ALA E 272 -23.15 -55.63 -10.96
CA ALA E 272 -21.79 -55.35 -11.43
C ALA E 272 -20.77 -55.35 -10.27
N PRO E 273 -19.58 -55.95 -10.42
CA PRO E 273 -18.60 -56.09 -9.36
C PRO E 273 -17.89 -54.76 -9.02
N LYS E 274 -17.55 -54.62 -7.74
CA LYS E 274 -16.74 -53.52 -7.18
C LYS E 274 -15.35 -53.56 -7.80
N CYS E 275 -14.89 -52.45 -8.36
CA CYS E 275 -13.69 -52.38 -9.17
C CYS E 275 -12.90 -51.09 -8.89
N ILE E 276 -11.63 -51.08 -9.26
CA ILE E 276 -10.73 -49.92 -9.16
C ILE E 276 -11.03 -48.90 -10.28
N SER E 277 -11.15 -47.61 -9.97
CA SER E 277 -11.61 -46.58 -10.93
C SER E 277 -10.55 -46.16 -11.96
N GLN E 278 -10.92 -45.91 -13.22
CA GLN E 278 -9.98 -45.44 -14.25
C GLN E 278 -9.43 -44.03 -13.95
N PHE E 279 -10.16 -43.15 -13.26
CA PHE E 279 -9.60 -41.84 -12.86
C PHE E 279 -8.43 -42.00 -11.87
N PHE E 280 -8.49 -42.94 -10.92
CA PHE E 280 -7.38 -43.21 -9.99
C PHE E 280 -6.16 -43.82 -10.71
N LEU E 281 -6.34 -44.83 -11.59
CA LEU E 281 -5.20 -45.40 -12.32
C LEU E 281 -4.54 -44.40 -13.29
N ASN E 282 -5.33 -43.55 -13.95
CA ASN E 282 -4.82 -42.50 -14.83
C ASN E 282 -4.09 -41.40 -14.04
N ALA E 283 -4.63 -40.92 -12.90
CA ALA E 283 -3.94 -39.95 -12.04
C ALA E 283 -2.67 -40.54 -11.38
N PHE E 284 -2.65 -41.80 -10.91
CA PHE E 284 -1.44 -42.46 -10.41
C PHE E 284 -0.34 -42.54 -11.49
N GLU E 285 -0.67 -42.99 -12.71
CA GLU E 285 0.31 -43.03 -13.80
C GLU E 285 0.83 -41.63 -14.17
N SER E 286 0.01 -40.59 -13.99
CA SER E 286 0.38 -39.18 -14.23
C SER E 286 1.08 -38.50 -13.05
N TRP E 287 1.18 -39.11 -11.87
CA TRP E 287 1.68 -38.46 -10.66
C TRP E 287 3.21 -38.35 -10.62
N HIS E 288 3.91 -39.43 -10.99
CA HIS E 288 5.38 -39.44 -10.96
C HIS E 288 6.05 -38.82 -12.16
N SER E 289 7.39 -38.72 -12.15
CA SER E 289 8.21 -38.19 -13.25
C SER E 289 9.09 -39.23 -13.94
N PHE E 290 9.13 -40.48 -13.49
CA PHE E 290 10.07 -41.47 -14.02
C PHE E 290 9.80 -41.86 -15.48
N ASP E 291 8.56 -41.72 -15.97
CA ASP E 291 8.21 -41.96 -17.37
C ASP E 291 8.72 -40.87 -18.34
N THR E 292 9.11 -39.71 -17.80
CA THR E 292 9.44 -38.50 -18.57
C THR E 292 10.89 -38.10 -18.38
N ASN E 293 11.41 -38.24 -17.15
CA ASN E 293 12.79 -37.95 -16.76
C ASN E 293 13.49 -39.24 -16.28
N PRO E 294 13.76 -40.24 -17.13
CA PRO E 294 14.35 -41.51 -16.67
C PRO E 294 15.73 -41.35 -16.02
N LEU E 295 16.45 -40.27 -16.34
CA LEU E 295 17.72 -39.94 -15.70
C LEU E 295 17.59 -39.70 -14.18
N TYR E 296 16.42 -39.25 -13.72
CA TYR E 296 16.08 -39.12 -12.31
C TYR E 296 15.94 -40.47 -11.58
N ALA E 297 15.76 -41.58 -12.30
CA ALA E 297 15.91 -42.91 -11.72
C ALA E 297 17.39 -43.37 -11.78
N LEU E 298 18.02 -43.27 -12.95
CA LEU E 298 19.31 -43.94 -13.20
C LEU E 298 20.51 -43.34 -12.45
N LEU E 299 20.64 -42.01 -12.37
CA LEU E 299 21.78 -41.34 -11.74
C LEU E 299 21.48 -40.84 -10.30
N HIS E 300 20.35 -41.20 -9.69
CA HIS E 300 19.95 -40.61 -8.42
C HIS E 300 20.87 -40.93 -7.24
N GLU E 301 21.14 -42.20 -6.91
CA GLU E 301 22.03 -42.50 -5.77
C GLU E 301 23.50 -42.14 -6.05
N ALA E 302 23.88 -42.01 -7.32
CA ALA E 302 25.25 -41.69 -7.69
C ALA E 302 25.69 -40.29 -7.23
N ILE E 303 24.79 -39.34 -7.01
CA ILE E 303 25.13 -37.97 -6.58
C ILE E 303 25.82 -37.90 -5.21
N TYR E 304 25.76 -38.97 -4.41
CA TYR E 304 26.38 -39.08 -3.09
C TYR E 304 27.75 -39.78 -3.09
N CYS E 305 28.23 -40.22 -4.25
CA CYS E 305 29.39 -41.12 -4.36
C CYS E 305 30.67 -40.40 -4.80
N GLU E 306 31.77 -40.67 -4.10
CA GLU E 306 33.13 -40.23 -4.39
C GLU E 306 34.11 -41.38 -4.12
N GLY E 307 34.48 -42.17 -5.13
CA GLY E 307 35.42 -43.29 -4.97
C GLY E 307 34.86 -44.57 -4.31
N ALA E 308 33.54 -44.69 -4.14
CA ALA E 308 32.87 -45.90 -3.64
C ALA E 308 31.47 -46.07 -4.27
N SER E 309 30.95 -47.29 -4.31
CA SER E 309 29.66 -47.63 -4.92
C SER E 309 28.48 -47.33 -4.01
N SER E 310 27.28 -47.10 -4.56
CA SER E 310 26.05 -47.02 -3.74
C SER E 310 25.44 -48.39 -3.44
N GLY E 311 25.37 -49.29 -4.44
CA GLY E 311 24.83 -50.64 -4.29
C GLY E 311 23.37 -50.71 -3.83
N TRP E 312 22.47 -49.90 -4.38
CA TRP E 312 21.06 -49.84 -3.99
C TRP E 312 20.85 -49.51 -2.50
N SER E 313 21.49 -48.44 -2.04
CA SER E 313 21.56 -48.06 -0.63
C SER E 313 20.19 -47.71 -0.02
N ALA E 314 19.25 -47.12 -0.75
CA ALA E 314 17.92 -46.87 -0.18
C ALA E 314 17.14 -48.17 0.09
N HIS E 315 17.24 -49.14 -0.82
CA HIS E 315 16.68 -50.49 -0.65
C HIS E 315 17.35 -51.26 0.49
N ARG E 316 18.66 -51.06 0.65
CA ARG E 316 19.39 -51.70 1.74
C ARG E 316 18.96 -51.16 3.12
N LEU E 317 18.65 -49.87 3.19
CA LEU E 317 18.23 -49.23 4.44
C LEU E 317 16.78 -49.52 4.83
N ARG E 318 15.82 -49.67 3.90
CA ARG E 318 14.43 -49.93 4.30
C ARG E 318 14.26 -51.26 5.04
N ASP E 319 15.19 -52.19 4.88
CA ASP E 319 15.24 -53.44 5.63
C ASP E 319 15.39 -53.22 7.15
N LYS E 320 16.09 -52.17 7.58
CA LYS E 320 16.21 -51.77 9.00
C LYS E 320 14.88 -51.26 9.57
N TYR E 321 14.07 -50.60 8.74
CA TYR E 321 12.77 -50.03 9.12
C TYR E 321 11.57 -50.87 8.63
N GLU E 322 11.79 -52.11 8.20
CA GLU E 322 10.80 -52.98 7.57
C GLU E 322 9.52 -53.13 8.39
N TYR E 323 9.66 -53.28 9.71
CA TYR E 323 8.56 -53.60 10.61
C TYR E 323 7.42 -52.58 10.58
N LYS E 324 7.70 -51.32 10.25
CA LYS E 324 6.70 -50.26 10.05
C LYS E 324 6.40 -49.94 8.58
N PHE E 325 7.38 -50.02 7.69
CA PHE E 325 7.18 -49.68 6.28
C PHE E 325 6.58 -50.81 5.42
N ASP E 326 6.52 -52.06 5.87
CA ASP E 326 5.86 -53.13 5.10
C ASP E 326 4.33 -52.99 5.09
N ALA E 327 3.73 -52.82 3.92
CA ALA E 327 2.30 -52.58 3.77
C ALA E 327 1.42 -53.81 4.09
N MET E 328 1.92 -55.02 3.92
CA MET E 328 1.17 -56.23 4.29
C MET E 328 1.24 -56.53 5.78
N LYS E 329 2.38 -56.28 6.44
CA LYS E 329 2.41 -56.27 7.91
C LYS E 329 1.44 -55.22 8.46
N ALA E 330 1.39 -54.03 7.85
CA ALA E 330 0.50 -52.97 8.31
C ALA E 330 -0.98 -53.38 8.31
N VAL E 331 -1.50 -53.99 7.25
CA VAL E 331 -2.91 -54.45 7.25
C VAL E 331 -3.17 -55.63 8.20
N LYS E 332 -2.22 -56.57 8.33
CA LYS E 332 -2.34 -57.72 9.26
C LYS E 332 -2.37 -57.29 10.72
N GLU E 333 -1.46 -56.41 11.12
CA GLU E 333 -1.28 -55.94 12.49
C GLU E 333 -2.21 -54.77 12.87
N SER E 334 -3.09 -54.35 11.97
CA SER E 334 -3.99 -53.21 12.14
C SER E 334 -3.27 -51.91 12.53
N GLN E 335 -2.31 -51.51 11.70
CA GLN E 335 -1.61 -50.23 11.76
C GLN E 335 -1.75 -49.48 10.43
N PRO E 336 -1.68 -48.15 10.40
CA PRO E 336 -1.66 -47.40 9.14
C PRO E 336 -0.50 -47.85 8.23
N VAL E 337 -0.78 -47.95 6.92
CA VAL E 337 0.24 -48.12 5.88
C VAL E 337 1.02 -46.81 5.77
N LEU E 338 2.36 -46.83 5.74
CA LEU E 338 3.18 -45.64 5.51
C LEU E 338 3.51 -45.46 4.02
N PHE E 339 3.60 -44.22 3.54
CA PHE E 339 4.18 -43.87 2.24
C PHE E 339 5.69 -43.56 2.34
N THR E 340 6.51 -43.79 1.30
CA THR E 340 7.98 -43.61 1.27
C THR E 340 8.43 -42.29 0.60
N GLY E 341 9.71 -41.92 0.73
CA GLY E 341 10.28 -40.63 0.29
C GLY E 341 11.02 -40.67 -1.05
N GLU E 342 12.04 -39.82 -1.22
CA GLU E 342 12.88 -39.75 -2.43
C GLU E 342 13.92 -40.88 -2.50
N MET E 343 13.41 -42.09 -2.67
CA MET E 343 14.15 -43.35 -2.67
C MET E 343 13.89 -44.08 -3.99
N ILE E 344 14.87 -44.84 -4.49
CA ILE E 344 14.70 -45.73 -5.64
C ILE E 344 14.98 -47.18 -5.23
N PHE E 345 14.29 -48.14 -5.83
CA PHE E 345 14.37 -49.54 -5.44
C PHE E 345 14.55 -50.44 -6.67
N PRO E 346 15.19 -51.61 -6.57
CA PRO E 346 15.44 -52.47 -7.72
C PRO E 346 14.17 -52.85 -8.48
N TRP E 347 13.08 -53.14 -7.76
CA TRP E 347 11.81 -53.53 -8.34
C TRP E 347 11.16 -52.41 -9.17
N MET E 348 11.51 -51.14 -8.97
CA MET E 348 10.85 -50.04 -9.67
C MET E 348 11.07 -50.11 -11.19
N PHE E 349 12.19 -50.70 -11.62
CA PHE E 349 12.50 -50.98 -13.02
C PHE E 349 11.72 -52.19 -13.59
N ASP E 350 11.02 -52.97 -12.77
CA ASP E 350 10.08 -53.99 -13.22
C ASP E 350 8.64 -53.46 -13.27
N GLU E 351 8.22 -52.63 -12.30
CA GLU E 351 6.83 -52.15 -12.22
C GLU E 351 6.47 -51.11 -13.30
N ILE E 352 7.42 -50.26 -13.72
CA ILE E 352 7.15 -49.07 -14.54
C ILE E 352 7.55 -49.33 -16.00
N HIS E 353 6.60 -49.29 -16.92
CA HIS E 353 6.83 -49.74 -18.31
C HIS E 353 7.90 -48.94 -19.05
N ALA E 354 7.98 -47.63 -18.80
CA ALA E 354 9.02 -46.77 -19.39
C ALA E 354 10.45 -47.15 -18.97
N LEU E 355 10.64 -47.71 -17.77
CA LEU E 355 11.95 -48.07 -17.24
C LEU E 355 12.40 -49.50 -17.60
N LYS E 356 11.50 -50.39 -18.03
CA LYS E 356 11.75 -51.83 -18.28
C LYS E 356 13.09 -52.14 -18.99
N PRO E 357 13.43 -51.55 -20.16
CA PRO E 357 14.68 -51.88 -20.85
C PRO E 357 15.95 -51.42 -20.12
N PHE E 358 15.87 -50.43 -19.23
CA PHE E 358 17.04 -49.86 -18.54
C PHE E 358 17.42 -50.59 -17.25
N LYS E 359 16.73 -51.68 -16.94
CA LYS E 359 17.04 -52.48 -15.76
C LYS E 359 18.51 -52.91 -15.69
N ALA E 360 19.06 -53.39 -16.81
CA ALA E 360 20.46 -53.82 -16.86
C ALA E 360 21.48 -52.68 -16.69
N ALA E 361 21.26 -51.53 -17.33
CA ALA E 361 22.15 -50.37 -17.18
C ALA E 361 22.08 -49.75 -15.79
N ALA E 362 20.93 -49.84 -15.10
CA ALA E 362 20.80 -49.41 -13.72
C ALA E 362 21.75 -50.15 -12.78
N ASP E 363 21.88 -51.48 -12.91
CA ASP E 363 22.82 -52.26 -12.10
C ASP E 363 24.29 -51.92 -12.40
N LEU E 364 24.67 -51.76 -13.66
CA LEU E 364 26.04 -51.38 -14.03
C LEU E 364 26.44 -50.01 -13.46
N LEU E 365 25.51 -49.08 -13.28
CA LEU E 365 25.74 -47.84 -12.53
C LEU E 365 25.76 -48.08 -11.03
N ALA E 366 24.78 -48.79 -10.46
CA ALA E 366 24.68 -48.99 -9.01
C ALA E 366 25.89 -49.74 -8.42
N LYS E 367 26.53 -50.58 -9.24
CA LYS E 367 27.71 -51.33 -8.79
C LYS E 367 29.04 -50.68 -9.17
N LYS E 368 29.02 -49.51 -9.81
CA LYS E 368 30.26 -48.87 -10.24
C LYS E 368 31.07 -48.13 -9.17
N GLU E 369 32.33 -48.51 -9.04
CA GLU E 369 33.26 -47.86 -8.11
C GLU E 369 34.12 -46.88 -8.89
N ASP E 370 35.14 -46.32 -8.25
CA ASP E 370 36.04 -45.35 -8.92
C ASP E 370 35.30 -44.19 -9.61
N TRP E 371 34.15 -43.76 -9.06
CA TRP E 371 33.53 -42.47 -9.39
C TRP E 371 34.49 -41.32 -9.04
N PRO E 372 34.77 -40.37 -9.94
CA PRO E 372 35.63 -39.22 -9.64
C PRO E 372 35.00 -38.30 -8.59
N PRO E 373 35.80 -37.61 -7.76
CA PRO E 373 35.33 -36.78 -6.65
C PRO E 373 34.60 -35.53 -7.10
N LEU E 374 33.82 -34.94 -6.18
CA LEU E 374 32.93 -33.81 -6.39
C LEU E 374 33.29 -32.58 -5.53
N TYR E 375 33.91 -32.78 -4.36
CA TYR E 375 34.19 -31.69 -3.41
C TYR E 375 35.67 -31.62 -3.01
N ASP E 376 36.13 -30.44 -2.61
CA ASP E 376 37.51 -30.20 -2.18
C ASP E 376 37.53 -29.51 -0.82
N VAL E 377 37.35 -30.29 0.26
CA VAL E 377 37.19 -29.74 1.61
C VAL E 377 38.31 -28.77 1.98
N PRO E 378 39.61 -29.04 1.80
CA PRO E 378 40.66 -28.08 2.09
C PRO E 378 40.56 -26.73 1.37
N ARG E 379 39.80 -26.60 0.27
CA ARG E 379 39.46 -25.29 -0.35
C ARG E 379 38.19 -24.69 0.24
N LEU E 380 37.21 -25.50 0.59
CA LEU E 380 36.01 -25.02 1.29
C LEU E 380 36.38 -24.43 2.66
N GLN E 381 37.33 -25.04 3.39
CA GLN E 381 37.75 -24.54 4.69
C GLN E 381 38.32 -23.12 4.65
N ASN E 382 38.99 -22.76 3.57
CA ASN E 382 39.58 -21.42 3.42
C ASN E 382 39.01 -20.66 2.20
N ASN E 383 37.72 -20.85 1.92
CA ASN E 383 36.95 -20.09 0.93
C ASN E 383 36.94 -18.58 1.24
N LYS E 384 36.86 -17.75 0.18
CA LYS E 384 36.69 -16.29 0.28
C LYS E 384 35.45 -15.74 -0.46
N VAL E 385 34.74 -16.54 -1.27
CA VAL E 385 33.50 -16.13 -1.94
C VAL E 385 32.36 -16.03 -0.92
N PRO E 386 31.53 -14.97 -0.92
CA PRO E 386 30.34 -14.88 -0.07
C PRO E 386 29.29 -15.96 -0.38
N VAL E 387 28.72 -16.61 0.65
CA VAL E 387 27.72 -17.68 0.48
C VAL E 387 26.55 -17.47 1.43
N ALA E 388 25.31 -17.51 0.94
CA ALA E 388 24.09 -17.51 1.75
C ALA E 388 23.27 -18.76 1.45
N ALA E 389 22.60 -19.34 2.46
CA ALA E 389 21.83 -20.57 2.28
C ALA E 389 20.52 -20.56 3.07
N ALA E 390 19.39 -20.90 2.44
CA ALA E 390 18.15 -21.18 3.15
C ALA E 390 18.13 -22.65 3.57
N VAL E 391 17.95 -22.92 4.87
CA VAL E 391 17.97 -24.27 5.46
C VAL E 391 16.64 -24.54 6.16
N TYR E 392 15.94 -25.61 5.78
CA TYR E 392 14.60 -25.90 6.30
C TYR E 392 14.66 -26.96 7.40
N TYR E 393 14.09 -26.68 8.57
CA TYR E 393 14.29 -27.50 9.76
C TYR E 393 13.63 -28.90 9.65
N GLU E 394 12.52 -29.01 8.94
CA GLU E 394 11.73 -30.25 8.80
C GLU E 394 11.73 -30.77 7.35
N ASP E 395 12.84 -30.60 6.65
CA ASP E 395 13.04 -31.06 5.27
C ASP E 395 13.10 -32.59 5.18
N MET E 396 12.33 -33.19 4.27
CA MET E 396 12.28 -34.64 4.06
C MET E 396 13.41 -35.16 3.14
N TYR E 397 14.06 -34.31 2.34
CA TYR E 397 15.03 -34.69 1.32
C TYR E 397 16.50 -34.53 1.76
N VAL E 398 16.84 -33.40 2.39
CA VAL E 398 18.17 -33.18 3.00
C VAL E 398 18.03 -33.08 4.52
N ASN E 399 18.71 -33.94 5.28
CA ASN E 399 18.53 -33.99 6.72
C ASN E 399 19.23 -32.81 7.42
N PHE E 400 18.57 -32.13 8.35
CA PHE E 400 19.10 -30.95 9.02
C PHE E 400 20.43 -31.20 9.73
N LYS E 401 20.59 -32.34 10.41
CA LYS E 401 21.83 -32.66 11.14
C LYS E 401 23.06 -32.76 10.22
N LEU E 402 22.91 -33.42 9.07
CA LEU E 402 23.95 -33.52 8.04
C LEU E 402 24.26 -32.16 7.39
N VAL E 403 23.25 -31.31 7.21
CA VAL E 403 23.42 -29.95 6.67
C VAL E 403 24.18 -29.07 7.64
N THR E 404 23.77 -29.01 8.90
CA THR E 404 24.34 -28.07 9.87
C THR E 404 25.78 -28.41 10.22
N GLU E 405 26.17 -29.70 10.25
CA GLU E 405 27.58 -30.04 10.41
C GLU E 405 28.40 -29.74 9.15
N THR E 406 27.87 -29.96 7.94
CA THR E 406 28.59 -29.63 6.69
C THR E 406 28.80 -28.13 6.52
N ALA E 407 27.85 -27.30 6.96
CA ALA E 407 28.00 -25.85 6.92
C ALA E 407 29.21 -25.36 7.76
N SER E 408 29.67 -26.12 8.75
CA SER E 408 30.87 -25.75 9.52
C SER E 408 32.18 -25.85 8.73
N HIS E 409 32.19 -26.52 7.57
CA HIS E 409 33.36 -26.65 6.68
C HIS E 409 33.44 -25.60 5.57
N ILE E 410 32.49 -24.67 5.47
CA ILE E 410 32.56 -23.52 4.55
C ILE E 410 33.00 -22.31 5.38
N SER E 411 34.00 -21.53 4.95
CA SER E 411 34.63 -20.54 5.85
C SER E 411 33.74 -19.38 6.31
N GLY E 412 32.87 -18.87 5.43
CA GLY E 412 32.09 -17.65 5.66
C GLY E 412 30.60 -17.79 5.41
N ILE E 413 30.04 -19.01 5.42
CA ILE E 413 28.65 -19.24 5.05
C ILE E 413 27.69 -18.60 6.06
N ARG E 414 26.66 -17.92 5.55
CA ARG E 414 25.57 -17.34 6.32
C ARG E 414 24.28 -18.08 6.05
N LEU E 415 24.10 -19.23 6.69
CA LEU E 415 22.85 -19.98 6.61
C LEU E 415 21.76 -19.33 7.46
N TRP E 416 20.49 -19.39 7.05
CA TRP E 416 19.36 -19.11 7.92
C TRP E 416 18.43 -20.30 8.03
N VAL E 417 18.29 -20.82 9.25
CA VAL E 417 17.39 -21.92 9.60
C VAL E 417 15.97 -21.40 9.73
N THR E 418 14.98 -22.07 9.15
CA THR E 418 13.57 -21.76 9.35
C THR E 418 12.70 -23.00 9.32
N ASN E 419 11.56 -22.97 10.03
CA ASN E 419 10.45 -23.93 9.91
C ASN E 419 9.24 -23.39 9.12
N GLU E 420 9.29 -22.20 8.54
CA GLU E 420 8.14 -21.61 7.82
C GLU E 420 7.81 -22.33 6.50
N PHE E 421 8.79 -22.96 5.87
CA PHE E 421 8.72 -23.48 4.51
C PHE E 421 9.17 -24.94 4.42
N MET E 422 8.66 -25.63 3.40
CA MET E 422 9.13 -26.96 3.00
C MET E 422 10.19 -26.83 1.90
N HIS E 423 10.69 -27.95 1.38
CA HIS E 423 11.77 -27.97 0.39
C HIS E 423 11.48 -27.14 -0.88
N SER E 424 10.21 -27.03 -1.28
CA SER E 424 9.71 -26.25 -2.41
C SER E 424 9.69 -24.73 -2.21
N GLY E 425 10.28 -24.20 -1.13
CA GLY E 425 10.17 -22.80 -0.73
C GLY E 425 10.70 -21.73 -1.71
N LEU E 426 11.39 -22.07 -2.80
CA LEU E 426 11.68 -21.09 -3.87
C LEU E 426 10.53 -20.95 -4.88
N ARG E 427 9.65 -21.94 -4.94
CA ARG E 427 8.50 -21.85 -5.83
C ARG E 427 7.38 -21.05 -5.17
N ASP E 428 7.07 -21.40 -3.92
CA ASP E 428 6.08 -20.69 -3.14
C ASP E 428 6.87 -19.66 -2.34
N ALA E 429 6.30 -18.47 -2.20
CA ALA E 429 6.98 -17.37 -1.49
C ALA E 429 8.44 -17.13 -1.93
N GLY E 430 8.78 -17.38 -3.20
CA GLY E 430 10.13 -17.25 -3.73
C GLY E 430 10.73 -15.85 -3.69
N ARG E 431 9.87 -14.84 -3.69
CA ARG E 431 10.31 -13.45 -3.60
C ARG E 431 11.07 -13.25 -2.29
N GLN E 432 10.43 -13.62 -1.18
CA GLN E 432 11.06 -13.52 0.14
C GLN E 432 12.44 -14.13 0.18
N ILE E 433 12.62 -15.34 -0.36
CA ILE E 433 13.89 -16.06 -0.34
C ILE E 433 14.97 -15.26 -1.05
N ILE E 434 14.74 -14.72 -2.26
CA ILE E 434 15.75 -13.90 -2.93
C ILE E 434 16.03 -12.59 -2.18
N ASP E 435 15.03 -11.89 -1.63
CA ASP E 435 15.29 -10.70 -0.81
C ASP E 435 16.10 -10.99 0.45
N HIS E 436 15.77 -12.05 1.18
CA HIS E 436 16.47 -12.39 2.43
C HIS E 436 17.88 -12.90 2.16
N LEU E 437 18.07 -13.83 1.23
CA LEU E 437 19.40 -14.36 0.92
C LEU E 437 20.33 -13.31 0.33
N LEU E 438 19.86 -12.41 -0.55
CA LEU E 438 20.70 -11.29 -0.99
C LEU E 438 20.97 -10.32 0.16
N GLY E 439 19.98 -10.04 1.02
CA GLY E 439 20.13 -9.12 2.13
C GLY E 439 21.23 -9.48 3.11
N MET E 440 21.48 -10.76 3.35
CA MET E 440 22.58 -11.22 4.22
C MET E 440 23.97 -11.01 3.62
N ILE E 441 24.11 -10.89 2.30
CA ILE E 441 25.40 -10.62 1.64
C ILE E 441 25.57 -9.14 1.31
N ASN E 442 24.51 -8.52 0.79
CA ASN E 442 24.49 -7.13 0.31
C ASN E 442 24.78 -6.12 1.43
N GLY E 443 24.23 -6.31 2.63
CA GLY E 443 24.48 -5.45 3.80
C GLY E 443 23.24 -5.04 4.61
N LYS E 444 22.05 -5.50 4.21
CA LYS E 444 20.76 -5.21 4.86
C LYS E 444 20.62 -5.86 6.24
N LYS E 445 21.35 -6.94 6.41
CA LYS E 445 21.37 -7.64 7.67
C LYS E 445 22.85 -7.93 7.74
N PRO E 446 23.55 -7.37 8.76
CA PRO E 446 24.96 -7.68 8.99
C PRO E 446 24.94 -8.69 10.13
N LEU E 447 26.07 -9.34 10.40
CA LEU E 447 26.19 -10.46 11.33
C LEU E 447 25.77 -10.10 12.77
N PHE E 448 24.93 -10.94 13.41
CA PHE E 448 24.38 -10.71 14.76
C PHE E 448 24.22 -11.98 15.58
N GLU F 1 -32.98 -38.20 1.75
CA GLU F 1 -31.75 -38.64 2.46
C GLU F 1 -30.61 -37.67 2.22
N HIS F 2 -30.04 -37.11 3.30
CA HIS F 2 -28.94 -36.13 3.31
C HIS F 2 -27.96 -36.46 4.43
N VAL F 3 -26.66 -36.45 4.11
CA VAL F 3 -25.60 -36.70 5.07
C VAL F 3 -24.56 -35.57 4.99
N THR F 4 -23.86 -35.34 6.09
CA THR F 4 -22.84 -34.30 6.16
C THR F 4 -21.60 -34.81 6.91
N GLY F 5 -20.43 -34.39 6.45
CA GLY F 5 -19.16 -34.80 7.06
C GLY F 5 -18.67 -33.83 8.16
N LYS F 6 -17.52 -34.16 8.77
CA LYS F 6 -16.79 -33.26 9.68
C LYS F 6 -15.94 -32.26 8.90
N TRP F 7 -15.68 -31.07 9.47
CA TRP F 7 -14.80 -30.06 8.88
C TRP F 7 -13.34 -30.53 8.77
N PHE F 8 -12.62 -30.08 7.74
CA PHE F 8 -11.17 -30.16 7.64
C PHE F 8 -10.59 -28.87 7.08
N SER F 9 -9.27 -28.70 7.16
CA SER F 9 -8.61 -27.42 6.84
C SER F 9 -7.64 -27.53 5.68
N VAL F 10 -7.52 -26.46 4.92
CA VAL F 10 -6.39 -26.14 4.04
C VAL F 10 -5.94 -24.70 4.36
N PRO F 11 -4.75 -24.24 3.97
CA PRO F 11 -4.31 -22.88 4.28
C PRO F 11 -5.37 -21.82 4.00
N GLU F 12 -5.74 -21.05 5.03
CA GLU F 12 -6.78 -20.01 5.05
C GLU F 12 -8.26 -20.43 4.81
N LEU F 13 -8.61 -21.71 4.63
CA LEU F 13 -9.99 -22.16 4.38
C LEU F 13 -10.41 -23.37 5.20
N ARG F 14 -11.71 -23.47 5.46
CA ARG F 14 -12.34 -24.60 6.14
C ARG F 14 -13.27 -25.25 5.11
N LEU F 15 -13.29 -26.58 5.04
CA LEU F 15 -14.10 -27.31 4.07
C LEU F 15 -14.90 -28.44 4.72
N ARG F 16 -16.09 -28.76 4.20
CA ARG F 16 -16.97 -29.86 4.63
C ARG F 16 -17.72 -30.43 3.44
N ASP F 17 -17.95 -31.74 3.38
CA ASP F 17 -18.66 -32.39 2.26
C ASP F 17 -20.08 -32.85 2.63
N HIS F 18 -21.06 -32.52 1.79
CA HIS F 18 -22.46 -32.93 1.92
C HIS F 18 -22.84 -33.88 0.79
N ARG F 19 -23.54 -34.99 1.08
CA ARG F 19 -23.99 -35.97 0.07
C ARG F 19 -25.51 -36.17 0.16
N PHE F 20 -26.18 -36.14 -0.98
CA PHE F 20 -27.63 -36.18 -1.13
C PHE F 20 -28.03 -37.34 -2.04
N ILE F 21 -29.15 -38.01 -1.77
CA ILE F 21 -29.74 -38.94 -2.74
C ILE F 21 -30.85 -38.23 -3.52
N VAL F 22 -30.78 -38.36 -4.84
CA VAL F 22 -31.70 -37.75 -5.82
C VAL F 22 -32.22 -38.84 -6.76
N PRO F 23 -33.34 -38.65 -7.45
CA PRO F 23 -33.75 -39.55 -8.51
C PRO F 23 -32.87 -39.44 -9.76
N LEU F 24 -32.74 -40.52 -10.53
CA LEU F 24 -32.12 -40.48 -11.84
C LEU F 24 -32.95 -39.61 -12.79
N ASP F 25 -34.25 -39.88 -12.87
CA ASP F 25 -35.22 -39.08 -13.63
C ASP F 25 -36.36 -38.64 -12.70
N TYR F 26 -36.54 -37.34 -12.55
CA TYR F 26 -37.51 -36.74 -11.65
C TYR F 26 -38.97 -37.10 -11.97
N SER F 27 -39.27 -37.53 -13.20
CA SER F 27 -40.62 -37.97 -13.57
C SER F 27 -41.03 -39.37 -13.08
N LYS F 28 -40.08 -40.19 -12.59
CA LYS F 28 -40.36 -41.57 -12.11
C LYS F 28 -39.94 -41.87 -10.67
N SER F 29 -39.10 -41.04 -10.06
CA SER F 29 -38.58 -41.21 -8.68
C SER F 29 -37.71 -42.46 -8.46
N SER F 30 -37.33 -43.20 -9.50
CA SER F 30 -36.41 -44.35 -9.45
C SER F 30 -35.71 -44.56 -10.80
N PRO F 31 -34.48 -45.13 -10.85
CA PRO F 31 -33.59 -45.44 -9.73
C PRO F 31 -33.07 -44.19 -8.99
N LYS F 32 -32.20 -44.37 -8.01
CA LYS F 32 -31.52 -43.29 -7.28
C LYS F 32 -30.09 -43.03 -7.77
N ILE F 33 -29.57 -41.85 -7.46
CA ILE F 33 -28.23 -41.33 -7.76
C ILE F 33 -27.76 -40.57 -6.51
N THR F 34 -26.46 -40.52 -6.21
CA THR F 34 -25.91 -39.69 -5.13
C THR F 34 -25.23 -38.45 -5.71
N VAL F 35 -25.49 -37.27 -5.15
CA VAL F 35 -24.90 -36.00 -5.60
C VAL F 35 -24.10 -35.38 -4.46
N PHE F 36 -22.94 -34.79 -4.74
CA PHE F 36 -21.95 -34.32 -3.78
C PHE F 36 -21.71 -32.80 -3.93
N ALA F 37 -21.78 -32.04 -2.84
CA ALA F 37 -21.41 -30.63 -2.82
C ALA F 37 -20.48 -30.32 -1.64
N ARG F 38 -19.42 -29.57 -1.89
CA ARG F 38 -18.48 -29.20 -0.83
C ARG F 38 -18.69 -27.75 -0.39
N GLU F 39 -18.90 -27.56 0.91
CA GLU F 39 -19.11 -26.22 1.49
C GLU F 39 -17.78 -25.65 1.97
N ILE F 40 -17.52 -24.37 1.72
CA ILE F 40 -16.27 -23.69 2.03
C ILE F 40 -16.54 -22.36 2.76
N VAL F 41 -15.76 -22.06 3.78
CA VAL F 41 -15.77 -20.79 4.52
C VAL F 41 -14.36 -20.39 4.91
N ALA F 42 -14.14 -19.10 5.16
CA ALA F 42 -12.90 -18.63 5.74
C ALA F 42 -12.77 -19.01 7.23
N VAL F 43 -11.57 -18.89 7.77
CA VAL F 43 -11.21 -19.39 9.11
C VAL F 43 -12.09 -18.81 10.22
N GLY F 44 -12.61 -19.69 11.09
CA GLY F 44 -13.39 -19.32 12.27
C GLY F 44 -14.86 -18.99 12.04
N LYS F 45 -15.35 -19.10 10.79
CA LYS F 45 -16.71 -18.74 10.39
C LYS F 45 -17.63 -19.93 10.14
N GLU F 46 -17.29 -21.13 10.61
CA GLU F 46 -18.10 -22.34 10.39
C GLU F 46 -19.57 -22.19 10.80
N GLU F 47 -19.82 -21.47 11.90
CA GLU F 47 -21.17 -21.34 12.49
C GLU F 47 -21.93 -20.08 12.04
N GLN F 48 -21.25 -19.08 11.50
CA GLN F 48 -21.84 -17.75 11.31
C GLN F 48 -22.82 -17.68 10.12
N ALA F 49 -23.95 -17.02 10.32
CA ALA F 49 -24.97 -16.83 9.29
C ALA F 49 -24.57 -15.70 8.32
N MET F 50 -24.34 -16.05 7.06
CA MET F 50 -24.07 -15.16 5.92
C MET F 50 -24.61 -15.82 4.63
N PRO F 51 -24.85 -15.07 3.54
CA PRO F 51 -25.55 -15.60 2.38
C PRO F 51 -24.78 -16.70 1.64
N TYR F 52 -25.49 -17.68 1.11
CA TYR F 52 -24.92 -18.76 0.31
C TYR F 52 -24.63 -18.33 -1.13
N LEU F 53 -23.56 -18.88 -1.72
CA LEU F 53 -23.20 -18.75 -3.12
C LEU F 53 -22.99 -20.13 -3.74
N LEU F 54 -23.66 -20.45 -4.85
CA LEU F 54 -23.46 -21.69 -5.61
C LEU F 54 -22.55 -21.44 -6.81
N TYR F 55 -21.59 -22.33 -7.07
CA TYR F 55 -20.73 -22.27 -8.25
C TYR F 55 -21.01 -23.43 -9.22
N LEU F 56 -21.12 -23.14 -10.51
CA LEU F 56 -21.36 -24.09 -11.60
C LEU F 56 -20.13 -24.13 -12.53
N GLN F 57 -19.37 -25.23 -12.48
CA GLN F 57 -18.00 -25.31 -13.03
C GLN F 57 -17.88 -25.15 -14.55
N GLY F 58 -18.84 -25.65 -15.33
CA GLY F 58 -18.97 -25.23 -16.71
C GLY F 58 -18.02 -25.82 -17.76
N GLY F 59 -17.47 -27.01 -17.54
CA GLY F 59 -17.14 -27.88 -18.66
C GLY F 59 -18.10 -29.06 -18.57
N PRO F 60 -18.84 -29.45 -19.63
CA PRO F 60 -19.78 -30.63 -19.51
C PRO F 60 -19.01 -31.88 -19.09
N GLY F 61 -19.26 -32.40 -17.89
CA GLY F 61 -18.49 -33.48 -17.41
C GLY F 61 -17.21 -33.13 -16.63
N PHE F 62 -16.85 -31.87 -16.29
CA PHE F 62 -15.68 -31.53 -15.44
C PHE F 62 -15.99 -31.45 -13.93
N GLU F 63 -15.04 -31.90 -13.12
CA GLU F 63 -15.06 -31.81 -11.65
C GLU F 63 -14.99 -30.35 -11.17
N GLY F 64 -15.65 -30.01 -10.04
CA GLY F 64 -15.53 -28.69 -9.38
C GLY F 64 -14.07 -28.35 -8.97
N PRO F 65 -13.79 -27.14 -8.47
CA PRO F 65 -12.45 -26.57 -8.36
C PRO F 65 -11.40 -27.30 -7.67
N ARG F 66 -11.76 -27.96 -6.57
CA ARG F 66 -10.80 -28.71 -5.72
C ARG F 66 -9.59 -27.85 -5.27
N PRO F 67 -9.81 -26.83 -4.41
CA PRO F 67 -8.78 -25.88 -3.99
C PRO F 67 -7.84 -26.44 -2.92
N SER F 68 -6.57 -26.02 -2.91
CA SER F 68 -5.56 -26.41 -1.90
C SER F 68 -5.05 -25.24 -1.05
N GLU F 69 -5.58 -24.04 -1.24
CA GLU F 69 -5.26 -22.79 -0.54
C GLU F 69 -6.34 -21.73 -0.80
N ALA F 70 -6.36 -20.63 -0.05
CA ALA F 70 -7.09 -19.44 -0.46
C ALA F 70 -6.32 -18.67 -1.55
N SER F 71 -6.84 -18.64 -2.77
CA SER F 71 -6.38 -17.75 -3.85
C SER F 71 -7.44 -17.58 -4.95
N GLY F 72 -7.27 -16.57 -5.79
CA GLY F 72 -8.18 -16.30 -6.91
C GLY F 72 -9.56 -15.88 -6.43
N TRP F 73 -10.62 -16.38 -7.08
CA TRP F 73 -11.98 -15.96 -6.79
C TRP F 73 -12.52 -16.52 -5.47
N ILE F 74 -12.17 -17.75 -5.06
CA ILE F 74 -12.67 -18.37 -3.81
C ILE F 74 -12.21 -17.58 -2.59
N GLN F 75 -10.98 -17.07 -2.59
CA GLN F 75 -10.49 -16.22 -1.51
C GLN F 75 -11.35 -14.97 -1.31
N ARG F 76 -11.85 -14.42 -2.41
CA ARG F 76 -12.68 -13.22 -2.37
C ARG F 76 -14.13 -13.54 -2.03
N ALA F 77 -14.69 -14.57 -2.67
CA ALA F 77 -16.07 -14.94 -2.41
C ALA F 77 -16.30 -15.22 -0.91
N CYS F 78 -15.37 -15.90 -0.25
CA CYS F 78 -15.45 -16.23 1.18
C CYS F 78 -15.33 -15.03 2.13
N GLU F 79 -15.01 -13.84 1.63
CA GLU F 79 -15.11 -12.59 2.39
C GLU F 79 -16.57 -12.16 2.61
N GLU F 80 -17.53 -12.72 1.88
CA GLU F 80 -18.95 -12.36 1.97
C GLU F 80 -19.90 -13.56 2.03
N PHE F 81 -19.57 -14.69 1.41
CA PHE F 81 -20.52 -15.80 1.18
C PHE F 81 -20.07 -17.14 1.77
N ARG F 82 -21.03 -18.05 1.89
CA ARG F 82 -20.74 -19.43 2.27
C ARG F 82 -20.71 -20.10 0.89
N VAL F 83 -19.51 -20.38 0.37
CA VAL F 83 -19.33 -20.89 -1.00
C VAL F 83 -19.65 -22.38 -1.06
N VAL F 84 -20.51 -22.81 -1.99
CA VAL F 84 -20.85 -24.22 -2.21
C VAL F 84 -20.45 -24.66 -3.60
N LEU F 85 -19.57 -25.65 -3.71
CA LEU F 85 -19.04 -26.16 -4.97
C LEU F 85 -19.71 -27.50 -5.30
N LEU F 86 -20.47 -27.54 -6.39
CA LEU F 86 -21.28 -28.69 -6.77
C LEU F 86 -20.56 -29.54 -7.82
N ASP F 87 -20.29 -30.81 -7.54
CA ASP F 87 -19.92 -31.76 -8.60
C ASP F 87 -21.18 -32.13 -9.37
N GLN F 88 -21.30 -31.64 -10.60
CA GLN F 88 -22.45 -31.88 -11.47
C GLN F 88 -22.67 -33.39 -11.65
N ARG F 89 -23.93 -33.84 -11.81
CA ARG F 89 -24.21 -35.28 -11.89
C ARG F 89 -23.40 -35.96 -13.01
N GLY F 90 -22.92 -37.17 -12.74
CA GLY F 90 -22.12 -37.93 -13.69
C GLY F 90 -20.62 -37.63 -13.69
N THR F 91 -20.13 -36.72 -12.85
CA THR F 91 -18.71 -36.38 -12.75
C THR F 91 -18.24 -36.14 -11.31
N GLY F 92 -16.93 -36.16 -11.06
CA GLY F 92 -16.31 -35.94 -9.73
C GLY F 92 -16.59 -37.05 -8.71
N LEU F 93 -17.33 -36.80 -7.62
CA LEU F 93 -17.92 -37.82 -6.74
C LEU F 93 -19.46 -38.04 -6.95
N SER F 94 -20.15 -37.28 -7.82
CA SER F 94 -21.58 -37.45 -8.09
C SER F 94 -21.86 -38.59 -9.08
N THR F 95 -21.62 -39.84 -8.65
CA THR F 95 -21.74 -41.09 -9.45
C THR F 95 -21.04 -41.15 -10.82
N PRO F 96 -19.70 -41.02 -10.87
CA PRO F 96 -18.93 -40.84 -12.10
C PRO F 96 -19.22 -41.76 -13.30
N LEU F 97 -19.39 -41.18 -14.49
CA LEU F 97 -19.44 -41.90 -15.78
C LEU F 97 -18.04 -41.95 -16.43
N THR F 98 -17.01 -42.35 -15.69
CA THR F 98 -15.64 -42.59 -16.23
C THR F 98 -15.64 -43.85 -17.13
N CYS F 99 -14.60 -44.06 -17.97
CA CYS F 99 -14.48 -45.14 -18.94
C CYS F 99 -14.84 -46.52 -18.38
N SER F 100 -14.16 -46.95 -17.29
CA SER F 100 -14.35 -48.25 -16.58
C SER F 100 -15.77 -48.44 -16.01
N SER F 101 -16.39 -47.37 -15.51
CA SER F 101 -17.76 -47.37 -14.97
C SER F 101 -18.84 -47.47 -16.08
N MET F 102 -18.73 -46.77 -17.23
CA MET F 102 -19.69 -46.97 -18.32
C MET F 102 -19.63 -48.35 -18.96
N LEU F 103 -18.50 -49.06 -18.88
CA LEU F 103 -18.39 -50.45 -19.37
C LEU F 103 -19.26 -51.45 -18.60
N GLN F 104 -19.95 -51.09 -17.51
CA GLN F 104 -20.96 -51.98 -16.90
C GLN F 104 -22.23 -52.12 -17.75
N PHE F 105 -22.58 -51.16 -18.63
CA PHE F 105 -23.81 -51.25 -19.43
C PHE F 105 -23.70 -52.31 -20.52
N LYS F 106 -24.75 -53.13 -20.68
CA LYS F 106 -24.72 -54.35 -21.49
C LYS F 106 -24.68 -54.12 -23.00
N SER F 107 -25.27 -53.01 -23.47
CA SER F 107 -25.38 -52.64 -24.90
C SER F 107 -25.43 -51.12 -25.09
N ALA F 108 -25.12 -50.64 -26.30
CA ALA F 108 -25.15 -49.20 -26.64
C ALA F 108 -26.48 -48.52 -26.36
N LYS F 109 -27.59 -49.23 -26.57
CA LYS F 109 -28.90 -48.67 -26.29
C LYS F 109 -29.09 -48.41 -24.79
N GLU F 110 -28.61 -49.31 -23.95
CA GLU F 110 -28.73 -49.12 -22.51
C GLU F 110 -27.93 -47.90 -22.06
N LEU F 111 -26.70 -47.80 -22.55
CA LEU F 111 -25.81 -46.68 -22.25
C LEU F 111 -26.42 -45.35 -22.70
N ALA F 112 -26.86 -45.25 -23.96
CA ALA F 112 -27.50 -44.06 -24.50
C ALA F 112 -28.76 -43.66 -23.71
N ASP F 113 -29.61 -44.62 -23.35
CA ASP F 113 -30.80 -44.36 -22.53
C ASP F 113 -30.44 -43.92 -21.09
N TYR F 114 -29.21 -44.11 -20.63
CA TYR F 114 -28.75 -43.55 -19.36
C TYR F 114 -28.23 -42.12 -19.54
N LEU F 115 -27.35 -41.87 -20.52
CA LEU F 115 -26.68 -40.58 -20.70
C LEU F 115 -27.66 -39.41 -20.92
N VAL F 116 -28.82 -39.63 -21.52
CA VAL F 116 -29.83 -38.57 -21.75
C VAL F 116 -30.39 -37.93 -20.47
N HIS F 117 -30.12 -38.49 -19.28
CA HIS F 117 -30.47 -37.91 -17.99
C HIS F 117 -29.40 -36.99 -17.39
N PHE F 118 -28.22 -36.87 -18.01
CA PHE F 118 -27.05 -36.16 -17.48
C PHE F 118 -26.81 -34.83 -18.20
N ARG F 119 -27.87 -34.03 -18.35
CA ARG F 119 -27.80 -32.74 -19.07
C ARG F 119 -27.82 -31.49 -18.20
N ALA F 120 -28.22 -30.34 -18.77
CA ALA F 120 -28.24 -29.11 -17.97
C ALA F 120 -29.61 -28.90 -17.26
N ASP F 121 -30.78 -29.35 -17.81
CA ASP F 121 -32.07 -29.19 -17.13
C ASP F 121 -32.10 -29.97 -15.81
N ASN F 122 -31.65 -31.23 -15.77
CA ASN F 122 -31.53 -32.01 -14.55
C ASN F 122 -30.50 -31.45 -13.56
N ILE F 123 -29.41 -30.85 -14.01
CA ILE F 123 -28.44 -30.19 -13.11
C ILE F 123 -29.11 -29.08 -12.31
N VAL F 124 -30.04 -28.32 -12.90
CA VAL F 124 -30.88 -27.36 -12.18
C VAL F 124 -31.87 -28.03 -11.24
N LYS F 125 -32.47 -29.17 -11.60
CA LYS F 125 -33.33 -29.93 -10.67
C LYS F 125 -32.55 -30.35 -9.43
N ASP F 126 -31.33 -30.88 -9.61
CA ASP F 126 -30.43 -31.25 -8.52
C ASP F 126 -30.06 -30.05 -7.65
N ALA F 127 -29.69 -28.91 -8.23
CA ALA F 127 -29.33 -27.72 -7.48
C ALA F 127 -30.50 -27.16 -6.68
N GLU F 128 -31.73 -27.19 -7.20
CA GLU F 128 -32.91 -26.79 -6.42
C GLU F 128 -33.24 -27.79 -5.29
N PHE F 129 -33.06 -29.10 -5.53
CA PHE F 129 -33.20 -30.12 -4.49
C PHE F 129 -32.19 -29.97 -3.34
N ILE F 130 -31.04 -29.35 -3.58
CA ILE F 130 -30.05 -29.06 -2.54
C ILE F 130 -30.46 -27.81 -1.76
N ARG F 131 -30.78 -26.69 -2.41
CA ARG F 131 -31.06 -25.40 -1.74
C ARG F 131 -32.08 -25.54 -0.62
N VAL F 132 -33.16 -26.25 -0.91
CA VAL F 132 -34.34 -26.45 -0.06
C VAL F 132 -34.03 -27.17 1.27
N ARG F 133 -32.89 -27.86 1.39
CA ARG F 133 -32.47 -28.56 2.63
C ARG F 133 -31.04 -28.24 3.13
N LEU F 134 -30.20 -27.64 2.31
CA LEU F 134 -28.90 -27.09 2.73
C LEU F 134 -29.02 -25.66 3.28
N VAL F 135 -29.76 -24.76 2.61
CA VAL F 135 -29.83 -23.33 2.99
C VAL F 135 -30.82 -23.12 4.14
N PRO F 136 -30.48 -22.37 5.21
CA PRO F 136 -31.42 -22.04 6.29
C PRO F 136 -32.67 -21.32 5.78
N LYS F 137 -33.84 -21.62 6.35
CA LYS F 137 -35.17 -21.17 5.86
C LYS F 137 -35.46 -21.50 4.38
N ALA F 138 -34.64 -22.32 3.71
CA ALA F 138 -34.66 -22.51 2.26
C ALA F 138 -34.56 -21.20 1.46
N ASP F 139 -33.88 -20.18 1.99
CA ASP F 139 -33.73 -18.87 1.36
C ASP F 139 -33.16 -18.93 -0.06
N PRO F 140 -33.34 -17.87 -0.88
CA PRO F 140 -32.62 -17.70 -2.12
C PRO F 140 -31.11 -17.64 -1.94
N TRP F 141 -30.37 -17.92 -3.01
CA TRP F 141 -28.91 -17.82 -3.04
C TRP F 141 -28.42 -17.13 -4.32
N THR F 142 -27.21 -16.58 -4.30
CA THR F 142 -26.55 -16.06 -5.49
C THR F 142 -25.89 -17.21 -6.24
N ILE F 143 -25.85 -17.19 -7.56
CA ILE F 143 -25.15 -18.20 -8.37
C ILE F 143 -24.09 -17.57 -9.25
N LEU F 144 -23.02 -18.31 -9.49
CA LEU F 144 -21.91 -17.97 -10.37
C LEU F 144 -21.70 -19.12 -11.36
N GLY F 145 -21.37 -18.81 -12.61
CA GLY F 145 -21.03 -19.82 -13.60
C GLY F 145 -20.13 -19.32 -14.72
N GLN F 146 -19.00 -19.99 -14.94
CA GLN F 146 -18.15 -19.82 -16.12
C GLN F 146 -18.60 -20.75 -17.25
N SER F 147 -18.37 -20.40 -18.52
CA SER F 147 -18.54 -21.33 -19.66
C SER F 147 -19.92 -22.03 -19.64
N PHE F 148 -19.99 -23.37 -19.71
CA PHE F 148 -21.27 -24.11 -19.66
C PHE F 148 -22.05 -23.92 -18.33
N GLY F 149 -21.43 -23.42 -17.26
CA GLY F 149 -22.11 -23.08 -16.02
C GLY F 149 -23.03 -21.88 -16.19
N GLY F 150 -22.68 -20.93 -17.05
CA GLY F 150 -23.61 -19.90 -17.49
C GLY F 150 -24.65 -20.44 -18.47
N PHE F 151 -24.34 -21.50 -19.24
CA PHE F 151 -25.34 -22.22 -20.02
C PHE F 151 -26.42 -22.68 -19.05
N CYS F 152 -26.02 -23.51 -18.08
CA CYS F 152 -26.91 -23.96 -17.00
C CYS F 152 -27.73 -22.75 -16.40
N ALA F 153 -27.11 -21.62 -16.06
CA ALA F 153 -27.78 -20.52 -15.38
C ALA F 153 -28.97 -19.91 -16.14
N LEU F 154 -28.95 -19.83 -17.48
CA LEU F 154 -30.15 -19.39 -18.21
C LEU F 154 -31.30 -20.40 -18.15
N THR F 155 -31.05 -21.69 -17.98
CA THR F 155 -32.13 -22.66 -17.74
C THR F 155 -32.68 -22.50 -16.32
N TYR F 156 -31.86 -22.08 -15.34
CA TYR F 156 -32.28 -21.77 -13.98
C TYR F 156 -33.20 -20.54 -13.94
N LEU F 157 -32.82 -19.44 -14.61
CA LEU F 157 -33.69 -18.28 -14.85
C LEU F 157 -34.94 -18.63 -15.69
N SER F 158 -34.94 -19.72 -16.47
CA SER F 158 -36.11 -20.14 -17.24
C SER F 158 -37.10 -20.98 -16.44
N PHE F 159 -36.66 -21.84 -15.52
CA PHE F 159 -37.53 -22.87 -14.92
C PHE F 159 -37.63 -22.86 -13.39
N ALA F 160 -36.73 -22.18 -12.68
CA ALA F 160 -36.76 -22.09 -11.22
C ALA F 160 -36.27 -20.71 -10.70
N PRO F 161 -36.84 -19.58 -11.17
CA PRO F 161 -36.37 -18.26 -10.77
C PRO F 161 -36.63 -17.92 -9.30
N GLU F 162 -37.46 -18.68 -8.60
CA GLU F 162 -37.79 -18.49 -7.18
C GLU F 162 -36.56 -18.59 -6.26
N GLY F 163 -35.58 -19.44 -6.58
CA GLY F 163 -34.40 -19.68 -5.75
C GLY F 163 -33.26 -18.68 -5.95
N LEU F 164 -33.31 -17.81 -6.96
CA LEU F 164 -32.19 -16.97 -7.34
C LEU F 164 -32.30 -15.58 -6.71
N LYS F 165 -31.30 -15.19 -5.92
CA LYS F 165 -31.17 -13.81 -5.41
C LYS F 165 -30.64 -12.88 -6.49
N GLN F 166 -29.60 -13.32 -7.20
CA GLN F 166 -28.95 -12.64 -8.32
C GLN F 166 -28.13 -13.66 -9.11
N VAL F 167 -27.73 -13.34 -10.34
CA VAL F 167 -26.93 -14.22 -11.19
C VAL F 167 -25.68 -13.50 -11.67
N LEU F 168 -24.52 -14.14 -11.56
CA LEU F 168 -23.26 -13.68 -12.13
C LEU F 168 -22.79 -14.69 -13.18
N ILE F 169 -22.36 -14.24 -14.35
CA ILE F 169 -21.93 -15.12 -15.44
C ILE F 169 -20.58 -14.64 -15.96
N THR F 170 -19.64 -15.55 -16.19
CA THR F 170 -18.35 -15.19 -16.81
C THR F 170 -18.20 -15.90 -18.15
N GLY F 171 -18.80 -15.32 -19.18
CA GLY F 171 -18.71 -15.80 -20.54
C GLY F 171 -19.45 -17.11 -20.73
N GLY F 172 -20.65 -17.23 -20.21
CA GLY F 172 -21.48 -18.42 -20.35
C GLY F 172 -22.83 -18.13 -20.95
N ILE F 173 -22.97 -17.05 -21.74
CA ILE F 173 -24.23 -16.72 -22.38
C ILE F 173 -24.31 -17.41 -23.75
N PRO F 174 -25.32 -18.28 -23.92
CA PRO F 174 -25.50 -19.03 -25.16
C PRO F 174 -26.52 -18.38 -26.08
N PRO F 175 -26.57 -18.83 -27.34
CA PRO F 175 -27.50 -18.35 -28.37
C PRO F 175 -28.76 -19.19 -28.36
N ILE F 176 -29.86 -18.63 -27.87
CA ILE F 176 -31.12 -19.34 -27.81
C ILE F 176 -32.13 -18.79 -28.81
N GLY F 177 -33.10 -19.62 -29.18
CA GLY F 177 -34.13 -19.22 -30.13
C GLY F 177 -34.15 -19.99 -31.44
N LYS F 178 -33.89 -21.30 -31.36
CA LYS F 178 -33.88 -22.15 -32.55
C LYS F 178 -34.00 -23.60 -32.05
N ALA F 179 -34.27 -24.55 -32.94
CA ALA F 179 -34.37 -25.93 -32.45
C ALA F 179 -33.03 -26.65 -32.26
N CYS F 180 -32.01 -26.31 -33.05
CA CYS F 180 -30.61 -26.63 -32.78
C CYS F 180 -29.69 -25.52 -33.26
N THR F 181 -29.02 -24.83 -32.34
CA THR F 181 -28.15 -23.67 -32.63
C THR F 181 -26.70 -24.04 -32.98
N ALA F 182 -26.35 -25.33 -33.01
CA ALA F 182 -24.96 -25.77 -33.19
C ALA F 182 -24.35 -25.36 -34.53
N ASP F 183 -25.11 -25.37 -35.62
CA ASP F 183 -24.65 -24.91 -36.92
C ASP F 183 -24.23 -23.43 -36.90
N ASP F 184 -24.91 -22.58 -36.12
CA ASP F 184 -24.55 -21.17 -36.01
C ASP F 184 -23.24 -21.01 -35.25
N VAL F 185 -23.09 -21.76 -34.17
CA VAL F 185 -21.91 -21.73 -33.31
C VAL F 185 -20.67 -22.14 -34.10
N TYR F 186 -20.71 -23.27 -34.82
CA TYR F 186 -19.54 -23.73 -35.56
C TYR F 186 -19.28 -22.90 -36.82
N GLU F 187 -20.30 -22.36 -37.48
CA GLU F 187 -20.10 -21.40 -38.57
C GLU F 187 -19.29 -20.19 -38.12
N ALA F 188 -19.65 -19.58 -36.99
CA ALA F 188 -18.89 -18.45 -36.43
C ALA F 188 -17.60 -18.86 -35.71
N GLY F 189 -17.51 -20.11 -35.24
CA GLY F 189 -16.35 -20.64 -34.54
C GLY F 189 -15.11 -20.74 -35.44
N PHE F 190 -15.23 -21.31 -36.65
CA PHE F 190 -14.09 -21.43 -37.55
C PHE F 190 -13.51 -20.07 -37.96
N GLU F 191 -14.31 -19.00 -38.00
CA GLU F 191 -13.81 -17.64 -38.22
C GLU F 191 -12.86 -17.17 -37.11
N GLN F 192 -13.25 -17.33 -35.82
CA GLN F 192 -12.36 -16.99 -34.72
C GLN F 192 -11.13 -17.89 -34.70
N VAL F 193 -11.32 -19.20 -34.84
CA VAL F 193 -10.19 -20.13 -34.84
C VAL F 193 -9.17 -19.75 -35.90
N ALA F 194 -9.59 -19.37 -37.11
CA ALA F 194 -8.67 -18.87 -38.12
C ALA F 194 -7.95 -17.60 -37.66
N ARG F 195 -8.65 -16.61 -37.12
CA ARG F 195 -8.02 -15.36 -36.61
C ARG F 195 -7.09 -15.57 -35.42
N GLN F 196 -7.31 -16.57 -34.57
CA GLN F 196 -6.36 -16.94 -33.51
C GLN F 196 -5.09 -17.62 -34.05
N ASN F 197 -5.18 -18.46 -35.08
CA ASN F 197 -3.98 -19.02 -35.71
C ASN F 197 -3.12 -17.95 -36.38
N GLU F 198 -3.72 -16.94 -37.00
CA GLU F 198 -2.97 -15.81 -37.58
C GLU F 198 -2.17 -15.07 -36.51
N LYS F 199 -2.72 -14.84 -35.31
CA LYS F 199 -1.99 -14.25 -34.18
C LYS F 199 -0.86 -15.15 -33.68
N TYR F 200 -1.06 -16.47 -33.61
CA TYR F 200 -0.02 -17.40 -33.16
C TYR F 200 1.21 -17.37 -34.07
N TYR F 201 1.07 -17.59 -35.38
CA TYR F 201 2.24 -17.56 -36.27
C TYR F 201 2.85 -16.17 -36.44
N LYS F 202 2.11 -15.09 -36.18
CA LYS F 202 2.68 -13.74 -36.12
C LYS F 202 3.56 -13.52 -34.89
N ARG F 203 3.21 -14.17 -33.78
CA ARG F 203 3.99 -14.06 -32.55
C ARG F 203 5.21 -14.98 -32.55
N PHE F 204 5.04 -16.20 -33.04
CA PHE F 204 6.12 -17.20 -33.10
C PHE F 204 6.45 -17.63 -34.55
N PRO F 205 7.09 -16.79 -35.38
CA PRO F 205 7.25 -17.05 -36.82
C PRO F 205 8.01 -18.32 -37.16
N GLN F 206 8.97 -18.72 -36.31
CA GLN F 206 9.77 -19.93 -36.49
C GLN F 206 8.94 -21.23 -36.46
N ASP F 207 7.75 -21.26 -35.89
CA ASP F 207 6.96 -22.49 -35.78
C ASP F 207 6.35 -22.96 -37.10
N ILE F 208 6.27 -22.11 -38.12
CA ILE F 208 5.62 -22.43 -39.40
C ILE F 208 6.25 -23.67 -40.04
N GLU F 209 7.56 -23.75 -40.07
CA GLU F 209 8.26 -24.93 -40.60
C GLU F 209 8.17 -26.15 -39.69
N ILE F 210 8.12 -25.96 -38.36
CA ILE F 210 8.09 -27.06 -37.39
C ILE F 210 6.84 -27.90 -37.58
N VAL F 211 5.67 -27.28 -37.67
CA VAL F 211 4.41 -28.03 -37.86
C VAL F 211 4.34 -28.67 -39.25
N ARG F 212 4.95 -28.05 -40.26
CA ARG F 212 4.93 -28.63 -41.60
C ARG F 212 5.78 -29.91 -41.63
N GLU F 213 6.99 -29.83 -41.09
CA GLU F 213 7.88 -30.99 -41.05
C GLU F 213 7.23 -32.14 -40.28
N LEU F 214 6.56 -31.82 -39.19
CA LEU F 214 5.88 -32.80 -38.36
C LEU F 214 4.66 -33.42 -39.05
N VAL F 215 3.85 -32.62 -39.75
CA VAL F 215 2.72 -33.12 -40.55
C VAL F 215 3.18 -34.05 -41.66
N ASN F 216 4.27 -33.74 -42.37
CA ASN F 216 4.84 -34.65 -43.36
C ASN F 216 5.23 -35.99 -42.73
N TYR F 217 5.97 -35.97 -41.61
CA TYR F 217 6.42 -37.19 -40.95
C TYR F 217 5.24 -38.07 -40.49
N LEU F 218 4.22 -37.48 -39.86
CA LEU F 218 3.02 -38.21 -39.44
C LEU F 218 2.25 -38.79 -40.64
N ALA F 219 2.15 -38.08 -41.75
CA ALA F 219 1.43 -38.57 -42.92
C ALA F 219 2.18 -39.68 -43.66
N GLU F 220 3.51 -39.61 -43.75
CA GLU F 220 4.34 -40.63 -44.40
C GLU F 220 4.57 -41.88 -43.53
N SER F 221 4.35 -41.79 -42.22
CA SER F 221 4.43 -42.92 -41.29
C SER F 221 3.41 -44.04 -41.61
N GLU F 222 3.77 -45.27 -41.27
CA GLU F 222 2.97 -46.48 -41.56
C GLU F 222 1.56 -46.42 -40.94
N GLY F 223 0.52 -46.55 -41.77
CA GLY F 223 -0.88 -46.46 -41.34
C GLY F 223 -1.39 -45.03 -41.09
N GLY F 224 -0.66 -44.00 -41.50
CA GLY F 224 -1.10 -42.59 -41.44
C GLY F 224 -0.94 -41.91 -40.07
N GLY F 225 -0.12 -42.46 -39.18
CA GLY F 225 0.20 -41.87 -37.89
C GLY F 225 1.32 -42.61 -37.15
N VAL F 226 1.54 -42.28 -35.89
CA VAL F 226 2.50 -42.97 -35.00
C VAL F 226 1.81 -43.40 -33.70
N PRO F 227 2.07 -44.61 -33.17
CA PRO F 227 1.31 -45.14 -32.04
C PRO F 227 1.70 -44.46 -30.73
N LEU F 228 0.68 -44.05 -29.96
CA LEU F 228 0.86 -43.43 -28.64
C LEU F 228 1.21 -44.48 -27.57
N PRO F 229 1.78 -44.08 -26.42
CA PRO F 229 2.07 -44.97 -25.30
C PRO F 229 0.84 -45.76 -24.81
N SER F 230 -0.32 -45.13 -24.69
CA SER F 230 -1.59 -45.77 -24.29
C SER F 230 -2.24 -46.63 -25.40
N GLY F 231 -1.61 -46.81 -26.56
CA GLY F 231 -2.15 -47.58 -27.68
C GLY F 231 -3.08 -46.81 -28.62
N GLY F 232 -3.24 -45.50 -28.44
CA GLY F 232 -3.88 -44.62 -29.43
C GLY F 232 -3.00 -44.39 -30.67
N ILE F 233 -3.39 -43.48 -31.55
CA ILE F 233 -2.63 -43.13 -32.76
C ILE F 233 -2.57 -41.60 -32.92
N LEU F 234 -1.38 -41.04 -33.16
CA LEU F 234 -1.19 -39.64 -33.54
C LEU F 234 -1.21 -39.53 -35.07
N THR F 235 -2.33 -39.12 -35.64
CA THR F 235 -2.48 -38.79 -37.06
C THR F 235 -2.36 -37.27 -37.26
N PRO F 236 -2.14 -36.74 -38.48
CA PRO F 236 -2.02 -35.30 -38.67
C PRO F 236 -3.30 -34.52 -38.33
N LYS F 237 -4.49 -35.10 -38.48
CA LYS F 237 -5.73 -34.51 -37.94
C LYS F 237 -5.73 -34.46 -36.41
N GLY F 238 -5.20 -35.47 -35.73
CA GLY F 238 -4.98 -35.48 -34.30
C GLY F 238 -4.04 -34.36 -33.84
N LEU F 239 -2.94 -34.09 -34.54
CA LEU F 239 -2.05 -32.96 -34.22
C LEU F 239 -2.79 -31.62 -34.24
N GLN F 240 -3.73 -31.39 -35.15
CA GLN F 240 -4.47 -30.12 -35.19
C GLN F 240 -5.33 -29.87 -33.94
N THR F 241 -5.66 -30.89 -33.15
CA THR F 241 -6.50 -30.74 -31.95
C THR F 241 -5.82 -30.03 -30.78
N LEU F 242 -4.51 -29.77 -30.82
CA LEU F 242 -3.80 -28.96 -29.82
C LEU F 242 -4.49 -27.61 -29.56
N GLY F 243 -5.13 -27.03 -30.57
CA GLY F 243 -5.69 -25.69 -30.52
C GLY F 243 -6.81 -25.50 -29.51
N LEU F 244 -7.50 -26.57 -29.09
CA LEU F 244 -8.68 -26.51 -28.21
C LEU F 244 -8.42 -25.71 -26.94
N SER F 245 -7.23 -25.88 -26.36
CA SER F 245 -6.73 -25.12 -25.20
C SER F 245 -5.41 -24.41 -25.50
N GLY F 246 -4.69 -24.79 -26.57
CA GLY F 246 -3.46 -24.12 -26.98
C GLY F 246 -3.65 -22.74 -27.61
N LEU F 247 -4.85 -22.41 -28.13
CA LEU F 247 -5.12 -21.08 -28.71
C LEU F 247 -6.09 -20.25 -27.85
N GLY F 248 -7.23 -20.81 -27.44
CA GLY F 248 -8.29 -20.03 -26.81
C GLY F 248 -8.10 -19.71 -25.32
N SER F 249 -7.29 -20.48 -24.59
CA SER F 249 -7.05 -20.31 -23.15
C SER F 249 -5.82 -19.42 -22.86
N SER F 250 -5.70 -18.90 -21.63
CA SER F 250 -4.81 -17.77 -21.30
C SER F 250 -3.30 -18.03 -21.45
N THR F 251 -2.77 -19.18 -21.02
CA THR F 251 -1.36 -19.56 -21.21
C THR F 251 -1.11 -20.39 -22.47
N GLY F 252 -2.12 -20.63 -23.31
CA GLY F 252 -2.05 -21.58 -24.41
C GLY F 252 -0.93 -21.28 -25.40
N PHE F 253 -0.79 -20.03 -25.83
CA PHE F 253 0.26 -19.62 -26.76
C PHE F 253 1.66 -19.92 -26.23
N GLU F 254 1.88 -19.69 -24.94
CA GLU F 254 3.18 -19.88 -24.30
C GLU F 254 3.52 -21.38 -24.27
N ARG F 255 2.60 -22.17 -23.71
CA ARG F 255 2.79 -23.61 -23.59
C ARG F 255 3.02 -24.30 -24.92
N LEU F 256 2.13 -24.05 -25.87
CA LEU F 256 2.20 -24.66 -27.19
C LEU F 256 3.57 -24.41 -27.86
N HIS F 257 4.14 -23.21 -27.75
CA HIS F 257 5.49 -22.97 -28.26
C HIS F 257 6.55 -23.82 -27.54
N TYR F 258 6.57 -23.85 -26.20
CA TYR F 258 7.55 -24.65 -25.47
C TYR F 258 7.45 -26.14 -25.81
N MET F 259 6.25 -26.67 -26.04
CA MET F 259 6.06 -28.05 -26.47
C MET F 259 6.64 -28.33 -27.86
N LEU F 260 6.45 -27.43 -28.82
CA LEU F 260 7.02 -27.56 -30.16
C LEU F 260 8.56 -27.44 -30.20
N GLU F 261 9.25 -27.06 -29.12
CA GLU F 261 10.71 -27.20 -29.06
C GLU F 261 11.15 -28.68 -28.91
N ARG F 262 10.30 -29.56 -28.35
CA ARG F 262 10.67 -30.91 -27.87
C ARG F 262 10.40 -32.06 -28.86
N VAL F 263 10.12 -31.79 -30.12
CA VAL F 263 9.50 -32.75 -31.06
C VAL F 263 10.42 -33.94 -31.37
N TRP F 264 11.69 -33.71 -31.68
CA TRP F 264 12.62 -34.75 -32.17
C TRP F 264 13.59 -35.25 -31.11
N ASP F 265 13.79 -36.56 -30.98
CA ASP F 265 14.88 -37.12 -30.18
C ASP F 265 16.24 -36.87 -30.86
N PRO F 266 17.33 -36.65 -30.10
CA PRO F 266 18.67 -36.43 -30.63
C PRO F 266 19.28 -37.71 -31.21
N ILE F 267 20.43 -37.60 -31.88
CA ILE F 267 21.20 -38.73 -32.40
C ILE F 267 22.45 -38.92 -31.53
N LEU F 268 22.38 -39.78 -30.50
CA LEU F 268 23.52 -40.09 -29.65
C LEU F 268 24.49 -41.06 -30.31
N VAL F 269 23.97 -42.01 -31.10
CA VAL F 269 24.76 -43.01 -31.84
C VAL F 269 24.70 -42.70 -33.33
N THR F 270 25.85 -42.58 -33.98
CA THR F 270 25.94 -42.23 -35.41
C THR F 270 25.20 -43.25 -36.28
N GLY F 271 24.38 -42.74 -37.22
CA GLY F 271 23.56 -43.55 -38.10
C GLY F 271 22.26 -44.09 -37.49
N ALA F 272 21.86 -43.70 -36.28
CA ALA F 272 20.49 -43.92 -35.80
C ALA F 272 19.48 -43.06 -36.59
N PRO F 273 18.25 -43.55 -36.84
CA PRO F 273 17.24 -42.82 -37.59
C PRO F 273 16.65 -41.63 -36.81
N LYS F 274 16.28 -40.56 -37.52
CA LYS F 274 15.58 -39.40 -36.94
C LYS F 274 14.17 -39.79 -36.51
N CYS F 275 13.74 -39.38 -35.32
CA CYS F 275 12.59 -39.98 -34.64
C CYS F 275 11.79 -38.97 -33.80
N ILE F 276 10.47 -39.15 -33.75
CA ILE F 276 9.56 -38.41 -32.87
C ILE F 276 9.84 -38.76 -31.40
N SER F 277 9.89 -37.78 -30.52
CA SER F 277 10.34 -37.99 -29.14
C SER F 277 9.29 -38.66 -28.25
N GLN F 278 9.73 -39.58 -27.38
CA GLN F 278 8.88 -40.10 -26.31
C GLN F 278 8.41 -39.02 -25.33
N PHE F 279 9.17 -37.94 -25.15
CA PHE F 279 8.70 -36.80 -24.37
C PHE F 279 7.48 -36.16 -25.03
N PHE F 280 7.55 -35.87 -26.33
CA PHE F 280 6.45 -35.27 -27.07
C PHE F 280 5.21 -36.17 -27.11
N LEU F 281 5.33 -37.47 -27.39
CA LEU F 281 4.16 -38.35 -27.44
C LEU F 281 3.48 -38.50 -26.08
N ASN F 282 4.25 -38.54 -24.99
CA ASN F 282 3.71 -38.55 -23.64
C ASN F 282 3.06 -37.20 -23.28
N ALA F 283 3.66 -36.08 -23.65
CA ALA F 283 3.10 -34.75 -23.44
C ALA F 283 1.78 -34.56 -24.20
N PHE F 284 1.71 -34.95 -25.48
CA PHE F 284 0.49 -34.91 -26.28
C PHE F 284 -0.62 -35.77 -25.68
N GLU F 285 -0.32 -37.00 -25.29
CA GLU F 285 -1.29 -37.88 -24.62
C GLU F 285 -1.80 -37.28 -23.30
N SER F 286 -0.98 -36.48 -22.61
CA SER F 286 -1.33 -35.77 -21.38
C SER F 286 -2.01 -34.41 -21.60
N TRP F 287 -2.09 -33.91 -22.84
CA TRP F 287 -2.60 -32.58 -23.14
C TRP F 287 -4.14 -32.53 -23.09
N HIS F 288 -4.80 -33.42 -23.83
CA HIS F 288 -6.26 -33.50 -23.93
C HIS F 288 -6.89 -34.19 -22.71
N SER F 289 -8.20 -34.00 -22.50
CA SER F 289 -8.91 -34.49 -21.31
C SER F 289 -9.89 -35.63 -21.58
N PHE F 290 -10.07 -36.07 -22.83
CA PHE F 290 -11.14 -37.01 -23.19
C PHE F 290 -10.97 -38.42 -22.62
N ASP F 291 -9.75 -38.82 -22.24
CA ASP F 291 -9.52 -40.08 -21.53
C ASP F 291 -9.97 -40.00 -20.05
N THR F 292 -9.97 -38.81 -19.48
CA THR F 292 -10.19 -38.51 -18.07
C THR F 292 -11.66 -38.14 -17.80
N ASN F 293 -12.31 -37.48 -18.77
CA ASN F 293 -13.68 -36.96 -18.70
C ASN F 293 -14.47 -37.33 -19.97
N PRO F 294 -14.76 -38.62 -20.26
CA PRO F 294 -15.36 -39.01 -21.55
C PRO F 294 -16.73 -38.39 -21.80
N LEU F 295 -17.44 -38.02 -20.74
CA LEU F 295 -18.71 -37.29 -20.79
C LEU F 295 -18.58 -35.93 -21.51
N TYR F 296 -17.39 -35.34 -21.53
CA TYR F 296 -17.05 -34.12 -22.27
C TYR F 296 -17.06 -34.32 -23.78
N ALA F 297 -16.77 -35.52 -24.29
CA ALA F 297 -16.96 -35.84 -25.71
C ALA F 297 -18.40 -36.26 -26.00
N LEU F 298 -18.96 -37.16 -25.19
CA LEU F 298 -20.25 -37.79 -25.46
C LEU F 298 -21.44 -36.82 -25.41
N LEU F 299 -21.44 -35.84 -24.50
CA LEU F 299 -22.53 -34.88 -24.33
C LEU F 299 -22.08 -33.43 -24.62
N HIS F 300 -21.27 -33.22 -25.67
CA HIS F 300 -20.89 -31.86 -26.09
C HIS F 300 -21.96 -31.19 -26.95
N GLU F 301 -22.19 -31.62 -28.20
CA GLU F 301 -23.16 -30.95 -29.08
C GLU F 301 -24.61 -31.01 -28.55
N ALA F 302 -24.92 -31.96 -27.67
CA ALA F 302 -26.22 -32.08 -27.01
C ALA F 302 -26.64 -30.85 -26.20
N ILE F 303 -25.73 -29.93 -25.85
CA ILE F 303 -26.06 -28.70 -25.12
C ILE F 303 -26.74 -27.64 -26.01
N TYR F 304 -26.69 -27.80 -27.34
CA TYR F 304 -27.33 -26.89 -28.30
C TYR F 304 -28.70 -27.39 -28.81
N CYS F 305 -29.19 -28.53 -28.33
CA CYS F 305 -30.39 -29.18 -28.83
C CYS F 305 -31.62 -28.89 -27.98
N GLU F 306 -32.71 -28.49 -28.63
CA GLU F 306 -33.98 -28.20 -27.96
C GLU F 306 -35.20 -28.70 -28.77
N GLY F 307 -35.03 -29.81 -29.48
CA GLY F 307 -36.08 -30.40 -30.33
C GLY F 307 -35.62 -30.89 -31.70
N ALA F 308 -34.35 -30.70 -32.05
CA ALA F 308 -33.73 -31.19 -33.28
C ALA F 308 -32.35 -31.79 -32.98
N SER F 309 -31.92 -32.71 -33.83
CA SER F 309 -30.66 -33.42 -33.60
C SER F 309 -29.48 -32.64 -34.12
N SER F 310 -28.27 -32.85 -33.57
CA SER F 310 -27.08 -32.12 -34.05
C SER F 310 -26.39 -32.78 -35.25
N GLY F 311 -26.42 -34.11 -35.38
CA GLY F 311 -25.92 -34.83 -36.55
C GLY F 311 -24.43 -34.59 -36.85
N TRP F 312 -23.56 -34.56 -35.83
CA TRP F 312 -22.14 -34.22 -35.96
C TRP F 312 -21.94 -32.87 -36.67
N SER F 313 -22.55 -31.83 -36.12
CA SER F 313 -22.61 -30.50 -36.72
C SER F 313 -21.24 -29.85 -36.91
N ALA F 314 -20.25 -30.06 -36.03
CA ALA F 314 -18.91 -29.53 -36.28
C ALA F 314 -18.21 -30.20 -37.47
N HIS F 315 -18.40 -31.51 -37.64
CA HIS F 315 -17.82 -32.27 -38.76
C HIS F 315 -18.43 -31.86 -40.10
N ARG F 316 -19.72 -31.54 -40.10
CA ARG F 316 -20.40 -31.06 -41.30
C ARG F 316 -19.99 -29.62 -41.66
N LEU F 317 -19.91 -28.75 -40.67
CA LEU F 317 -19.56 -27.35 -40.89
C LEU F 317 -18.12 -27.15 -41.37
N ARG F 318 -17.24 -28.11 -41.06
CA ARG F 318 -15.84 -28.02 -41.44
C ARG F 318 -15.66 -27.98 -42.96
N ASP F 319 -16.56 -28.64 -43.68
CA ASP F 319 -16.51 -28.69 -45.15
C ASP F 319 -16.51 -27.31 -45.80
N LYS F 320 -17.19 -26.31 -45.21
CA LYS F 320 -17.20 -24.93 -45.72
C LYS F 320 -15.83 -24.25 -45.64
N TYR F 321 -14.95 -24.74 -44.76
CA TYR F 321 -13.62 -24.17 -44.50
C TYR F 321 -12.48 -25.13 -44.85
N GLU F 322 -12.77 -26.25 -45.52
CA GLU F 322 -11.79 -27.31 -45.79
C GLU F 322 -10.58 -26.84 -46.59
N TYR F 323 -10.74 -25.80 -47.40
CA TYR F 323 -9.69 -25.24 -48.25
C TYR F 323 -8.51 -24.66 -47.47
N LYS F 324 -8.69 -24.35 -46.17
CA LYS F 324 -7.60 -23.90 -45.27
C LYS F 324 -7.38 -24.78 -44.05
N PHE F 325 -8.38 -25.52 -43.56
CA PHE F 325 -8.20 -26.39 -42.41
C PHE F 325 -7.64 -27.78 -42.72
N ASP F 326 -7.67 -28.27 -43.95
CA ASP F 326 -7.05 -29.57 -44.27
C ASP F 326 -5.51 -29.48 -44.22
N ALA F 327 -4.87 -30.16 -43.27
CA ALA F 327 -3.42 -30.12 -43.10
C ALA F 327 -2.64 -30.63 -44.32
N MET F 328 -3.18 -31.59 -45.06
CA MET F 328 -2.51 -32.14 -46.24
C MET F 328 -2.52 -31.15 -47.41
N LYS F 329 -3.58 -30.37 -47.52
CA LYS F 329 -3.62 -29.34 -48.54
C LYS F 329 -2.64 -28.23 -48.17
N ALA F 330 -2.59 -27.86 -46.89
CA ALA F 330 -1.68 -26.81 -46.42
C ALA F 330 -0.21 -27.10 -46.72
N VAL F 331 0.25 -28.33 -46.51
CA VAL F 331 1.64 -28.66 -46.83
C VAL F 331 1.92 -28.64 -48.35
N LYS F 332 1.00 -29.17 -49.17
CA LYS F 332 1.18 -29.17 -50.64
C LYS F 332 1.16 -27.77 -51.24
N GLU F 333 0.30 -26.88 -50.75
CA GLU F 333 0.23 -25.47 -51.18
C GLU F 333 1.32 -24.59 -50.55
N SER F 334 2.09 -25.09 -49.58
CA SER F 334 3.08 -24.36 -48.77
C SER F 334 2.49 -23.20 -47.94
N GLN F 335 1.24 -23.35 -47.49
CA GLN F 335 0.59 -22.48 -46.52
C GLN F 335 0.95 -22.91 -45.08
N PRO F 336 0.78 -22.05 -44.06
CA PRO F 336 0.74 -22.53 -42.67
C PRO F 336 -0.42 -23.50 -42.47
N VAL F 337 -0.27 -24.45 -41.54
CA VAL F 337 -1.32 -25.39 -41.12
C VAL F 337 -1.98 -24.89 -39.84
N LEU F 338 -3.32 -24.95 -39.76
CA LEU F 338 -4.12 -24.30 -38.72
C LEU F 338 -4.59 -25.31 -37.67
N PHE F 339 -4.48 -24.99 -36.37
CA PHE F 339 -5.05 -25.80 -35.29
C PHE F 339 -6.54 -25.50 -35.08
N THR F 340 -7.35 -26.49 -34.67
CA THR F 340 -8.82 -26.35 -34.48
C THR F 340 -9.23 -25.92 -33.07
N GLY F 341 -10.48 -25.46 -32.90
CA GLY F 341 -11.02 -24.95 -31.62
C GLY F 341 -11.65 -26.02 -30.72
N GLU F 342 -12.59 -25.63 -29.85
CA GLU F 342 -13.40 -26.59 -29.08
C GLU F 342 -14.50 -27.21 -29.95
N MET F 343 -14.25 -28.40 -30.47
CA MET F 343 -15.16 -29.15 -31.32
C MET F 343 -14.75 -30.63 -31.35
N ILE F 344 -15.70 -31.52 -31.62
CA ILE F 344 -15.52 -32.98 -31.59
C ILE F 344 -15.93 -33.60 -32.94
N PHE F 345 -15.20 -34.61 -33.38
CA PHE F 345 -15.34 -35.21 -34.71
C PHE F 345 -15.48 -36.73 -34.63
N PRO F 346 -16.20 -37.41 -35.56
CA PRO F 346 -16.47 -38.84 -35.48
C PRO F 346 -15.22 -39.71 -35.32
N TRP F 347 -14.10 -39.34 -35.95
CA TRP F 347 -12.85 -40.09 -35.89
C TRP F 347 -12.16 -40.05 -34.53
N MET F 348 -12.52 -39.17 -33.59
CA MET F 348 -11.89 -39.16 -32.27
C MET F 348 -12.10 -40.48 -31.54
N PHE F 349 -13.27 -41.09 -31.72
CA PHE F 349 -13.61 -42.40 -31.16
C PHE F 349 -12.86 -43.56 -31.83
N ASP F 350 -12.20 -43.35 -32.98
CA ASP F 350 -11.29 -44.32 -33.60
C ASP F 350 -9.82 -44.17 -33.16
N GLU F 351 -9.45 -43.04 -32.55
CA GLU F 351 -8.05 -42.70 -32.29
C GLU F 351 -7.70 -42.53 -30.81
N ILE F 352 -8.62 -42.01 -29.99
CA ILE F 352 -8.42 -41.87 -28.55
C ILE F 352 -8.78 -43.20 -27.89
N HIS F 353 -7.78 -43.91 -27.35
CA HIS F 353 -7.93 -45.29 -26.90
C HIS F 353 -9.03 -45.49 -25.86
N ALA F 354 -9.19 -44.57 -24.92
CA ALA F 354 -10.25 -44.62 -23.92
C ALA F 354 -11.68 -44.49 -24.49
N LEU F 355 -11.87 -43.81 -25.63
CA LEU F 355 -13.19 -43.60 -26.24
C LEU F 355 -13.65 -44.74 -27.15
N LYS F 356 -12.74 -45.63 -27.59
CA LYS F 356 -12.99 -46.73 -28.53
C LYS F 356 -14.31 -47.50 -28.33
N PRO F 357 -14.68 -48.00 -27.14
CA PRO F 357 -15.90 -48.78 -26.96
C PRO F 357 -17.20 -47.96 -27.02
N PHE F 358 -17.17 -46.63 -26.87
CA PHE F 358 -18.37 -45.78 -26.83
C PHE F 358 -18.83 -45.27 -28.20
N LYS F 359 -18.13 -45.63 -29.28
CA LYS F 359 -18.42 -45.28 -30.68
C LYS F 359 -19.88 -45.47 -31.07
N ALA F 360 -20.51 -46.57 -30.66
CA ALA F 360 -21.91 -46.86 -30.96
C ALA F 360 -22.88 -45.94 -30.19
N ALA F 361 -22.71 -45.79 -28.87
CA ALA F 361 -23.57 -44.91 -28.08
C ALA F 361 -23.42 -43.43 -28.45
N ALA F 362 -22.24 -42.99 -28.88
CA ALA F 362 -22.04 -41.65 -29.40
C ALA F 362 -22.91 -41.37 -30.64
N ASP F 363 -23.03 -42.31 -31.58
CA ASP F 363 -23.92 -42.17 -32.74
C ASP F 363 -25.41 -42.27 -32.37
N LEU F 364 -25.81 -43.08 -31.40
CA LEU F 364 -27.19 -43.07 -30.92
C LEU F 364 -27.58 -41.72 -30.32
N LEU F 365 -26.70 -41.06 -29.58
CA LEU F 365 -26.88 -39.69 -29.11
C LEU F 365 -26.89 -38.70 -30.29
N ALA F 366 -25.93 -38.77 -31.21
CA ALA F 366 -25.82 -37.82 -32.32
C ALA F 366 -27.01 -37.86 -33.30
N LYS F 367 -27.81 -38.93 -33.29
CA LYS F 367 -29.04 -39.10 -34.07
C LYS F 367 -30.33 -38.89 -33.26
N LYS F 368 -30.26 -38.64 -31.95
CA LYS F 368 -31.46 -38.49 -31.08
C LYS F 368 -32.26 -37.25 -31.45
N GLU F 369 -33.56 -37.41 -31.69
CA GLU F 369 -34.55 -36.33 -31.74
C GLU F 369 -35.38 -36.31 -30.43
N ASP F 370 -36.32 -35.39 -30.28
CA ASP F 370 -37.15 -35.25 -29.06
C ASP F 370 -36.33 -35.00 -27.77
N TRP F 371 -35.22 -34.27 -27.87
CA TRP F 371 -34.61 -33.64 -26.69
C TRP F 371 -35.59 -32.64 -26.06
N PRO F 372 -35.78 -32.62 -24.74
CA PRO F 372 -36.69 -31.67 -24.08
C PRO F 372 -36.12 -30.23 -24.03
N PRO F 373 -36.94 -29.22 -23.67
CA PRO F 373 -36.54 -27.81 -23.60
C PRO F 373 -35.39 -27.49 -22.65
N LEU F 374 -34.69 -26.39 -22.91
CA LEU F 374 -33.65 -25.82 -22.06
C LEU F 374 -33.96 -24.38 -21.62
N TYR F 375 -34.67 -23.59 -22.43
CA TYR F 375 -34.91 -22.17 -22.16
C TYR F 375 -36.39 -21.82 -22.32
N ASP F 376 -36.82 -20.73 -21.70
CA ASP F 376 -38.20 -20.24 -21.78
C ASP F 376 -38.22 -18.74 -22.11
N VAL F 377 -38.08 -18.41 -23.41
CA VAL F 377 -37.93 -17.01 -23.85
C VAL F 377 -39.08 -16.10 -23.36
N PRO F 378 -40.35 -16.51 -23.38
CA PRO F 378 -41.45 -15.75 -22.77
C PRO F 378 -41.33 -15.46 -21.26
N ARG F 379 -40.42 -16.12 -20.53
CA ARG F 379 -40.03 -15.72 -19.16
C ARG F 379 -38.79 -14.84 -19.15
N LEU F 380 -37.75 -15.17 -19.91
CA LEU F 380 -36.53 -14.36 -19.97
C LEU F 380 -36.81 -12.91 -20.42
N GLN F 381 -37.78 -12.69 -21.32
CA GLN F 381 -38.22 -11.37 -21.78
C GLN F 381 -38.93 -10.51 -20.72
N ASN F 382 -39.31 -11.07 -19.58
CA ASN F 382 -39.83 -10.31 -18.43
C ASN F 382 -39.26 -10.83 -17.09
N ASN F 383 -37.98 -11.18 -17.12
CA ASN F 383 -37.20 -11.56 -15.93
C ASN F 383 -37.06 -10.38 -14.96
N LYS F 384 -37.14 -10.64 -13.64
CA LYS F 384 -36.91 -9.64 -12.58
C LYS F 384 -35.71 -9.94 -11.67
N VAL F 385 -35.04 -11.09 -11.83
CA VAL F 385 -33.80 -11.42 -11.10
C VAL F 385 -32.64 -10.57 -11.65
N PRO F 386 -31.82 -9.90 -10.83
CA PRO F 386 -30.65 -9.15 -11.32
C PRO F 386 -29.61 -10.06 -11.96
N VAL F 387 -29.03 -9.66 -13.10
CA VAL F 387 -28.04 -10.45 -13.84
C VAL F 387 -26.84 -9.58 -14.22
N ALA F 388 -25.63 -10.06 -13.99
CA ALA F 388 -24.40 -9.40 -14.44
C ALA F 388 -23.52 -10.37 -15.23
N ALA F 389 -23.00 -9.98 -16.40
CA ALA F 389 -22.22 -10.87 -17.25
C ALA F 389 -20.90 -10.24 -17.72
N ALA F 390 -19.81 -10.98 -17.64
CA ALA F 390 -18.55 -10.61 -18.27
C ALA F 390 -18.53 -11.22 -19.67
N VAL F 391 -18.46 -10.37 -20.70
CA VAL F 391 -18.51 -10.79 -22.10
C VAL F 391 -17.18 -10.45 -22.76
N TYR F 392 -16.52 -11.43 -23.37
CA TYR F 392 -15.17 -11.24 -23.90
C TYR F 392 -15.25 -11.03 -25.41
N TYR F 393 -14.60 -9.98 -25.93
CA TYR F 393 -14.76 -9.57 -27.32
C TYR F 393 -14.11 -10.51 -28.34
N GLU F 394 -12.97 -11.13 -27.99
CA GLU F 394 -12.26 -12.08 -28.87
C GLU F 394 -12.32 -13.54 -28.35
N ASP F 395 -13.44 -13.94 -27.79
CA ASP F 395 -13.67 -15.29 -27.25
C ASP F 395 -13.72 -16.36 -28.37
N MET F 396 -12.91 -17.42 -28.26
CA MET F 396 -12.93 -18.55 -29.21
C MET F 396 -14.14 -19.48 -29.05
N TYR F 397 -14.72 -19.58 -27.85
CA TYR F 397 -15.65 -20.64 -27.47
C TYR F 397 -17.13 -20.24 -27.61
N VAL F 398 -17.49 -19.01 -27.19
CA VAL F 398 -18.83 -18.44 -27.43
C VAL F 398 -18.69 -17.19 -28.31
N ASN F 399 -19.33 -17.15 -29.47
CA ASN F 399 -19.14 -16.06 -30.42
C ASN F 399 -19.82 -14.77 -29.95
N PHE F 400 -19.14 -13.63 -30.01
CA PHE F 400 -19.64 -12.36 -29.49
C PHE F 400 -20.99 -11.94 -30.07
N LYS F 401 -21.20 -12.09 -31.38
CA LYS F 401 -22.47 -11.73 -32.04
C LYS F 401 -23.67 -12.57 -31.58
N LEU F 402 -23.44 -13.83 -31.20
CA LEU F 402 -24.48 -14.70 -30.63
C LEU F 402 -24.82 -14.32 -29.17
N VAL F 403 -23.85 -13.80 -28.42
CA VAL F 403 -24.08 -13.20 -27.11
C VAL F 403 -24.90 -11.91 -27.24
N THR F 404 -24.51 -11.00 -28.13
CA THR F 404 -25.19 -9.69 -28.19
C THR F 404 -26.62 -9.76 -28.72
N GLU F 405 -26.99 -10.76 -29.53
CA GLU F 405 -28.42 -10.99 -29.83
C GLU F 405 -29.16 -11.55 -28.60
N THR F 406 -28.61 -12.55 -27.91
CA THR F 406 -29.24 -13.15 -26.73
C THR F 406 -29.43 -12.16 -25.59
N ALA F 407 -28.45 -11.31 -25.35
CA ALA F 407 -28.50 -10.28 -24.32
C ALA F 407 -29.60 -9.23 -24.59
N SER F 408 -30.19 -9.16 -25.79
CA SER F 408 -31.37 -8.34 -26.05
C SER F 408 -32.68 -8.96 -25.57
N HIS F 409 -32.71 -10.28 -25.30
CA HIS F 409 -33.89 -10.99 -24.81
C HIS F 409 -33.99 -11.06 -23.28
N ILE F 410 -32.89 -11.03 -22.53
CA ILE F 410 -32.92 -11.00 -21.06
C ILE F 410 -33.31 -9.58 -20.60
N SER F 411 -34.30 -9.41 -19.73
CA SER F 411 -34.87 -8.07 -19.48
C SER F 411 -33.94 -7.06 -18.83
N GLY F 412 -33.26 -7.45 -17.76
CA GLY F 412 -32.53 -6.56 -16.86
C GLY F 412 -31.02 -6.75 -16.87
N ILE F 413 -30.48 -7.49 -17.83
CA ILE F 413 -29.06 -7.86 -17.84
C ILE F 413 -28.19 -6.62 -17.97
N ARG F 414 -27.16 -6.52 -17.14
CA ARG F 414 -26.02 -5.63 -17.39
C ARG F 414 -24.81 -6.47 -17.73
N LEU F 415 -24.18 -6.16 -18.84
CA LEU F 415 -23.01 -6.89 -19.32
C LEU F 415 -21.86 -5.92 -19.56
N TRP F 416 -20.64 -6.31 -19.25
CA TRP F 416 -19.47 -5.54 -19.64
C TRP F 416 -18.65 -6.29 -20.67
N VAL F 417 -18.56 -5.71 -21.86
CA VAL F 417 -17.66 -6.14 -22.93
C VAL F 417 -16.24 -5.77 -22.53
N THR F 418 -15.28 -6.68 -22.68
CA THR F 418 -13.85 -6.35 -22.58
C THR F 418 -13.02 -7.16 -23.57
N ASN F 419 -11.88 -6.61 -24.00
CA ASN F 419 -10.83 -7.33 -24.71
C ASN F 419 -9.62 -7.65 -23.82
N GLU F 420 -9.67 -7.39 -22.51
CA GLU F 420 -8.54 -7.62 -21.61
C GLU F 420 -8.21 -9.09 -21.37
N PHE F 421 -9.20 -9.97 -21.46
CA PHE F 421 -9.14 -11.36 -21.01
C PHE F 421 -9.52 -12.34 -22.12
N MET F 422 -8.83 -13.48 -22.16
CA MET F 422 -9.27 -14.65 -22.91
C MET F 422 -10.37 -15.37 -22.13
N HIS F 423 -10.96 -16.43 -22.68
CA HIS F 423 -12.10 -17.14 -22.08
C HIS F 423 -11.88 -17.65 -20.64
N SER F 424 -10.63 -17.94 -20.30
CA SER F 424 -10.18 -18.42 -18.98
C SER F 424 -10.32 -17.39 -17.84
N GLY F 425 -10.60 -16.11 -18.14
CA GLY F 425 -10.42 -14.95 -17.26
C GLY F 425 -10.78 -15.08 -15.77
N LEU F 426 -11.87 -15.76 -15.39
CA LEU F 426 -12.22 -15.92 -13.97
C LEU F 426 -11.11 -16.62 -13.17
N ARG F 427 -10.22 -17.39 -13.83
CA ARG F 427 -9.11 -18.07 -13.15
C ARG F 427 -7.79 -17.28 -13.25
N ASP F 428 -7.75 -16.31 -14.16
CA ASP F 428 -6.58 -15.46 -14.40
C ASP F 428 -6.59 -14.14 -13.61
N ALA F 429 -7.77 -13.57 -13.37
CA ALA F 429 -7.97 -12.28 -12.71
C ALA F 429 -9.17 -12.30 -11.76
N GLY F 430 -9.49 -13.51 -11.30
CA GLY F 430 -10.64 -13.79 -10.45
C GLY F 430 -11.14 -12.73 -9.50
N ARG F 431 -10.23 -12.20 -8.69
CA ARG F 431 -10.56 -11.18 -7.70
C ARG F 431 -11.29 -9.98 -8.31
N GLN F 432 -10.68 -9.37 -9.32
CA GLN F 432 -11.28 -8.20 -9.96
C GLN F 432 -12.53 -8.53 -10.79
N ILE F 433 -12.67 -9.75 -11.33
CA ILE F 433 -13.93 -10.15 -11.99
C ILE F 433 -15.10 -10.16 -10.99
N ILE F 434 -14.96 -10.80 -9.82
CA ILE F 434 -16.01 -10.82 -8.80
C ILE F 434 -16.30 -9.41 -8.24
N ASP F 435 -15.28 -8.57 -8.00
CA ASP F 435 -15.50 -7.19 -7.56
C ASP F 435 -16.25 -6.34 -8.58
N HIS F 436 -15.96 -6.50 -9.87
CA HIS F 436 -16.56 -5.69 -10.93
C HIS F 436 -18.00 -6.11 -11.25
N LEU F 437 -18.31 -7.41 -11.28
CA LEU F 437 -19.68 -7.90 -11.51
C LEU F 437 -20.61 -7.67 -10.33
N LEU F 438 -20.18 -7.91 -9.08
CA LEU F 438 -20.99 -7.54 -7.92
C LEU F 438 -21.17 -6.03 -7.84
N GLY F 439 -20.20 -5.23 -8.27
CA GLY F 439 -20.31 -3.77 -8.27
C GLY F 439 -21.45 -3.21 -9.13
N MET F 440 -21.84 -3.90 -10.19
CA MET F 440 -23.01 -3.50 -10.99
C MET F 440 -24.34 -3.77 -10.29
N ILE F 441 -24.49 -4.93 -9.65
CA ILE F 441 -25.71 -5.32 -8.93
C ILE F 441 -25.86 -4.54 -7.62
N ASN F 442 -24.77 -4.37 -6.89
CA ASN F 442 -24.74 -3.76 -5.55
C ASN F 442 -24.95 -2.24 -5.56
N GLY F 443 -24.72 -1.56 -6.68
CA GLY F 443 -24.85 -0.11 -6.80
C GLY F 443 -23.55 0.69 -6.65
N LYS F 444 -22.39 0.03 -6.70
CA LYS F 444 -21.09 0.70 -6.82
C LYS F 444 -20.97 1.45 -8.14
N LYS F 445 -21.36 0.82 -9.24
CA LYS F 445 -21.34 1.34 -10.61
C LYS F 445 -22.77 1.39 -11.16
N PRO F 446 -23.56 2.46 -10.93
CA PRO F 446 -24.95 2.53 -11.39
C PRO F 446 -25.09 2.56 -12.92
N LEU F 447 -26.32 2.46 -13.43
CA LEU F 447 -26.60 2.50 -14.86
C LEU F 447 -26.09 3.79 -15.52
N PHE F 448 -25.54 3.63 -16.72
CA PHE F 448 -24.50 4.51 -17.26
C PHE F 448 -24.43 4.39 -18.78
#